data_5UJ5
#
_entry.id   5UJ5
#
loop_
_entity.id
_entity.type
_entity.pdbx_description
1 polymer Adrenodoxin
2 non-polymer 'FE2/S2 (INORGANIC) CLUSTER'
#
_entity_poly.entity_id   1
_entity_poly.type   'polypeptide(L)'
_entity_poly.pdbx_seq_one_letter_code
;GPGSMDMFSAPDRIPEQIRIFFKTMKQVVPAKAVCGSTVLDVAHKNGVDLEGACEGNLACSTCHVILEEPLYRKLGEPSD
KEYDLIDQAFGATGTSRLGCQLRVDKSFENAVFTVPRATKNMAVDGFKPKPH
;
_entity_poly.pdbx_strand_id   A
#
# COMPACT_ATOMS: atom_id res chain seq x y z
N GLY A 1 12.82 -40.00 -13.79
CA GLY A 1 12.21 -39.29 -12.68
C GLY A 1 11.57 -37.99 -13.12
N PRO A 2 10.47 -38.10 -13.88
CA PRO A 2 9.74 -36.92 -14.38
C PRO A 2 9.01 -36.18 -13.27
N GLY A 3 9.59 -35.07 -12.84
CA GLY A 3 8.97 -34.29 -11.78
C GLY A 3 8.87 -32.82 -12.13
N SER A 4 8.05 -32.08 -11.37
CA SER A 4 7.86 -30.66 -11.62
C SER A 4 8.69 -29.82 -10.66
N MET A 5 8.40 -29.96 -9.36
CA MET A 5 9.13 -29.21 -8.34
C MET A 5 9.09 -27.72 -8.63
N ASP A 6 8.00 -27.26 -9.25
CA ASP A 6 7.84 -25.85 -9.58
C ASP A 6 7.38 -25.06 -8.36
N MET A 7 6.32 -25.56 -7.71
CA MET A 7 5.78 -24.89 -6.53
C MET A 7 6.60 -25.24 -5.28
N PHE A 8 6.59 -24.33 -4.31
CA PHE A 8 7.34 -24.54 -3.08
C PHE A 8 6.61 -23.92 -1.89
N SER A 9 6.92 -24.41 -0.69
CA SER A 9 6.29 -23.89 0.52
C SER A 9 7.25 -22.99 1.29
N ALA A 10 8.17 -22.36 0.56
CA ALA A 10 9.14 -21.46 1.18
C ALA A 10 9.02 -20.05 0.61
N PRO A 11 7.89 -19.39 0.92
CA PRO A 11 7.62 -18.02 0.46
C PRO A 11 8.54 -16.99 1.11
N ASP A 12 9.23 -17.41 2.17
CA ASP A 12 10.14 -16.52 2.88
C ASP A 12 11.27 -16.07 1.98
N ARG A 13 11.54 -16.85 0.93
CA ARG A 13 12.61 -16.52 -0.01
C ARG A 13 12.26 -15.27 -0.81
N ILE A 14 12.71 -14.12 -0.33
CA ILE A 14 12.44 -12.85 -1.00
C ILE A 14 13.55 -12.51 -1.98
N PRO A 15 13.16 -12.11 -3.21
CA PRO A 15 14.11 -11.75 -4.26
C PRO A 15 14.84 -10.45 -3.97
N GLU A 16 15.56 -9.93 -4.95
CA GLU A 16 16.29 -8.69 -4.80
C GLU A 16 15.40 -7.58 -4.24
N GLN A 17 16.01 -6.58 -3.63
CA GLN A 17 15.26 -5.47 -3.05
C GLN A 17 14.94 -4.43 -4.11
N ILE A 18 13.95 -3.59 -3.83
CA ILE A 18 13.53 -2.55 -4.76
C ILE A 18 13.15 -1.27 -4.03
N ARG A 19 12.83 -0.23 -4.79
CA ARG A 19 12.45 1.06 -4.21
C ARG A 19 11.01 1.41 -4.57
N ILE A 20 10.26 1.88 -3.59
CA ILE A 20 8.87 2.26 -3.80
C ILE A 20 8.66 3.74 -3.54
N PHE A 21 7.46 4.22 -3.83
CA PHE A 21 7.12 5.63 -3.64
C PHE A 21 5.84 5.77 -2.82
N PHE A 22 5.87 6.65 -1.82
CA PHE A 22 4.71 6.88 -0.97
C PHE A 22 4.02 8.19 -1.34
N LYS A 23 2.89 8.08 -2.02
CA LYS A 23 2.12 9.25 -2.44
C LYS A 23 0.99 9.55 -1.45
N THR A 24 0.92 10.79 -1.00
CA THR A 24 -0.12 11.21 -0.06
C THR A 24 -0.95 12.35 -0.63
N MET A 25 -1.89 12.84 0.17
CA MET A 25 -2.76 13.94 -0.25
C MET A 25 -2.02 15.26 -0.19
N LYS A 26 -0.90 15.28 0.53
CA LYS A 26 -0.09 16.49 0.65
C LYS A 26 1.05 16.49 -0.35
N GLN A 27 1.64 15.31 -0.57
CA GLN A 27 2.74 15.19 -1.52
C GLN A 27 3.23 13.74 -1.59
N VAL A 28 4.19 13.48 -2.46
CA VAL A 28 4.74 12.14 -2.63
C VAL A 28 6.20 12.09 -2.19
N VAL A 29 6.54 11.11 -1.37
CA VAL A 29 7.91 10.95 -0.89
C VAL A 29 8.47 9.59 -1.27
N PRO A 30 9.80 9.53 -1.43
CA PRO A 30 10.50 8.29 -1.81
C PRO A 30 10.50 7.27 -0.67
N ALA A 31 10.58 5.99 -1.04
CA ALA A 31 10.59 4.91 -0.04
C ALA A 31 11.48 3.77 -0.50
N LYS A 32 12.21 3.19 0.45
CA LYS A 32 13.11 2.08 0.14
C LYS A 32 12.52 0.76 0.63
N ALA A 33 12.44 -0.22 -0.26
CA ALA A 33 11.90 -1.53 0.08
C ALA A 33 13.01 -2.57 0.16
N VAL A 34 13.20 -3.13 1.35
CA VAL A 34 14.23 -4.15 1.56
C VAL A 34 13.61 -5.53 1.74
N CYS A 35 14.28 -6.54 1.19
CA CYS A 35 13.79 -7.91 1.29
C CYS A 35 13.55 -8.30 2.74
N GLY A 36 12.31 -8.66 3.06
CA GLY A 36 11.97 -9.04 4.42
C GLY A 36 11.16 -7.98 5.14
N SER A 37 10.97 -6.84 4.48
CA SER A 37 10.20 -5.74 5.06
C SER A 37 8.83 -5.63 4.42
N THR A 38 8.07 -4.62 4.84
CA THR A 38 6.73 -4.39 4.31
C THR A 38 6.48 -2.92 4.05
N VAL A 39 5.56 -2.63 3.13
CA VAL A 39 5.23 -1.25 2.79
C VAL A 39 4.88 -0.45 4.04
N LEU A 40 3.84 -0.90 4.75
CA LEU A 40 3.41 -0.21 5.96
C LEU A 40 4.58 -0.04 6.94
N ASP A 41 5.47 -1.02 6.98
CA ASP A 41 6.63 -0.98 7.85
C ASP A 41 7.66 0.03 7.35
N VAL A 42 7.65 0.28 6.05
CA VAL A 42 8.58 1.22 5.44
C VAL A 42 8.15 2.66 5.71
N ALA A 43 6.87 2.95 5.50
CA ALA A 43 6.33 4.28 5.72
C ALA A 43 6.69 4.79 7.11
N HIS A 44 6.83 3.86 8.06
CA HIS A 44 7.17 4.23 9.43
C HIS A 44 8.61 4.73 9.52
N LYS A 45 9.49 4.13 8.72
CA LYS A 45 10.89 4.52 8.71
C LYS A 45 11.09 5.81 7.94
N ASN A 46 10.42 5.93 6.81
CA ASN A 46 10.52 7.12 5.97
C ASN A 46 9.80 8.30 6.63
N GLY A 47 8.79 8.00 7.43
CA GLY A 47 8.03 9.04 8.11
C GLY A 47 6.63 9.19 7.55
N VAL A 48 6.38 8.55 6.41
CA VAL A 48 5.06 8.61 5.78
C VAL A 48 3.97 8.11 6.71
N ASP A 49 2.94 8.92 6.89
CA ASP A 49 1.83 8.55 7.77
C ASP A 49 0.86 7.62 7.05
N LEU A 50 1.20 6.34 7.00
CA LEU A 50 0.35 5.34 6.34
C LEU A 50 -0.73 4.84 7.29
N GLU A 51 -1.96 4.76 6.77
CA GLU A 51 -3.09 4.29 7.56
C GLU A 51 -2.85 2.86 8.05
N GLY A 52 -2.88 2.67 9.36
CA GLY A 52 -2.68 1.35 9.93
C GLY A 52 -2.19 1.40 11.36
N ALA A 53 -0.95 0.96 11.58
CA ALA A 53 -0.36 0.95 12.91
C ALA A 53 -1.25 0.20 13.90
N CYS A 54 -2.03 -0.74 13.38
CA CYS A 54 -2.93 -1.54 14.22
C CYS A 54 -2.63 -3.03 14.06
N GLU A 55 -2.73 -3.77 15.16
CA GLU A 55 -2.49 -5.20 15.15
C GLU A 55 -3.70 -5.97 15.62
N GLY A 56 -4.84 -5.75 14.95
CA GLY A 56 -6.07 -6.43 15.31
C GLY A 56 -6.90 -5.64 16.29
N ASN A 57 -6.67 -4.33 16.33
CA ASN A 57 -7.42 -3.45 17.23
C ASN A 57 -8.89 -3.39 16.85
N LEU A 58 -9.67 -2.63 17.61
CA LEU A 58 -11.09 -2.49 17.34
C LEU A 58 -11.35 -1.31 16.42
N ALA A 59 -10.44 -0.34 16.43
CA ALA A 59 -10.56 0.84 15.58
C ALA A 59 -10.24 0.52 14.12
N CYS A 60 -11.17 -0.15 13.45
CA CYS A 60 -10.98 -0.53 12.06
C CYS A 60 -12.32 -0.72 11.35
N SER A 61 -12.64 0.19 10.44
CA SER A 61 -13.89 0.13 9.70
C SER A 61 -13.70 -0.58 8.36
N THR A 62 -12.95 0.06 7.47
CA THR A 62 -12.69 -0.51 6.15
C THR A 62 -11.33 -0.05 5.61
N CYS A 63 -10.63 -0.97 4.94
CA CYS A 63 -9.32 -0.67 4.39
C CYS A 63 -9.41 -0.50 2.87
N HIS A 64 -9.12 0.70 2.40
CA HIS A 64 -9.16 1.00 0.97
C HIS A 64 -8.16 2.09 0.60
N VAL A 65 -7.13 1.71 -0.15
CA VAL A 65 -6.11 2.67 -0.57
C VAL A 65 -5.89 2.61 -2.07
N ILE A 66 -5.34 3.70 -2.63
CA ILE A 66 -5.09 3.78 -4.06
C ILE A 66 -3.68 3.25 -4.39
N LEU A 67 -3.60 2.38 -5.38
CA LEU A 67 -2.33 1.82 -5.81
C LEU A 67 -2.07 2.08 -7.28
N GLU A 68 -0.81 1.98 -7.69
CA GLU A 68 -0.42 2.21 -9.07
C GLU A 68 -1.40 1.52 -10.02
N GLU A 69 -1.67 2.17 -11.16
CA GLU A 69 -2.59 1.62 -12.15
C GLU A 69 -2.12 0.24 -12.62
N PRO A 70 -0.91 0.18 -13.17
CA PRO A 70 -0.32 -1.07 -13.67
C PRO A 70 0.04 -2.03 -12.53
N LEU A 71 0.70 -1.50 -11.50
CA LEU A 71 1.10 -2.31 -10.36
C LEU A 71 -0.08 -3.10 -9.80
N TYR A 72 -1.22 -2.42 -9.65
CA TYR A 72 -2.42 -3.05 -9.13
C TYR A 72 -3.03 -4.00 -10.17
N ARG A 73 -3.03 -3.58 -11.42
CA ARG A 73 -3.58 -4.38 -12.50
C ARG A 73 -2.97 -5.78 -12.50
N LYS A 74 -1.63 -5.83 -12.53
CA LYS A 74 -0.92 -7.10 -12.53
C LYS A 74 -1.00 -7.78 -11.17
N LEU A 75 -1.03 -6.97 -10.12
CA LEU A 75 -1.11 -7.49 -8.76
C LEU A 75 -2.41 -8.26 -8.54
N GLY A 76 -3.43 -7.92 -9.33
CA GLY A 76 -4.71 -8.59 -9.22
C GLY A 76 -5.88 -7.62 -9.23
N GLU A 77 -6.97 -8.02 -9.88
CA GLU A 77 -8.15 -7.18 -9.97
C GLU A 77 -9.30 -7.74 -9.13
N PRO A 78 -10.24 -6.88 -8.75
CA PRO A 78 -11.40 -7.27 -7.95
C PRO A 78 -12.38 -8.13 -8.74
N SER A 79 -13.38 -8.67 -8.04
CA SER A 79 -14.38 -9.51 -8.67
C SER A 79 -15.66 -8.73 -8.95
N ASP A 80 -16.71 -9.43 -9.35
CA ASP A 80 -17.99 -8.80 -9.65
C ASP A 80 -18.49 -8.00 -8.45
N LYS A 81 -18.46 -8.62 -7.28
CA LYS A 81 -18.92 -7.96 -6.06
C LYS A 81 -18.21 -6.62 -5.86
N GLU A 82 -16.88 -6.67 -5.77
CA GLU A 82 -16.08 -5.46 -5.58
C GLU A 82 -16.27 -4.51 -6.75
N TYR A 83 -16.56 -5.06 -7.92
CA TYR A 83 -16.76 -4.25 -9.12
C TYR A 83 -17.94 -3.30 -8.96
N ASP A 84 -19.10 -3.87 -8.64
CA ASP A 84 -20.31 -3.08 -8.44
C ASP A 84 -20.19 -2.19 -7.21
N LEU A 85 -19.56 -2.72 -6.16
CA LEU A 85 -19.37 -1.97 -4.92
C LEU A 85 -18.64 -0.66 -5.17
N ILE A 86 -17.49 -0.75 -5.85
CA ILE A 86 -16.70 0.42 -6.16
C ILE A 86 -17.34 1.24 -7.29
N ASP A 87 -17.96 0.54 -8.23
CA ASP A 87 -18.60 1.19 -9.36
C ASP A 87 -19.68 2.16 -8.88
N GLN A 88 -20.16 1.95 -7.66
CA GLN A 88 -21.19 2.81 -7.09
C GLN A 88 -20.61 4.14 -6.64
N ALA A 89 -19.31 4.15 -6.33
CA ALA A 89 -18.63 5.36 -5.89
C ALA A 89 -18.39 6.30 -7.07
N PHE A 90 -18.09 7.56 -6.74
CA PHE A 90 -17.83 8.56 -7.77
C PHE A 90 -16.38 8.50 -8.24
N GLY A 91 -16.18 8.11 -9.51
CA GLY A 91 -14.84 8.01 -10.06
C GLY A 91 -13.92 7.18 -9.20
N ALA A 92 -14.45 6.08 -8.67
CA ALA A 92 -13.66 5.18 -7.82
C ALA A 92 -13.06 4.04 -8.63
N THR A 93 -11.75 3.84 -8.48
CA THR A 93 -11.06 2.78 -9.20
C THR A 93 -10.82 1.57 -8.30
N GLY A 94 -10.86 0.38 -8.89
CA GLY A 94 -10.64 -0.83 -8.13
C GLY A 94 -9.33 -0.82 -7.38
N THR A 95 -8.39 -0.02 -7.86
CA THR A 95 -7.08 0.08 -7.23
C THR A 95 -7.14 0.87 -5.93
N SER A 96 -8.35 1.36 -5.60
CA SER A 96 -8.55 2.12 -4.38
C SER A 96 -8.89 1.21 -3.21
N ARG A 97 -9.21 -0.04 -3.52
CA ARG A 97 -9.56 -1.02 -2.50
C ARG A 97 -8.55 -2.17 -2.48
N LEU A 98 -8.09 -2.52 -1.28
CA LEU A 98 -7.13 -3.61 -1.12
C LEU A 98 -7.16 -4.16 0.29
N GLY A 99 -6.32 -5.16 0.55
CA GLY A 99 -6.26 -5.76 1.88
C GLY A 99 -5.41 -4.96 2.84
N CYS A 100 -4.89 -5.62 3.87
CA CYS A 100 -4.06 -4.96 4.87
C CYS A 100 -2.89 -5.87 5.27
N GLN A 101 -2.14 -6.34 4.28
CA GLN A 101 -1.00 -7.21 4.54
C GLN A 101 -0.30 -7.59 3.23
N LEU A 102 0.77 -6.88 2.92
CA LEU A 102 1.53 -7.14 1.70
C LEU A 102 3.02 -7.26 2.00
N ARG A 103 3.76 -7.88 1.09
CA ARG A 103 5.19 -8.07 1.25
C ARG A 103 5.97 -7.30 0.18
N VAL A 104 7.29 -7.23 0.35
CA VAL A 104 8.14 -6.53 -0.61
C VAL A 104 8.78 -7.51 -1.60
N ASP A 105 8.46 -7.34 -2.88
CA ASP A 105 9.01 -8.20 -3.92
C ASP A 105 9.43 -7.38 -5.13
N LYS A 106 10.01 -8.06 -6.12
CA LYS A 106 10.46 -7.39 -7.34
C LYS A 106 9.30 -6.71 -8.05
N SER A 107 8.11 -7.28 -7.92
CA SER A 107 6.92 -6.73 -8.56
C SER A 107 6.58 -5.36 -7.98
N PHE A 108 7.10 -5.09 -6.78
CA PHE A 108 6.85 -3.82 -6.10
C PHE A 108 7.84 -2.76 -6.57
N GLU A 109 8.67 -3.12 -7.53
CA GLU A 109 9.68 -2.19 -8.06
C GLU A 109 9.01 -0.91 -8.59
N ASN A 110 9.43 0.22 -8.05
CA ASN A 110 8.89 1.51 -8.47
C ASN A 110 7.38 1.56 -8.21
N ALA A 111 6.93 0.78 -7.24
CA ALA A 111 5.51 0.74 -6.89
C ALA A 111 5.06 2.05 -6.25
N VAL A 112 3.89 2.53 -6.67
CA VAL A 112 3.35 3.79 -6.14
C VAL A 112 2.13 3.52 -5.25
N PHE A 113 2.21 3.98 -4.01
CA PHE A 113 1.11 3.81 -3.07
C PHE A 113 0.46 5.13 -2.72
N THR A 114 -0.71 5.39 -3.29
CA THR A 114 -1.44 6.63 -3.05
C THR A 114 -2.44 6.46 -1.92
N VAL A 115 -2.26 7.23 -0.85
CA VAL A 115 -3.15 7.18 0.30
C VAL A 115 -4.03 8.42 0.38
N PRO A 116 -5.19 8.38 -0.28
CA PRO A 116 -6.14 9.50 -0.29
C PRO A 116 -6.80 9.71 1.06
N ARG A 117 -7.13 8.62 1.74
CA ARG A 117 -7.76 8.69 3.05
C ARG A 117 -6.82 9.31 4.08
N ALA A 118 -7.39 9.81 5.17
CA ALA A 118 -6.60 10.42 6.23
C ALA A 118 -6.26 9.40 7.31
N THR A 119 -5.40 9.81 8.25
CA THR A 119 -4.98 8.94 9.34
C THR A 119 -5.87 9.14 10.56
N LYS A 120 -5.90 8.12 11.42
CA LYS A 120 -6.71 8.18 12.64
C LYS A 120 -6.13 9.19 13.62
N ASN A 121 -7.02 9.91 14.31
CA ASN A 121 -6.60 10.91 15.28
C ASN A 121 -7.70 11.15 16.33
N MET A 122 -7.45 12.10 17.22
CA MET A 122 -8.41 12.42 18.27
C MET A 122 -9.78 12.70 17.67
N ALA A 123 -10.76 11.88 18.04
CA ALA A 123 -12.12 12.04 17.55
C ALA A 123 -13.13 11.36 18.46
N VAL A 124 -14.20 12.08 18.81
CA VAL A 124 -15.23 11.54 19.69
C VAL A 124 -16.02 10.44 18.98
N ASP A 125 -16.54 9.50 19.77
CA ASP A 125 -17.33 8.40 19.23
C ASP A 125 -18.37 7.93 20.23
N GLY A 126 -19.43 7.30 19.73
CA GLY A 126 -20.49 6.81 20.59
C GLY A 126 -21.87 7.11 20.05
N PHE A 127 -21.95 8.10 19.16
CA PHE A 127 -23.22 8.48 18.57
C PHE A 127 -23.63 7.50 17.47
N LYS A 128 -23.92 6.26 17.87
CA LYS A 128 -24.32 5.23 16.92
C LYS A 128 -25.28 4.24 17.58
N PRO A 129 -26.50 4.71 17.88
CA PRO A 129 -27.53 3.87 18.51
C PRO A 129 -28.07 2.80 17.57
N LYS A 130 -28.32 3.18 16.32
CA LYS A 130 -28.83 2.25 15.33
C LYS A 130 -28.25 2.54 13.95
N PRO A 131 -26.96 2.23 13.77
CA PRO A 131 -26.26 2.45 12.50
C PRO A 131 -26.74 1.52 11.39
N HIS A 132 -27.34 2.11 10.36
CA HIS A 132 -27.85 1.34 9.24
C HIS A 132 -26.71 0.68 8.45
N GLY A 1 28.99 -20.13 0.70
CA GLY A 1 27.96 -19.13 0.43
C GLY A 1 27.96 -18.67 -1.01
N PRO A 2 27.51 -19.55 -1.91
CA PRO A 2 27.44 -19.24 -3.35
C PRO A 2 26.38 -18.20 -3.68
N GLY A 3 26.48 -17.60 -4.86
CA GLY A 3 25.52 -16.60 -5.28
C GLY A 3 24.60 -17.09 -6.36
N SER A 4 23.33 -16.71 -6.28
CA SER A 4 22.33 -17.13 -7.26
C SER A 4 22.07 -16.01 -8.27
N MET A 5 21.78 -16.40 -9.50
CA MET A 5 21.50 -15.43 -10.57
C MET A 5 20.07 -15.55 -11.04
N ASP A 6 19.72 -16.71 -11.60
CA ASP A 6 18.37 -16.94 -12.10
C ASP A 6 17.37 -16.96 -10.95
N MET A 7 16.09 -16.82 -11.29
CA MET A 7 15.03 -16.81 -10.29
C MET A 7 14.34 -18.17 -10.21
N PHE A 8 14.04 -18.62 -9.00
CA PHE A 8 13.39 -19.91 -8.80
C PHE A 8 12.44 -19.85 -7.60
N SER A 9 11.59 -20.86 -7.48
CA SER A 9 10.63 -20.93 -6.39
C SER A 9 11.33 -20.76 -5.04
N ALA A 10 11.19 -19.58 -4.46
CA ALA A 10 11.82 -19.28 -3.18
C ALA A 10 11.03 -18.22 -2.42
N PRO A 11 9.86 -18.61 -1.88
CA PRO A 11 8.99 -17.70 -1.13
C PRO A 11 9.59 -17.31 0.22
N ASP A 12 10.59 -18.07 0.66
CA ASP A 12 11.25 -17.80 1.93
C ASP A 12 12.47 -16.90 1.74
N ARG A 13 13.00 -16.90 0.52
CA ARG A 13 14.16 -16.07 0.20
C ARG A 13 13.76 -14.85 -0.61
N ILE A 14 13.72 -13.69 0.05
CA ILE A 14 13.35 -12.45 -0.61
C ILE A 14 14.31 -12.12 -1.76
N PRO A 15 13.74 -11.76 -2.92
CA PRO A 15 14.52 -11.42 -4.11
C PRO A 15 15.27 -10.10 -3.94
N GLU A 16 15.85 -9.62 -5.04
CA GLU A 16 16.60 -8.37 -5.01
C GLU A 16 15.76 -7.24 -4.40
N GLN A 17 16.45 -6.22 -3.88
CA GLN A 17 15.77 -5.10 -3.26
C GLN A 17 15.12 -4.20 -4.31
N ILE A 18 14.14 -3.40 -3.88
CA ILE A 18 13.43 -2.51 -4.78
C ILE A 18 13.14 -1.17 -4.11
N ARG A 19 12.55 -0.25 -4.86
CA ARG A 19 12.21 1.07 -4.34
C ARG A 19 10.74 1.39 -4.58
N ILE A 20 10.03 1.79 -3.53
CA ILE A 20 8.62 2.13 -3.64
C ILE A 20 8.39 3.61 -3.37
N PHE A 21 7.16 4.06 -3.59
CA PHE A 21 6.80 5.46 -3.37
C PHE A 21 5.60 5.58 -2.43
N PHE A 22 5.73 6.44 -1.43
CA PHE A 22 4.65 6.64 -0.45
C PHE A 22 3.85 7.90 -0.79
N LYS A 23 2.66 7.70 -1.37
CA LYS A 23 1.80 8.81 -1.74
C LYS A 23 0.79 9.11 -0.63
N THR A 24 0.62 10.39 -0.31
CA THR A 24 -0.31 10.81 0.72
C THR A 24 -1.17 11.96 0.25
N MET A 25 -2.10 12.39 1.11
CA MET A 25 -3.00 13.50 0.77
C MET A 25 -2.26 14.84 0.86
N LYS A 26 -1.04 14.80 1.37
CA LYS A 26 -0.23 16.00 1.51
C LYS A 26 0.85 16.06 0.45
N GLN A 27 1.44 14.91 0.13
CA GLN A 27 2.48 14.82 -0.89
C GLN A 27 2.98 13.39 -1.04
N VAL A 28 3.88 13.19 -1.99
CA VAL A 28 4.44 11.87 -2.24
C VAL A 28 5.94 11.84 -1.98
N VAL A 29 6.36 10.92 -1.12
CA VAL A 29 7.78 10.79 -0.78
C VAL A 29 8.31 9.41 -1.13
N PRO A 30 9.60 9.33 -1.45
CA PRO A 30 10.26 8.07 -1.81
C PRO A 30 10.39 7.12 -0.62
N ALA A 31 10.49 5.83 -0.91
CA ALA A 31 10.63 4.81 0.12
C ALA A 31 11.41 3.61 -0.38
N LYS A 32 12.67 3.51 0.04
CA LYS A 32 13.53 2.40 -0.36
C LYS A 32 13.21 1.15 0.46
N ALA A 33 13.06 0.02 -0.23
CA ALA A 33 12.77 -1.25 0.41
C ALA A 33 13.83 -2.28 0.11
N VAL A 34 14.54 -2.73 1.14
CA VAL A 34 15.59 -3.73 0.98
C VAL A 34 15.07 -5.13 1.26
N CYS A 35 15.67 -6.12 0.60
CA CYS A 35 15.26 -7.51 0.78
C CYS A 35 15.20 -7.87 2.25
N GLY A 36 14.01 -8.20 2.74
CA GLY A 36 13.84 -8.57 4.13
C GLY A 36 13.15 -7.48 4.94
N SER A 37 12.78 -6.40 4.26
CA SER A 37 12.12 -5.28 4.93
C SER A 37 10.61 -5.34 4.72
N THR A 38 9.91 -4.32 5.22
CA THR A 38 8.45 -4.26 5.10
C THR A 38 8.00 -2.84 4.76
N VAL A 39 6.93 -2.74 3.97
CA VAL A 39 6.39 -1.45 3.58
C VAL A 39 6.12 -0.57 4.80
N LEU A 40 5.23 -1.02 5.67
CA LEU A 40 4.90 -0.29 6.88
C LEU A 40 6.15 0.05 7.69
N ASP A 41 7.12 -0.85 7.65
CA ASP A 41 8.38 -0.65 8.36
C ASP A 41 9.23 0.42 7.70
N VAL A 42 9.05 0.58 6.39
CA VAL A 42 9.80 1.57 5.62
C VAL A 42 9.25 2.98 5.85
N ALA A 43 7.93 3.11 5.81
CA ALA A 43 7.27 4.39 6.02
C ALA A 43 7.77 5.05 7.30
N HIS A 44 8.14 4.23 8.28
CA HIS A 44 8.63 4.73 9.56
C HIS A 44 10.02 5.35 9.41
N LYS A 45 10.84 4.74 8.57
CA LYS A 45 12.20 5.23 8.33
C LYS A 45 12.17 6.50 7.50
N ASN A 46 11.36 6.51 6.46
CA ASN A 46 11.24 7.68 5.59
C ASN A 46 10.50 8.81 6.29
N GLY A 47 9.67 8.45 7.25
CA GLY A 47 8.91 9.46 7.99
C GLY A 47 7.45 9.48 7.60
N VAL A 48 7.12 8.79 6.51
CA VAL A 48 5.74 8.73 6.04
C VAL A 48 4.80 8.28 7.14
N ASP A 49 3.71 9.03 7.34
CA ASP A 49 2.73 8.70 8.36
C ASP A 49 1.83 7.56 7.90
N LEU A 50 2.33 6.33 8.02
CA LEU A 50 1.57 5.16 7.61
C LEU A 50 1.14 4.33 8.83
N GLU A 51 -0.15 4.39 9.16
CA GLU A 51 -0.67 3.65 10.31
C GLU A 51 -1.90 2.83 9.90
N GLY A 52 -1.77 1.51 9.95
CA GLY A 52 -2.87 0.65 9.59
C GLY A 52 -3.05 -0.50 10.56
N ALA A 53 -4.13 -0.46 11.32
CA ALA A 53 -4.42 -1.50 12.30
C ALA A 53 -4.36 -2.88 11.67
N CYS A 54 -3.26 -3.60 11.92
CA CYS A 54 -3.07 -4.93 11.38
C CYS A 54 -3.19 -5.98 12.46
N GLU A 55 -2.87 -5.59 13.70
CA GLU A 55 -2.94 -6.51 14.83
C GLU A 55 -4.37 -6.63 15.35
N GLY A 56 -4.90 -7.85 15.32
CA GLY A 56 -6.26 -8.08 15.78
C GLY A 56 -7.21 -8.43 14.66
N ASN A 57 -8.48 -8.61 14.99
CA ASN A 57 -9.49 -8.96 14.00
C ASN A 57 -10.13 -7.71 13.41
N LEU A 58 -10.97 -7.05 14.21
CA LEU A 58 -11.65 -5.84 13.78
C LEU A 58 -10.66 -4.82 13.25
N ALA A 59 -9.44 -4.85 13.78
CA ALA A 59 -8.39 -3.93 13.36
C ALA A 59 -7.94 -4.21 11.93
N CYS A 60 -7.65 -5.48 11.64
CA CYS A 60 -7.21 -5.89 10.32
C CYS A 60 -8.41 -6.21 9.43
N SER A 61 -9.35 -5.28 9.34
CA SER A 61 -10.54 -5.46 8.52
C SER A 61 -10.25 -5.17 7.05
N THR A 62 -11.31 -5.12 6.25
CA THR A 62 -11.17 -4.85 4.83
C THR A 62 -10.44 -3.54 4.57
N CYS A 63 -9.15 -3.62 4.28
CA CYS A 63 -8.35 -2.43 4.02
C CYS A 63 -8.95 -1.61 2.88
N HIS A 64 -8.79 -0.29 2.97
CA HIS A 64 -9.32 0.61 1.96
C HIS A 64 -8.31 1.69 1.61
N VAL A 65 -7.29 1.32 0.82
CA VAL A 65 -6.26 2.26 0.42
C VAL A 65 -6.06 2.25 -1.10
N ILE A 66 -5.51 3.34 -1.63
CA ILE A 66 -5.28 3.46 -3.05
C ILE A 66 -3.90 2.92 -3.42
N LEU A 67 -3.84 2.07 -4.44
CA LEU A 67 -2.58 1.50 -4.91
C LEU A 67 -2.39 1.73 -6.40
N GLU A 68 -1.15 1.62 -6.86
CA GLU A 68 -0.84 1.79 -8.27
C GLU A 68 -1.83 1.05 -9.16
N GLU A 69 -2.16 1.65 -10.30
CA GLU A 69 -3.10 1.04 -11.22
C GLU A 69 -2.62 -0.35 -11.67
N PRO A 70 -1.43 -0.38 -12.30
CA PRO A 70 -0.83 -1.63 -12.79
C PRO A 70 -0.36 -2.52 -11.65
N LEU A 71 0.36 -1.94 -10.70
CA LEU A 71 0.87 -2.69 -9.55
C LEU A 71 -0.25 -3.46 -8.88
N TYR A 72 -1.38 -2.80 -8.66
CA TYR A 72 -2.53 -3.43 -8.02
C TYR A 72 -3.17 -4.47 -8.93
N ARG A 73 -3.43 -4.07 -10.18
CA ARG A 73 -4.04 -4.96 -11.15
C ARG A 73 -3.25 -6.25 -11.28
N LYS A 74 -1.93 -6.13 -11.29
CA LYS A 74 -1.05 -7.29 -11.40
C LYS A 74 -1.06 -8.11 -10.12
N LEU A 75 -0.94 -7.43 -8.99
CA LEU A 75 -0.93 -8.10 -7.69
C LEU A 75 -2.27 -8.79 -7.43
N GLY A 76 -3.32 -8.31 -8.08
CA GLY A 76 -4.64 -8.90 -7.92
C GLY A 76 -5.75 -7.88 -8.00
N GLU A 77 -6.76 -8.17 -8.81
CA GLU A 77 -7.90 -7.25 -8.98
C GLU A 77 -9.19 -7.89 -8.46
N PRO A 78 -10.16 -7.04 -8.13
CA PRO A 78 -11.46 -7.50 -7.62
C PRO A 78 -12.30 -8.19 -8.69
N SER A 79 -13.53 -8.55 -8.33
CA SER A 79 -14.42 -9.23 -9.26
C SER A 79 -15.48 -8.27 -9.80
N ASP A 80 -16.39 -8.80 -10.60
CA ASP A 80 -17.46 -7.98 -11.19
C ASP A 80 -18.29 -7.32 -10.09
N LYS A 81 -18.63 -8.09 -9.06
CA LYS A 81 -19.42 -7.57 -7.95
C LYS A 81 -18.79 -6.31 -7.37
N GLU A 82 -17.55 -6.44 -6.89
CA GLU A 82 -16.83 -5.32 -6.31
C GLU A 82 -16.62 -4.22 -7.34
N TYR A 83 -16.54 -4.61 -8.61
CA TYR A 83 -16.32 -3.66 -9.70
C TYR A 83 -17.47 -2.67 -9.79
N ASP A 84 -18.69 -3.19 -9.85
CA ASP A 84 -19.88 -2.34 -9.94
C ASP A 84 -20.12 -1.61 -8.62
N LEU A 85 -19.89 -2.31 -7.52
CA LEU A 85 -20.09 -1.73 -6.19
C LEU A 85 -19.26 -0.46 -6.02
N ILE A 86 -17.98 -0.56 -6.34
CA ILE A 86 -17.08 0.59 -6.23
C ILE A 86 -17.31 1.58 -7.36
N ASP A 87 -17.65 1.06 -8.53
CA ASP A 87 -17.91 1.90 -9.70
C ASP A 87 -19.05 2.88 -9.43
N GLN A 88 -19.87 2.55 -8.43
CA GLN A 88 -21.01 3.40 -8.07
C GLN A 88 -20.54 4.64 -7.31
N ALA A 89 -19.40 4.52 -6.64
CA ALA A 89 -18.85 5.63 -5.87
C ALA A 89 -18.17 6.65 -6.78
N PHE A 90 -18.27 7.93 -6.42
CA PHE A 90 -17.68 8.99 -7.21
C PHE A 90 -16.15 8.89 -7.19
N GLY A 91 -15.56 8.77 -8.38
CA GLY A 91 -14.12 8.67 -8.48
C GLY A 91 -13.55 7.58 -7.60
N ALA A 92 -14.18 6.41 -7.61
CA ALA A 92 -13.74 5.28 -6.80
C ALA A 92 -13.19 4.17 -7.67
N THR A 93 -11.96 3.75 -7.39
CA THR A 93 -11.32 2.69 -8.16
C THR A 93 -11.09 1.45 -7.30
N GLY A 94 -11.15 0.28 -7.92
CA GLY A 94 -10.95 -0.96 -7.18
C GLY A 94 -9.63 -0.99 -6.45
N THR A 95 -8.67 -0.19 -6.92
CA THR A 95 -7.35 -0.12 -6.29
C THR A 95 -7.41 0.63 -4.97
N SER A 96 -8.59 1.12 -4.63
CA SER A 96 -8.77 1.87 -3.39
C SER A 96 -9.12 0.93 -2.23
N ARG A 97 -9.47 -0.31 -2.57
CA ARG A 97 -9.83 -1.30 -1.57
C ARG A 97 -9.29 -2.68 -1.95
N LEU A 98 -9.33 -3.60 -1.00
CA LEU A 98 -8.85 -4.97 -1.24
C LEU A 98 -7.39 -4.95 -1.68
N GLY A 99 -6.58 -4.16 -0.98
CA GLY A 99 -5.17 -4.08 -1.31
C GLY A 99 -4.31 -3.76 -0.10
N CYS A 100 -3.50 -4.72 0.32
CA CYS A 100 -2.62 -4.53 1.47
C CYS A 100 -1.53 -5.60 1.50
N GLN A 101 -0.43 -5.29 2.17
CA GLN A 101 0.69 -6.22 2.27
C GLN A 101 1.71 -5.72 3.29
N LEU A 102 2.79 -6.49 3.45
CA LEU A 102 3.85 -6.13 4.40
C LEU A 102 5.22 -6.41 3.82
N ARG A 103 5.47 -7.69 3.51
CA ARG A 103 6.76 -8.10 2.95
C ARG A 103 7.01 -7.39 1.63
N VAL A 104 8.28 -7.32 1.23
CA VAL A 104 8.67 -6.67 -0.01
C VAL A 104 9.12 -7.68 -1.05
N ASP A 105 8.64 -7.52 -2.27
CA ASP A 105 8.99 -8.42 -3.36
C ASP A 105 9.30 -7.65 -4.64
N LYS A 106 9.83 -8.34 -5.64
CA LYS A 106 10.16 -7.72 -6.92
C LYS A 106 8.93 -7.10 -7.56
N SER A 107 7.78 -7.73 -7.36
CA SER A 107 6.53 -7.24 -7.92
C SER A 107 6.16 -5.89 -7.33
N PHE A 108 6.74 -5.58 -6.18
CA PHE A 108 6.47 -4.30 -5.50
C PHE A 108 7.42 -3.22 -6.00
N GLU A 109 8.20 -3.54 -7.02
CA GLU A 109 9.14 -2.60 -7.59
C GLU A 109 8.43 -1.34 -8.08
N ASN A 110 8.86 -0.19 -7.59
CA ASN A 110 8.27 1.09 -7.98
C ASN A 110 6.78 1.11 -7.62
N ALA A 111 6.40 0.31 -6.64
CA ALA A 111 5.01 0.25 -6.20
C ALA A 111 4.59 1.55 -5.53
N VAL A 112 3.49 2.13 -6.00
CA VAL A 112 2.99 3.38 -5.43
C VAL A 112 1.83 3.11 -4.47
N PHE A 113 1.99 3.55 -3.23
CA PHE A 113 0.96 3.36 -2.22
C PHE A 113 0.35 4.70 -1.82
N THR A 114 -0.85 4.97 -2.32
CA THR A 114 -1.55 6.21 -2.02
C THR A 114 -2.54 6.02 -0.86
N VAL A 115 -2.33 6.76 0.21
CA VAL A 115 -3.20 6.68 1.38
C VAL A 115 -4.06 7.93 1.52
N PRO A 116 -5.23 7.92 0.88
CA PRO A 116 -6.16 9.05 0.92
C PRO A 116 -6.81 9.23 2.30
N ARG A 117 -7.04 8.12 2.98
CA ARG A 117 -7.65 8.15 4.31
C ARG A 117 -6.63 8.59 5.36
N ALA A 118 -7.11 9.26 6.39
CA ALA A 118 -6.24 9.73 7.47
C ALA A 118 -5.50 8.57 8.13
N THR A 119 -4.75 8.88 9.18
CA THR A 119 -3.98 7.87 9.89
C THR A 119 -4.33 7.88 11.38
N LYS A 120 -3.74 6.95 12.12
CA LYS A 120 -3.97 6.85 13.56
C LYS A 120 -2.71 7.22 14.34
N ASN A 121 -2.76 7.00 15.65
CA ASN A 121 -1.62 7.31 16.52
C ASN A 121 -0.92 6.03 16.97
N MET A 122 0.27 6.17 17.54
CA MET A 122 1.03 5.03 18.02
C MET A 122 0.97 4.93 19.54
N ALA A 123 1.63 3.91 20.09
CA ALA A 123 1.64 3.70 21.53
C ALA A 123 2.89 2.95 21.96
N VAL A 124 3.09 2.84 23.28
CA VAL A 124 4.25 2.15 23.81
C VAL A 124 3.86 1.25 24.99
N ASP A 125 4.55 0.12 25.12
CA ASP A 125 4.27 -0.82 26.20
C ASP A 125 5.27 -1.96 26.19
N GLY A 126 5.55 -2.50 27.37
CA GLY A 126 6.50 -3.60 27.48
C GLY A 126 6.58 -4.16 28.88
N PHE A 127 6.53 -3.27 29.88
CA PHE A 127 6.60 -3.68 31.27
C PHE A 127 7.91 -4.42 31.56
N LYS A 128 8.93 -4.11 30.78
CA LYS A 128 10.24 -4.74 30.95
C LYS A 128 10.13 -6.26 30.82
N PRO A 129 9.94 -6.74 29.58
CA PRO A 129 9.82 -8.17 29.29
C PRO A 129 11.14 -8.91 29.49
N LYS A 130 11.10 -10.00 30.25
CA LYS A 130 12.28 -10.80 30.51
C LYS A 130 11.92 -12.08 31.25
N PRO A 131 11.23 -13.00 30.54
CA PRO A 131 10.81 -14.28 31.11
C PRO A 131 12.00 -15.22 31.35
N HIS A 132 11.70 -16.45 31.73
CA HIS A 132 12.72 -17.45 32.00
C HIS A 132 12.77 -18.50 30.88
N GLY A 1 20.70 -12.76 -8.65
CA GLY A 1 19.77 -13.68 -8.03
C GLY A 1 18.75 -14.24 -9.02
N PRO A 2 19.22 -15.11 -9.93
CA PRO A 2 18.36 -15.72 -10.94
C PRO A 2 17.39 -16.72 -10.35
N GLY A 3 16.64 -17.41 -11.21
CA GLY A 3 15.67 -18.39 -10.75
C GLY A 3 15.74 -19.69 -11.54
N SER A 4 14.66 -20.01 -12.22
CA SER A 4 14.59 -21.23 -13.01
C SER A 4 14.88 -22.46 -12.15
N MET A 5 14.36 -22.44 -10.93
CA MET A 5 14.56 -23.55 -10.00
C MET A 5 13.74 -24.77 -10.43
N ASP A 6 14.39 -25.93 -10.46
CA ASP A 6 13.74 -27.17 -10.84
C ASP A 6 13.43 -28.04 -9.63
N MET A 7 13.19 -27.39 -8.49
CA MET A 7 12.89 -28.09 -7.26
C MET A 7 11.72 -27.43 -6.52
N PHE A 8 11.38 -27.98 -5.36
CA PHE A 8 10.29 -27.43 -4.55
C PHE A 8 10.78 -27.01 -3.18
N SER A 9 10.28 -25.86 -2.71
CA SER A 9 10.68 -25.34 -1.40
C SER A 9 9.89 -24.08 -1.06
N ALA A 10 9.63 -23.88 0.22
CA ALA A 10 8.88 -22.72 0.68
C ALA A 10 9.52 -21.43 0.18
N PRO A 11 8.74 -20.34 0.18
CA PRO A 11 9.20 -19.03 -0.27
C PRO A 11 10.21 -18.42 0.70
N ASP A 12 11.46 -18.85 0.60
CA ASP A 12 12.53 -18.36 1.46
C ASP A 12 13.61 -17.68 0.65
N ARG A 13 13.25 -17.20 -0.54
CA ARG A 13 14.20 -16.54 -1.42
C ARG A 13 13.64 -15.20 -1.91
N ILE A 14 14.30 -14.12 -1.54
CA ILE A 14 13.88 -12.78 -1.95
C ILE A 14 14.91 -12.12 -2.84
N PRO A 15 14.44 -11.54 -3.96
CA PRO A 15 15.31 -10.86 -4.92
C PRO A 15 15.89 -9.55 -4.36
N GLU A 16 16.71 -8.89 -5.16
CA GLU A 16 17.33 -7.64 -4.75
C GLU A 16 16.28 -6.65 -4.24
N GLN A 17 16.72 -5.69 -3.42
CA GLN A 17 15.82 -4.70 -2.86
C GLN A 17 15.40 -3.69 -3.93
N ILE A 18 14.16 -3.21 -3.82
CA ILE A 18 13.64 -2.24 -4.78
C ILE A 18 13.27 -0.94 -4.08
N ARG A 19 12.96 0.08 -4.87
CA ARG A 19 12.59 1.39 -4.34
C ARG A 19 11.14 1.73 -4.69
N ILE A 20 10.37 2.14 -3.69
CA ILE A 20 8.97 2.49 -3.89
C ILE A 20 8.73 3.96 -3.56
N PHE A 21 7.51 4.43 -3.83
CA PHE A 21 7.15 5.82 -3.56
C PHE A 21 5.87 5.89 -2.73
N PHE A 22 5.90 6.68 -1.68
CA PHE A 22 4.74 6.84 -0.81
C PHE A 22 4.02 8.17 -1.08
N LYS A 23 2.91 8.09 -1.79
CA LYS A 23 2.13 9.28 -2.12
C LYS A 23 1.01 9.50 -1.11
N THR A 24 0.79 10.76 -0.74
CA THR A 24 -0.25 11.12 0.22
C THR A 24 -0.96 12.39 -0.18
N MET A 25 -1.99 12.75 0.58
CA MET A 25 -2.77 13.96 0.30
C MET A 25 -1.99 15.21 0.72
N LYS A 26 -0.91 15.00 1.47
CA LYS A 26 -0.08 16.11 1.93
C LYS A 26 1.14 16.30 1.04
N GLN A 27 1.70 15.19 0.57
CA GLN A 27 2.87 15.23 -0.30
C GLN A 27 3.31 13.82 -0.68
N VAL A 28 4.33 13.74 -1.53
CA VAL A 28 4.85 12.46 -1.98
C VAL A 28 6.32 12.29 -1.60
N VAL A 29 6.61 11.25 -0.84
CA VAL A 29 7.98 10.98 -0.39
C VAL A 29 8.44 9.60 -0.85
N PRO A 30 9.75 9.46 -1.07
CA PRO A 30 10.35 8.20 -1.52
C PRO A 30 10.33 7.14 -0.43
N ALA A 31 10.60 5.89 -0.81
CA ALA A 31 10.61 4.78 0.13
C ALA A 31 11.50 3.65 -0.37
N LYS A 32 12.16 2.97 0.56
CA LYS A 32 13.04 1.86 0.22
C LYS A 32 12.48 0.54 0.72
N ALA A 33 12.27 -0.39 -0.21
CA ALA A 33 11.72 -1.70 0.14
C ALA A 33 12.84 -2.72 0.34
N VAL A 34 12.96 -3.23 1.56
CA VAL A 34 13.98 -4.22 1.89
C VAL A 34 13.46 -5.63 1.68
N CYS A 35 14.39 -6.56 1.41
CA CYS A 35 14.03 -7.96 1.20
C CYS A 35 13.39 -8.56 2.45
N GLY A 36 12.17 -9.05 2.31
CA GLY A 36 11.47 -9.64 3.44
C GLY A 36 10.74 -8.62 4.26
N SER A 37 10.81 -7.36 3.85
CA SER A 37 10.14 -6.27 4.56
C SER A 37 8.69 -6.14 4.11
N THR A 38 8.05 -5.05 4.53
CA THR A 38 6.66 -4.79 4.18
C THR A 38 6.42 -3.31 3.92
N VAL A 39 5.42 -3.00 3.12
CA VAL A 39 5.08 -1.62 2.80
C VAL A 39 4.92 -0.79 4.07
N LEU A 40 3.98 -1.19 4.92
CA LEU A 40 3.72 -0.48 6.17
C LEU A 40 5.00 -0.35 6.99
N ASP A 41 5.86 -1.37 6.91
CA ASP A 41 7.11 -1.36 7.64
C ASP A 41 8.11 -0.38 7.02
N VAL A 42 7.95 -0.13 5.72
CA VAL A 42 8.83 0.79 5.02
C VAL A 42 8.47 2.24 5.33
N ALA A 43 7.18 2.55 5.29
CA ALA A 43 6.71 3.90 5.58
C ALA A 43 7.27 4.41 6.90
N HIS A 44 7.45 3.49 7.85
CA HIS A 44 7.98 3.86 9.16
C HIS A 44 9.43 4.31 9.06
N LYS A 45 10.18 3.70 8.14
CA LYS A 45 11.58 4.04 7.94
C LYS A 45 11.72 5.45 7.38
N ASN A 46 10.96 5.74 6.32
CA ASN A 46 11.01 7.06 5.69
C ASN A 46 10.33 8.10 6.58
N GLY A 47 9.43 7.66 7.44
CA GLY A 47 8.74 8.57 8.34
C GLY A 47 7.27 8.74 7.96
N VAL A 48 6.91 8.26 6.78
CA VAL A 48 5.54 8.38 6.30
C VAL A 48 4.56 7.75 7.29
N ASP A 49 3.51 8.50 7.64
CA ASP A 49 2.51 8.02 8.58
C ASP A 49 1.44 7.22 7.86
N LEU A 50 1.73 5.96 7.58
CA LEU A 50 0.78 5.08 6.89
C LEU A 50 -0.28 4.57 7.85
N GLU A 51 -1.53 4.86 7.54
CA GLU A 51 -2.65 4.42 8.38
C GLU A 51 -2.68 2.89 8.50
N GLY A 52 -2.97 2.40 9.69
CA GLY A 52 -3.03 0.98 9.91
C GLY A 52 -2.51 0.57 11.28
N ALA A 53 -1.35 -0.09 11.30
CA ALA A 53 -0.74 -0.53 12.54
C ALA A 53 -1.73 -1.34 13.38
N CYS A 54 -2.41 -2.29 12.73
CA CYS A 54 -3.38 -3.14 13.41
C CYS A 54 -2.70 -4.37 14.00
N GLU A 55 -1.66 -4.85 13.34
CA GLU A 55 -0.93 -6.02 13.79
C GLU A 55 -1.87 -7.20 14.04
N GLY A 56 -2.91 -7.29 13.23
CA GLY A 56 -3.88 -8.36 13.38
C GLY A 56 -4.48 -8.80 12.05
N ASN A 57 -4.67 -10.10 11.90
CA ASN A 57 -5.23 -10.65 10.68
C ASN A 57 -6.75 -10.55 10.68
N LEU A 58 -7.34 -10.55 11.87
CA LEU A 58 -8.79 -10.44 12.01
C LEU A 58 -9.32 -9.20 11.30
N ALA A 59 -10.65 -9.12 11.17
CA ALA A 59 -11.28 -7.99 10.51
C ALA A 59 -10.82 -6.67 11.13
N CYS A 60 -10.47 -5.71 10.27
CA CYS A 60 -10.01 -4.40 10.73
C CYS A 60 -10.99 -3.32 10.32
N SER A 61 -10.68 -2.08 10.70
CA SER A 61 -11.53 -0.94 10.38
C SER A 61 -11.63 -0.74 8.87
N THR A 62 -12.22 0.38 8.47
CA THR A 62 -12.38 0.69 7.05
C THR A 62 -11.03 0.73 6.34
N CYS A 63 -10.70 -0.37 5.66
CA CYS A 63 -9.43 -0.46 4.95
C CYS A 63 -9.63 -0.17 3.45
N HIS A 64 -9.02 0.91 2.98
CA HIS A 64 -9.12 1.29 1.58
C HIS A 64 -8.05 2.31 1.21
N VAL A 65 -7.07 1.88 0.41
CA VAL A 65 -5.99 2.75 -0.01
C VAL A 65 -5.82 2.72 -1.53
N ILE A 66 -5.26 3.79 -2.08
CA ILE A 66 -5.04 3.88 -3.52
C ILE A 66 -3.67 3.35 -3.90
N LEU A 67 -3.64 2.46 -4.88
CA LEU A 67 -2.38 1.86 -5.35
C LEU A 67 -2.21 2.08 -6.85
N GLU A 68 -0.97 1.94 -7.31
CA GLU A 68 -0.67 2.11 -8.73
C GLU A 68 -1.70 1.40 -9.60
N GLU A 69 -2.03 2.01 -10.74
CA GLU A 69 -3.01 1.44 -11.66
C GLU A 69 -2.58 0.05 -12.11
N PRO A 70 -1.40 -0.03 -12.74
CA PRO A 70 -0.85 -1.29 -13.25
C PRO A 70 -0.41 -2.22 -12.12
N LEU A 71 0.34 -1.67 -11.17
CA LEU A 71 0.82 -2.45 -10.04
C LEU A 71 -0.32 -3.16 -9.33
N TYR A 72 -1.44 -2.46 -9.16
CA TYR A 72 -2.61 -3.03 -8.51
C TYR A 72 -3.28 -4.07 -9.41
N ARG A 73 -3.62 -3.65 -10.63
CA ARG A 73 -4.27 -4.54 -11.58
C ARG A 73 -3.48 -5.83 -11.76
N LYS A 74 -2.16 -5.71 -11.68
CA LYS A 74 -1.29 -6.88 -11.84
C LYS A 74 -1.25 -7.71 -10.55
N LEU A 75 -1.19 -7.02 -9.42
CA LEU A 75 -1.15 -7.70 -8.12
C LEU A 75 -2.44 -8.48 -7.89
N GLY A 76 -3.52 -8.04 -8.52
CA GLY A 76 -4.80 -8.73 -8.38
C GLY A 76 -5.90 -7.78 -7.93
N GLU A 77 -7.10 -7.97 -8.50
CA GLU A 77 -8.24 -7.12 -8.16
C GLU A 77 -9.27 -7.91 -7.37
N PRO A 78 -10.15 -7.19 -6.65
CA PRO A 78 -11.21 -7.78 -5.84
C PRO A 78 -12.29 -8.45 -6.68
N SER A 79 -13.13 -9.25 -6.04
CA SER A 79 -14.20 -9.94 -6.74
C SER A 79 -15.12 -8.94 -7.44
N ASP A 80 -16.04 -9.47 -8.25
CA ASP A 80 -16.98 -8.63 -8.98
C ASP A 80 -17.84 -7.81 -8.02
N LYS A 81 -18.20 -8.42 -6.89
CA LYS A 81 -19.01 -7.74 -5.88
C LYS A 81 -18.40 -6.40 -5.50
N GLU A 82 -17.21 -6.44 -4.93
CA GLU A 82 -16.51 -5.23 -4.52
C GLU A 82 -16.11 -4.39 -5.73
N TYR A 83 -15.75 -5.06 -6.81
CA TYR A 83 -15.33 -4.39 -8.04
C TYR A 83 -16.43 -3.43 -8.52
N ASP A 84 -17.64 -3.95 -8.67
CA ASP A 84 -18.77 -3.15 -9.12
C ASP A 84 -19.13 -2.09 -8.09
N LEU A 85 -19.13 -2.48 -6.82
CA LEU A 85 -19.46 -1.57 -5.74
C LEU A 85 -18.56 -0.33 -5.78
N ILE A 86 -17.30 -0.54 -6.13
CA ILE A 86 -16.34 0.56 -6.21
C ILE A 86 -16.58 1.41 -7.46
N ASP A 87 -16.65 0.76 -8.61
CA ASP A 87 -16.88 1.46 -9.87
C ASP A 87 -18.20 2.23 -9.83
N GLN A 88 -19.10 1.82 -8.93
CA GLN A 88 -20.39 2.47 -8.80
C GLN A 88 -20.25 3.80 -8.06
N ALA A 89 -19.21 3.92 -7.26
CA ALA A 89 -18.96 5.15 -6.51
C ALA A 89 -18.46 6.27 -7.42
N PHE A 90 -18.51 7.49 -6.91
CA PHE A 90 -18.06 8.65 -7.69
C PHE A 90 -16.54 8.70 -7.75
N GLY A 91 -16.00 8.52 -8.96
CA GLY A 91 -14.56 8.55 -9.14
C GLY A 91 -13.83 7.62 -8.18
N ALA A 92 -14.40 6.43 -7.98
CA ALA A 92 -13.80 5.44 -7.09
C ALA A 92 -13.20 4.29 -7.88
N THR A 93 -11.88 4.16 -7.80
CA THR A 93 -11.18 3.08 -8.51
C THR A 93 -10.97 1.87 -7.61
N GLY A 94 -11.08 0.68 -8.20
CA GLY A 94 -10.89 -0.54 -7.42
C GLY A 94 -9.55 -0.58 -6.72
N THR A 95 -8.59 0.18 -7.23
CA THR A 95 -7.26 0.22 -6.63
C THR A 95 -7.26 1.04 -5.35
N SER A 96 -8.43 1.56 -4.98
CA SER A 96 -8.56 2.37 -3.77
C SER A 96 -8.94 1.49 -2.58
N ARG A 97 -9.32 0.25 -2.87
CA ARG A 97 -9.70 -0.69 -1.83
C ARG A 97 -8.74 -1.88 -1.78
N LEU A 98 -8.31 -2.23 -0.57
CA LEU A 98 -7.38 -3.35 -0.38
C LEU A 98 -7.07 -3.55 1.09
N GLY A 99 -6.22 -4.53 1.38
CA GLY A 99 -5.84 -4.81 2.75
C GLY A 99 -4.63 -4.01 3.21
N CYS A 100 -3.68 -4.68 3.84
CA CYS A 100 -2.47 -4.03 4.32
C CYS A 100 -1.27 -4.96 4.20
N GLN A 101 -1.47 -6.22 4.56
CA GLN A 101 -0.39 -7.20 4.50
C GLN A 101 0.13 -7.36 3.07
N LEU A 102 1.26 -6.72 2.78
CA LEU A 102 1.85 -6.79 1.45
C LEU A 102 3.35 -7.04 1.54
N ARG A 103 3.82 -8.06 0.83
CA ARG A 103 5.24 -8.41 0.83
C ARG A 103 6.00 -7.57 -0.19
N VAL A 104 7.32 -7.64 -0.13
CA VAL A 104 8.17 -6.88 -1.05
C VAL A 104 8.73 -7.78 -2.14
N ASP A 105 8.40 -7.47 -3.39
CA ASP A 105 8.87 -8.24 -4.52
C ASP A 105 9.35 -7.34 -5.65
N LYS A 106 9.93 -7.93 -6.68
CA LYS A 106 10.42 -7.17 -7.83
C LYS A 106 9.28 -6.40 -8.50
N SER A 107 8.08 -6.95 -8.41
CA SER A 107 6.91 -6.31 -9.01
C SER A 107 6.60 -4.99 -8.33
N PHE A 108 7.06 -4.84 -7.09
CA PHE A 108 6.84 -3.62 -6.33
C PHE A 108 7.84 -2.54 -6.71
N GLU A 109 8.73 -2.88 -7.64
CA GLU A 109 9.74 -1.94 -8.10
C GLU A 109 9.11 -0.65 -8.63
N ASN A 110 9.51 0.48 -8.06
CA ASN A 110 8.97 1.78 -8.46
C ASN A 110 7.45 1.82 -8.26
N ALA A 111 6.96 1.03 -7.32
CA ALA A 111 5.53 0.99 -7.02
C ALA A 111 5.06 2.31 -6.42
N VAL A 112 3.80 2.64 -6.64
CA VAL A 112 3.21 3.87 -6.12
C VAL A 112 2.09 3.57 -5.13
N PHE A 113 2.24 4.04 -3.90
CA PHE A 113 1.24 3.83 -2.86
C PHE A 113 0.60 5.15 -2.44
N THR A 114 -0.58 5.42 -2.98
CA THR A 114 -1.30 6.64 -2.68
C THR A 114 -2.24 6.44 -1.50
N VAL A 115 -1.99 7.16 -0.41
CA VAL A 115 -2.82 7.05 0.79
C VAL A 115 -3.66 8.32 0.99
N PRO A 116 -4.86 8.32 0.39
CA PRO A 116 -5.79 9.46 0.48
C PRO A 116 -6.37 9.61 1.88
N ARG A 117 -6.62 8.49 2.55
CA ARG A 117 -7.17 8.50 3.90
C ARG A 117 -6.12 8.06 4.92
N ALA A 118 -5.64 9.01 5.72
CA ALA A 118 -4.65 8.71 6.74
C ALA A 118 -4.58 9.83 7.78
N THR A 119 -3.70 9.66 8.77
CA THR A 119 -3.53 10.65 9.81
C THR A 119 -2.32 11.54 9.54
N LYS A 120 -2.15 12.57 10.37
CA LYS A 120 -1.03 13.48 10.22
C LYS A 120 0.29 12.73 10.20
N ASN A 121 1.38 13.45 9.93
CA ASN A 121 2.70 12.84 9.88
C ASN A 121 3.79 13.87 10.20
N MET A 122 4.86 13.43 10.84
CA MET A 122 5.96 14.31 11.21
C MET A 122 7.30 13.58 11.11
N ALA A 123 8.06 13.90 10.06
CA ALA A 123 9.35 13.28 9.84
C ALA A 123 10.05 13.88 8.62
N VAL A 124 11.36 14.08 8.74
CA VAL A 124 12.14 14.65 7.65
C VAL A 124 13.46 13.91 7.46
N ASP A 125 13.88 13.75 6.21
CA ASP A 125 15.12 13.05 5.91
C ASP A 125 15.46 13.17 4.43
N GLY A 126 16.70 13.55 4.13
CA GLY A 126 17.12 13.70 2.75
C GLY A 126 16.37 14.80 2.02
N PHE A 127 17.00 15.95 1.88
CA PHE A 127 16.38 17.08 1.19
C PHE A 127 17.17 17.46 -0.06
N LYS A 128 16.49 17.48 -1.20
CA LYS A 128 17.12 17.83 -2.46
C LYS A 128 16.17 18.63 -3.34
N PRO A 129 16.74 19.34 -4.34
CA PRO A 129 15.96 20.15 -5.27
C PRO A 129 15.11 19.31 -6.22
N LYS A 130 13.85 19.08 -5.84
CA LYS A 130 12.95 18.28 -6.66
C LYS A 130 11.56 18.91 -6.69
N PRO A 131 10.77 18.58 -7.73
CA PRO A 131 9.42 19.10 -7.91
C PRO A 131 8.45 18.53 -6.87
N HIS A 132 7.22 19.04 -6.89
CA HIS A 132 6.20 18.59 -5.94
C HIS A 132 4.97 18.05 -6.68
N GLY A 1 1.73 -3.88 -23.24
CA GLY A 1 0.40 -3.37 -22.96
C GLY A 1 -0.09 -3.72 -21.57
N PRO A 2 -1.16 -3.05 -21.12
CA PRO A 2 -1.74 -3.28 -19.79
C PRO A 2 -2.42 -4.64 -19.68
N GLY A 3 -2.59 -5.12 -18.46
CA GLY A 3 -3.21 -6.41 -18.24
C GLY A 3 -2.25 -7.44 -17.70
N SER A 4 -2.75 -8.32 -16.84
CA SER A 4 -1.92 -9.38 -16.25
C SER A 4 -2.40 -10.76 -16.70
N MET A 5 -1.72 -11.79 -16.21
CA MET A 5 -2.06 -13.17 -16.55
C MET A 5 -2.40 -13.96 -15.30
N ASP A 6 -1.40 -14.16 -14.44
CA ASP A 6 -1.58 -14.90 -13.21
C ASP A 6 -0.36 -14.78 -12.31
N MET A 7 -0.42 -15.43 -11.15
CA MET A 7 0.69 -15.40 -10.20
C MET A 7 1.04 -16.81 -9.73
N PHE A 8 2.18 -16.94 -9.05
CA PHE A 8 2.62 -18.22 -8.54
C PHE A 8 3.55 -18.05 -7.34
N SER A 9 3.72 -19.11 -6.56
CA SER A 9 4.57 -19.07 -5.38
C SER A 9 6.04 -19.06 -5.78
N ALA A 10 6.90 -18.74 -4.81
CA ALA A 10 8.34 -18.68 -5.06
C ALA A 10 9.10 -18.33 -3.79
N PRO A 11 9.20 -19.30 -2.87
CA PRO A 11 9.90 -19.12 -1.60
C PRO A 11 11.42 -19.00 -1.78
N ASP A 12 11.86 -17.82 -2.20
CA ASP A 12 13.28 -17.57 -2.42
C ASP A 12 13.77 -16.41 -1.55
N ARG A 13 13.07 -16.17 -0.44
CA ARG A 13 13.42 -15.09 0.47
C ARG A 13 13.28 -13.73 -0.22
N ILE A 14 12.35 -13.64 -1.17
CA ILE A 14 12.12 -12.40 -1.90
C ILE A 14 13.33 -12.03 -2.74
N PRO A 15 13.08 -11.37 -3.89
CA PRO A 15 14.13 -10.94 -4.80
C PRO A 15 14.98 -9.80 -4.22
N GLU A 16 15.82 -9.22 -5.06
CA GLU A 16 16.68 -8.13 -4.63
C GLU A 16 15.86 -6.99 -4.01
N GLN A 17 16.51 -6.18 -3.17
CA GLN A 17 15.84 -5.07 -2.52
C GLN A 17 15.55 -3.95 -3.51
N ILE A 18 14.33 -3.43 -3.48
CA ILE A 18 13.94 -2.34 -4.37
C ILE A 18 13.41 -1.15 -3.58
N ARG A 19 13.08 -0.08 -4.30
CA ARG A 19 12.56 1.13 -3.67
C ARG A 19 11.11 1.38 -4.07
N ILE A 20 10.31 1.82 -3.11
CA ILE A 20 8.90 2.10 -3.36
C ILE A 20 8.59 3.59 -3.22
N PHE A 21 7.35 3.97 -3.53
CA PHE A 21 6.94 5.36 -3.44
C PHE A 21 5.60 5.47 -2.71
N PHE A 22 5.56 6.31 -1.68
CA PHE A 22 4.34 6.51 -0.91
C PHE A 22 3.74 7.89 -1.18
N LYS A 23 2.68 7.93 -1.98
CA LYS A 23 2.03 9.18 -2.32
C LYS A 23 0.94 9.51 -1.30
N THR A 24 0.94 10.75 -0.83
CA THR A 24 -0.04 11.21 0.16
C THR A 24 -0.94 12.29 -0.42
N MET A 25 -1.92 12.72 0.35
CA MET A 25 -2.85 13.76 -0.08
C MET A 25 -2.19 15.13 -0.03
N LYS A 26 -1.00 15.18 0.54
CA LYS A 26 -0.26 16.44 0.66
C LYS A 26 0.85 16.51 -0.37
N GLN A 27 1.50 15.38 -0.61
CA GLN A 27 2.59 15.31 -1.58
C GLN A 27 3.17 13.90 -1.65
N VAL A 28 4.13 13.69 -2.55
CA VAL A 28 4.76 12.40 -2.72
C VAL A 28 5.83 12.15 -1.66
N VAL A 29 5.98 10.90 -1.27
CA VAL A 29 6.97 10.53 -0.25
C VAL A 29 7.66 9.21 -0.59
N PRO A 30 8.74 9.30 -1.38
CA PRO A 30 9.51 8.12 -1.79
C PRO A 30 10.27 7.49 -0.64
N ALA A 31 10.51 6.18 -0.74
CA ALA A 31 11.23 5.45 0.31
C ALA A 31 11.72 4.10 -0.21
N LYS A 32 12.90 3.70 0.25
CA LYS A 32 13.49 2.42 -0.17
C LYS A 32 12.89 1.26 0.64
N ALA A 33 12.80 0.11 0.00
CA ALA A 33 12.25 -1.08 0.66
C ALA A 33 13.30 -2.18 0.76
N VAL A 34 13.27 -2.92 1.86
CA VAL A 34 14.22 -4.00 2.09
C VAL A 34 13.59 -5.36 1.78
N CYS A 35 14.42 -6.30 1.38
CA CYS A 35 13.95 -7.64 1.05
C CYS A 35 13.14 -8.24 2.19
N GLY A 36 11.86 -8.48 1.95
CA GLY A 36 11.00 -9.04 2.97
C GLY A 36 10.62 -8.03 4.03
N SER A 37 10.65 -6.75 3.66
CA SER A 37 10.32 -5.68 4.59
C SER A 37 8.81 -5.56 4.77
N THR A 38 8.37 -4.49 5.42
CA THR A 38 6.96 -4.26 5.67
C THR A 38 6.59 -2.80 5.42
N VAL A 39 5.39 -2.59 4.87
CA VAL A 39 4.92 -1.24 4.58
C VAL A 39 4.99 -0.36 5.82
N LEU A 40 4.22 -0.72 6.84
CA LEU A 40 4.21 0.04 8.09
C LEU A 40 5.62 0.22 8.65
N ASP A 41 6.46 -0.79 8.41
CA ASP A 41 7.83 -0.75 8.90
C ASP A 41 8.67 0.23 8.08
N VAL A 42 8.27 0.45 6.83
CA VAL A 42 8.98 1.37 5.94
C VAL A 42 8.64 2.81 6.27
N ALA A 43 7.35 3.08 6.47
CA ALA A 43 6.89 4.43 6.80
C ALA A 43 7.62 4.97 8.02
N HIS A 44 8.04 4.07 8.90
CA HIS A 44 8.75 4.47 10.12
C HIS A 44 10.16 4.94 9.80
N LYS A 45 10.71 4.44 8.69
CA LYS A 45 12.06 4.80 8.27
C LYS A 45 12.06 6.16 7.59
N ASN A 46 11.22 6.31 6.56
CA ASN A 46 11.13 7.56 5.83
C ASN A 46 10.18 8.53 6.52
N GLY A 47 9.68 8.13 7.68
CA GLY A 47 8.76 8.98 8.43
C GLY A 47 7.47 9.23 7.69
N VAL A 48 7.20 8.42 6.67
CA VAL A 48 5.98 8.55 5.88
C VAL A 48 4.75 8.59 6.78
N ASP A 49 3.92 9.61 6.60
CA ASP A 49 2.70 9.74 7.38
C ASP A 49 1.65 8.72 6.96
N LEU A 50 1.80 7.50 7.46
CA LEU A 50 0.87 6.42 7.14
C LEU A 50 0.33 5.77 8.41
N GLU A 51 -0.92 6.09 8.73
CA GLU A 51 -1.57 5.53 9.92
C GLU A 51 -2.59 4.47 9.54
N GLY A 52 -2.66 3.41 10.34
CA GLY A 52 -3.59 2.33 10.07
C GLY A 52 -3.02 0.96 10.40
N ALA A 53 -2.78 0.73 11.69
CA ALA A 53 -2.23 -0.55 12.14
C ALA A 53 -3.05 -1.72 11.60
N CYS A 54 -2.39 -2.59 10.85
CA CYS A 54 -3.05 -3.76 10.27
C CYS A 54 -3.69 -4.61 11.36
N GLU A 55 -3.16 -4.51 12.57
CA GLU A 55 -3.68 -5.28 13.69
C GLU A 55 -4.05 -4.37 14.86
N GLY A 56 -5.24 -4.57 15.41
CA GLY A 56 -5.69 -3.75 16.53
C GLY A 56 -7.20 -3.70 16.63
N ASN A 57 -7.70 -3.27 17.79
CA ASN A 57 -9.14 -3.18 18.02
C ASN A 57 -9.77 -2.17 17.07
N LEU A 58 -10.78 -2.61 16.33
CA LEU A 58 -11.48 -1.74 15.39
C LEU A 58 -10.50 -1.14 14.38
N ALA A 59 -9.39 -1.83 14.15
CA ALA A 59 -8.39 -1.36 13.21
C ALA A 59 -8.42 -2.19 11.92
N CYS A 60 -7.79 -1.66 10.87
CA CYS A 60 -7.76 -2.34 9.58
C CYS A 60 -9.15 -2.64 9.08
N SER A 61 -10.13 -1.85 9.53
CA SER A 61 -11.52 -2.04 9.13
C SER A 61 -11.72 -1.64 7.67
N THR A 62 -11.18 -0.49 7.29
CA THR A 62 -11.30 0.00 5.92
C THR A 62 -9.96 0.43 5.37
N CYS A 63 -9.33 -0.43 4.58
CA CYS A 63 -8.04 -0.15 3.98
C CYS A 63 -8.20 0.40 2.57
N HIS A 64 -9.31 1.10 2.32
CA HIS A 64 -9.58 1.67 1.02
C HIS A 64 -8.52 2.71 0.64
N VAL A 65 -7.50 2.25 -0.10
CA VAL A 65 -6.42 3.14 -0.52
C VAL A 65 -6.18 3.04 -2.03
N ILE A 66 -5.61 4.08 -2.60
CA ILE A 66 -5.33 4.11 -4.03
C ILE A 66 -3.94 3.55 -4.33
N LEU A 67 -3.87 2.64 -5.30
CA LEU A 67 -2.61 2.02 -5.70
C LEU A 67 -2.38 2.15 -7.20
N GLU A 68 -1.13 2.01 -7.61
CA GLU A 68 -0.78 2.11 -9.02
C GLU A 68 -1.77 1.32 -9.89
N GLU A 69 -2.10 1.87 -11.04
CA GLU A 69 -3.04 1.21 -11.95
C GLU A 69 -2.53 -0.18 -12.34
N PRO A 70 -1.34 -0.23 -12.95
CA PRO A 70 -0.72 -1.48 -13.38
C PRO A 70 -0.28 -2.34 -12.20
N LEU A 71 0.45 -1.73 -11.26
CA LEU A 71 0.93 -2.43 -10.09
C LEU A 71 -0.19 -3.18 -9.39
N TYR A 72 -1.35 -2.54 -9.30
CA TYR A 72 -2.51 -3.14 -8.65
C TYR A 72 -3.11 -4.24 -9.53
N ARG A 73 -3.38 -3.89 -10.78
CA ARG A 73 -3.96 -4.84 -11.72
C ARG A 73 -3.10 -6.11 -11.81
N LYS A 74 -1.79 -5.94 -11.68
CA LYS A 74 -0.87 -7.07 -11.74
C LYS A 74 -0.86 -7.84 -10.43
N LEU A 75 -0.81 -7.12 -9.32
CA LEU A 75 -0.80 -7.72 -7.99
C LEU A 75 -2.10 -8.49 -7.75
N GLY A 76 -3.14 -8.15 -8.49
CA GLY A 76 -4.42 -8.82 -8.32
C GLY A 76 -5.58 -7.86 -8.37
N GLU A 77 -6.60 -8.19 -9.16
CA GLU A 77 -7.78 -7.35 -9.29
C GLU A 77 -9.01 -8.03 -8.69
N PRO A 78 -10.01 -7.23 -8.31
CA PRO A 78 -11.25 -7.74 -7.72
C PRO A 78 -12.11 -8.49 -8.74
N SER A 79 -13.28 -8.95 -8.30
CA SER A 79 -14.19 -9.69 -9.17
C SER A 79 -15.31 -8.79 -9.67
N ASP A 80 -16.24 -9.39 -10.41
CA ASP A 80 -17.39 -8.64 -10.94
C ASP A 80 -18.14 -7.94 -9.82
N LYS A 81 -18.37 -8.65 -8.72
CA LYS A 81 -19.09 -8.10 -7.58
C LYS A 81 -18.45 -6.79 -7.12
N GLU A 82 -17.18 -6.86 -6.74
CA GLU A 82 -16.45 -5.69 -6.27
C GLU A 82 -16.36 -4.63 -7.38
N TYR A 83 -16.33 -5.09 -8.62
CA TYR A 83 -16.25 -4.19 -9.77
C TYR A 83 -17.44 -3.24 -9.80
N ASP A 84 -18.64 -3.80 -9.81
CA ASP A 84 -19.86 -3.00 -9.84
C ASP A 84 -20.02 -2.22 -8.54
N LEU A 85 -19.69 -2.85 -7.42
CA LEU A 85 -19.80 -2.21 -6.12
C LEU A 85 -19.03 -0.89 -6.09
N ILE A 86 -17.76 -0.95 -6.49
CA ILE A 86 -16.91 0.24 -6.51
C ILE A 86 -17.27 1.14 -7.69
N ASP A 87 -17.66 0.53 -8.80
CA ASP A 87 -18.03 1.28 -9.99
C ASP A 87 -19.24 2.18 -9.71
N GLN A 88 -19.95 1.90 -8.64
CA GLN A 88 -21.12 2.68 -8.26
C GLN A 88 -20.71 4.01 -7.65
N ALA A 89 -19.52 4.04 -7.06
CA ALA A 89 -19.01 5.26 -6.44
C ALA A 89 -18.68 6.32 -7.48
N PHE A 90 -18.53 7.56 -7.03
CA PHE A 90 -18.22 8.67 -7.93
C PHE A 90 -16.73 8.73 -8.22
N GLY A 91 -16.35 8.47 -9.46
CA GLY A 91 -14.96 8.50 -9.86
C GLY A 91 -14.09 7.65 -8.95
N ALA A 92 -14.60 6.46 -8.59
CA ALA A 92 -13.85 5.55 -7.73
C ALA A 92 -13.29 4.37 -8.53
N THR A 93 -11.98 4.15 -8.40
CA THR A 93 -11.32 3.07 -9.11
C THR A 93 -11.11 1.88 -8.20
N GLY A 94 -11.14 0.68 -8.77
CA GLY A 94 -10.94 -0.54 -7.99
C GLY A 94 -9.64 -0.52 -7.23
N THR A 95 -8.67 0.23 -7.73
CA THR A 95 -7.37 0.33 -7.08
C THR A 95 -7.43 1.19 -5.82
N SER A 96 -8.62 1.71 -5.53
CA SER A 96 -8.82 2.55 -4.36
C SER A 96 -9.24 1.70 -3.15
N ARG A 97 -9.58 0.44 -3.41
CA ARG A 97 -10.00 -0.48 -2.35
C ARG A 97 -8.81 -1.26 -1.82
N LEU A 98 -9.02 -1.95 -0.70
CA LEU A 98 -7.96 -2.74 -0.07
C LEU A 98 -7.28 -3.65 -1.10
N GLY A 99 -5.98 -3.87 -0.92
CA GLY A 99 -5.24 -4.71 -1.83
C GLY A 99 -3.77 -4.80 -1.47
N CYS A 100 -3.48 -4.75 -0.17
CA CYS A 100 -2.10 -4.82 0.30
C CYS A 100 -1.84 -6.14 1.03
N GLN A 101 -0.68 -6.73 0.78
CA GLN A 101 -0.32 -7.99 1.42
C GLN A 101 0.87 -7.80 2.36
N LEU A 102 1.27 -6.56 2.57
CA LEU A 102 2.39 -6.24 3.44
C LEU A 102 3.62 -7.05 3.05
N ARG A 103 4.03 -6.95 1.79
CA ARG A 103 5.19 -7.67 1.29
C ARG A 103 5.84 -6.93 0.13
N VAL A 104 7.15 -6.69 0.26
CA VAL A 104 7.89 -5.98 -0.79
C VAL A 104 8.61 -6.96 -1.70
N ASP A 105 8.28 -6.91 -2.99
CA ASP A 105 8.90 -7.79 -3.97
C ASP A 105 9.29 -7.02 -5.23
N LYS A 106 9.80 -7.73 -6.22
CA LYS A 106 10.21 -7.12 -7.47
C LYS A 106 9.05 -6.37 -8.12
N SER A 107 7.85 -6.91 -7.98
CA SER A 107 6.65 -6.29 -8.55
C SER A 107 6.38 -4.94 -7.88
N PHE A 108 6.87 -4.77 -6.66
CA PHE A 108 6.68 -3.54 -5.93
C PHE A 108 7.70 -2.48 -6.35
N GLU A 109 8.55 -2.84 -7.30
CA GLU A 109 9.57 -1.92 -7.80
C GLU A 109 8.95 -0.63 -8.29
N ASN A 110 9.33 0.49 -7.66
CA ASN A 110 8.81 1.79 -8.02
C ASN A 110 7.30 1.85 -7.81
N ALA A 111 6.80 0.97 -6.96
CA ALA A 111 5.37 0.93 -6.66
C ALA A 111 4.87 2.28 -6.16
N VAL A 112 3.63 2.62 -6.53
CA VAL A 112 3.03 3.88 -6.11
C VAL A 112 1.82 3.66 -5.22
N PHE A 113 1.92 4.08 -3.97
CA PHE A 113 0.83 3.93 -3.02
C PHE A 113 0.21 5.27 -2.67
N THR A 114 -0.90 5.60 -3.32
CA THR A 114 -1.59 6.86 -3.08
C THR A 114 -2.59 6.73 -1.93
N VAL A 115 -2.38 7.53 -0.89
CA VAL A 115 -3.26 7.50 0.27
C VAL A 115 -4.10 8.76 0.35
N PRO A 116 -5.26 8.74 -0.31
CA PRO A 116 -6.19 9.88 -0.33
C PRO A 116 -6.85 10.12 1.02
N ARG A 117 -7.26 9.04 1.67
CA ARG A 117 -7.91 9.13 2.97
C ARG A 117 -7.00 8.62 4.07
N ALA A 118 -7.03 9.27 5.22
CA ALA A 118 -6.20 8.88 6.36
C ALA A 118 -6.52 9.73 7.59
N THR A 119 -5.79 9.48 8.67
CA THR A 119 -6.00 10.21 9.92
C THR A 119 -5.73 11.70 9.73
N LYS A 120 -6.62 12.52 10.27
CA LYS A 120 -6.48 13.97 10.17
C LYS A 120 -6.49 14.42 8.71
N ASN A 121 -7.22 13.68 7.87
CA ASN A 121 -7.32 14.00 6.45
C ASN A 121 -8.73 13.77 5.94
N MET A 122 -8.98 14.18 4.70
CA MET A 122 -10.30 14.01 4.10
C MET A 122 -10.26 14.35 2.60
N ALA A 123 -11.37 14.12 1.92
CA ALA A 123 -11.46 14.39 0.49
C ALA A 123 -11.18 15.86 0.20
N VAL A 124 -11.17 16.22 -1.08
CA VAL A 124 -10.92 17.59 -1.50
C VAL A 124 -12.16 18.23 -2.11
N ASP A 125 -12.92 17.42 -2.85
CA ASP A 125 -14.14 17.89 -3.48
C ASP A 125 -14.88 16.75 -4.17
N GLY A 126 -16.00 17.08 -4.81
CA GLY A 126 -16.78 16.06 -5.50
C GLY A 126 -17.44 15.09 -4.53
N PHE A 127 -18.70 15.36 -4.19
CA PHE A 127 -19.44 14.49 -3.28
C PHE A 127 -20.90 14.93 -3.18
N LYS A 128 -21.79 13.96 -3.07
CA LYS A 128 -23.21 14.24 -2.97
C LYS A 128 -23.92 13.19 -2.11
N PRO A 129 -25.09 13.56 -1.56
CA PRO A 129 -25.88 12.67 -0.71
C PRO A 129 -26.50 11.52 -1.49
N LYS A 130 -27.38 10.77 -0.84
CA LYS A 130 -28.05 9.64 -1.48
C LYS A 130 -27.04 8.57 -1.86
N PRO A 131 -26.46 7.91 -0.85
CA PRO A 131 -25.46 6.85 -1.07
C PRO A 131 -26.08 5.59 -1.65
N HIS A 132 -25.30 4.52 -1.70
CA HIS A 132 -25.77 3.25 -2.24
C HIS A 132 -26.19 2.30 -1.11
N GLY A 1 -18.24 -22.58 13.61
CA GLY A 1 -16.84 -22.66 14.00
C GLY A 1 -15.91 -22.21 12.89
N PRO A 2 -15.89 -20.89 12.63
CA PRO A 2 -15.03 -20.31 11.60
C PRO A 2 -13.56 -20.35 11.96
N GLY A 3 -12.80 -21.20 11.26
CA GLY A 3 -11.38 -21.31 11.54
C GLY A 3 -10.56 -21.46 10.27
N SER A 4 -10.45 -20.38 9.51
CA SER A 4 -9.69 -20.39 8.26
C SER A 4 -8.41 -19.59 8.40
N MET A 5 -7.33 -20.09 7.81
CA MET A 5 -6.04 -19.41 7.87
C MET A 5 -5.14 -19.85 6.71
N ASP A 6 -3.96 -19.28 6.64
CA ASP A 6 -3.01 -19.61 5.58
C ASP A 6 -1.57 -19.41 6.05
N MET A 7 -0.63 -20.01 5.33
CA MET A 7 0.78 -19.91 5.69
C MET A 7 1.42 -18.69 5.02
N PHE A 8 2.73 -18.54 5.19
CA PHE A 8 3.45 -17.42 4.61
C PHE A 8 4.88 -17.83 4.23
N SER A 9 5.54 -16.98 3.44
CA SER A 9 6.90 -17.26 3.00
C SER A 9 7.90 -16.98 4.12
N ALA A 10 9.18 -17.16 3.82
CA ALA A 10 10.24 -16.94 4.80
C ALA A 10 11.05 -15.70 4.44
N PRO A 11 11.76 -15.15 5.42
CA PRO A 11 12.60 -13.96 5.24
C PRO A 11 13.84 -14.24 4.38
N ASP A 12 14.13 -15.52 4.20
CA ASP A 12 15.28 -15.92 3.40
C ASP A 12 14.87 -16.24 1.97
N ARG A 13 13.76 -15.65 1.53
CA ARG A 13 13.25 -15.87 0.18
C ARG A 13 12.78 -14.55 -0.44
N ILE A 14 13.72 -13.63 -0.62
CA ILE A 14 13.40 -12.34 -1.21
C ILE A 14 14.47 -11.91 -2.22
N PRO A 15 14.03 -11.45 -3.39
CA PRO A 15 14.93 -11.00 -4.46
C PRO A 15 15.65 -9.69 -4.11
N GLU A 16 16.33 -9.12 -5.09
CA GLU A 16 17.06 -7.88 -4.88
C GLU A 16 16.15 -6.81 -4.26
N GLN A 17 16.75 -5.83 -3.60
CA GLN A 17 15.99 -4.76 -2.96
C GLN A 17 15.45 -3.78 -4.01
N ILE A 18 14.41 -3.05 -3.64
CA ILE A 18 13.80 -2.08 -4.54
C ILE A 18 13.41 -0.81 -3.80
N ARG A 19 12.89 0.16 -4.54
CA ARG A 19 12.48 1.43 -3.95
C ARG A 19 11.03 1.74 -4.29
N ILE A 20 10.25 2.12 -3.28
CA ILE A 20 8.84 2.44 -3.46
C ILE A 20 8.57 3.91 -3.19
N PHE A 21 7.37 4.36 -3.54
CA PHE A 21 6.98 5.75 -3.33
C PHE A 21 5.70 5.84 -2.51
N PHE A 22 5.73 6.65 -1.45
CA PHE A 22 4.57 6.82 -0.59
C PHE A 22 3.83 8.10 -0.93
N LYS A 23 2.70 7.96 -1.62
CA LYS A 23 1.89 9.11 -2.01
C LYS A 23 0.77 9.36 -1.02
N THR A 24 0.46 10.62 -0.77
CA THR A 24 -0.59 10.99 0.16
C THR A 24 -1.44 12.13 -0.38
N MET A 25 -2.44 12.54 0.39
CA MET A 25 -3.32 13.63 -0.01
C MET A 25 -2.62 14.98 0.14
N LYS A 26 -1.45 14.97 0.74
CA LYS A 26 -0.68 16.19 0.95
C LYS A 26 0.53 16.24 0.01
N GLN A 27 1.15 15.08 -0.19
CA GLN A 27 2.32 14.99 -1.07
C GLN A 27 2.85 13.56 -1.13
N VAL A 28 3.87 13.35 -1.95
CA VAL A 28 4.46 12.02 -2.10
C VAL A 28 5.93 12.03 -1.68
N VAL A 29 6.32 11.03 -0.90
CA VAL A 29 7.70 10.92 -0.43
C VAL A 29 8.30 9.57 -0.78
N PRO A 30 9.63 9.54 -0.97
CA PRO A 30 10.35 8.31 -1.32
C PRO A 30 10.39 7.32 -0.16
N ALA A 31 10.51 6.04 -0.49
CA ALA A 31 10.56 4.99 0.53
C ALA A 31 11.40 3.81 0.05
N LYS A 32 12.60 3.69 0.59
CA LYS A 32 13.50 2.59 0.22
C LYS A 32 12.98 1.25 0.76
N ALA A 33 12.82 0.28 -0.14
CA ALA A 33 12.34 -1.04 0.24
C ALA A 33 13.49 -2.02 0.37
N VAL A 34 13.61 -2.64 1.54
CA VAL A 34 14.68 -3.61 1.78
C VAL A 34 14.15 -5.03 1.69
N CYS A 35 14.99 -5.94 1.23
CA CYS A 35 14.61 -7.34 1.08
C CYS A 35 14.04 -7.88 2.40
N GLY A 36 12.76 -8.24 2.39
CA GLY A 36 12.12 -8.76 3.58
C GLY A 36 11.55 -7.67 4.45
N SER A 37 11.34 -6.49 3.88
CA SER A 37 10.80 -5.36 4.62
C SER A 37 9.27 -5.31 4.48
N THR A 38 8.68 -4.26 5.05
CA THR A 38 7.24 -4.09 5.00
C THR A 38 6.86 -2.61 4.86
N VAL A 39 5.71 -2.35 4.24
CA VAL A 39 5.24 -0.99 4.04
C VAL A 39 5.11 -0.25 5.36
N LEU A 40 4.50 -0.92 6.34
CA LEU A 40 4.31 -0.33 7.67
C LEU A 40 5.65 -0.05 8.34
N ASP A 41 6.60 -0.95 8.14
CA ASP A 41 7.93 -0.80 8.72
C ASP A 41 8.72 0.30 8.01
N VAL A 42 8.40 0.52 6.75
CA VAL A 42 9.07 1.54 5.96
C VAL A 42 8.56 2.93 6.31
N ALA A 43 7.26 3.03 6.57
CA ALA A 43 6.63 4.29 6.91
C ALA A 43 7.37 4.96 8.07
N HIS A 44 7.87 4.16 8.99
CA HIS A 44 8.60 4.67 10.14
C HIS A 44 9.98 5.18 9.75
N LYS A 45 10.52 4.61 8.68
CA LYS A 45 11.84 5.01 8.19
C LYS A 45 11.77 6.35 7.48
N ASN A 46 10.86 6.47 6.52
CA ASN A 46 10.69 7.71 5.77
C ASN A 46 10.06 8.79 6.65
N GLY A 47 9.31 8.37 7.66
CA GLY A 47 8.66 9.32 8.55
C GLY A 47 7.18 9.45 8.28
N VAL A 48 6.74 8.91 7.15
CA VAL A 48 5.33 8.97 6.77
C VAL A 48 4.44 8.48 7.90
N ASP A 49 3.36 9.22 8.17
CA ASP A 49 2.43 8.86 9.23
C ASP A 49 1.34 7.94 8.70
N LEU A 50 1.65 6.65 8.62
CA LEU A 50 0.69 5.66 8.13
C LEU A 50 0.76 4.38 8.97
N GLU A 51 -0.38 3.99 9.53
CA GLU A 51 -0.46 2.79 10.35
C GLU A 51 -1.69 1.97 9.99
N GLY A 52 -1.57 0.65 10.12
CA GLY A 52 -2.68 -0.23 9.81
C GLY A 52 -2.45 -1.66 10.29
N ALA A 53 -1.79 -1.78 11.43
CA ALA A 53 -1.51 -3.09 12.00
C ALA A 53 -2.80 -3.87 12.27
N CYS A 54 -2.69 -5.19 12.29
CA CYS A 54 -3.85 -6.05 12.53
C CYS A 54 -3.91 -6.49 13.98
N GLU A 55 -4.91 -6.00 14.71
CA GLU A 55 -5.08 -6.35 16.12
C GLU A 55 -6.55 -6.56 16.45
N GLY A 56 -6.87 -7.75 16.93
CA GLY A 56 -8.25 -8.07 17.29
C GLY A 56 -8.90 -9.01 16.29
N ASN A 57 -10.17 -9.32 16.53
CA ASN A 57 -10.91 -10.22 15.64
C ASN A 57 -11.85 -9.44 14.74
N LEU A 58 -11.49 -8.20 14.44
CA LEU A 58 -12.31 -7.35 13.58
C LEU A 58 -11.42 -6.50 12.66
N ALA A 59 -12.06 -5.71 11.81
CA ALA A 59 -11.34 -4.85 10.89
C ALA A 59 -10.49 -3.82 11.62
N CYS A 60 -9.20 -4.07 11.70
CA CYS A 60 -8.28 -3.17 12.39
C CYS A 60 -8.40 -1.74 11.84
N SER A 61 -8.64 -1.63 10.54
CA SER A 61 -8.79 -0.34 9.90
C SER A 61 -9.18 -0.50 8.43
N THR A 62 -9.69 0.58 7.84
CA THR A 62 -10.11 0.57 6.45
C THR A 62 -9.00 0.06 5.54
N CYS A 63 -9.29 -0.99 4.77
CA CYS A 63 -8.31 -1.58 3.87
C CYS A 63 -8.50 -1.05 2.45
N HIS A 64 -9.08 0.15 2.35
CA HIS A 64 -9.32 0.77 1.05
C HIS A 64 -8.29 1.85 0.75
N VAL A 65 -7.25 1.49 0.00
CA VAL A 65 -6.20 2.43 -0.34
C VAL A 65 -5.93 2.43 -1.85
N ILE A 66 -5.37 3.53 -2.34
CA ILE A 66 -5.07 3.66 -3.76
C ILE A 66 -3.67 3.15 -4.07
N LEU A 67 -3.57 2.29 -5.08
CA LEU A 67 -2.28 1.73 -5.48
C LEU A 67 -2.03 1.96 -6.97
N GLU A 68 -0.77 1.82 -7.38
CA GLU A 68 -0.40 2.02 -8.78
C GLU A 68 -1.39 1.34 -9.71
N GLU A 69 -1.60 1.93 -10.88
CA GLU A 69 -2.53 1.38 -11.86
C GLU A 69 -2.08 -0.01 -12.30
N PRO A 70 -0.88 -0.09 -12.88
CA PRO A 70 -0.31 -1.35 -13.35
C PRO A 70 0.07 -2.30 -12.22
N LEU A 71 0.67 -1.74 -11.17
CA LEU A 71 1.07 -2.53 -10.00
C LEU A 71 -0.13 -3.25 -9.40
N TYR A 72 -1.23 -2.53 -9.25
CA TYR A 72 -2.45 -3.08 -8.67
C TYR A 72 -3.08 -4.09 -9.63
N ARG A 73 -3.31 -3.65 -10.86
CA ARG A 73 -3.92 -4.51 -11.88
C ARG A 73 -3.12 -5.80 -12.05
N LYS A 74 -1.80 -5.70 -11.94
CA LYS A 74 -0.92 -6.84 -12.10
C LYS A 74 -0.99 -7.75 -10.86
N LEU A 75 -0.96 -7.13 -9.68
CA LEU A 75 -1.02 -7.87 -8.43
C LEU A 75 -2.35 -8.61 -8.30
N GLY A 76 -3.46 -7.88 -8.47
CA GLY A 76 -4.77 -8.49 -8.37
C GLY A 76 -5.89 -7.47 -8.53
N GLU A 77 -6.96 -7.88 -9.19
CA GLU A 77 -8.11 -7.00 -9.41
C GLU A 77 -9.34 -7.51 -8.67
N PRO A 78 -10.29 -6.60 -8.40
CA PRO A 78 -11.53 -6.94 -7.71
C PRO A 78 -12.47 -7.80 -8.56
N SER A 79 -13.55 -8.27 -7.95
CA SER A 79 -14.52 -9.10 -8.65
C SER A 79 -15.75 -8.29 -9.05
N ASP A 80 -16.79 -8.99 -9.51
CA ASP A 80 -18.02 -8.34 -9.93
C ASP A 80 -18.60 -7.49 -8.79
N LYS A 81 -18.65 -8.07 -7.60
CA LYS A 81 -19.18 -7.37 -6.43
C LYS A 81 -18.47 -6.04 -6.23
N GLU A 82 -17.16 -6.09 -6.04
CA GLU A 82 -16.36 -4.89 -5.84
C GLU A 82 -16.43 -3.97 -7.06
N TYR A 83 -16.66 -4.57 -8.22
CA TYR A 83 -16.75 -3.81 -9.46
C TYR A 83 -17.93 -2.85 -9.43
N ASP A 84 -19.12 -3.39 -9.14
CA ASP A 84 -20.32 -2.58 -9.08
C ASP A 84 -20.30 -1.66 -7.86
N LEU A 85 -19.75 -2.16 -6.76
CA LEU A 85 -19.67 -1.38 -5.52
C LEU A 85 -18.79 -0.15 -5.72
N ILE A 86 -17.61 -0.35 -6.31
CA ILE A 86 -16.69 0.75 -6.54
C ILE A 86 -17.17 1.63 -7.71
N ASP A 87 -17.79 0.99 -8.70
CA ASP A 87 -18.30 1.72 -9.85
C ASP A 87 -19.37 2.72 -9.45
N GLN A 88 -19.97 2.49 -8.28
CA GLN A 88 -21.01 3.37 -7.77
C GLN A 88 -20.42 4.67 -7.23
N ALA A 89 -19.15 4.61 -6.81
CA ALA A 89 -18.48 5.78 -6.27
C ALA A 89 -18.00 6.70 -7.39
N PHE A 90 -18.02 8.00 -7.12
CA PHE A 90 -17.59 8.99 -8.10
C PHE A 90 -16.09 8.94 -8.31
N GLY A 91 -15.67 8.70 -9.55
CA GLY A 91 -14.25 8.63 -9.85
C GLY A 91 -13.50 7.67 -8.94
N ALA A 92 -14.09 6.49 -8.73
CA ALA A 92 -13.47 5.48 -7.88
C ALA A 92 -12.83 4.38 -8.71
N THR A 93 -11.58 4.07 -8.41
CA THR A 93 -10.85 3.03 -9.13
C THR A 93 -10.68 1.78 -8.27
N GLY A 94 -10.74 0.62 -8.91
CA GLY A 94 -10.58 -0.62 -8.19
C GLY A 94 -9.29 -0.69 -7.40
N THR A 95 -8.31 0.11 -7.81
CA THR A 95 -7.02 0.14 -7.13
C THR A 95 -7.12 0.87 -5.79
N SER A 96 -8.31 1.38 -5.49
CA SER A 96 -8.54 2.09 -4.24
C SER A 96 -8.94 1.14 -3.12
N ARG A 97 -9.29 -0.09 -3.51
CA ARG A 97 -9.69 -1.10 -2.54
C ARG A 97 -8.81 -2.35 -2.66
N LEU A 98 -8.92 -3.23 -1.67
CA LEU A 98 -8.14 -4.46 -1.66
C LEU A 98 -6.64 -4.16 -1.70
N GLY A 99 -6.22 -3.22 -0.86
CA GLY A 99 -4.81 -2.85 -0.81
C GLY A 99 -4.14 -3.30 0.48
N CYS A 100 -4.47 -4.50 0.93
CA CYS A 100 -3.89 -5.04 2.15
C CYS A 100 -2.64 -5.86 1.85
N GLN A 101 -1.60 -5.18 1.39
CA GLN A 101 -0.34 -5.84 1.07
C GLN A 101 0.75 -5.46 2.07
N LEU A 102 1.54 -6.45 2.48
CA LEU A 102 2.62 -6.22 3.43
C LEU A 102 3.88 -7.00 3.03
N ARG A 103 4.10 -7.09 1.72
CA ARG A 103 5.27 -7.80 1.20
C ARG A 103 5.98 -6.98 0.13
N VAL A 104 7.30 -6.93 0.21
CA VAL A 104 8.09 -6.18 -0.76
C VAL A 104 8.88 -7.11 -1.67
N ASP A 105 8.61 -7.01 -2.98
CA ASP A 105 9.29 -7.86 -3.95
C ASP A 105 9.70 -7.04 -5.17
N LYS A 106 10.36 -7.69 -6.13
CA LYS A 106 10.81 -7.02 -7.34
C LYS A 106 9.63 -6.40 -8.09
N SER A 107 8.49 -7.08 -8.08
CA SER A 107 7.30 -6.60 -8.75
C SER A 107 6.81 -5.30 -8.13
N PHE A 108 7.25 -5.03 -6.90
CA PHE A 108 6.86 -3.83 -6.19
C PHE A 108 7.83 -2.68 -6.48
N GLU A 109 8.72 -2.90 -7.45
CA GLU A 109 9.70 -1.90 -7.82
C GLU A 109 9.02 -0.60 -8.27
N ASN A 110 9.40 0.50 -7.64
CA ASN A 110 8.83 1.80 -7.97
C ASN A 110 7.32 1.80 -7.72
N ALA A 111 6.86 0.89 -6.88
CA ALA A 111 5.44 0.79 -6.56
C ALA A 111 4.93 2.08 -5.95
N VAL A 112 3.75 2.51 -6.38
CA VAL A 112 3.14 3.74 -5.88
C VAL A 112 2.00 3.44 -4.92
N PHE A 113 2.14 3.89 -3.68
CA PHE A 113 1.11 3.67 -2.66
C PHE A 113 0.46 4.98 -2.26
N THR A 114 -0.71 5.25 -2.83
CA THR A 114 -1.44 6.47 -2.52
C THR A 114 -2.47 6.24 -1.42
N VAL A 115 -2.32 6.97 -0.32
CA VAL A 115 -3.23 6.84 0.80
C VAL A 115 -4.12 8.08 0.93
N PRO A 116 -5.27 8.05 0.25
CA PRO A 116 -6.23 9.15 0.26
C PRO A 116 -6.93 9.29 1.61
N ARG A 117 -7.21 8.15 2.25
CA ARG A 117 -7.88 8.15 3.54
C ARG A 117 -7.04 8.86 4.59
N ALA A 118 -7.66 9.17 5.72
CA ALA A 118 -6.96 9.85 6.81
C ALA A 118 -6.25 8.85 7.72
N THR A 119 -5.52 9.37 8.71
CA THR A 119 -4.79 8.53 9.64
C THR A 119 -5.52 8.45 10.98
N LYS A 120 -5.01 7.58 11.87
CA LYS A 120 -5.62 7.41 13.19
C LYS A 120 -4.65 7.86 14.29
N ASN A 121 -3.52 7.16 14.39
CA ASN A 121 -2.51 7.49 15.40
C ASN A 121 -2.10 8.96 15.29
N MET A 122 -1.31 9.41 16.26
CA MET A 122 -0.83 10.78 16.27
C MET A 122 0.69 10.83 16.29
N ALA A 123 1.31 9.97 17.08
CA ALA A 123 2.77 9.92 17.17
C ALA A 123 3.34 11.27 17.56
N VAL A 124 2.61 12.00 18.40
CA VAL A 124 3.05 13.33 18.83
C VAL A 124 4.37 13.24 19.60
N ASP A 125 4.55 12.15 20.33
CA ASP A 125 5.77 11.94 21.11
C ASP A 125 7.01 12.06 20.23
N GLY A 126 7.19 11.08 19.34
CA GLY A 126 8.34 11.09 18.45
C GLY A 126 9.64 11.25 19.19
N PHE A 127 10.54 12.06 18.63
CA PHE A 127 11.84 12.30 19.25
C PHE A 127 12.46 13.60 18.71
N LYS A 128 13.57 13.99 19.30
CA LYS A 128 14.27 15.21 18.91
C LYS A 128 15.71 14.91 18.49
N PRO A 129 15.86 14.21 17.35
CA PRO A 129 17.18 13.84 16.83
C PRO A 129 17.94 15.05 16.30
N LYS A 130 17.28 15.86 15.49
CA LYS A 130 17.89 17.05 14.92
C LYS A 130 16.84 18.07 14.50
N PRO A 131 17.10 19.35 14.79
CA PRO A 131 16.18 20.44 14.46
C PRO A 131 16.11 20.70 12.96
N HIS A 132 17.27 20.68 12.31
CA HIS A 132 17.34 20.92 10.87
C HIS A 132 17.40 19.59 10.10
N GLY A 1 7.76 -0.91 -16.41
CA GLY A 1 8.02 -2.18 -15.76
C GLY A 1 8.28 -3.30 -16.74
N PRO A 2 8.65 -4.48 -16.22
CA PRO A 2 8.94 -5.65 -17.04
C PRO A 2 7.68 -6.23 -17.70
N GLY A 3 7.70 -6.33 -19.02
CA GLY A 3 6.56 -6.86 -19.75
C GLY A 3 6.51 -8.38 -19.73
N SER A 4 5.89 -8.93 -18.69
CA SER A 4 5.77 -10.38 -18.55
C SER A 4 4.67 -10.75 -17.57
N MET A 5 4.20 -11.99 -17.66
CA MET A 5 3.14 -12.47 -16.78
C MET A 5 3.59 -12.43 -15.33
N ASP A 6 2.61 -12.50 -14.42
CA ASP A 6 2.90 -12.47 -12.98
C ASP A 6 2.39 -13.73 -12.31
N MET A 7 3.31 -14.49 -11.69
CA MET A 7 2.95 -15.71 -11.01
C MET A 7 2.74 -15.46 -9.52
N PHE A 8 2.11 -16.42 -8.84
CA PHE A 8 1.85 -16.30 -7.41
C PHE A 8 2.47 -17.46 -6.65
N SER A 9 3.11 -17.15 -5.52
CA SER A 9 3.75 -18.16 -4.70
C SER A 9 4.37 -17.54 -3.45
N ALA A 10 4.89 -18.39 -2.56
CA ALA A 10 5.51 -17.92 -1.33
C ALA A 10 6.78 -18.71 -1.02
N PRO A 11 7.82 -18.51 -1.86
CA PRO A 11 9.10 -19.19 -1.70
C PRO A 11 9.87 -18.69 -0.49
N ASP A 12 11.12 -19.12 -0.37
CA ASP A 12 11.97 -18.73 0.76
C ASP A 12 13.19 -17.95 0.27
N ARG A 13 13.06 -17.34 -0.90
CA ARG A 13 14.16 -16.57 -1.48
C ARG A 13 13.65 -15.25 -2.07
N ILE A 14 14.18 -14.14 -1.59
CA ILE A 14 13.79 -12.82 -2.06
C ILE A 14 14.78 -12.29 -3.10
N PRO A 15 14.25 -11.77 -4.21
CA PRO A 15 15.07 -11.23 -5.30
C PRO A 15 15.75 -9.91 -4.90
N GLU A 16 16.42 -9.29 -5.85
CA GLU A 16 17.11 -8.03 -5.61
C GLU A 16 16.17 -7.01 -4.98
N GLN A 17 16.75 -6.04 -4.27
CA GLN A 17 15.96 -5.00 -3.62
C GLN A 17 15.41 -4.01 -4.64
N ILE A 18 14.32 -3.35 -4.28
CA ILE A 18 13.69 -2.37 -5.18
C ILE A 18 13.35 -1.09 -4.41
N ARG A 19 12.83 -0.10 -5.15
CA ARG A 19 12.47 1.18 -4.56
C ARG A 19 11.00 1.49 -4.80
N ILE A 20 10.33 2.02 -3.79
CA ILE A 20 8.92 2.36 -3.90
C ILE A 20 8.69 3.84 -3.63
N PHE A 21 7.46 4.31 -3.85
CA PHE A 21 7.12 5.70 -3.63
C PHE A 21 5.88 5.82 -2.74
N PHE A 22 5.96 6.69 -1.74
CA PHE A 22 4.87 6.91 -0.81
C PHE A 22 4.13 8.22 -1.11
N LYS A 23 2.94 8.10 -1.71
CA LYS A 23 2.15 9.28 -2.05
C LYS A 23 1.10 9.56 -0.97
N THR A 24 0.84 10.84 -0.73
CA THR A 24 -0.13 11.23 0.28
C THR A 24 -0.98 12.41 -0.21
N MET A 25 -1.93 12.84 0.61
CA MET A 25 -2.80 13.95 0.26
C MET A 25 -2.05 15.28 0.38
N LYS A 26 -0.84 15.23 0.92
CA LYS A 26 -0.03 16.43 1.09
C LYS A 26 1.11 16.46 0.08
N GLN A 27 1.68 15.30 -0.19
CA GLN A 27 2.78 15.18 -1.15
C GLN A 27 3.26 13.74 -1.26
N VAL A 28 4.20 13.50 -2.17
CA VAL A 28 4.75 12.17 -2.39
C VAL A 28 6.23 12.12 -2.07
N VAL A 29 6.62 11.17 -1.22
CA VAL A 29 8.02 11.00 -0.83
C VAL A 29 8.56 9.65 -1.26
N PRO A 30 9.87 9.59 -1.53
CA PRO A 30 10.54 8.36 -1.95
C PRO A 30 10.62 7.33 -0.83
N ALA A 31 10.74 6.06 -1.21
CA ALA A 31 10.83 4.98 -0.25
C ALA A 31 11.74 3.86 -0.75
N LYS A 32 12.57 3.33 0.15
CA LYS A 32 13.49 2.25 -0.21
C LYS A 32 12.94 0.90 0.25
N ALA A 33 12.94 -0.06 -0.66
CA ALA A 33 12.45 -1.41 -0.35
C ALA A 33 13.60 -2.41 -0.32
N VAL A 34 13.83 -3.01 0.85
CA VAL A 34 14.89 -3.99 1.00
C VAL A 34 14.33 -5.40 1.08
N CYS A 35 15.03 -6.35 0.45
CA CYS A 35 14.59 -7.75 0.44
C CYS A 35 14.31 -8.23 1.85
N GLY A 36 13.05 -8.58 2.11
CA GLY A 36 12.67 -9.06 3.42
C GLY A 36 12.00 -7.99 4.26
N SER A 37 11.70 -6.85 3.64
CA SER A 37 11.07 -5.75 4.33
C SER A 37 9.57 -5.69 4.01
N THR A 38 8.92 -4.60 4.41
CA THR A 38 7.50 -4.43 4.16
C THR A 38 7.16 -2.97 3.89
N VAL A 39 6.24 -2.74 2.98
CA VAL A 39 5.82 -1.39 2.62
C VAL A 39 5.43 -0.59 3.86
N LEU A 40 4.38 -1.04 4.54
CA LEU A 40 3.91 -0.37 5.76
C LEU A 40 5.04 -0.20 6.75
N ASP A 41 5.96 -1.15 6.78
CA ASP A 41 7.10 -1.10 7.69
C ASP A 41 8.10 -0.04 7.25
N VAL A 42 8.13 0.23 5.95
CA VAL A 42 9.04 1.23 5.40
C VAL A 42 8.55 2.65 5.68
N ALA A 43 7.24 2.85 5.50
CA ALA A 43 6.63 4.16 5.73
C ALA A 43 7.01 4.70 7.10
N HIS A 44 7.24 3.80 8.05
CA HIS A 44 7.61 4.20 9.41
C HIS A 44 9.06 4.69 9.45
N LYS A 45 9.92 4.04 8.68
CA LYS A 45 11.33 4.41 8.64
C LYS A 45 11.53 5.67 7.80
N ASN A 46 10.81 5.76 6.69
CA ASN A 46 10.91 6.92 5.80
C ASN A 46 10.27 8.14 6.44
N GLY A 47 9.37 7.91 7.40
CA GLY A 47 8.68 9.00 8.06
C GLY A 47 7.27 9.20 7.56
N VAL A 48 6.94 8.55 6.45
CA VAL A 48 5.60 8.65 5.87
C VAL A 48 4.53 8.23 6.86
N ASP A 49 3.71 9.18 7.28
CA ASP A 49 2.64 8.90 8.24
C ASP A 49 1.52 8.11 7.58
N LEU A 50 1.72 6.79 7.47
CA LEU A 50 0.72 5.92 6.86
C LEU A 50 0.10 4.99 7.90
N GLU A 51 -1.22 4.97 7.95
CA GLU A 51 -1.94 4.13 8.89
C GLU A 51 -1.46 2.68 8.80
N GLY A 52 -0.82 2.21 9.86
CA GLY A 52 -0.32 0.85 9.88
C GLY A 52 -0.44 0.20 11.24
N ALA A 53 0.69 0.01 11.91
CA ALA A 53 0.70 -0.61 13.23
C ALA A 53 -0.06 -1.93 13.24
N CYS A 54 0.22 -2.77 12.25
CA CYS A 54 -0.44 -4.06 12.14
C CYS A 54 0.40 -5.16 12.77
N GLU A 55 1.17 -4.80 13.80
CA GLU A 55 2.02 -5.76 14.49
C GLU A 55 1.39 -6.21 15.80
N GLY A 56 0.57 -7.25 15.73
CA GLY A 56 -0.09 -7.76 16.92
C GLY A 56 -1.11 -6.78 17.48
N ASN A 57 -1.71 -5.99 16.61
CA ASN A 57 -2.70 -5.01 17.02
C ASN A 57 -4.05 -5.67 17.29
N LEU A 58 -4.90 -4.99 18.05
CA LEU A 58 -6.22 -5.52 18.38
C LEU A 58 -7.32 -4.66 17.76
N ALA A 59 -7.08 -3.35 17.70
CA ALA A 59 -8.04 -2.42 17.12
C ALA A 59 -7.61 -1.98 15.73
N CYS A 60 -7.43 -2.94 14.84
CA CYS A 60 -7.01 -2.67 13.47
C CYS A 60 -8.08 -3.13 12.47
N SER A 61 -9.09 -2.29 12.27
CA SER A 61 -10.17 -2.61 11.35
C SER A 61 -9.71 -2.49 9.90
N THR A 62 -10.58 -2.84 8.98
CA THR A 62 -10.26 -2.78 7.55
C THR A 62 -9.72 -1.39 7.17
N CYS A 63 -8.68 -1.38 6.37
CA CYS A 63 -8.06 -0.13 5.94
C CYS A 63 -8.06 -0.03 4.41
N HIS A 64 -8.68 1.02 3.90
CA HIS A 64 -8.74 1.24 2.45
C HIS A 64 -7.72 2.28 2.01
N VAL A 65 -6.79 1.86 1.16
CA VAL A 65 -5.75 2.76 0.66
C VAL A 65 -5.68 2.73 -0.86
N ILE A 66 -5.17 3.81 -1.45
CA ILE A 66 -5.05 3.89 -2.90
C ILE A 66 -3.70 3.37 -3.37
N LEU A 67 -3.72 2.53 -4.40
CA LEU A 67 -2.49 1.96 -4.95
C LEU A 67 -2.41 2.19 -6.45
N GLU A 68 -1.20 2.11 -6.99
CA GLU A 68 -0.98 2.30 -8.41
C GLU A 68 -2.01 1.52 -9.24
N GLU A 69 -2.40 2.08 -10.38
CA GLU A 69 -3.37 1.44 -11.24
C GLU A 69 -2.88 0.07 -11.70
N PRO A 70 -1.73 0.06 -12.39
CA PRO A 70 -1.13 -1.18 -12.90
C PRO A 70 -0.57 -2.05 -11.77
N LEU A 71 0.16 -1.43 -10.86
CA LEU A 71 0.74 -2.15 -9.73
C LEU A 71 -0.32 -2.94 -8.98
N TYR A 72 -1.43 -2.27 -8.66
CA TYR A 72 -2.52 -2.91 -7.94
C TYR A 72 -3.20 -3.97 -8.80
N ARG A 73 -3.51 -3.61 -10.04
CA ARG A 73 -4.17 -4.52 -10.96
C ARG A 73 -3.36 -5.81 -11.12
N LYS A 74 -2.04 -5.67 -11.25
CA LYS A 74 -1.16 -6.82 -11.40
C LYS A 74 -0.92 -7.50 -10.06
N LEU A 75 -1.02 -6.72 -8.98
CA LEU A 75 -0.81 -7.25 -7.64
C LEU A 75 -1.99 -8.13 -7.20
N GLY A 76 -3.17 -7.53 -7.11
CA GLY A 76 -4.35 -8.26 -6.72
C GLY A 76 -5.56 -7.36 -6.52
N GLU A 77 -6.72 -7.84 -6.97
CA GLU A 77 -7.96 -7.07 -6.83
C GLU A 77 -9.08 -7.93 -6.27
N PRO A 78 -10.09 -7.27 -5.67
CA PRO A 78 -11.23 -7.96 -5.07
C PRO A 78 -12.15 -8.59 -6.13
N SER A 79 -13.04 -9.45 -5.68
CA SER A 79 -13.97 -10.13 -6.59
C SER A 79 -14.80 -9.12 -7.36
N ASP A 80 -15.54 -9.61 -8.36
CA ASP A 80 -16.39 -8.75 -9.18
C ASP A 80 -17.42 -8.02 -8.31
N LYS A 81 -17.92 -8.70 -7.30
CA LYS A 81 -18.91 -8.12 -6.40
C LYS A 81 -18.42 -6.79 -5.83
N GLU A 82 -17.32 -6.83 -5.09
CA GLU A 82 -16.75 -5.63 -4.50
C GLU A 82 -16.19 -4.71 -5.58
N TYR A 83 -15.64 -5.30 -6.63
CA TYR A 83 -15.07 -4.53 -7.73
C TYR A 83 -16.11 -3.58 -8.33
N ASP A 84 -17.26 -4.14 -8.70
CA ASP A 84 -18.33 -3.35 -9.29
C ASP A 84 -18.90 -2.35 -8.28
N LEU A 85 -19.07 -2.82 -7.04
CA LEU A 85 -19.61 -1.98 -5.97
C LEU A 85 -18.77 -0.73 -5.80
N ILE A 86 -17.45 -0.87 -5.95
CA ILE A 86 -16.54 0.26 -5.82
C ILE A 86 -16.61 1.17 -7.03
N ASP A 87 -16.47 0.60 -8.21
CA ASP A 87 -16.53 1.36 -9.45
C ASP A 87 -17.86 2.07 -9.60
N GLN A 88 -18.87 1.58 -8.88
CA GLN A 88 -20.20 2.18 -8.94
C GLN A 88 -20.25 3.46 -8.12
N ALA A 89 -19.35 3.57 -7.14
CA ALA A 89 -19.30 4.76 -6.29
C ALA A 89 -18.65 5.93 -7.02
N PHE A 90 -18.84 7.13 -6.49
CA PHE A 90 -18.28 8.33 -7.10
C PHE A 90 -16.76 8.36 -6.92
N GLY A 91 -16.04 8.34 -8.04
CA GLY A 91 -14.58 8.36 -7.98
C GLY A 91 -14.02 7.30 -7.06
N ALA A 92 -14.58 6.09 -7.13
CA ALA A 92 -14.12 4.99 -6.30
C ALA A 92 -13.48 3.89 -7.15
N THR A 93 -12.22 3.58 -6.84
CA THR A 93 -11.49 2.55 -7.59
C THR A 93 -11.12 1.39 -6.67
N GLY A 94 -11.15 0.18 -7.22
CA GLY A 94 -10.82 -1.00 -6.44
C GLY A 94 -9.44 -0.90 -5.81
N THR A 95 -8.58 -0.07 -6.39
CA THR A 95 -7.22 0.10 -5.89
C THR A 95 -7.22 0.93 -4.61
N SER A 96 -8.41 1.38 -4.20
CA SER A 96 -8.53 2.19 -3.00
C SER A 96 -8.78 1.31 -1.78
N ARG A 97 -9.11 0.05 -2.02
CA ARG A 97 -9.37 -0.90 -0.94
C ARG A 97 -8.49 -2.14 -1.09
N LEU A 98 -8.30 -2.86 0.01
CA LEU A 98 -7.48 -4.07 0.00
C LEU A 98 -6.08 -3.78 -0.52
N GLY A 99 -5.31 -3.01 0.24
CA GLY A 99 -3.96 -2.68 -0.17
C GLY A 99 -3.11 -2.22 1.00
N CYS A 100 -2.91 -3.10 1.98
CA CYS A 100 -2.10 -2.79 3.15
C CYS A 100 -1.14 -3.93 3.46
N GLN A 101 -1.67 -5.02 4.01
CA GLN A 101 -0.85 -6.16 4.36
C GLN A 101 -0.22 -6.78 3.13
N LEU A 102 1.00 -6.36 2.81
CA LEU A 102 1.71 -6.88 1.65
C LEU A 102 3.21 -6.95 1.92
N ARG A 103 3.93 -7.67 1.06
CA ARG A 103 5.37 -7.82 1.20
C ARG A 103 6.10 -7.11 0.07
N VAL A 104 7.43 -7.01 0.19
CA VAL A 104 8.24 -6.36 -0.82
C VAL A 104 8.80 -7.36 -1.81
N ASP A 105 8.38 -7.24 -3.07
CA ASP A 105 8.83 -8.15 -4.12
C ASP A 105 9.15 -7.37 -5.40
N LYS A 106 9.66 -8.09 -6.40
CA LYS A 106 10.01 -7.47 -7.67
C LYS A 106 8.80 -6.77 -8.29
N SER A 107 7.62 -7.36 -8.11
CA SER A 107 6.39 -6.79 -8.64
C SER A 107 6.09 -5.45 -8.00
N PHE A 108 6.64 -5.22 -6.82
CA PHE A 108 6.44 -3.98 -6.08
C PHE A 108 7.43 -2.92 -6.52
N GLU A 109 8.23 -3.25 -7.54
CA GLU A 109 9.22 -2.31 -8.05
C GLU A 109 8.57 -1.02 -8.54
N ASN A 110 9.01 0.10 -7.98
CA ASN A 110 8.46 1.40 -8.35
C ASN A 110 6.99 1.50 -7.98
N ALA A 111 6.56 0.67 -7.04
CA ALA A 111 5.16 0.66 -6.60
C ALA A 111 4.79 1.98 -5.93
N VAL A 112 3.64 2.52 -6.31
CA VAL A 112 3.17 3.78 -5.76
C VAL A 112 2.01 3.55 -4.79
N PHE A 113 2.22 3.94 -3.54
CA PHE A 113 1.19 3.77 -2.51
C PHE A 113 0.61 5.11 -2.10
N THR A 114 -0.58 5.42 -2.60
CA THR A 114 -1.25 6.67 -2.28
C THR A 114 -2.22 6.51 -1.11
N VAL A 115 -2.05 7.35 -0.09
CA VAL A 115 -2.91 7.30 1.09
C VAL A 115 -3.97 8.38 1.04
N PRO A 116 -5.22 8.00 1.33
CA PRO A 116 -6.37 8.93 1.33
C PRO A 116 -6.30 9.92 2.48
N ARG A 117 -6.00 9.43 3.67
CA ARG A 117 -5.90 10.27 4.85
C ARG A 117 -4.59 10.03 5.60
N ALA A 118 -3.89 11.11 5.91
CA ALA A 118 -2.62 11.01 6.62
C ALA A 118 -2.48 12.13 7.65
N THR A 119 -2.35 11.75 8.92
CA THR A 119 -2.21 12.72 10.00
C THR A 119 -0.91 12.52 10.75
N LYS A 120 0.09 13.34 10.45
CA LYS A 120 1.38 13.26 11.10
C LYS A 120 1.26 13.52 12.59
N ASN A 121 1.97 12.73 13.39
CA ASN A 121 1.95 12.88 14.84
C ASN A 121 3.33 12.68 15.44
N MET A 122 4.27 13.54 15.05
CA MET A 122 5.63 13.46 15.54
C MET A 122 6.01 14.73 16.31
N ALA A 123 5.57 15.87 15.81
CA ALA A 123 5.86 17.14 16.45
C ALA A 123 4.76 18.16 16.17
N VAL A 124 4.12 18.65 17.24
CA VAL A 124 3.05 19.63 17.10
C VAL A 124 3.50 20.84 16.32
N ASP A 125 4.80 21.16 16.41
CA ASP A 125 5.36 22.30 15.69
C ASP A 125 6.50 21.85 14.78
N GLY A 126 6.96 22.76 13.93
CA GLY A 126 8.04 22.46 13.02
C GLY A 126 7.58 22.40 11.57
N PHE A 127 7.66 23.54 10.89
CA PHE A 127 7.23 23.62 9.49
C PHE A 127 8.31 24.30 8.65
N LYS A 128 9.56 24.17 9.06
CA LYS A 128 10.68 24.77 8.34
C LYS A 128 10.46 26.26 8.14
N PRO A 129 10.59 27.03 9.23
CA PRO A 129 10.42 28.49 9.20
C PRO A 129 11.54 29.20 8.44
N LYS A 130 11.17 29.91 7.38
CA LYS A 130 12.14 30.64 6.58
C LYS A 130 13.04 31.51 7.46
N PRO A 131 14.23 31.84 6.94
CA PRO A 131 15.21 32.67 7.66
C PRO A 131 14.75 34.12 7.78
N HIS A 132 14.27 34.68 6.67
CA HIS A 132 13.80 36.05 6.66
C HIS A 132 12.57 36.23 7.55
N GLY A 1 33.30 0.74 -2.29
CA GLY A 1 32.66 -0.55 -2.13
C GLY A 1 31.87 -0.66 -0.84
N PRO A 2 31.03 -1.70 -0.74
CA PRO A 2 30.19 -1.93 0.45
C PRO A 2 31.01 -2.35 1.65
N GLY A 3 30.33 -2.76 2.72
CA GLY A 3 31.01 -3.19 3.93
C GLY A 3 30.54 -4.55 4.40
N SER A 4 30.49 -4.73 5.72
CA SER A 4 30.05 -6.00 6.30
C SER A 4 29.53 -5.80 7.72
N MET A 5 29.10 -6.88 8.34
CA MET A 5 28.58 -6.82 9.71
C MET A 5 29.25 -7.87 10.59
N ASP A 6 28.73 -8.03 11.80
CA ASP A 6 29.29 -8.99 12.75
C ASP A 6 28.20 -9.91 13.29
N MET A 7 27.17 -10.14 12.48
CA MET A 7 26.06 -11.00 12.87
C MET A 7 25.52 -11.78 11.68
N PHE A 8 24.45 -12.54 11.90
CA PHE A 8 23.85 -13.33 10.84
C PHE A 8 22.45 -12.83 10.50
N SER A 9 22.13 -12.78 9.22
CA SER A 9 20.83 -12.31 8.76
C SER A 9 20.73 -12.39 7.24
N ALA A 10 19.59 -11.96 6.71
CA ALA A 10 19.36 -11.97 5.27
C ALA A 10 19.38 -13.40 4.72
N PRO A 11 18.31 -14.15 5.00
CA PRO A 11 18.18 -15.54 4.54
C PRO A 11 17.99 -15.65 3.04
N ASP A 12 17.69 -16.85 2.56
CA ASP A 12 17.48 -17.08 1.14
C ASP A 12 16.00 -17.28 0.84
N ARG A 13 15.14 -16.73 1.69
CA ARG A 13 13.71 -16.86 1.51
C ARG A 13 13.11 -15.55 0.98
N ILE A 14 13.97 -14.58 0.72
CA ILE A 14 13.53 -13.29 0.21
C ILE A 14 14.44 -12.80 -0.92
N PRO A 15 13.82 -12.34 -2.02
CA PRO A 15 14.55 -11.85 -3.18
C PRO A 15 15.25 -10.52 -2.90
N GLU A 16 15.97 -10.02 -3.90
CA GLU A 16 16.71 -8.76 -3.76
C GLU A 16 15.78 -7.65 -3.24
N GLN A 17 16.37 -6.64 -2.62
CA GLN A 17 15.60 -5.53 -2.07
C GLN A 17 15.11 -4.61 -3.19
N ILE A 18 13.96 -3.99 -2.97
CA ILE A 18 13.37 -3.09 -3.95
C ILE A 18 13.02 -1.74 -3.32
N ARG A 19 12.56 -0.81 -4.15
CA ARG A 19 12.18 0.51 -3.68
C ARG A 19 10.75 0.84 -4.08
N ILE A 20 10.01 1.46 -3.16
CA ILE A 20 8.62 1.84 -3.43
C ILE A 20 8.40 3.32 -3.17
N PHE A 21 7.27 3.84 -3.66
CA PHE A 21 6.94 5.24 -3.48
C PHE A 21 5.61 5.40 -2.76
N PHE A 22 5.54 6.36 -1.84
CA PHE A 22 4.32 6.61 -1.08
C PHE A 22 3.78 8.00 -1.36
N LYS A 23 2.74 8.07 -2.19
CA LYS A 23 2.12 9.35 -2.53
C LYS A 23 1.11 9.78 -1.48
N THR A 24 1.03 11.07 -1.24
CA THR A 24 0.10 11.62 -0.25
C THR A 24 -0.97 12.48 -0.91
N MET A 25 -1.57 13.38 -0.13
CA MET A 25 -2.61 14.27 -0.65
C MET A 25 -2.15 14.95 -1.93
N LYS A 26 -0.96 15.55 -1.88
CA LYS A 26 -0.40 16.25 -3.04
C LYS A 26 1.09 15.95 -3.19
N GLN A 27 1.77 15.77 -2.06
CA GLN A 27 3.20 15.47 -2.07
C GLN A 27 3.44 13.97 -2.11
N VAL A 28 4.57 13.57 -2.69
CA VAL A 28 4.92 12.16 -2.80
C VAL A 28 6.27 11.88 -2.14
N VAL A 29 6.26 11.00 -1.14
CA VAL A 29 7.49 10.64 -0.43
C VAL A 29 7.92 9.22 -0.77
N PRO A 30 9.23 9.04 -0.99
CA PRO A 30 9.81 7.74 -1.33
C PRO A 30 9.77 6.77 -0.15
N ALA A 31 10.08 5.50 -0.41
CA ALA A 31 10.08 4.48 0.62
C ALA A 31 10.91 3.28 0.20
N LYS A 32 12.08 3.11 0.84
CA LYS A 32 12.97 2.00 0.52
C LYS A 32 12.43 0.70 1.09
N ALA A 33 12.52 -0.37 0.30
CA ALA A 33 12.04 -1.69 0.73
C ALA A 33 13.20 -2.66 0.89
N VAL A 34 13.40 -3.13 2.12
CA VAL A 34 14.47 -4.07 2.41
C VAL A 34 13.93 -5.49 2.56
N CYS A 35 14.68 -6.45 2.05
CA CYS A 35 14.28 -7.86 2.13
C CYS A 35 13.93 -8.24 3.56
N GLY A 36 12.65 -8.57 3.79
CA GLY A 36 12.21 -8.96 5.11
C GLY A 36 11.57 -7.80 5.86
N SER A 37 11.29 -6.71 5.15
CA SER A 37 10.67 -5.53 5.76
C SER A 37 9.16 -5.58 5.60
N THR A 38 8.50 -4.51 6.04
CA THR A 38 7.05 -4.42 5.96
C THR A 38 6.60 -3.00 5.64
N VAL A 39 5.42 -2.88 5.03
CA VAL A 39 4.88 -1.58 4.66
C VAL A 39 4.88 -0.63 5.86
N LEU A 40 4.18 -1.02 6.92
CA LEU A 40 4.09 -0.20 8.13
C LEU A 40 5.49 0.15 8.64
N ASP A 41 6.41 -0.78 8.48
CA ASP A 41 7.79 -0.57 8.93
C ASP A 41 8.51 0.41 8.03
N VAL A 42 8.08 0.48 6.77
CA VAL A 42 8.69 1.38 5.80
C VAL A 42 8.24 2.82 6.03
N ALA A 43 6.93 3.01 6.21
CA ALA A 43 6.37 4.33 6.45
C ALA A 43 7.04 5.01 7.64
N HIS A 44 7.50 4.19 8.58
CA HIS A 44 8.15 4.71 9.78
C HIS A 44 9.51 5.32 9.44
N LYS A 45 10.17 4.77 8.43
CA LYS A 45 11.48 5.26 8.01
C LYS A 45 11.35 6.63 7.37
N ASN A 46 10.48 6.75 6.36
CA ASN A 46 10.27 8.00 5.66
C ASN A 46 9.51 8.99 6.55
N GLY A 47 8.71 8.46 7.47
CA GLY A 47 7.94 9.30 8.36
C GLY A 47 6.47 9.33 8.00
N VAL A 48 6.12 8.68 6.90
CA VAL A 48 4.73 8.62 6.46
C VAL A 48 3.81 8.18 7.58
N ASP A 49 2.63 8.79 7.64
CA ASP A 49 1.64 8.45 8.67
C ASP A 49 0.75 7.31 8.21
N LEU A 50 1.26 6.08 8.33
CA LEU A 50 0.49 4.89 7.93
C LEU A 50 -0.27 4.31 9.11
N GLU A 51 -1.60 4.36 9.03
CA GLU A 51 -2.44 3.83 10.10
C GLU A 51 -2.22 2.33 10.27
N GLY A 52 -2.44 1.84 11.48
CA GLY A 52 -2.27 0.42 11.75
C GLY A 52 -3.29 -0.11 12.73
N ALA A 53 -4.44 0.56 12.81
CA ALA A 53 -5.50 0.15 13.71
C ALA A 53 -6.69 -0.42 12.93
N CYS A 54 -6.91 -1.72 13.09
CA CYS A 54 -8.01 -2.39 12.41
C CYS A 54 -9.34 -2.14 13.13
N GLU A 55 -9.27 -1.86 14.42
CA GLU A 55 -10.46 -1.60 15.21
C GLU A 55 -11.00 -0.20 14.93
N GLY A 56 -10.11 0.69 14.52
CA GLY A 56 -10.51 2.06 14.22
C GLY A 56 -11.68 2.12 13.27
N ASN A 57 -12.44 3.23 13.33
CA ASN A 57 -13.59 3.41 12.46
C ASN A 57 -13.27 4.33 11.30
N LEU A 58 -12.91 5.57 11.62
CA LEU A 58 -12.57 6.55 10.60
C LEU A 58 -11.50 6.02 9.66
N ALA A 59 -10.66 5.12 10.17
CA ALA A 59 -9.59 4.52 9.37
C ALA A 59 -9.26 3.13 9.86
N CYS A 60 -9.35 2.15 8.97
CA CYS A 60 -9.05 0.76 9.32
C CYS A 60 -7.69 0.34 8.77
N SER A 61 -6.63 0.95 9.31
CA SER A 61 -5.27 0.65 8.88
C SER A 61 -5.12 0.89 7.38
N THR A 62 -5.79 1.93 6.88
CA THR A 62 -5.71 2.26 5.47
C THR A 62 -5.98 1.04 4.60
N CYS A 63 -6.97 0.24 4.97
CA CYS A 63 -7.32 -0.96 4.23
C CYS A 63 -7.68 -0.62 2.78
N HIS A 64 -8.15 0.61 2.57
CA HIS A 64 -8.54 1.05 1.23
C HIS A 64 -7.68 2.23 0.80
N VAL A 65 -6.69 1.96 -0.05
CA VAL A 65 -5.79 3.00 -0.55
C VAL A 65 -5.68 2.95 -2.06
N ILE A 66 -5.16 4.02 -2.65
CA ILE A 66 -5.00 4.10 -4.10
C ILE A 66 -3.64 3.53 -4.54
N LEU A 67 -3.67 2.69 -5.56
CA LEU A 67 -2.46 2.08 -6.07
C LEU A 67 -2.32 2.31 -7.58
N GLU A 68 -1.08 2.29 -8.06
CA GLU A 68 -0.82 2.52 -9.48
C GLU A 68 -1.75 1.67 -10.34
N GLU A 69 -2.11 2.19 -11.50
CA GLU A 69 -3.00 1.49 -12.42
C GLU A 69 -2.45 0.10 -12.75
N PRO A 70 -1.25 0.07 -13.34
CA PRO A 70 -0.59 -1.20 -13.71
C PRO A 70 -0.13 -1.99 -12.50
N LEU A 71 0.48 -1.31 -11.54
CA LEU A 71 0.97 -1.95 -10.33
C LEU A 71 -0.14 -2.77 -9.66
N TYR A 72 -1.32 -2.18 -9.57
CA TYR A 72 -2.46 -2.85 -8.95
C TYR A 72 -3.00 -3.95 -9.86
N ARG A 73 -3.24 -3.60 -11.12
CA ARG A 73 -3.75 -4.55 -12.10
C ARG A 73 -2.89 -5.81 -12.14
N LYS A 74 -1.59 -5.62 -12.01
CA LYS A 74 -0.64 -6.74 -12.04
C LYS A 74 -0.68 -7.50 -10.72
N LEU A 75 -0.64 -6.76 -9.61
CA LEU A 75 -0.66 -7.37 -8.28
C LEU A 75 -1.97 -8.12 -8.05
N GLY A 76 -3.00 -7.74 -8.80
CA GLY A 76 -4.29 -8.40 -8.65
C GLY A 76 -5.45 -7.42 -8.73
N GLU A 77 -6.49 -7.79 -9.47
CA GLU A 77 -7.66 -6.93 -9.61
C GLU A 77 -8.88 -7.55 -8.93
N PRO A 78 -9.86 -6.70 -8.58
CA PRO A 78 -11.09 -7.14 -7.92
C PRO A 78 -11.98 -7.95 -8.84
N SER A 79 -13.21 -8.22 -8.38
CA SER A 79 -14.16 -9.00 -9.17
C SER A 79 -15.43 -8.20 -9.42
N ASP A 80 -16.44 -8.86 -9.96
CA ASP A 80 -17.71 -8.20 -10.26
C ASP A 80 -18.28 -7.54 -9.01
N LYS A 81 -18.27 -8.27 -7.89
CA LYS A 81 -18.78 -7.74 -6.63
C LYS A 81 -18.11 -6.42 -6.28
N GLU A 82 -16.79 -6.45 -6.15
CA GLU A 82 -16.03 -5.25 -5.81
C GLU A 82 -16.20 -4.18 -6.89
N TYR A 83 -16.44 -4.62 -8.12
CA TYR A 83 -16.62 -3.70 -9.24
C TYR A 83 -17.83 -2.81 -9.03
N ASP A 84 -18.98 -3.44 -8.81
CA ASP A 84 -20.23 -2.70 -8.59
C ASP A 84 -20.18 -1.94 -7.27
N LEU A 85 -19.63 -2.57 -6.24
CA LEU A 85 -19.52 -1.95 -4.93
C LEU A 85 -18.77 -0.62 -5.01
N ILE A 86 -17.61 -0.64 -5.65
CA ILE A 86 -16.80 0.56 -5.80
C ILE A 86 -17.39 1.49 -6.85
N ASP A 87 -17.99 0.91 -7.89
CA ASP A 87 -18.60 1.70 -8.95
C ASP A 87 -19.74 2.54 -8.42
N GLN A 88 -20.23 2.18 -7.24
CA GLN A 88 -21.34 2.90 -6.61
C GLN A 88 -20.86 4.22 -6.02
N ALA A 89 -19.57 4.29 -5.69
CA ALA A 89 -18.99 5.49 -5.12
C ALA A 89 -18.73 6.54 -6.20
N PHE A 90 -18.50 7.78 -5.77
CA PHE A 90 -18.25 8.88 -6.69
C PHE A 90 -16.79 8.87 -7.15
N GLY A 91 -16.59 8.62 -8.44
CA GLY A 91 -15.24 8.58 -8.97
C GLY A 91 -14.32 7.68 -8.19
N ALA A 92 -14.83 6.53 -7.78
CA ALA A 92 -14.04 5.56 -7.01
C ALA A 92 -13.45 4.49 -7.92
N THR A 93 -12.13 4.32 -7.86
CA THR A 93 -11.45 3.34 -8.67
C THR A 93 -11.12 2.08 -7.86
N GLY A 94 -11.21 0.93 -8.50
CA GLY A 94 -10.93 -0.32 -7.83
C GLY A 94 -9.55 -0.33 -7.19
N THR A 95 -8.65 0.49 -7.71
CA THR A 95 -7.29 0.57 -7.19
C THR A 95 -7.26 1.28 -5.85
N SER A 96 -8.42 1.78 -5.41
CA SER A 96 -8.52 2.48 -4.14
C SER A 96 -8.74 1.51 -2.99
N ARG A 97 -9.13 0.28 -3.33
CA ARG A 97 -9.38 -0.74 -2.32
C ARG A 97 -8.47 -1.95 -2.54
N LEU A 98 -8.26 -2.73 -1.48
CA LEU A 98 -7.42 -3.91 -1.56
C LEU A 98 -7.61 -4.80 -0.33
N GLY A 99 -6.88 -5.90 -0.29
CA GLY A 99 -6.98 -6.82 0.83
C GLY A 99 -6.26 -6.31 2.06
N CYS A 100 -5.43 -7.18 2.65
CA CYS A 100 -4.67 -6.81 3.85
C CYS A 100 -3.32 -7.53 3.87
N GLN A 101 -2.33 -6.96 3.20
CA GLN A 101 -1.00 -7.54 3.15
C GLN A 101 0.04 -6.56 3.67
N LEU A 102 0.92 -7.05 4.55
CA LEU A 102 1.96 -6.22 5.12
C LEU A 102 3.34 -6.86 4.94
N ARG A 103 3.78 -6.94 3.68
CA ARG A 103 5.08 -7.54 3.36
C ARG A 103 5.65 -6.93 2.08
N VAL A 104 6.96 -7.08 1.90
CA VAL A 104 7.62 -6.55 0.72
C VAL A 104 8.00 -7.67 -0.24
N ASP A 105 7.63 -7.49 -1.51
CA ASP A 105 7.93 -8.49 -2.53
C ASP A 105 8.44 -7.82 -3.81
N LYS A 106 8.98 -8.63 -4.72
CA LYS A 106 9.51 -8.11 -5.98
C LYS A 106 8.43 -7.34 -6.74
N SER A 107 7.18 -7.76 -6.57
CA SER A 107 6.07 -7.10 -7.24
C SER A 107 5.92 -5.66 -6.80
N PHE A 108 6.35 -5.39 -5.56
CA PHE A 108 6.26 -4.04 -5.01
C PHE A 108 7.36 -3.14 -5.59
N GLU A 109 8.25 -3.74 -6.37
CA GLU A 109 9.34 -3.00 -6.99
C GLU A 109 8.81 -1.87 -7.87
N ASN A 110 9.24 -0.65 -7.58
CA ASN A 110 8.81 0.51 -8.35
C ASN A 110 7.30 0.70 -8.23
N ALA A 111 6.72 0.16 -7.17
CA ALA A 111 5.29 0.27 -6.95
C ALA A 111 4.92 1.63 -6.37
N VAL A 112 3.82 2.21 -6.86
CA VAL A 112 3.38 3.51 -6.39
C VAL A 112 2.12 3.38 -5.53
N PHE A 113 2.27 3.67 -4.24
CA PHE A 113 1.15 3.59 -3.30
C PHE A 113 0.66 4.97 -2.92
N THR A 114 -0.48 5.36 -3.49
CA THR A 114 -1.06 6.67 -3.20
C THR A 114 -2.08 6.59 -2.06
N VAL A 115 -1.87 7.42 -1.04
CA VAL A 115 -2.76 7.44 0.11
C VAL A 115 -3.96 8.35 -0.15
N PRO A 116 -5.17 7.83 0.18
CA PRO A 116 -6.41 8.58 0.00
C PRO A 116 -6.54 9.75 0.96
N ARG A 117 -7.74 10.30 1.07
CA ARG A 117 -7.99 11.43 1.96
C ARG A 117 -8.67 10.96 3.26
N ALA A 118 -8.39 11.68 4.34
CA ALA A 118 -8.98 11.35 5.64
C ALA A 118 -10.49 11.57 5.63
N THR A 119 -11.23 10.48 5.54
CA THR A 119 -12.69 10.54 5.52
C THR A 119 -13.31 9.44 6.38
N LYS A 120 -14.62 9.50 6.56
CA LYS A 120 -15.33 8.50 7.36
C LYS A 120 -15.57 7.23 6.56
N ASN A 121 -16.01 6.18 7.24
CA ASN A 121 -16.28 4.91 6.58
C ASN A 121 -17.74 4.49 6.81
N MET A 122 -18.22 4.68 8.04
CA MET A 122 -19.58 4.31 8.39
C MET A 122 -19.81 2.82 8.23
N ALA A 123 -19.06 2.03 9.00
CA ALA A 123 -19.17 0.58 8.94
C ALA A 123 -19.57 0.01 10.30
N VAL A 124 -19.80 -1.30 10.34
CA VAL A 124 -20.19 -1.97 11.58
C VAL A 124 -19.12 -2.98 12.01
N ASP A 125 -18.77 -2.95 13.30
CA ASP A 125 -17.78 -3.85 13.83
C ASP A 125 -18.25 -4.47 15.15
N GLY A 126 -17.90 -5.73 15.37
CA GLY A 126 -18.30 -6.42 16.57
C GLY A 126 -17.33 -7.52 16.97
N PHE A 127 -16.11 -7.12 17.32
CA PHE A 127 -15.09 -8.08 17.72
C PHE A 127 -14.71 -7.90 19.19
N LYS A 128 -14.85 -8.96 19.97
CA LYS A 128 -14.53 -8.93 21.39
C LYS A 128 -13.68 -10.12 21.79
N PRO A 129 -12.95 -9.99 22.91
CA PRO A 129 -12.08 -11.05 23.42
C PRO A 129 -12.87 -12.23 23.97
N LYS A 130 -12.29 -13.42 23.90
CA LYS A 130 -12.94 -14.63 24.40
C LYS A 130 -11.94 -15.53 25.11
N PRO A 131 -11.47 -15.10 26.29
CA PRO A 131 -10.51 -15.85 27.09
C PRO A 131 -11.12 -17.12 27.69
N HIS A 132 -12.31 -16.98 28.25
CA HIS A 132 -13.00 -18.11 28.86
C HIS A 132 -14.12 -18.61 27.95
N GLY A 1 0.68 0.36 -30.62
CA GLY A 1 -0.21 -0.63 -30.05
C GLY A 1 0.51 -1.94 -29.73
N PRO A 2 1.34 -1.92 -28.67
CA PRO A 2 2.10 -3.10 -28.25
C PRO A 2 1.20 -4.19 -27.66
N GLY A 3 0.27 -3.79 -26.80
CA GLY A 3 -0.63 -4.74 -26.19
C GLY A 3 -0.39 -4.90 -24.70
N SER A 4 -0.71 -6.07 -24.17
CA SER A 4 -0.54 -6.35 -22.75
C SER A 4 -0.80 -7.81 -22.44
N MET A 5 -0.25 -8.28 -21.33
CA MET A 5 -0.43 -9.68 -20.91
C MET A 5 -0.50 -9.79 -19.39
N ASP A 6 -0.60 -11.01 -18.90
CA ASP A 6 -0.68 -11.25 -17.46
C ASP A 6 0.06 -12.53 -17.09
N MET A 7 1.21 -12.36 -16.45
CA MET A 7 2.04 -13.50 -16.04
C MET A 7 2.75 -13.22 -14.73
N PHE A 8 2.46 -14.02 -13.71
CA PHE A 8 3.08 -13.85 -12.41
C PHE A 8 3.21 -15.18 -11.68
N SER A 9 4.01 -15.20 -10.61
CA SER A 9 4.22 -16.41 -9.84
C SER A 9 3.67 -16.26 -8.42
N ALA A 10 3.98 -17.22 -7.56
CA ALA A 10 3.52 -17.19 -6.18
C ALA A 10 4.33 -18.13 -5.30
N PRO A 11 5.57 -17.73 -5.01
CA PRO A 11 6.49 -18.52 -4.18
C PRO A 11 6.06 -18.56 -2.72
N ASP A 12 6.90 -19.14 -1.87
CA ASP A 12 6.60 -19.24 -0.45
C ASP A 12 7.67 -18.55 0.39
N ARG A 13 8.35 -17.58 -0.23
CA ARG A 13 9.40 -16.84 0.46
C ARG A 13 9.60 -15.46 -0.18
N ILE A 14 9.65 -14.43 0.65
CA ILE A 14 9.84 -13.07 0.17
C ILE A 14 11.14 -12.94 -0.62
N PRO A 15 11.02 -12.46 -1.87
CA PRO A 15 12.18 -12.26 -2.75
C PRO A 15 13.09 -11.14 -2.29
N GLU A 16 14.03 -10.76 -3.15
CA GLU A 16 14.97 -9.69 -2.82
C GLU A 16 14.23 -8.45 -2.35
N GLN A 17 14.93 -7.59 -1.60
CA GLN A 17 14.34 -6.37 -1.08
C GLN A 17 14.26 -5.30 -2.17
N ILE A 18 13.13 -4.62 -2.23
CA ILE A 18 12.92 -3.57 -3.22
C ILE A 18 12.54 -2.24 -2.56
N ARG A 19 12.39 -1.21 -3.37
CA ARG A 19 12.03 0.11 -2.86
C ARG A 19 10.72 0.58 -3.49
N ILE A 20 9.85 1.16 -2.66
CA ILE A 20 8.57 1.65 -3.12
C ILE A 20 8.47 3.17 -2.95
N PHE A 21 7.44 3.76 -3.54
CA PHE A 21 7.22 5.21 -3.46
C PHE A 21 5.90 5.53 -2.78
N PHE A 22 5.96 6.35 -1.74
CA PHE A 22 4.77 6.74 -0.99
C PHE A 22 4.22 8.08 -1.50
N LYS A 23 3.15 8.01 -2.27
CA LYS A 23 2.53 9.21 -2.83
C LYS A 23 1.44 9.72 -1.90
N THR A 24 1.56 10.98 -1.46
CA THR A 24 0.58 11.58 -0.57
C THR A 24 -0.16 12.72 -1.27
N MET A 25 -1.05 13.38 -0.53
CA MET A 25 -1.82 14.49 -1.07
C MET A 25 -0.97 15.75 -1.17
N LYS A 26 0.23 15.68 -0.62
CA LYS A 26 1.16 16.82 -0.65
C LYS A 26 2.32 16.56 -1.60
N GLN A 27 2.79 15.31 -1.63
CA GLN A 27 3.90 14.93 -2.49
C GLN A 27 4.24 13.46 -2.31
N VAL A 28 5.19 12.98 -3.11
CA VAL A 28 5.61 11.59 -3.05
C VAL A 28 7.01 11.46 -2.44
N VAL A 29 7.15 10.55 -1.49
CA VAL A 29 8.43 10.32 -0.83
C VAL A 29 8.89 8.88 -1.00
N PRO A 30 10.22 8.68 -0.99
CA PRO A 30 10.82 7.34 -1.14
C PRO A 30 10.58 6.47 0.09
N ALA A 31 10.46 5.17 -0.14
CA ALA A 31 10.23 4.22 0.95
C ALA A 31 10.89 2.88 0.66
N LYS A 32 12.02 2.62 1.31
CA LYS A 32 12.74 1.37 1.12
C LYS A 32 12.06 0.23 1.85
N ALA A 33 11.88 -0.89 1.16
CA ALA A 33 11.23 -2.06 1.74
C ALA A 33 12.24 -3.19 1.97
N VAL A 34 12.20 -3.79 3.15
CA VAL A 34 13.10 -4.88 3.49
C VAL A 34 12.37 -6.22 3.50
N CYS A 35 13.11 -7.29 3.21
CA CYS A 35 12.53 -8.63 3.20
C CYS A 35 11.78 -8.92 4.49
N GLY A 36 10.46 -9.01 4.40
CA GLY A 36 9.65 -9.28 5.58
C GLY A 36 9.09 -8.01 6.20
N SER A 37 9.09 -6.93 5.43
CA SER A 37 8.59 -5.64 5.91
C SER A 37 7.26 -5.30 5.25
N THR A 38 6.54 -4.36 5.83
CA THR A 38 5.25 -3.94 5.31
C THR A 38 5.23 -2.44 5.02
N VAL A 39 4.38 -2.03 4.08
CA VAL A 39 4.27 -0.62 3.73
C VAL A 39 3.95 0.24 4.94
N LEU A 40 3.01 -0.23 5.77
CA LEU A 40 2.61 0.49 6.96
C LEU A 40 3.81 0.74 7.87
N ASP A 41 4.64 -0.28 8.05
CA ASP A 41 5.83 -0.18 8.89
C ASP A 41 6.91 0.67 8.20
N VAL A 42 6.87 0.69 6.88
CA VAL A 42 7.84 1.46 6.10
C VAL A 42 7.53 2.95 6.16
N ALA A 43 6.24 3.28 6.27
CA ALA A 43 5.81 4.67 6.33
C ALA A 43 6.45 5.39 7.52
N HIS A 44 6.66 4.65 8.60
CA HIS A 44 7.26 5.22 9.80
C HIS A 44 8.75 5.48 9.60
N LYS A 45 9.40 4.58 8.86
CA LYS A 45 10.83 4.71 8.59
C LYS A 45 11.11 5.96 7.76
N ASN A 46 10.34 6.16 6.71
CA ASN A 46 10.52 7.31 5.84
C ASN A 46 10.00 8.59 6.51
N GLY A 47 9.08 8.42 7.46
CA GLY A 47 8.52 9.56 8.16
C GLY A 47 7.09 9.87 7.73
N VAL A 48 6.66 9.24 6.64
CA VAL A 48 5.31 9.45 6.14
C VAL A 48 4.26 9.26 7.23
N ASP A 49 3.29 10.17 7.28
CA ASP A 49 2.24 10.09 8.28
C ASP A 49 1.18 9.07 7.88
N LEU A 50 1.46 7.80 8.13
CA LEU A 50 0.52 6.73 7.80
C LEU A 50 0.56 5.62 8.85
N GLU A 51 -0.51 5.51 9.63
CA GLU A 51 -0.60 4.49 10.67
C GLU A 51 -1.56 3.39 10.27
N GLY A 52 -1.17 2.15 10.56
CA GLY A 52 -2.01 1.02 10.22
C GLY A 52 -1.86 -0.13 11.20
N ALA A 53 -1.86 0.18 12.48
CA ALA A 53 -1.73 -0.82 13.53
C ALA A 53 -2.89 -1.81 13.49
N CYS A 54 -2.70 -2.93 12.79
CA CYS A 54 -3.73 -3.95 12.67
C CYS A 54 -3.55 -5.04 13.73
N GLU A 55 -3.21 -4.62 14.94
CA GLU A 55 -3.00 -5.56 16.03
C GLU A 55 -4.15 -5.49 17.04
N GLY A 56 -4.76 -6.64 17.29
CA GLY A 56 -5.88 -6.69 18.22
C GLY A 56 -7.23 -6.70 17.52
N ASN A 57 -8.29 -6.66 18.31
CA ASN A 57 -9.64 -6.65 17.75
C ASN A 57 -9.99 -5.28 17.19
N LEU A 58 -9.64 -4.23 17.91
CA LEU A 58 -9.91 -2.87 17.48
C LEU A 58 -8.80 -2.35 16.58
N ALA A 59 -9.05 -2.36 15.26
CA ALA A 59 -8.07 -1.88 14.30
C ALA A 59 -8.68 -1.81 12.90
N CYS A 60 -7.91 -1.27 11.96
CA CYS A 60 -8.37 -1.14 10.58
C CYS A 60 -8.75 -2.50 10.00
N SER A 61 -9.51 -2.48 8.91
CA SER A 61 -9.94 -3.71 8.25
C SER A 61 -9.68 -3.65 6.75
N THR A 62 -10.40 -2.76 6.07
CA THR A 62 -10.26 -2.59 4.63
C THR A 62 -9.12 -1.64 4.29
N CYS A 63 -8.19 -2.10 3.47
CA CYS A 63 -7.05 -1.28 3.08
C CYS A 63 -7.33 -0.56 1.77
N HIS A 64 -8.37 0.28 1.77
CA HIS A 64 -8.75 1.04 0.59
C HIS A 64 -7.71 2.11 0.27
N VAL A 65 -6.72 1.76 -0.54
CA VAL A 65 -5.66 2.69 -0.92
C VAL A 65 -5.49 2.74 -2.43
N ILE A 66 -4.93 3.83 -2.92
CA ILE A 66 -4.70 4.00 -4.35
C ILE A 66 -3.33 3.46 -4.76
N LEU A 67 -3.31 2.71 -5.86
CA LEU A 67 -2.07 2.13 -6.36
C LEU A 67 -1.88 2.44 -7.84
N GLU A 68 -0.64 2.38 -8.31
CA GLU A 68 -0.32 2.66 -9.70
C GLU A 68 -1.31 1.96 -10.63
N GLU A 69 -1.67 2.63 -11.72
CA GLU A 69 -2.60 2.08 -12.68
C GLU A 69 -2.12 0.73 -13.21
N PRO A 70 -0.93 0.75 -13.85
CA PRO A 70 -0.33 -0.47 -14.42
C PRO A 70 0.14 -1.44 -13.33
N LEU A 71 0.87 -0.91 -12.36
CA LEU A 71 1.39 -1.74 -11.26
C LEU A 71 0.26 -2.55 -10.62
N TYR A 72 -0.89 -1.92 -10.44
CA TYR A 72 -2.04 -2.57 -9.83
C TYR A 72 -2.66 -3.58 -10.80
N ARG A 73 -2.96 -3.12 -12.00
CA ARG A 73 -3.57 -3.96 -13.03
C ARG A 73 -2.74 -5.23 -13.23
N LYS A 74 -1.43 -5.10 -13.11
CA LYS A 74 -0.52 -6.24 -13.28
C LYS A 74 -0.52 -7.11 -12.03
N LEU A 75 -0.44 -6.48 -10.87
CA LEU A 75 -0.43 -7.20 -9.61
C LEU A 75 -1.73 -7.98 -9.40
N GLY A 76 -2.80 -7.51 -10.05
CA GLY A 76 -4.08 -8.17 -9.92
C GLY A 76 -5.24 -7.18 -9.92
N GLU A 77 -6.41 -7.66 -10.30
CA GLU A 77 -7.61 -6.81 -10.34
C GLU A 77 -8.69 -7.34 -9.41
N PRO A 78 -9.60 -6.47 -9.00
CA PRO A 78 -10.71 -6.83 -8.09
C PRO A 78 -11.74 -7.72 -8.78
N SER A 79 -12.48 -8.48 -7.98
CA SER A 79 -13.50 -9.38 -8.50
C SER A 79 -14.84 -8.68 -8.61
N ASP A 80 -15.89 -9.46 -8.87
CA ASP A 80 -17.24 -8.91 -8.99
C ASP A 80 -17.62 -8.13 -7.74
N LYS A 81 -17.38 -8.73 -6.57
CA LYS A 81 -17.70 -8.09 -5.30
C LYS A 81 -17.06 -6.71 -5.21
N GLU A 82 -15.74 -6.67 -5.30
CA GLU A 82 -15.01 -5.41 -5.23
C GLU A 82 -15.42 -4.48 -6.36
N TYR A 83 -15.84 -5.06 -7.47
CA TYR A 83 -16.26 -4.29 -8.64
C TYR A 83 -17.48 -3.42 -8.30
N ASP A 84 -18.54 -4.07 -7.84
CA ASP A 84 -19.77 -3.36 -7.48
C ASP A 84 -19.54 -2.45 -6.28
N LEU A 85 -18.78 -2.93 -5.31
CA LEU A 85 -18.48 -2.16 -4.10
C LEU A 85 -17.83 -0.83 -4.46
N ILE A 86 -16.79 -0.88 -5.28
CA ILE A 86 -16.08 0.32 -5.70
C ILE A 86 -16.89 1.11 -6.72
N ASP A 87 -17.62 0.40 -7.56
CA ASP A 87 -18.44 1.02 -8.58
C ASP A 87 -19.53 1.90 -7.95
N GLN A 88 -19.78 1.66 -6.67
CA GLN A 88 -20.80 2.42 -5.95
C GLN A 88 -20.28 3.82 -5.59
N ALA A 89 -18.96 3.94 -5.52
CA ALA A 89 -18.34 5.23 -5.19
C ALA A 89 -18.19 6.10 -6.43
N PHE A 90 -18.31 7.40 -6.24
CA PHE A 90 -18.18 8.35 -7.35
C PHE A 90 -16.74 8.44 -7.83
N GLY A 91 -16.52 8.15 -9.11
CA GLY A 91 -15.19 8.20 -9.67
C GLY A 91 -14.18 7.39 -8.86
N ALA A 92 -14.58 6.18 -8.47
CA ALA A 92 -13.71 5.31 -7.69
C ALA A 92 -13.04 4.26 -8.57
N THR A 93 -11.72 4.20 -8.52
CA THR A 93 -10.97 3.24 -9.33
C THR A 93 -10.66 1.98 -8.51
N GLY A 94 -10.68 0.83 -9.19
CA GLY A 94 -10.40 -0.42 -8.51
C GLY A 94 -9.06 -0.42 -7.81
N THR A 95 -8.14 0.42 -8.29
CA THR A 95 -6.82 0.52 -7.70
C THR A 95 -6.86 1.25 -6.37
N SER A 96 -8.05 1.70 -5.97
CA SER A 96 -8.21 2.43 -4.72
C SER A 96 -8.56 1.46 -3.58
N ARG A 97 -8.90 0.23 -3.95
CA ARG A 97 -9.25 -0.79 -2.97
C ARG A 97 -8.76 -2.17 -3.40
N LEU A 98 -8.19 -2.91 -2.46
CA LEU A 98 -7.68 -4.24 -2.76
C LEU A 98 -8.11 -5.25 -1.69
N GLY A 99 -7.69 -5.00 -0.45
CA GLY A 99 -8.04 -5.88 0.64
C GLY A 99 -7.12 -5.73 1.83
N CYS A 100 -6.05 -6.52 1.86
CA CYS A 100 -5.08 -6.47 2.94
C CYS A 100 -3.74 -7.05 2.50
N GLN A 101 -2.74 -6.18 2.38
CA GLN A 101 -1.41 -6.62 1.97
C GLN A 101 -0.34 -6.05 2.90
N LEU A 102 0.39 -6.93 3.56
CA LEU A 102 1.45 -6.52 4.48
C LEU A 102 2.74 -7.27 4.19
N ARG A 103 3.02 -7.49 2.91
CA ARG A 103 4.23 -8.19 2.49
C ARG A 103 4.86 -7.50 1.28
N VAL A 104 6.19 -7.56 1.21
CA VAL A 104 6.92 -6.95 0.11
C VAL A 104 7.40 -7.99 -0.88
N ASP A 105 7.12 -7.76 -2.17
CA ASP A 105 7.54 -8.69 -3.21
C ASP A 105 8.09 -7.94 -4.42
N LYS A 106 8.79 -8.66 -5.29
CA LYS A 106 9.38 -8.06 -6.48
C LYS A 106 8.33 -7.33 -7.29
N SER A 107 7.08 -7.76 -7.18
CA SER A 107 5.99 -7.14 -7.90
C SER A 107 5.82 -5.68 -7.50
N PHE A 108 6.17 -5.37 -6.26
CA PHE A 108 6.06 -4.01 -5.75
C PHE A 108 7.36 -3.23 -5.99
N GLU A 109 8.24 -3.79 -6.81
CA GLU A 109 9.51 -3.15 -7.12
C GLU A 109 9.28 -1.78 -7.75
N ASN A 110 9.65 -0.73 -7.02
CA ASN A 110 9.49 0.64 -7.52
C ASN A 110 8.02 0.97 -7.72
N ALA A 111 7.15 0.21 -7.06
CA ALA A 111 5.71 0.43 -7.17
C ALA A 111 5.30 1.75 -6.52
N VAL A 112 4.23 2.36 -7.03
CA VAL A 112 3.74 3.62 -6.50
C VAL A 112 2.47 3.42 -5.68
N PHE A 113 2.56 3.72 -4.38
CA PHE A 113 1.42 3.57 -3.49
C PHE A 113 0.88 4.93 -3.06
N THR A 114 -0.24 5.32 -3.64
CA THR A 114 -0.87 6.60 -3.33
C THR A 114 -1.94 6.44 -2.26
N VAL A 115 -1.88 7.29 -1.24
CA VAL A 115 -2.85 7.25 -0.15
C VAL A 115 -3.96 8.28 -0.36
N PRO A 116 -5.21 7.85 -0.18
CA PRO A 116 -6.38 8.71 -0.34
C PRO A 116 -6.48 9.76 0.76
N ARG A 117 -6.32 9.32 2.01
CA ARG A 117 -6.40 10.22 3.15
C ARG A 117 -5.08 10.97 3.35
N ALA A 118 -5.16 12.29 3.43
CA ALA A 118 -3.98 13.12 3.63
C ALA A 118 -4.35 14.59 3.78
N THR A 119 -3.33 15.43 3.95
CA THR A 119 -3.55 16.87 4.11
C THR A 119 -4.43 17.42 2.98
N LYS A 120 -5.60 17.94 3.35
CA LYS A 120 -6.52 18.50 2.37
C LYS A 120 -6.61 20.02 2.52
N ASN A 121 -6.06 20.73 1.53
CA ASN A 121 -6.07 22.19 1.56
C ASN A 121 -7.05 22.73 0.51
N MET A 122 -8.29 22.27 0.56
CA MET A 122 -9.32 22.72 -0.37
C MET A 122 -8.74 22.86 -1.77
N ALA A 123 -7.91 21.90 -2.16
CA ALA A 123 -7.29 21.92 -3.49
C ALA A 123 -7.77 20.75 -4.33
N VAL A 124 -8.96 20.89 -4.91
CA VAL A 124 -9.53 19.84 -5.75
C VAL A 124 -10.07 20.42 -7.05
N ASP A 125 -9.57 19.89 -8.16
CA ASP A 125 -9.99 20.34 -9.48
C ASP A 125 -9.40 19.46 -10.59
N GLY A 126 -10.28 18.77 -11.29
CA GLY A 126 -9.83 17.89 -12.36
C GLY A 126 -9.45 16.51 -11.87
N PHE A 127 -8.66 15.79 -12.66
CA PHE A 127 -8.23 14.44 -12.28
C PHE A 127 -6.98 14.04 -13.07
N LYS A 128 -5.89 13.80 -12.36
CA LYS A 128 -4.63 13.41 -12.99
C LYS A 128 -4.42 11.90 -12.87
N PRO A 129 -3.98 11.28 -13.97
CA PRO A 129 -3.72 9.84 -14.02
C PRO A 129 -2.51 9.43 -13.20
N LYS A 130 -2.23 8.13 -13.15
CA LYS A 130 -1.10 7.62 -12.39
C LYS A 130 -0.06 7.02 -13.33
N PRO A 131 0.68 7.88 -14.03
CA PRO A 131 1.72 7.47 -14.97
C PRO A 131 2.93 6.87 -14.26
N HIS A 132 3.99 6.60 -15.02
CA HIS A 132 5.22 6.04 -14.47
C HIS A 132 5.76 6.92 -13.35
N GLY A 1 22.77 -2.98 -11.85
CA GLY A 1 22.03 -3.81 -10.91
C GLY A 1 21.50 -5.08 -11.55
N PRO A 2 20.74 -5.87 -10.77
CA PRO A 2 20.16 -7.12 -11.25
C PRO A 2 19.05 -6.90 -12.26
N GLY A 3 18.45 -7.99 -12.74
CA GLY A 3 17.38 -7.89 -13.71
C GLY A 3 16.04 -7.61 -13.07
N SER A 4 14.96 -7.88 -13.80
CA SER A 4 13.61 -7.64 -13.29
C SER A 4 12.64 -8.68 -13.83
N MET A 5 12.15 -9.55 -12.95
CA MET A 5 11.21 -10.59 -13.33
C MET A 5 9.80 -10.28 -12.82
N ASP A 6 8.81 -10.91 -13.42
CA ASP A 6 7.42 -10.70 -13.03
C ASP A 6 6.76 -12.01 -12.62
N MET A 7 6.69 -12.26 -11.31
CA MET A 7 6.09 -13.48 -10.79
C MET A 7 5.28 -13.20 -9.53
N PHE A 8 4.25 -14.00 -9.29
CA PHE A 8 3.39 -13.83 -8.12
C PHE A 8 3.08 -15.18 -7.48
N SER A 9 3.15 -15.23 -6.16
CA SER A 9 2.88 -16.45 -5.42
C SER A 9 2.82 -16.19 -3.93
N ALA A 10 2.58 -17.24 -3.14
CA ALA A 10 2.49 -17.12 -1.70
C ALA A 10 3.47 -18.06 -1.00
N PRO A 11 4.77 -17.78 -1.15
CA PRO A 11 5.83 -18.59 -0.55
C PRO A 11 5.87 -18.46 0.97
N ASP A 12 6.91 -19.02 1.58
CA ASP A 12 7.07 -18.96 3.03
C ASP A 12 8.27 -18.12 3.41
N ARG A 13 8.65 -17.20 2.53
CA ARG A 13 9.80 -16.32 2.77
C ARG A 13 9.80 -15.15 1.81
N ILE A 14 10.08 -13.95 2.33
CA ILE A 14 10.11 -12.75 1.52
C ILE A 14 11.32 -12.74 0.58
N PRO A 15 11.07 -12.43 -0.71
CA PRO A 15 12.12 -12.38 -1.72
C PRO A 15 13.09 -11.22 -1.50
N GLU A 16 13.95 -10.98 -2.50
CA GLU A 16 14.93 -9.90 -2.41
C GLU A 16 14.25 -8.58 -2.07
N GLN A 17 15.01 -7.65 -1.50
CA GLN A 17 14.48 -6.35 -1.12
C GLN A 17 14.23 -5.48 -2.35
N ILE A 18 13.06 -4.85 -2.40
CA ILE A 18 12.70 -4.00 -3.53
C ILE A 18 12.42 -2.57 -3.07
N ARG A 19 12.13 -1.69 -4.01
CA ARG A 19 11.84 -0.30 -3.71
C ARG A 19 10.38 0.04 -4.00
N ILE A 20 9.84 1.01 -3.27
CA ILE A 20 8.45 1.42 -3.46
C ILE A 20 8.33 2.93 -3.47
N PHE A 21 7.19 3.42 -3.93
CA PHE A 21 6.94 4.86 -3.99
C PHE A 21 5.85 5.27 -3.00
N PHE A 22 6.19 6.23 -2.14
CA PHE A 22 5.25 6.71 -1.14
C PHE A 22 4.45 7.90 -1.67
N LYS A 23 3.19 7.64 -2.05
CA LYS A 23 2.32 8.68 -2.57
C LYS A 23 1.35 9.17 -1.50
N THR A 24 1.44 10.44 -1.15
CA THR A 24 0.56 11.02 -0.15
C THR A 24 -0.18 12.24 -0.70
N MET A 25 -1.14 12.75 0.07
CA MET A 25 -1.92 13.91 -0.34
C MET A 25 -1.11 15.19 -0.19
N LYS A 26 0.07 15.07 0.43
CA LYS A 26 0.94 16.22 0.63
C LYS A 26 2.02 16.29 -0.44
N GLN A 27 2.53 15.12 -0.83
CA GLN A 27 3.56 15.04 -1.86
C GLN A 27 3.98 13.61 -2.11
N VAL A 28 4.87 13.41 -3.08
CA VAL A 28 5.35 12.07 -3.42
C VAL A 28 6.82 11.90 -3.05
N VAL A 29 7.11 10.88 -2.24
CA VAL A 29 8.47 10.62 -1.83
C VAL A 29 8.83 9.14 -2.01
N PRO A 30 10.12 8.88 -2.25
CA PRO A 30 10.61 7.51 -2.46
C PRO A 30 10.59 6.68 -1.17
N ALA A 31 10.52 5.36 -1.33
CA ALA A 31 10.49 4.47 -0.18
C ALA A 31 11.27 3.19 -0.46
N LYS A 32 11.98 2.70 0.55
CA LYS A 32 12.76 1.48 0.41
C LYS A 32 12.10 0.31 1.13
N ALA A 33 11.99 -0.82 0.44
CA ALA A 33 11.38 -2.01 1.02
C ALA A 33 12.42 -3.06 1.33
N VAL A 34 12.57 -3.39 2.61
CA VAL A 34 13.54 -4.40 3.04
C VAL A 34 12.85 -5.71 3.37
N CYS A 35 13.58 -6.81 3.20
CA CYS A 35 13.04 -8.13 3.49
C CYS A 35 12.46 -8.19 4.90
N GLY A 36 11.14 -8.29 4.98
CA GLY A 36 10.48 -8.35 6.27
C GLY A 36 10.02 -6.98 6.75
N SER A 37 9.91 -6.04 5.83
CA SER A 37 9.48 -4.68 6.18
C SER A 37 8.01 -4.47 5.84
N THR A 38 7.42 -3.43 6.41
CA THR A 38 6.03 -3.11 6.18
C THR A 38 5.84 -1.64 5.80
N VAL A 39 4.78 -1.35 5.06
CA VAL A 39 4.49 0.01 4.64
C VAL A 39 4.59 0.98 5.81
N LEU A 40 3.74 0.76 6.82
CA LEU A 40 3.73 1.61 8.00
C LEU A 40 5.12 1.71 8.62
N ASP A 41 5.88 0.62 8.54
CA ASP A 41 7.22 0.58 9.10
C ASP A 41 8.18 1.41 8.24
N VAL A 42 7.86 1.55 6.96
CA VAL A 42 8.69 2.31 6.03
C VAL A 42 8.48 3.82 6.23
N ALA A 43 7.23 4.22 6.35
CA ALA A 43 6.89 5.63 6.53
C ALA A 43 7.69 6.23 7.69
N HIS A 44 8.01 5.39 8.67
CA HIS A 44 8.77 5.83 9.84
C HIS A 44 10.22 6.12 9.47
N LYS A 45 10.77 5.31 8.56
CA LYS A 45 12.14 5.47 8.13
C LYS A 45 12.26 6.60 7.09
N ASN A 46 11.34 6.60 6.13
CA ASN A 46 11.34 7.61 5.08
C ASN A 46 10.89 8.96 5.63
N GLY A 47 10.11 8.92 6.71
CA GLY A 47 9.63 10.15 7.33
C GLY A 47 8.17 10.43 6.98
N VAL A 48 7.65 9.71 6.01
CA VAL A 48 6.27 9.88 5.59
C VAL A 48 5.31 9.79 6.77
N ASP A 49 4.80 10.95 7.19
CA ASP A 49 3.87 11.00 8.32
C ASP A 49 2.46 10.66 7.87
N LEU A 50 2.17 9.37 7.76
CA LEU A 50 0.85 8.90 7.35
C LEU A 50 0.38 7.75 8.23
N GLU A 51 -0.57 8.04 9.12
CA GLU A 51 -1.10 7.02 10.02
C GLU A 51 -1.64 5.83 9.23
N GLY A 52 -1.22 4.62 9.63
CA GLY A 52 -1.67 3.42 8.96
C GLY A 52 -1.37 2.17 9.75
N ALA A 53 -1.27 2.32 11.08
CA ALA A 53 -0.98 1.18 11.95
C ALA A 53 -2.21 0.30 12.13
N CYS A 54 -2.00 -0.95 12.52
CA CYS A 54 -3.08 -1.89 12.73
C CYS A 54 -3.51 -1.91 14.20
N GLU A 55 -3.87 -0.74 14.71
CA GLU A 55 -4.31 -0.62 16.10
C GLU A 55 -4.78 0.80 16.41
N GLY A 56 -5.82 0.91 17.22
CA GLY A 56 -6.35 2.21 17.58
C GLY A 56 -7.84 2.19 17.83
N ASN A 57 -8.62 2.54 16.81
CA ASN A 57 -10.07 2.55 16.93
C ASN A 57 -10.61 1.17 17.27
N LEU A 58 -11.93 1.06 17.39
CA LEU A 58 -12.56 -0.21 17.71
C LEU A 58 -12.11 -1.31 16.74
N ALA A 59 -11.77 -0.91 15.52
CA ALA A 59 -11.32 -1.85 14.51
C ALA A 59 -10.43 -1.16 13.48
N CYS A 60 -9.42 -1.88 13.00
CA CYS A 60 -8.50 -1.33 12.00
C CYS A 60 -9.23 -1.05 10.69
N SER A 61 -9.63 0.21 10.51
CA SER A 61 -10.34 0.61 9.30
C SER A 61 -9.39 1.29 8.31
N THR A 62 -8.11 0.91 8.38
CA THR A 62 -7.10 1.48 7.50
C THR A 62 -6.47 0.41 6.61
N CYS A 63 -7.22 -0.66 6.39
CA CYS A 63 -6.74 -1.77 5.57
C CYS A 63 -6.89 -1.44 4.09
N HIS A 64 -7.85 -0.56 3.78
CA HIS A 64 -8.11 -0.17 2.40
C HIS A 64 -7.17 0.97 1.97
N VAL A 65 -6.29 0.68 1.04
CA VAL A 65 -5.33 1.68 0.55
C VAL A 65 -5.36 1.77 -0.98
N ILE A 66 -4.93 2.91 -1.50
CA ILE A 66 -4.91 3.12 -2.94
C ILE A 66 -3.58 2.67 -3.54
N LEU A 67 -3.66 1.99 -4.69
CA LEU A 67 -2.46 1.51 -5.37
C LEU A 67 -2.43 1.97 -6.82
N GLU A 68 -1.24 1.98 -7.41
CA GLU A 68 -1.09 2.40 -8.81
C GLU A 68 -2.12 1.71 -9.69
N GLU A 69 -2.63 2.44 -10.68
CA GLU A 69 -3.61 1.90 -11.60
C GLU A 69 -3.07 0.67 -12.32
N PRO A 70 -1.97 0.85 -13.05
CA PRO A 70 -1.32 -0.22 -13.81
C PRO A 70 -0.66 -1.25 -12.90
N LEU A 71 0.11 -0.78 -11.93
CA LEU A 71 0.79 -1.66 -10.99
C LEU A 71 -0.19 -2.64 -10.35
N TYR A 72 -1.31 -2.12 -9.87
CA TYR A 72 -2.33 -2.94 -9.22
C TYR A 72 -2.95 -3.91 -10.22
N ARG A 73 -3.40 -3.36 -11.35
CA ARG A 73 -4.03 -4.17 -12.39
C ARG A 73 -3.12 -5.32 -12.81
N LYS A 74 -1.81 -5.10 -12.70
CA LYS A 74 -0.83 -6.11 -13.07
C LYS A 74 -0.75 -7.19 -12.00
N LEU A 75 -0.55 -6.78 -10.75
CA LEU A 75 -0.46 -7.72 -9.64
C LEU A 75 -1.77 -8.48 -9.46
N GLY A 76 -2.86 -7.90 -9.95
CA GLY A 76 -4.15 -8.55 -9.84
C GLY A 76 -5.28 -7.55 -9.70
N GLU A 77 -6.47 -7.94 -10.17
CA GLU A 77 -7.64 -7.08 -10.09
C GLU A 77 -8.84 -7.83 -9.53
N PRO A 78 -9.81 -7.07 -9.00
CA PRO A 78 -11.03 -7.65 -8.42
C PRO A 78 -11.95 -8.24 -9.48
N SER A 79 -13.15 -8.63 -9.06
CA SER A 79 -14.12 -9.22 -9.97
C SER A 79 -15.31 -8.28 -10.18
N ASP A 80 -16.29 -8.75 -10.95
CA ASP A 80 -17.48 -7.95 -11.23
C ASP A 80 -18.16 -7.51 -9.94
N LYS A 81 -18.29 -8.45 -9.00
CA LYS A 81 -18.93 -8.15 -7.72
C LYS A 81 -18.26 -6.95 -7.05
N GLU A 82 -16.96 -7.07 -6.79
CA GLU A 82 -16.21 -5.99 -6.14
C GLU A 82 -16.21 -4.74 -7.01
N TYR A 83 -16.32 -4.93 -8.32
CA TYR A 83 -16.32 -3.83 -9.26
C TYR A 83 -17.53 -2.91 -9.01
N ASP A 84 -18.71 -3.49 -9.04
CA ASP A 84 -19.94 -2.73 -8.82
C ASP A 84 -20.01 -2.24 -7.37
N LEU A 85 -19.62 -3.09 -6.43
CA LEU A 85 -19.65 -2.73 -5.01
C LEU A 85 -18.86 -1.45 -4.76
N ILE A 86 -17.63 -1.41 -5.24
CA ILE A 86 -16.77 -0.24 -5.06
C ILE A 86 -17.22 0.90 -5.98
N ASP A 87 -17.68 0.54 -7.17
CA ASP A 87 -18.14 1.54 -8.14
C ASP A 87 -19.30 2.35 -7.57
N GLN A 88 -19.97 1.80 -6.55
CA GLN A 88 -21.09 2.48 -5.92
C GLN A 88 -20.62 3.61 -5.02
N ALA A 89 -19.38 3.52 -4.56
CA ALA A 89 -18.81 4.55 -3.70
C ALA A 89 -18.28 5.73 -4.51
N PHE A 90 -18.30 6.91 -3.91
CA PHE A 90 -17.83 8.12 -4.58
C PHE A 90 -16.31 8.08 -4.78
N GLY A 91 -15.89 8.14 -6.04
CA GLY A 91 -14.47 8.11 -6.34
C GLY A 91 -13.76 6.95 -5.69
N ALA A 92 -14.38 5.77 -5.75
CA ALA A 92 -13.80 4.57 -5.16
C ALA A 92 -13.38 3.57 -6.24
N THR A 93 -12.17 3.04 -6.11
CA THR A 93 -11.65 2.08 -7.08
C THR A 93 -11.17 0.81 -6.38
N GLY A 94 -11.20 -0.30 -7.11
CA GLY A 94 -10.75 -1.57 -6.55
C GLY A 94 -9.34 -1.49 -6.00
N THR A 95 -8.54 -0.59 -6.55
CA THR A 95 -7.16 -0.43 -6.10
C THR A 95 -7.09 0.27 -4.75
N SER A 96 -8.25 0.63 -4.23
CA SER A 96 -8.33 1.31 -2.93
C SER A 96 -8.46 0.31 -1.79
N ARG A 97 -8.78 -0.94 -2.14
CA ARG A 97 -8.94 -1.99 -1.16
C ARG A 97 -7.71 -2.90 -1.13
N LEU A 98 -7.55 -3.64 -0.04
CA LEU A 98 -6.42 -4.55 0.12
C LEU A 98 -6.53 -5.34 1.42
N GLY A 99 -6.47 -6.66 1.32
CA GLY A 99 -6.55 -7.50 2.50
C GLY A 99 -5.42 -7.24 3.47
N CYS A 100 -5.27 -8.14 4.44
CA CYS A 100 -4.22 -8.01 5.45
C CYS A 100 -2.92 -8.69 4.98
N GLN A 101 -2.52 -8.37 3.75
CA GLN A 101 -1.30 -8.95 3.18
C GLN A 101 -0.39 -7.86 2.63
N LEU A 102 -0.26 -6.77 3.37
CA LEU A 102 0.58 -5.65 2.95
C LEU A 102 2.06 -5.97 3.20
N ARG A 103 2.57 -6.97 2.48
CA ARG A 103 3.96 -7.37 2.62
C ARG A 103 4.75 -6.98 1.37
N VAL A 104 6.07 -6.87 1.53
CA VAL A 104 6.95 -6.52 0.41
C VAL A 104 7.25 -7.72 -0.47
N ASP A 105 7.01 -7.58 -1.77
CA ASP A 105 7.25 -8.66 -2.71
C ASP A 105 7.94 -8.13 -3.97
N LYS A 106 8.55 -9.04 -4.73
CA LYS A 106 9.24 -8.67 -5.95
C LYS A 106 8.30 -7.93 -6.91
N SER A 107 7.04 -8.35 -6.93
CA SER A 107 6.05 -7.73 -7.80
C SER A 107 5.81 -6.28 -7.39
N PHE A 108 6.15 -5.95 -6.15
CA PHE A 108 5.97 -4.59 -5.64
C PHE A 108 7.14 -3.71 -6.02
N GLU A 109 8.08 -4.27 -6.77
CA GLU A 109 9.27 -3.54 -7.21
C GLU A 109 8.87 -2.29 -7.98
N ASN A 110 9.34 -1.14 -7.53
CA ASN A 110 9.04 0.13 -8.19
C ASN A 110 7.53 0.37 -8.21
N ALA A 111 6.82 -0.21 -7.26
CA ALA A 111 5.38 -0.06 -7.18
C ALA A 111 5.01 1.18 -6.36
N VAL A 112 4.13 2.01 -6.90
CA VAL A 112 3.69 3.22 -6.22
C VAL A 112 2.36 3.00 -5.51
N PHE A 113 2.32 3.32 -4.23
CA PHE A 113 1.11 3.15 -3.44
C PHE A 113 0.66 4.49 -2.84
N THR A 114 -0.62 4.80 -2.98
CA THR A 114 -1.18 6.03 -2.47
C THR A 114 -1.99 5.79 -1.20
N VAL A 115 -1.72 6.58 -0.16
CA VAL A 115 -2.42 6.46 1.11
C VAL A 115 -3.62 7.39 1.17
N PRO A 116 -4.77 6.86 1.60
CA PRO A 116 -6.01 7.62 1.72
C PRO A 116 -5.95 8.66 2.85
N ARG A 117 -7.12 9.18 3.22
CA ARG A 117 -7.19 10.18 4.28
C ARG A 117 -7.48 9.51 5.63
N ALA A 118 -6.44 9.42 6.46
CA ALA A 118 -6.58 8.81 7.77
C ALA A 118 -6.92 9.85 8.83
N THR A 119 -5.92 10.65 9.22
CA THR A 119 -6.10 11.68 10.22
C THR A 119 -4.85 12.52 10.38
N LYS A 120 -4.96 13.59 11.18
CA LYS A 120 -3.83 14.48 11.42
C LYS A 120 -2.69 13.74 12.11
N ASN A 121 -1.67 14.48 12.53
CA ASN A 121 -0.52 13.89 13.21
C ASN A 121 0.10 14.89 14.19
N MET A 122 1.14 14.45 14.89
CA MET A 122 1.82 15.31 15.85
C MET A 122 3.34 15.28 15.64
N ALA A 123 4.01 16.31 16.12
CA ALA A 123 5.47 16.40 15.97
C ALA A 123 6.01 17.62 16.71
N VAL A 124 7.34 17.73 16.76
CA VAL A 124 7.98 18.84 17.45
C VAL A 124 8.61 19.81 16.45
N ASP A 125 8.51 21.10 16.74
CA ASP A 125 9.07 22.12 15.87
C ASP A 125 8.95 23.51 16.50
N GLY A 126 9.54 24.51 15.86
CA GLY A 126 9.49 25.85 16.38
C GLY A 126 10.45 26.79 15.66
N PHE A 127 11.73 26.61 15.89
CA PHE A 127 12.75 27.45 15.26
C PHE A 127 12.55 27.49 13.75
N LYS A 128 12.24 28.67 13.23
CA LYS A 128 12.02 28.86 11.81
C LYS A 128 11.80 30.33 11.48
N PRO A 129 12.88 31.12 11.56
CA PRO A 129 12.84 32.55 11.27
C PRO A 129 12.62 32.84 9.79
N LYS A 130 13.41 32.17 8.94
CA LYS A 130 13.30 32.36 7.50
C LYS A 130 14.24 31.39 6.77
N PRO A 131 13.86 30.11 6.74
CA PRO A 131 14.65 29.07 6.07
C PRO A 131 14.63 29.21 4.55
N HIS A 132 15.81 29.35 3.96
CA HIS A 132 15.91 29.49 2.51
C HIS A 132 15.26 28.31 1.80
N GLY A 1 32.83 9.36 -1.51
CA GLY A 1 31.39 9.48 -1.40
C GLY A 1 30.82 8.71 -0.24
N PRO A 2 29.54 8.97 0.09
CA PRO A 2 28.85 8.30 1.19
C PRO A 2 28.57 6.83 0.90
N GLY A 3 28.08 6.11 1.89
CA GLY A 3 27.77 4.71 1.72
C GLY A 3 27.38 4.03 3.02
N SER A 4 26.08 3.95 3.28
CA SER A 4 25.58 3.33 4.50
C SER A 4 24.48 2.31 4.18
N MET A 5 24.58 1.14 4.78
CA MET A 5 23.60 0.08 4.56
C MET A 5 23.41 -0.77 5.83
N ASP A 6 22.16 -1.05 6.16
CA ASP A 6 21.85 -1.84 7.34
C ASP A 6 21.88 -3.33 7.02
N MET A 7 21.91 -4.16 8.06
CA MET A 7 21.95 -5.61 7.89
C MET A 7 20.78 -6.08 7.03
N PHE A 8 20.80 -7.35 6.65
CA PHE A 8 19.74 -7.93 5.83
C PHE A 8 19.42 -9.35 6.28
N SER A 9 18.13 -9.70 6.25
CA SER A 9 17.69 -11.03 6.65
C SER A 9 16.63 -11.56 5.70
N ALA A 10 16.71 -12.85 5.38
CA ALA A 10 15.75 -13.48 4.49
C ALA A 10 15.20 -14.76 5.10
N PRO A 11 14.38 -14.61 6.14
CA PRO A 11 13.76 -15.75 6.84
C PRO A 11 12.70 -16.44 6.00
N ASP A 12 12.12 -15.69 5.06
CA ASP A 12 11.09 -16.23 4.17
C ASP A 12 11.58 -16.27 2.73
N ARG A 13 12.89 -16.34 2.56
CA ARG A 13 13.49 -16.38 1.22
C ARG A 13 13.09 -15.15 0.41
N ILE A 14 13.34 -13.98 0.97
CA ILE A 14 13.00 -12.73 0.29
C ILE A 14 14.07 -12.35 -0.73
N PRO A 15 13.62 -11.98 -1.94
CA PRO A 15 14.52 -11.59 -3.03
C PRO A 15 15.21 -10.25 -2.77
N GLU A 16 15.90 -9.74 -3.78
CA GLU A 16 16.61 -8.46 -3.65
C GLU A 16 15.67 -7.38 -3.14
N GLN A 17 16.24 -6.34 -2.53
CA GLN A 17 15.45 -5.24 -2.00
C GLN A 17 14.93 -4.35 -3.12
N ILE A 18 13.88 -3.59 -2.82
CA ILE A 18 13.28 -2.70 -3.81
C ILE A 18 12.89 -1.36 -3.18
N ARG A 19 12.39 -0.45 -4.00
CA ARG A 19 11.98 0.87 -3.53
C ARG A 19 10.53 1.15 -3.90
N ILE A 20 9.76 1.58 -2.91
CA ILE A 20 8.34 1.89 -3.13
C ILE A 20 8.07 3.38 -2.94
N PHE A 21 6.92 3.83 -3.45
CA PHE A 21 6.55 5.24 -3.33
C PHE A 21 5.30 5.39 -2.46
N PHE A 22 5.33 6.38 -1.57
CA PHE A 22 4.20 6.64 -0.69
C PHE A 22 3.44 7.88 -1.12
N LYS A 23 2.24 7.68 -1.66
CA LYS A 23 1.40 8.79 -2.11
C LYS A 23 0.40 9.19 -1.04
N THR A 24 0.28 10.50 -0.81
CA THR A 24 -0.66 11.01 0.19
C THR A 24 -1.61 12.02 -0.42
N MET A 25 -2.49 12.58 0.41
CA MET A 25 -3.46 13.57 -0.05
C MET A 25 -2.79 14.92 -0.27
N LYS A 26 -1.54 15.02 0.14
CA LYS A 26 -0.78 16.27 -0.01
C LYS A 26 0.27 16.14 -1.10
N GLN A 27 0.89 14.96 -1.18
CA GLN A 27 1.92 14.71 -2.18
C GLN A 27 2.48 13.31 -2.04
N VAL A 28 3.37 12.93 -2.96
CA VAL A 28 3.99 11.61 -2.94
C VAL A 28 5.47 11.69 -2.56
N VAL A 29 5.90 10.80 -1.69
CA VAL A 29 7.29 10.77 -1.24
C VAL A 29 7.90 9.39 -1.43
N PRO A 30 9.21 9.34 -1.67
CA PRO A 30 9.94 8.08 -1.86
C PRO A 30 10.05 7.27 -0.57
N ALA A 31 10.12 5.96 -0.72
CA ALA A 31 10.23 5.07 0.44
C ALA A 31 11.04 3.81 0.10
N LYS A 32 12.18 3.66 0.75
CA LYS A 32 13.04 2.50 0.51
C LYS A 32 12.45 1.24 1.15
N ALA A 33 12.40 0.17 0.36
CA ALA A 33 11.86 -1.10 0.85
C ALA A 33 12.98 -2.11 1.09
N VAL A 34 12.99 -2.70 2.28
CA VAL A 34 14.00 -3.69 2.63
C VAL A 34 13.40 -5.10 2.66
N CYS A 35 14.22 -6.08 2.30
CA CYS A 35 13.77 -7.48 2.29
C CYS A 35 13.16 -7.86 3.63
N GLY A 36 11.86 -8.14 3.63
CA GLY A 36 11.18 -8.51 4.84
C GLY A 36 10.77 -7.31 5.67
N SER A 37 10.61 -6.17 5.02
CA SER A 37 10.22 -4.94 5.71
C SER A 37 8.72 -4.70 5.62
N THR A 38 8.21 -3.82 6.48
CA THR A 38 6.78 -3.51 6.49
C THR A 38 6.55 -2.03 6.25
N VAL A 39 5.30 -1.67 5.94
CA VAL A 39 4.94 -0.28 5.68
C VAL A 39 5.40 0.62 6.82
N LEU A 40 4.96 0.30 8.04
CA LEU A 40 5.33 1.09 9.21
C LEU A 40 6.85 1.16 9.35
N ASP A 41 7.53 0.08 9.00
CA ASP A 41 8.99 0.03 9.08
C ASP A 41 9.63 0.89 8.00
N VAL A 42 8.91 1.06 6.89
CA VAL A 42 9.42 1.85 5.78
C VAL A 42 9.30 3.34 6.07
N ALA A 43 8.18 3.73 6.67
CA ALA A 43 7.95 5.14 7.01
C ALA A 43 9.08 5.69 7.87
N HIS A 44 9.70 4.82 8.65
CA HIS A 44 10.80 5.22 9.53
C HIS A 44 12.07 5.46 8.71
N LYS A 45 12.16 4.81 7.56
CA LYS A 45 13.32 4.95 6.68
C LYS A 45 13.29 6.28 5.94
N ASN A 46 12.18 6.54 5.24
CA ASN A 46 12.02 7.77 4.49
C ASN A 46 11.66 8.93 5.41
N GLY A 47 11.29 8.61 6.64
CA GLY A 47 10.93 9.64 7.60
C GLY A 47 9.44 9.92 7.62
N VAL A 48 8.73 9.42 6.62
CA VAL A 48 7.29 9.62 6.52
C VAL A 48 6.57 9.12 7.77
N ASP A 49 5.54 9.84 8.18
CA ASP A 49 4.76 9.46 9.36
C ASP A 49 3.33 9.10 8.98
N LEU A 50 3.14 7.88 8.51
CA LEU A 50 1.81 7.42 8.11
C LEU A 50 1.04 6.87 9.30
N GLU A 51 -0.04 7.54 9.66
CA GLU A 51 -0.87 7.11 10.80
C GLU A 51 -1.62 5.83 10.46
N GLY A 52 -1.27 4.75 11.16
CA GLY A 52 -1.92 3.47 10.92
C GLY A 52 -1.62 2.46 12.01
N ALA A 53 -2.50 2.37 12.99
CA ALA A 53 -2.32 1.42 14.10
C ALA A 53 -3.63 0.70 14.41
N CYS A 54 -3.57 -0.63 14.41
CA CYS A 54 -4.74 -1.45 14.69
C CYS A 54 -4.49 -2.37 15.88
N GLU A 55 -4.51 -1.80 17.08
CA GLU A 55 -4.29 -2.58 18.30
C GLU A 55 -5.54 -2.63 19.17
N GLY A 56 -6.36 -1.59 19.05
CA GLY A 56 -7.59 -1.53 19.83
C GLY A 56 -8.66 -0.68 19.16
N ASN A 57 -8.29 0.55 18.80
CA ASN A 57 -9.24 1.46 18.16
C ASN A 57 -9.70 0.89 16.82
N LEU A 58 -10.50 1.68 16.10
CA LEU A 58 -11.03 1.27 14.80
C LEU A 58 -9.90 0.80 13.89
N ALA A 59 -10.26 0.14 12.80
CA ALA A 59 -9.28 -0.36 11.84
C ALA A 59 -8.35 0.76 11.37
N CYS A 60 -7.10 0.42 11.10
CA CYS A 60 -6.12 1.40 10.65
C CYS A 60 -6.19 1.57 9.13
N SER A 61 -5.22 2.28 8.58
CA SER A 61 -5.17 2.52 7.14
C SER A 61 -4.12 1.65 6.47
N THR A 62 -4.21 0.34 6.70
CA THR A 62 -3.26 -0.60 6.13
C THR A 62 -3.95 -1.55 5.15
N CYS A 63 -5.18 -1.91 5.46
CA CYS A 63 -5.95 -2.81 4.61
C CYS A 63 -6.62 -2.04 3.46
N HIS A 64 -7.57 -1.19 3.81
CA HIS A 64 -8.28 -0.40 2.81
C HIS A 64 -7.42 0.78 2.34
N VAL A 65 -6.47 0.50 1.46
CA VAL A 65 -5.58 1.53 0.93
C VAL A 65 -5.55 1.50 -0.59
N ILE A 66 -5.17 2.62 -1.19
CA ILE A 66 -5.10 2.73 -2.64
C ILE A 66 -3.71 2.33 -3.15
N LEU A 67 -3.68 1.46 -4.16
CA LEU A 67 -2.42 1.01 -4.74
C LEU A 67 -2.41 1.23 -6.24
N GLU A 68 -1.22 1.17 -6.83
CA GLU A 68 -1.06 1.36 -8.27
C GLU A 68 -2.19 0.67 -9.03
N GLU A 69 -2.71 1.34 -10.06
CA GLU A 69 -3.79 0.79 -10.86
C GLU A 69 -3.36 -0.51 -11.53
N PRO A 70 -2.29 -0.43 -12.34
CA PRO A 70 -1.75 -1.59 -13.06
C PRO A 70 -1.09 -2.60 -12.12
N LEU A 71 -0.22 -2.11 -11.25
CA LEU A 71 0.48 -2.96 -10.30
C LEU A 71 -0.50 -3.83 -9.52
N TYR A 72 -1.55 -3.20 -8.99
CA TYR A 72 -2.55 -3.91 -8.22
C TYR A 72 -3.31 -4.90 -9.10
N ARG A 73 -3.82 -4.42 -10.24
CA ARG A 73 -4.55 -5.26 -11.17
C ARG A 73 -3.72 -6.44 -11.62
N LYS A 74 -2.40 -6.27 -11.60
CA LYS A 74 -1.48 -7.32 -12.02
C LYS A 74 -1.36 -8.39 -10.93
N LEU A 75 -1.02 -7.96 -9.73
CA LEU A 75 -0.87 -8.88 -8.60
C LEU A 75 -2.19 -9.56 -8.28
N GLY A 76 -3.30 -8.94 -8.70
CA GLY A 76 -4.61 -9.50 -8.45
C GLY A 76 -5.65 -8.43 -8.19
N GLU A 77 -6.86 -8.67 -8.68
CA GLU A 77 -7.95 -7.71 -8.51
C GLU A 77 -9.24 -8.43 -8.09
N PRO A 78 -10.15 -7.67 -7.46
CA PRO A 78 -11.43 -8.21 -6.99
C PRO A 78 -12.37 -8.56 -8.14
N SER A 79 -13.31 -9.46 -7.87
CA SER A 79 -14.27 -9.88 -8.89
C SER A 79 -15.06 -8.68 -9.43
N ASP A 80 -15.60 -8.84 -10.63
CA ASP A 80 -16.37 -7.78 -11.27
C ASP A 80 -17.45 -7.26 -10.33
N LYS A 81 -18.03 -8.17 -9.55
CA LYS A 81 -19.09 -7.81 -8.61
C LYS A 81 -18.65 -6.66 -7.71
N GLU A 82 -17.60 -6.89 -6.92
CA GLU A 82 -17.08 -5.88 -6.01
C GLU A 82 -16.48 -4.72 -6.80
N TYR A 83 -15.84 -5.03 -7.92
CA TYR A 83 -15.21 -4.02 -8.75
C TYR A 83 -16.22 -2.96 -9.18
N ASP A 84 -17.30 -3.40 -9.81
CA ASP A 84 -18.34 -2.49 -10.27
C ASP A 84 -19.00 -1.76 -9.08
N LEU A 85 -19.23 -2.50 -8.00
CA LEU A 85 -19.84 -1.94 -6.81
C LEU A 85 -19.02 -0.76 -6.28
N ILE A 86 -17.70 -0.88 -6.36
CA ILE A 86 -16.81 0.17 -5.90
C ILE A 86 -16.78 1.34 -6.87
N ASP A 87 -16.84 1.02 -8.16
CA ASP A 87 -16.83 2.05 -9.20
C ASP A 87 -17.96 3.06 -8.98
N GLN A 88 -18.98 2.65 -8.26
CA GLN A 88 -20.12 3.51 -7.97
C GLN A 88 -19.76 4.55 -6.92
N ALA A 89 -18.85 4.19 -6.02
CA ALA A 89 -18.42 5.10 -4.97
C ALA A 89 -17.49 6.17 -5.50
N PHE A 90 -17.77 7.42 -5.16
CA PHE A 90 -16.96 8.55 -5.61
C PHE A 90 -15.50 8.34 -5.25
N GLY A 91 -14.62 8.51 -6.24
CA GLY A 91 -13.20 8.33 -6.00
C GLY A 91 -12.87 7.01 -5.35
N ALA A 92 -13.58 5.96 -5.77
CA ALA A 92 -13.36 4.63 -5.23
C ALA A 92 -12.87 3.66 -6.30
N THR A 93 -12.10 2.65 -5.88
CA THR A 93 -11.57 1.67 -6.81
C THR A 93 -11.16 0.40 -6.08
N GLY A 94 -11.19 -0.73 -6.80
CA GLY A 94 -10.82 -1.99 -6.19
C GLY A 94 -9.43 -1.97 -5.58
N THR A 95 -8.57 -1.11 -6.12
CA THR A 95 -7.20 -1.00 -5.63
C THR A 95 -7.16 -0.26 -4.30
N SER A 96 -8.32 0.16 -3.82
CA SER A 96 -8.42 0.87 -2.55
C SER A 96 -8.57 -0.10 -1.39
N ARG A 97 -8.87 -1.36 -1.71
CA ARG A 97 -9.04 -2.39 -0.70
C ARG A 97 -8.48 -3.72 -1.17
N LEU A 98 -7.68 -4.36 -0.33
CA LEU A 98 -7.07 -5.65 -0.65
C LEU A 98 -7.19 -6.62 0.51
N GLY A 99 -6.54 -6.29 1.62
CA GLY A 99 -6.59 -7.16 2.79
C GLY A 99 -5.56 -6.78 3.83
N CYS A 100 -5.48 -7.55 4.90
CA CYS A 100 -4.53 -7.30 5.97
C CYS A 100 -3.23 -8.05 5.73
N GLN A 101 -2.18 -7.31 5.41
CA GLN A 101 -0.87 -7.90 5.14
C GLN A 101 0.23 -6.84 5.19
N LEU A 102 1.33 -7.16 5.86
CA LEU A 102 2.44 -6.23 5.98
C LEU A 102 3.75 -6.91 5.55
N ARG A 103 4.00 -6.90 4.24
CA ARG A 103 5.21 -7.50 3.69
C ARG A 103 5.62 -6.82 2.39
N VAL A 104 6.92 -6.75 2.15
CA VAL A 104 7.43 -6.12 0.94
C VAL A 104 8.05 -7.16 0.00
N ASP A 105 7.67 -7.09 -1.26
CA ASP A 105 8.17 -8.02 -2.26
C ASP A 105 8.54 -7.28 -3.55
N LYS A 106 9.26 -7.99 -4.44
CA LYS A 106 9.67 -7.40 -5.71
C LYS A 106 8.46 -6.94 -6.52
N SER A 107 7.30 -7.50 -6.21
CA SER A 107 6.07 -7.15 -6.91
C SER A 107 5.72 -5.68 -6.69
N PHE A 108 6.11 -5.16 -5.53
CA PHE A 108 5.84 -3.77 -5.19
C PHE A 108 6.97 -2.87 -5.64
N GLU A 109 7.91 -3.43 -6.38
CA GLU A 109 9.06 -2.68 -6.88
C GLU A 109 8.60 -1.49 -7.73
N ASN A 110 9.02 -0.29 -7.32
CA ASN A 110 8.65 0.93 -8.04
C ASN A 110 7.14 1.10 -8.06
N ALA A 111 6.46 0.52 -7.09
CA ALA A 111 5.02 0.62 -6.98
C ALA A 111 4.59 1.88 -6.25
N VAL A 112 3.33 2.26 -6.40
CA VAL A 112 2.80 3.45 -5.75
C VAL A 112 1.76 3.08 -4.70
N PHE A 113 1.98 3.56 -3.47
CA PHE A 113 1.05 3.27 -2.38
C PHE A 113 0.33 4.55 -1.94
N THR A 114 -0.86 4.75 -2.48
CA THR A 114 -1.66 5.94 -2.15
C THR A 114 -2.57 5.66 -0.95
N VAL A 115 -2.53 6.58 0.02
CA VAL A 115 -3.35 6.43 1.21
C VAL A 115 -4.56 7.37 1.18
N PRO A 116 -5.74 6.84 1.50
CA PRO A 116 -6.98 7.61 1.50
C PRO A 116 -7.03 8.63 2.64
N ARG A 117 -6.56 8.23 3.82
CA ARG A 117 -6.53 9.11 4.98
C ARG A 117 -5.18 9.07 5.67
N ALA A 118 -4.57 10.24 5.82
CA ALA A 118 -3.26 10.34 6.47
C ALA A 118 -2.98 11.78 6.91
N THR A 119 -1.74 12.02 7.32
CA THR A 119 -1.34 13.35 7.78
C THR A 119 0.06 13.69 7.29
N LYS A 120 0.27 14.96 6.95
CA LYS A 120 1.58 15.42 6.48
C LYS A 120 1.58 16.93 6.30
N ASN A 121 2.77 17.53 6.29
CA ASN A 121 2.92 18.97 6.13
C ASN A 121 3.89 19.28 4.99
N MET A 122 3.47 19.00 3.77
CA MET A 122 4.31 19.25 2.60
C MET A 122 3.46 19.75 1.42
N ALA A 123 4.08 19.82 0.25
CA ALA A 123 3.39 20.27 -0.95
C ALA A 123 4.30 20.22 -2.16
N VAL A 124 3.97 19.35 -3.12
CA VAL A 124 4.75 19.21 -4.33
C VAL A 124 4.07 18.25 -5.31
N ASP A 125 4.31 18.47 -6.60
CA ASP A 125 3.73 17.64 -7.64
C ASP A 125 4.81 17.05 -8.55
N GLY A 126 4.58 15.84 -9.04
CA GLY A 126 5.54 15.20 -9.91
C GLY A 126 5.28 13.71 -10.07
N PHE A 127 5.27 13.25 -11.31
CA PHE A 127 5.03 11.84 -11.60
C PHE A 127 6.21 11.22 -12.34
N LYS A 128 6.03 9.99 -12.79
CA LYS A 128 7.08 9.28 -13.52
C LYS A 128 6.61 7.90 -13.96
N PRO A 129 7.26 7.35 -15.00
CA PRO A 129 6.92 6.03 -15.53
C PRO A 129 7.29 4.90 -14.57
N LYS A 130 6.62 3.77 -14.72
CA LYS A 130 6.88 2.62 -13.87
C LYS A 130 6.07 1.40 -14.33
N PRO A 131 6.46 0.84 -15.48
CA PRO A 131 5.78 -0.33 -16.07
C PRO A 131 6.03 -1.60 -15.26
N HIS A 132 7.06 -1.57 -14.42
CA HIS A 132 7.41 -2.72 -13.59
C HIS A 132 7.41 -2.34 -12.11
N GLY A 1 21.73 -19.56 4.63
CA GLY A 1 21.10 -19.32 3.35
C GLY A 1 22.10 -19.11 2.24
N PRO A 2 21.60 -19.00 1.00
CA PRO A 2 22.45 -18.79 -0.18
C PRO A 2 23.06 -17.40 -0.21
N GLY A 3 24.03 -17.20 -1.10
CA GLY A 3 24.69 -15.91 -1.22
C GLY A 3 24.72 -15.41 -2.64
N SER A 4 23.57 -15.42 -3.31
CA SER A 4 23.47 -14.97 -4.69
C SER A 4 22.03 -14.64 -5.05
N MET A 5 21.82 -14.20 -6.29
CA MET A 5 20.48 -13.86 -6.77
C MET A 5 20.12 -14.67 -8.01
N ASP A 6 18.86 -15.05 -8.12
CA ASP A 6 18.39 -15.83 -9.26
C ASP A 6 16.86 -15.83 -9.33
N MET A 7 16.31 -16.49 -10.33
CA MET A 7 14.87 -16.57 -10.51
C MET A 7 14.26 -17.62 -9.59
N PHE A 8 14.02 -17.24 -8.34
CA PHE A 8 13.44 -18.15 -7.36
C PHE A 8 12.07 -17.66 -6.90
N SER A 9 11.30 -18.56 -6.29
CA SER A 9 9.97 -18.22 -5.80
C SER A 9 9.99 -17.95 -4.30
N ALA A 10 10.28 -18.99 -3.52
CA ALA A 10 10.33 -18.86 -2.08
C ALA A 10 8.98 -18.40 -1.52
N PRO A 11 8.00 -19.32 -1.51
CA PRO A 11 6.65 -19.02 -1.00
C PRO A 11 6.64 -18.84 0.51
N ASP A 12 7.47 -19.60 1.21
CA ASP A 12 7.55 -19.52 2.67
C ASP A 12 8.75 -18.69 3.10
N ARG A 13 9.20 -17.81 2.22
CA ARG A 13 10.35 -16.96 2.51
C ARG A 13 10.33 -15.70 1.64
N ILE A 14 10.31 -14.54 2.29
CA ILE A 14 10.29 -13.27 1.57
C ILE A 14 11.54 -13.11 0.70
N PRO A 15 11.34 -12.71 -0.56
CA PRO A 15 12.42 -12.50 -1.52
C PRO A 15 13.29 -11.31 -1.16
N GLU A 16 14.19 -10.93 -2.07
CA GLU A 16 15.09 -9.79 -1.86
C GLU A 16 14.29 -8.54 -1.51
N GLN A 17 14.94 -7.60 -0.83
CA GLN A 17 14.30 -6.35 -0.44
C GLN A 17 14.12 -5.43 -1.63
N ILE A 18 13.00 -4.71 -1.64
CA ILE A 18 12.69 -3.79 -2.74
C ILE A 18 12.32 -2.41 -2.20
N ARG A 19 12.09 -1.47 -3.11
CA ARG A 19 11.72 -0.11 -2.74
C ARG A 19 10.31 0.22 -3.19
N ILE A 20 9.55 0.89 -2.34
CA ILE A 20 8.18 1.27 -2.65
C ILE A 20 8.03 2.79 -2.77
N PHE A 21 6.90 3.23 -3.29
CA PHE A 21 6.63 4.65 -3.46
C PHE A 21 5.49 5.10 -2.54
N PHE A 22 5.76 6.11 -1.72
CA PHE A 22 4.76 6.63 -0.80
C PHE A 22 4.02 7.82 -1.42
N LYS A 23 2.81 7.56 -1.90
CA LYS A 23 1.99 8.62 -2.51
C LYS A 23 1.01 9.20 -1.50
N THR A 24 1.01 10.52 -1.39
CA THR A 24 0.11 11.20 -0.46
C THR A 24 -0.70 12.28 -1.17
N MET A 25 -1.62 12.92 -0.44
CA MET A 25 -2.45 13.96 -1.00
C MET A 25 -1.65 15.25 -1.18
N LYS A 26 -0.43 15.26 -0.66
CA LYS A 26 0.44 16.43 -0.77
C LYS A 26 1.53 16.21 -1.81
N GLN A 27 2.05 14.98 -1.86
CA GLN A 27 3.10 14.63 -2.82
C GLN A 27 3.54 13.18 -2.64
N VAL A 28 4.45 12.74 -3.50
CA VAL A 28 4.95 11.37 -3.44
C VAL A 28 6.41 11.34 -2.98
N VAL A 29 6.76 10.29 -2.26
CA VAL A 29 8.12 10.14 -1.75
C VAL A 29 8.56 8.67 -1.79
N PRO A 30 9.75 8.43 -2.36
CA PRO A 30 10.31 7.08 -2.49
C PRO A 30 10.74 6.52 -1.14
N ALA A 31 10.15 5.38 -0.76
CA ALA A 31 10.48 4.74 0.51
C ALA A 31 10.99 3.32 0.29
N LYS A 32 12.24 3.09 0.65
CA LYS A 32 12.86 1.78 0.49
C LYS A 32 12.33 0.80 1.53
N ALA A 33 12.03 -0.42 1.10
CA ALA A 33 11.53 -1.45 2.00
C ALA A 33 12.55 -2.56 2.20
N VAL A 34 12.57 -3.13 3.40
CA VAL A 34 13.50 -4.19 3.73
C VAL A 34 12.78 -5.54 3.82
N CYS A 35 13.52 -6.62 3.55
CA CYS A 35 12.95 -7.95 3.60
C CYS A 35 12.28 -8.21 4.94
N GLY A 36 10.96 -8.29 4.94
CA GLY A 36 10.22 -8.53 6.15
C GLY A 36 9.86 -7.25 6.87
N SER A 37 9.80 -6.14 6.14
CA SER A 37 9.46 -4.85 6.71
C SER A 37 7.99 -4.54 6.51
N THR A 38 7.56 -3.39 7.05
CA THR A 38 6.17 -2.97 6.93
C THR A 38 6.07 -1.50 6.54
N VAL A 39 4.99 -1.13 5.88
CA VAL A 39 4.77 0.24 5.46
C VAL A 39 5.02 1.21 6.60
N LEU A 40 4.25 1.08 7.67
CA LEU A 40 4.39 1.95 8.84
C LEU A 40 5.82 1.94 9.35
N ASP A 41 6.49 0.79 9.22
CA ASP A 41 7.87 0.66 9.67
C ASP A 41 8.82 1.39 8.73
N VAL A 42 8.41 1.54 7.48
CA VAL A 42 9.23 2.23 6.49
C VAL A 42 9.15 3.74 6.66
N ALA A 43 7.94 4.24 6.90
CA ALA A 43 7.73 5.68 7.08
C ALA A 43 8.62 6.21 8.21
N HIS A 44 8.96 5.35 9.16
CA HIS A 44 9.81 5.74 10.28
C HIS A 44 11.25 5.92 9.84
N LYS A 45 11.63 5.20 8.78
CA LYS A 45 12.99 5.28 8.25
C LYS A 45 13.16 6.53 7.39
N ASN A 46 12.29 6.70 6.41
CA ASN A 46 12.35 7.85 5.51
C ASN A 46 11.90 9.11 6.23
N GLY A 47 11.09 8.94 7.28
CA GLY A 47 10.60 10.09 8.04
C GLY A 47 9.25 10.57 7.56
N VAL A 48 8.56 9.72 6.79
CA VAL A 48 7.24 10.05 6.28
C VAL A 48 6.23 10.17 7.41
N ASP A 49 5.24 11.06 7.23
CA ASP A 49 4.20 11.26 8.23
C ASP A 49 3.03 10.31 8.00
N LEU A 50 3.19 9.07 8.46
CA LEU A 50 2.15 8.07 8.31
C LEU A 50 1.83 7.40 9.65
N GLU A 51 0.57 7.47 10.05
CA GLU A 51 0.14 6.87 11.31
C GLU A 51 -0.86 5.74 11.06
N GLY A 52 -0.86 4.74 11.94
CA GLY A 52 -1.77 3.62 11.80
C GLY A 52 -1.66 2.64 12.95
N ALA A 53 -2.35 2.94 14.05
CA ALA A 53 -2.34 2.07 15.22
C ALA A 53 -3.12 0.78 14.97
N CYS A 54 -4.44 0.91 14.86
CA CYS A 54 -5.30 -0.24 14.63
C CYS A 54 -5.04 -1.34 15.66
N GLU A 55 -4.93 -0.95 16.92
CA GLU A 55 -4.68 -1.90 18.00
C GLU A 55 -5.85 -2.87 18.14
N GLY A 56 -7.05 -2.39 17.89
CA GLY A 56 -8.23 -3.24 18.00
C GLY A 56 -9.11 -2.86 19.16
N ASN A 57 -9.80 -1.73 19.05
CA ASN A 57 -10.68 -1.25 20.11
C ASN A 57 -12.11 -1.07 19.58
N LEU A 58 -12.23 -0.42 18.43
CA LEU A 58 -13.53 -0.17 17.83
C LEU A 58 -13.48 -0.40 16.32
N ALA A 59 -14.64 -0.64 15.73
CA ALA A 59 -14.73 -0.87 14.29
C ALA A 59 -14.08 0.28 13.51
N CYS A 60 -12.97 -0.02 12.84
CA CYS A 60 -12.26 0.99 12.06
C CYS A 60 -12.46 0.76 10.57
N SER A 61 -12.17 1.79 9.77
CA SER A 61 -12.31 1.70 8.33
C SER A 61 -11.03 2.14 7.62
N THR A 62 -10.02 1.29 7.66
CA THR A 62 -8.75 1.59 7.03
C THR A 62 -8.24 0.41 6.21
N CYS A 63 -9.17 -0.40 5.70
CA CYS A 63 -8.82 -1.56 4.90
C CYS A 63 -9.00 -1.29 3.41
N HIS A 64 -8.77 -0.03 3.02
CA HIS A 64 -8.91 0.37 1.63
C HIS A 64 -7.91 1.46 1.27
N VAL A 65 -6.96 1.12 0.40
CA VAL A 65 -5.93 2.06 -0.02
C VAL A 65 -5.84 2.13 -1.55
N ILE A 66 -5.33 3.24 -2.05
CA ILE A 66 -5.19 3.43 -3.49
C ILE A 66 -3.84 2.91 -3.97
N LEU A 67 -3.85 2.23 -5.12
CA LEU A 67 -2.63 1.69 -5.70
C LEU A 67 -2.48 2.11 -7.15
N GLU A 68 -1.25 2.08 -7.65
CA GLU A 68 -0.98 2.46 -9.03
C GLU A 68 -1.97 1.81 -9.99
N GLU A 69 -2.38 2.56 -11.00
CA GLU A 69 -3.33 2.06 -11.99
C GLU A 69 -2.81 0.79 -12.65
N PRO A 70 -1.64 0.89 -13.30
CA PRO A 70 -1.01 -0.23 -13.99
C PRO A 70 -0.47 -1.28 -13.02
N LEU A 71 0.27 -0.82 -12.02
CA LEU A 71 0.84 -1.72 -11.02
C LEU A 71 -0.24 -2.62 -10.43
N TYR A 72 -1.40 -2.05 -10.13
CA TYR A 72 -2.50 -2.80 -9.56
C TYR A 72 -3.13 -3.72 -10.60
N ARG A 73 -3.48 -3.16 -11.75
CA ARG A 73 -4.09 -3.92 -12.83
C ARG A 73 -3.25 -5.14 -13.18
N LYS A 74 -1.93 -4.98 -13.10
CA LYS A 74 -1.00 -6.07 -13.41
C LYS A 74 -0.92 -7.04 -12.24
N LEU A 75 -0.83 -6.50 -11.03
CA LEU A 75 -0.74 -7.33 -9.83
C LEU A 75 -2.00 -8.18 -9.65
N GLY A 76 -3.12 -7.68 -10.17
CA GLY A 76 -4.38 -8.40 -10.05
C GLY A 76 -5.56 -7.48 -9.91
N GLU A 77 -6.76 -8.00 -10.21
CA GLU A 77 -7.98 -7.21 -10.10
C GLU A 77 -9.08 -8.00 -9.40
N PRO A 78 -10.05 -7.28 -8.83
CA PRO A 78 -11.17 -7.89 -8.12
C PRO A 78 -12.13 -8.62 -9.06
N SER A 79 -13.24 -9.12 -8.50
CA SER A 79 -14.23 -9.83 -9.29
C SER A 79 -15.43 -8.95 -9.59
N ASP A 80 -16.45 -9.53 -10.23
CA ASP A 80 -17.65 -8.80 -10.58
C ASP A 80 -18.29 -8.18 -9.33
N LYS A 81 -18.38 -8.97 -8.27
CA LYS A 81 -18.96 -8.51 -7.02
C LYS A 81 -18.30 -7.22 -6.55
N GLU A 82 -16.98 -7.29 -6.32
CA GLU A 82 -16.23 -6.13 -5.87
C GLU A 82 -16.28 -5.00 -6.90
N TYR A 83 -16.44 -5.38 -8.16
CA TYR A 83 -16.51 -4.39 -9.25
C TYR A 83 -17.71 -3.48 -9.06
N ASP A 84 -18.90 -4.07 -8.99
CA ASP A 84 -20.13 -3.30 -8.83
C ASP A 84 -20.15 -2.61 -7.46
N LEU A 85 -19.72 -3.33 -6.43
CA LEU A 85 -19.69 -2.79 -5.08
C LEU A 85 -18.93 -1.47 -5.04
N ILE A 86 -17.71 -1.49 -5.56
CA ILE A 86 -16.86 -0.31 -5.58
C ILE A 86 -17.35 0.70 -6.62
N ASP A 87 -17.86 0.18 -7.73
CA ASP A 87 -18.36 1.03 -8.81
C ASP A 87 -19.56 1.85 -8.33
N GLN A 88 -20.15 1.44 -7.22
CA GLN A 88 -21.31 2.12 -6.66
C GLN A 88 -20.88 3.41 -5.95
N ALA A 89 -19.63 3.44 -5.50
CA ALA A 89 -19.11 4.61 -4.80
C ALA A 89 -18.64 5.66 -5.80
N PHE A 90 -18.83 6.93 -5.45
CA PHE A 90 -18.42 8.03 -6.31
C PHE A 90 -16.91 8.06 -6.47
N GLY A 91 -16.45 8.01 -7.73
CA GLY A 91 -15.04 8.02 -8.01
C GLY A 91 -14.27 6.98 -7.21
N ALA A 92 -14.82 5.78 -7.15
CA ALA A 92 -14.19 4.68 -6.42
C ALA A 92 -13.63 3.63 -7.37
N THR A 93 -12.32 3.44 -7.32
CA THR A 93 -11.66 2.47 -8.19
C THR A 93 -11.26 1.22 -7.40
N GLY A 94 -11.27 0.07 -8.07
CA GLY A 94 -10.91 -1.18 -7.42
C GLY A 94 -9.53 -1.12 -6.78
N THR A 95 -8.68 -0.23 -7.29
CA THR A 95 -7.33 -0.08 -6.77
C THR A 95 -7.34 0.64 -5.43
N SER A 96 -8.52 1.03 -4.98
CA SER A 96 -8.68 1.74 -3.71
C SER A 96 -8.92 0.76 -2.57
N ARG A 97 -9.22 -0.49 -2.93
CA ARG A 97 -9.48 -1.52 -1.94
C ARG A 97 -8.48 -2.66 -2.06
N LEU A 98 -7.92 -3.07 -0.93
CA LEU A 98 -6.94 -4.15 -0.90
C LEU A 98 -7.29 -5.19 0.15
N GLY A 99 -7.18 -4.82 1.41
CA GLY A 99 -7.50 -5.74 2.49
C GLY A 99 -7.02 -5.24 3.84
N CYS A 100 -6.54 -6.16 4.67
CA CYS A 100 -6.05 -5.81 6.00
C CYS A 100 -4.67 -6.41 6.25
N GLN A 101 -3.87 -6.50 5.18
CA GLN A 101 -2.53 -7.06 5.29
C GLN A 101 -1.55 -6.25 4.43
N LEU A 102 -0.40 -5.93 5.02
CA LEU A 102 0.63 -5.18 4.31
C LEU A 102 1.98 -5.87 4.41
N ARG A 103 2.44 -6.41 3.28
CA ARG A 103 3.72 -7.10 3.22
C ARG A 103 4.50 -6.73 1.97
N VAL A 104 5.82 -6.66 2.08
CA VAL A 104 6.67 -6.31 0.95
C VAL A 104 7.15 -7.56 0.23
N ASP A 105 6.99 -7.56 -1.09
CA ASP A 105 7.41 -8.70 -1.92
C ASP A 105 8.13 -8.22 -3.18
N LYS A 106 8.77 -9.15 -3.86
CA LYS A 106 9.50 -8.82 -5.09
C LYS A 106 8.58 -8.18 -6.11
N SER A 107 7.36 -8.72 -6.23
CA SER A 107 6.38 -8.19 -7.17
C SER A 107 6.01 -6.75 -6.83
N PHE A 108 6.32 -6.34 -5.61
CA PHE A 108 6.02 -4.99 -5.16
C PHE A 108 7.19 -4.05 -5.45
N GLU A 109 8.14 -4.53 -6.25
CA GLU A 109 9.30 -3.72 -6.61
C GLU A 109 8.88 -2.42 -7.28
N ASN A 110 9.32 -1.30 -6.71
CA ASN A 110 8.99 0.01 -7.24
C ASN A 110 7.47 0.22 -7.27
N ALA A 111 6.77 -0.47 -6.38
CA ALA A 111 5.32 -0.36 -6.30
C ALA A 111 4.91 0.97 -5.67
N VAL A 112 4.03 1.69 -6.34
CA VAL A 112 3.55 2.98 -5.84
C VAL A 112 2.16 2.86 -5.24
N PHE A 113 2.05 3.19 -3.95
CA PHE A 113 0.76 3.11 -3.26
C PHE A 113 0.35 4.48 -2.72
N THR A 114 -0.86 4.91 -3.08
CA THR A 114 -1.37 6.19 -2.63
C THR A 114 -2.34 6.03 -1.47
N VAL A 115 -2.14 6.82 -0.42
CA VAL A 115 -3.00 6.77 0.77
C VAL A 115 -4.20 7.69 0.61
N PRO A 116 -5.39 7.17 0.93
CA PRO A 116 -6.64 7.94 0.83
C PRO A 116 -6.72 9.03 1.89
N ARG A 117 -6.34 8.70 3.12
CA ARG A 117 -6.38 9.66 4.22
C ARG A 117 -5.44 10.84 3.95
N ALA A 118 -5.84 12.02 4.39
CA ALA A 118 -5.04 13.22 4.19
C ALA A 118 -3.82 13.21 5.11
N THR A 119 -2.84 14.05 4.78
CA THR A 119 -1.62 14.15 5.57
C THR A 119 -0.88 15.45 5.29
N LYS A 120 -0.40 16.09 6.36
CA LYS A 120 0.32 17.35 6.23
C LYS A 120 1.73 17.22 6.79
N ASN A 121 2.70 17.77 6.06
CA ASN A 121 4.10 17.72 6.49
C ASN A 121 4.83 19.01 6.12
N MET A 122 6.01 19.20 6.69
CA MET A 122 6.81 20.39 6.42
C MET A 122 7.13 20.49 4.93
N ALA A 123 7.89 21.53 4.58
CA ALA A 123 8.27 21.75 3.19
C ALA A 123 7.07 21.72 2.27
N VAL A 124 6.00 22.39 2.69
CA VAL A 124 4.77 22.45 1.89
C VAL A 124 5.05 22.91 0.47
N ASP A 125 4.41 22.25 -0.49
CA ASP A 125 4.59 22.59 -1.90
C ASP A 125 3.26 22.56 -2.65
N GLY A 126 3.21 23.20 -3.80
CA GLY A 126 1.99 23.23 -4.59
C GLY A 126 1.43 21.85 -4.85
N PHE A 127 0.12 21.72 -4.75
CA PHE A 127 -0.55 20.44 -4.96
C PHE A 127 -1.30 20.43 -6.29
N LYS A 128 -1.95 19.31 -6.59
CA LYS A 128 -2.71 19.17 -7.82
C LYS A 128 -3.69 18.01 -7.73
N PRO A 129 -4.75 18.05 -8.57
CA PRO A 129 -5.77 17.00 -8.60
C PRO A 129 -5.24 15.70 -9.18
N LYS A 130 -6.15 14.74 -9.41
CA LYS A 130 -5.77 13.45 -9.97
C LYS A 130 -6.73 13.03 -11.08
N PRO A 131 -6.25 12.15 -11.96
CA PRO A 131 -7.06 11.64 -13.09
C PRO A 131 -8.20 10.74 -12.62
N HIS A 132 -9.41 11.06 -13.06
CA HIS A 132 -10.59 10.28 -12.70
C HIS A 132 -10.50 8.86 -13.27
N GLY A 1 20.80 1.78 8.77
CA GLY A 1 22.16 1.57 8.31
C GLY A 1 22.32 0.27 7.54
N PRO A 2 23.52 0.05 6.98
CA PRO A 2 23.83 -1.16 6.20
C PRO A 2 23.90 -2.40 7.08
N GLY A 3 24.28 -3.52 6.47
CA GLY A 3 24.39 -4.76 7.23
C GLY A 3 24.52 -5.97 6.32
N SER A 4 23.42 -6.70 6.15
CA SER A 4 23.43 -7.90 5.30
C SER A 4 22.52 -7.70 4.09
N MET A 5 22.89 -8.33 2.98
CA MET A 5 22.11 -8.23 1.75
C MET A 5 22.30 -9.47 0.88
N ASP A 6 21.20 -9.98 0.34
CA ASP A 6 21.24 -11.17 -0.51
C ASP A 6 20.19 -11.08 -1.61
N MET A 7 20.15 -12.11 -2.46
CA MET A 7 19.19 -12.14 -3.56
C MET A 7 18.73 -13.57 -3.82
N PHE A 8 17.41 -13.76 -3.87
CA PHE A 8 16.84 -15.08 -4.12
C PHE A 8 15.67 -15.00 -5.09
N SER A 9 15.26 -16.15 -5.61
CA SER A 9 14.15 -16.21 -6.56
C SER A 9 13.31 -17.45 -6.34
N ALA A 10 12.06 -17.26 -5.93
CA ALA A 10 11.15 -18.37 -5.69
C ALA A 10 9.76 -17.87 -5.28
N PRO A 11 8.75 -18.74 -5.42
CA PRO A 11 7.37 -18.42 -5.08
C PRO A 11 7.16 -18.26 -3.58
N ASP A 12 7.97 -18.98 -2.80
CA ASP A 12 7.88 -18.93 -1.36
C ASP A 12 9.05 -18.17 -0.75
N ARG A 13 9.64 -17.27 -1.55
CA ARG A 13 10.78 -16.48 -1.11
C ARG A 13 10.77 -15.11 -1.77
N ILE A 14 10.88 -14.06 -0.96
CA ILE A 14 10.88 -12.70 -1.46
C ILE A 14 12.08 -12.45 -2.37
N PRO A 15 11.83 -11.84 -3.53
CA PRO A 15 12.89 -11.53 -4.50
C PRO A 15 13.83 -10.44 -4.02
N GLU A 16 14.68 -9.96 -4.92
CA GLU A 16 15.64 -8.91 -4.58
C GLU A 16 14.93 -7.72 -3.93
N GLN A 17 15.69 -6.95 -3.16
CA GLN A 17 15.14 -5.78 -2.48
C GLN A 17 14.88 -4.64 -3.46
N ILE A 18 13.81 -3.89 -3.23
CA ILE A 18 13.45 -2.78 -4.10
C ILE A 18 12.99 -1.58 -3.28
N ARG A 19 12.70 -0.48 -3.97
CA ARG A 19 12.25 0.75 -3.31
C ARG A 19 10.88 1.17 -3.83
N ILE A 20 10.03 1.66 -2.93
CA ILE A 20 8.69 2.10 -3.30
C ILE A 20 8.53 3.60 -3.11
N PHE A 21 7.48 4.16 -3.70
CA PHE A 21 7.22 5.59 -3.59
C PHE A 21 5.86 5.85 -2.96
N PHE A 22 5.82 6.71 -1.95
CA PHE A 22 4.59 7.05 -1.26
C PHE A 22 4.03 8.38 -1.76
N LYS A 23 3.00 8.30 -2.59
CA LYS A 23 2.37 9.49 -3.14
C LYS A 23 1.33 10.05 -2.18
N THR A 24 1.49 11.33 -1.82
CA THR A 24 0.58 11.99 -0.90
C THR A 24 -0.20 13.09 -1.60
N MET A 25 -1.03 13.81 -0.83
CA MET A 25 -1.82 14.90 -1.38
C MET A 25 -0.97 16.13 -1.63
N LYS A 26 0.28 16.09 -1.17
CA LYS A 26 1.20 17.20 -1.35
C LYS A 26 2.32 16.83 -2.32
N GLN A 27 2.78 15.58 -2.24
CA GLN A 27 3.85 15.11 -3.12
C GLN A 27 4.21 13.66 -2.80
N VAL A 28 5.12 13.10 -3.58
CA VAL A 28 5.55 11.72 -3.38
C VAL A 28 6.86 11.67 -2.58
N VAL A 29 7.01 10.61 -1.79
CA VAL A 29 8.21 10.44 -0.98
C VAL A 29 8.81 9.05 -1.18
N PRO A 30 10.13 9.01 -1.38
CA PRO A 30 10.87 7.76 -1.59
C PRO A 30 10.94 6.92 -0.32
N ALA A 31 10.58 5.65 -0.44
CA ALA A 31 10.61 4.74 0.70
C ALA A 31 11.16 3.37 0.30
N LYS A 32 12.38 3.08 0.73
CA LYS A 32 13.03 1.82 0.41
C LYS A 32 12.31 0.66 1.10
N ALA A 33 12.33 -0.52 0.46
CA ALA A 33 11.68 -1.69 1.00
C ALA A 33 12.63 -2.90 0.99
N VAL A 34 12.87 -3.46 2.16
CA VAL A 34 13.76 -4.62 2.29
C VAL A 34 12.98 -5.92 2.12
N CYS A 35 13.67 -6.97 1.66
CA CYS A 35 13.05 -8.27 1.46
C CYS A 35 12.30 -8.71 2.70
N GLY A 36 10.97 -8.76 2.61
CA GLY A 36 10.16 -9.17 3.74
C GLY A 36 9.57 -7.99 4.49
N SER A 37 9.60 -6.82 3.86
CA SER A 37 9.06 -5.61 4.47
C SER A 37 7.63 -5.36 4.01
N THR A 38 7.04 -4.28 4.48
CA THR A 38 5.68 -3.92 4.13
C THR A 38 5.50 -2.40 4.04
N VAL A 39 4.46 -1.98 3.34
CA VAL A 39 4.18 -0.55 3.18
C VAL A 39 3.98 0.11 4.54
N LEU A 40 3.21 -0.53 5.41
CA LEU A 40 2.93 0.00 6.74
C LEU A 40 4.20 0.03 7.58
N ASP A 41 5.04 -1.00 7.40
CA ASP A 41 6.28 -1.10 8.15
C ASP A 41 7.30 -0.08 7.66
N VAL A 42 7.18 0.31 6.39
CA VAL A 42 8.09 1.28 5.79
C VAL A 42 7.74 2.69 6.24
N ALA A 43 6.47 3.05 6.11
CA ALA A 43 6.01 4.38 6.50
C ALA A 43 6.42 4.71 7.92
N HIS A 44 6.57 3.68 8.75
CA HIS A 44 6.97 3.86 10.15
C HIS A 44 8.42 4.31 10.23
N LYS A 45 9.26 3.83 9.32
CA LYS A 45 10.66 4.19 9.29
C LYS A 45 10.89 5.47 8.50
N ASN A 46 10.14 5.64 7.42
CA ASN A 46 10.25 6.82 6.57
C ASN A 46 9.66 8.04 7.27
N GLY A 47 8.74 7.80 8.19
CA GLY A 47 8.11 8.89 8.91
C GLY A 47 6.82 9.36 8.26
N VAL A 48 6.59 8.90 7.02
CA VAL A 48 5.39 9.28 6.29
C VAL A 48 4.13 9.04 7.12
N ASP A 49 3.26 10.04 7.19
CA ASP A 49 2.03 9.94 7.94
C ASP A 49 1.05 9.00 7.25
N LEU A 50 1.23 7.71 7.45
CA LEU A 50 0.35 6.70 6.84
C LEU A 50 -0.98 6.64 7.57
N GLU A 51 -2.07 6.67 6.80
CA GLU A 51 -3.42 6.61 7.37
C GLU A 51 -3.55 5.42 8.31
N GLY A 52 -3.70 5.70 9.60
CA GLY A 52 -3.83 4.64 10.59
C GLY A 52 -2.52 3.94 10.88
N ALA A 53 -2.23 3.74 12.16
CA ALA A 53 -1.00 3.07 12.56
C ALA A 53 -1.18 1.56 12.61
N CYS A 54 -2.41 1.12 12.83
CA CYS A 54 -2.71 -0.31 12.90
C CYS A 54 -1.99 -0.96 14.07
N GLU A 55 -2.02 -0.30 15.22
CA GLU A 55 -1.37 -0.82 16.41
C GLU A 55 -2.40 -1.19 17.47
N GLY A 56 -3.47 -0.42 17.55
CA GLY A 56 -4.52 -0.68 18.52
C GLY A 56 -5.91 -0.44 17.97
N ASN A 57 -6.02 -0.43 16.65
CA ASN A 57 -7.30 -0.20 15.99
C ASN A 57 -7.94 1.09 16.49
N LEU A 58 -7.28 2.22 16.25
CA LEU A 58 -7.80 3.52 16.67
C LEU A 58 -7.94 4.47 15.49
N ALA A 59 -6.95 4.44 14.60
CA ALA A 59 -6.98 5.29 13.41
C ALA A 59 -7.04 4.46 12.14
N CYS A 60 -6.47 3.26 12.19
CA CYS A 60 -6.46 2.36 11.04
C CYS A 60 -7.78 1.60 10.94
N SER A 61 -8.87 2.34 10.80
CA SER A 61 -10.19 1.73 10.68
C SER A 61 -10.64 1.68 9.23
N THR A 62 -9.68 1.60 8.31
CA THR A 62 -9.98 1.55 6.89
C THR A 62 -8.86 0.86 6.12
N CYS A 63 -9.24 0.05 5.14
CA CYS A 63 -8.27 -0.68 4.32
C CYS A 63 -8.51 -0.43 2.84
N HIS A 64 -8.05 0.72 2.36
CA HIS A 64 -8.22 1.09 0.95
C HIS A 64 -7.26 2.19 0.56
N VAL A 65 -6.29 1.86 -0.29
CA VAL A 65 -5.31 2.83 -0.75
C VAL A 65 -5.20 2.84 -2.27
N ILE A 66 -4.72 3.94 -2.82
CA ILE A 66 -4.56 4.08 -4.27
C ILE A 66 -3.19 3.59 -4.72
N LEU A 67 -3.18 2.77 -5.77
CA LEU A 67 -1.93 2.23 -6.30
C LEU A 67 -1.83 2.49 -7.80
N GLU A 68 -0.61 2.44 -8.32
CA GLU A 68 -0.37 2.66 -9.74
C GLU A 68 -1.41 1.93 -10.59
N GLU A 69 -1.84 2.56 -11.67
CA GLU A 69 -2.84 1.97 -12.56
C GLU A 69 -2.36 0.63 -13.09
N PRO A 70 -1.21 0.64 -13.79
CA PRO A 70 -0.62 -0.57 -14.37
C PRO A 70 -0.07 -1.51 -13.30
N LEU A 71 0.72 -0.96 -12.38
CA LEU A 71 1.30 -1.74 -11.31
C LEU A 71 0.24 -2.57 -10.58
N TYR A 72 -0.90 -1.94 -10.31
CA TYR A 72 -2.00 -2.62 -9.63
C TYR A 72 -2.66 -3.64 -10.54
N ARG A 73 -3.04 -3.21 -11.74
CA ARG A 73 -3.68 -4.09 -12.71
C ARG A 73 -2.85 -5.34 -12.94
N LYS A 74 -1.52 -5.18 -12.92
CA LYS A 74 -0.61 -6.30 -13.13
C LYS A 74 -0.50 -7.15 -11.86
N LEU A 75 -0.44 -6.50 -10.72
CA LEU A 75 -0.32 -7.19 -9.44
C LEU A 75 -1.57 -8.06 -9.18
N GLY A 76 -2.69 -7.66 -9.77
CA GLY A 76 -3.92 -8.40 -9.60
C GLY A 76 -5.13 -7.50 -9.48
N GLU A 77 -6.31 -8.09 -9.58
CA GLU A 77 -7.56 -7.33 -9.48
C GLU A 77 -8.52 -7.99 -8.50
N PRO A 78 -9.47 -7.19 -7.97
CA PRO A 78 -10.46 -7.67 -7.02
C PRO A 78 -11.48 -8.62 -7.66
N SER A 79 -12.45 -9.07 -6.87
CA SER A 79 -13.47 -9.98 -7.36
C SER A 79 -14.75 -9.22 -7.71
N ASP A 80 -15.81 -9.96 -8.04
CA ASP A 80 -17.08 -9.36 -8.39
C ASP A 80 -17.60 -8.49 -7.26
N LYS A 81 -17.51 -9.00 -6.04
CA LYS A 81 -17.97 -8.27 -4.86
C LYS A 81 -17.35 -6.88 -4.80
N GLU A 82 -16.02 -6.84 -4.74
CA GLU A 82 -15.30 -5.58 -4.67
C GLU A 82 -15.53 -4.76 -5.94
N TYR A 83 -15.77 -5.45 -7.04
CA TYR A 83 -16.00 -4.78 -8.32
C TYR A 83 -17.23 -3.89 -8.25
N ASP A 84 -18.35 -4.45 -7.81
CA ASP A 84 -19.60 -3.70 -7.70
C ASP A 84 -19.52 -2.69 -6.55
N LEU A 85 -18.95 -3.12 -5.43
CA LEU A 85 -18.82 -2.26 -4.27
C LEU A 85 -18.10 -0.95 -4.63
N ILE A 86 -16.96 -1.09 -5.30
CA ILE A 86 -16.18 0.08 -5.71
C ILE A 86 -16.85 0.81 -6.87
N ASP A 87 -17.36 0.04 -7.83
CA ASP A 87 -18.02 0.61 -8.99
C ASP A 87 -19.23 1.45 -8.57
N GLN A 88 -19.75 1.15 -7.39
CA GLN A 88 -20.91 1.88 -6.87
C GLN A 88 -20.51 3.26 -6.36
N ALA A 89 -19.24 3.40 -5.99
CA ALA A 89 -18.73 4.66 -5.48
C ALA A 89 -18.35 5.59 -6.63
N PHE A 90 -18.61 6.89 -6.45
CA PHE A 90 -18.30 7.88 -7.46
C PHE A 90 -16.79 8.09 -7.57
N GLY A 91 -16.27 8.06 -8.79
CA GLY A 91 -14.85 8.24 -9.01
C GLY A 91 -14.01 7.30 -8.17
N ALA A 92 -14.46 6.05 -8.05
CA ALA A 92 -13.73 5.06 -7.28
C ALA A 92 -13.08 4.02 -8.18
N THR A 93 -11.77 3.87 -8.03
CA THR A 93 -11.02 2.91 -8.85
C THR A 93 -10.63 1.69 -8.02
N GLY A 94 -10.64 0.52 -8.66
CA GLY A 94 -10.30 -0.70 -7.97
C GLY A 94 -8.92 -0.64 -7.34
N THR A 95 -8.04 0.20 -7.89
CA THR A 95 -6.70 0.35 -7.37
C THR A 95 -6.70 1.14 -6.06
N SER A 96 -7.88 1.57 -5.64
CA SER A 96 -8.02 2.34 -4.40
C SER A 96 -8.27 1.42 -3.21
N ARG A 97 -8.57 0.15 -3.50
CA ARG A 97 -8.83 -0.83 -2.46
C ARG A 97 -7.74 -1.89 -2.43
N LEU A 98 -7.39 -2.35 -1.23
CA LEU A 98 -6.36 -3.37 -1.07
C LEU A 98 -6.38 -3.93 0.35
N GLY A 99 -6.38 -5.27 0.45
CA GLY A 99 -6.38 -5.90 1.75
C GLY A 99 -5.12 -5.64 2.53
N CYS A 100 -4.84 -6.49 3.52
CA CYS A 100 -3.65 -6.35 4.35
C CYS A 100 -2.56 -7.33 3.92
N GLN A 101 -2.58 -7.68 2.64
CA GLN A 101 -1.60 -8.62 2.09
C GLN A 101 -0.65 -7.91 1.12
N LEU A 102 0.05 -6.90 1.62
CA LEU A 102 0.99 -6.13 0.80
C LEU A 102 2.41 -6.62 1.01
N ARG A 103 2.99 -7.23 -0.03
CA ARG A 103 4.35 -7.74 0.04
C ARG A 103 5.24 -7.05 -1.00
N VAL A 104 6.45 -6.68 -0.57
CA VAL A 104 7.39 -6.01 -1.46
C VAL A 104 8.10 -7.02 -2.36
N ASP A 105 7.86 -6.91 -3.66
CA ASP A 105 8.48 -7.81 -4.63
C ASP A 105 9.12 -7.02 -5.78
N LYS A 106 9.74 -7.74 -6.71
CA LYS A 106 10.38 -7.11 -7.85
C LYS A 106 9.41 -6.21 -8.60
N SER A 107 8.17 -6.68 -8.74
CA SER A 107 7.14 -5.93 -9.44
C SER A 107 6.81 -4.64 -8.70
N PHE A 108 7.07 -4.63 -7.40
CA PHE A 108 6.80 -3.45 -6.58
C PHE A 108 7.92 -2.42 -6.73
N GLU A 109 8.93 -2.76 -7.51
CA GLU A 109 10.06 -1.88 -7.74
C GLU A 109 9.60 -0.55 -8.32
N ASN A 110 9.97 0.54 -7.66
CA ASN A 110 9.59 1.88 -8.11
C ASN A 110 8.08 2.02 -8.19
N ALA A 111 7.37 1.19 -7.42
CA ALA A 111 5.91 1.22 -7.41
C ALA A 111 5.39 2.53 -6.83
N VAL A 112 4.21 2.94 -7.27
CA VAL A 112 3.60 4.18 -6.80
C VAL A 112 2.43 3.90 -5.87
N PHE A 113 2.60 4.26 -4.60
CA PHE A 113 1.55 4.05 -3.60
C PHE A 113 0.92 5.37 -3.18
N THR A 114 -0.19 5.72 -3.83
CA THR A 114 -0.89 6.96 -3.52
C THR A 114 -1.90 6.77 -2.39
N VAL A 115 -1.84 7.64 -1.40
CA VAL A 115 -2.75 7.58 -0.27
C VAL A 115 -3.97 8.47 -0.47
N PRO A 116 -5.16 7.92 -0.19
CA PRO A 116 -6.41 8.66 -0.34
C PRO A 116 -6.58 9.76 0.70
N ARG A 117 -6.20 9.45 1.95
CA ARG A 117 -6.30 10.41 3.04
C ARG A 117 -5.00 10.45 3.85
N ALA A 118 -4.38 11.61 3.89
CA ALA A 118 -3.13 11.78 4.64
C ALA A 118 -3.10 13.12 5.36
N THR A 119 -1.97 13.42 6.01
CA THR A 119 -1.82 14.67 6.73
C THR A 119 -2.03 15.88 5.82
N LYS A 120 -3.12 16.61 6.06
CA LYS A 120 -3.44 17.78 5.25
C LYS A 120 -4.64 18.52 5.84
N ASN A 121 -4.57 19.85 5.83
CA ASN A 121 -5.66 20.66 6.36
C ASN A 121 -6.78 20.81 5.33
N MET A 122 -6.42 20.69 4.05
CA MET A 122 -7.39 20.81 2.97
C MET A 122 -7.48 19.51 2.18
N ALA A 123 -8.19 19.55 1.07
CA ALA A 123 -8.35 18.38 0.22
C ALA A 123 -8.74 18.77 -1.21
N VAL A 124 -7.97 18.28 -2.18
CA VAL A 124 -8.22 18.59 -3.58
C VAL A 124 -9.31 17.68 -4.15
N ASP A 125 -9.59 17.84 -5.44
CA ASP A 125 -10.61 17.03 -6.11
C ASP A 125 -9.96 15.88 -6.88
N GLY A 126 -10.79 15.13 -7.61
CA GLY A 126 -10.28 14.02 -8.39
C GLY A 126 -11.26 12.86 -8.45
N PHE A 127 -12.17 12.92 -9.41
CA PHE A 127 -13.18 11.86 -9.57
C PHE A 127 -13.12 11.26 -10.96
N LYS A 128 -12.99 9.94 -11.03
CA LYS A 128 -12.93 9.24 -12.31
C LYS A 128 -14.13 8.33 -12.49
N PRO A 129 -15.29 8.92 -12.76
CA PRO A 129 -16.54 8.17 -12.96
C PRO A 129 -16.53 7.38 -14.26
N LYS A 130 -15.93 6.19 -14.22
CA LYS A 130 -15.85 5.34 -15.39
C LYS A 130 -17.24 4.81 -15.78
N PRO A 131 -17.87 4.07 -14.85
CA PRO A 131 -19.20 3.51 -15.07
C PRO A 131 -20.29 4.57 -15.10
N HIS A 132 -21.49 4.17 -15.49
CA HIS A 132 -22.62 5.10 -15.56
C HIS A 132 -22.26 6.33 -16.39
N GLY A 1 0.93 -15.86 -21.10
CA GLY A 1 0.53 -17.18 -21.53
C GLY A 1 -0.76 -17.65 -20.88
N PRO A 2 -1.27 -18.79 -21.32
CA PRO A 2 -2.52 -19.37 -20.80
C PRO A 2 -2.35 -19.89 -19.37
N GLY A 3 -3.43 -20.42 -18.81
CA GLY A 3 -3.38 -20.95 -17.46
C GLY A 3 -4.66 -20.67 -16.68
N SER A 4 -4.77 -21.27 -15.51
CA SER A 4 -5.95 -21.09 -14.67
C SER A 4 -5.72 -20.00 -13.63
N MET A 5 -6.68 -19.82 -12.74
CA MET A 5 -6.57 -18.81 -11.69
C MET A 5 -6.81 -19.43 -10.32
N ASP A 6 -6.01 -19.01 -9.35
CA ASP A 6 -6.13 -19.51 -7.98
C ASP A 6 -5.51 -18.55 -6.98
N MET A 7 -5.53 -18.93 -5.70
CA MET A 7 -4.97 -18.10 -4.64
C MET A 7 -3.45 -18.12 -4.69
N PHE A 8 -2.83 -17.27 -3.87
CA PHE A 8 -1.37 -17.19 -3.83
C PHE A 8 -0.85 -17.63 -2.45
N SER A 9 0.46 -17.87 -2.38
CA SER A 9 1.08 -18.30 -1.13
C SER A 9 1.78 -17.13 -0.44
N ALA A 10 2.47 -17.43 0.66
CA ALA A 10 3.19 -16.39 1.41
C ALA A 10 4.53 -16.92 1.91
N PRO A 11 5.47 -17.09 0.97
CA PRO A 11 6.81 -17.60 1.30
C PRO A 11 7.64 -16.57 2.07
N ASP A 12 8.86 -16.96 2.45
CA ASP A 12 9.74 -16.07 3.20
C ASP A 12 11.03 -15.81 2.41
N ARG A 13 10.94 -15.94 1.10
CA ARG A 13 12.10 -15.70 0.24
C ARG A 13 11.93 -14.41 -0.56
N ILE A 14 12.62 -13.36 -0.12
CA ILE A 14 12.55 -12.07 -0.79
C ILE A 14 13.86 -11.75 -1.50
N PRO A 15 13.76 -11.31 -2.77
CA PRO A 15 14.92 -10.96 -3.58
C PRO A 15 15.61 -9.68 -3.10
N GLU A 16 16.52 -9.16 -3.90
CA GLU A 16 17.25 -7.94 -3.55
C GLU A 16 16.29 -6.85 -3.11
N GLN A 17 16.80 -5.89 -2.34
CA GLN A 17 16.00 -4.78 -1.85
C GLN A 17 15.68 -3.80 -2.97
N ILE A 18 14.51 -3.19 -2.90
CA ILE A 18 14.09 -2.22 -3.91
C ILE A 18 13.59 -0.93 -3.26
N ARG A 19 13.24 0.04 -4.09
CA ARG A 19 12.74 1.33 -3.61
C ARG A 19 11.36 1.62 -4.17
N ILE A 20 10.47 2.11 -3.32
CA ILE A 20 9.11 2.45 -3.74
C ILE A 20 8.83 3.93 -3.56
N PHE A 21 7.68 4.37 -4.06
CA PHE A 21 7.29 5.78 -3.96
C PHE A 21 6.00 5.93 -3.18
N PHE A 22 6.02 6.81 -2.18
CA PHE A 22 4.85 7.05 -1.34
C PHE A 22 4.20 8.39 -1.69
N LYS A 23 3.07 8.31 -2.40
CA LYS A 23 2.34 9.51 -2.80
C LYS A 23 1.25 9.85 -1.79
N THR A 24 1.32 11.06 -1.24
CA THR A 24 0.35 11.50 -0.25
C THR A 24 -0.50 12.64 -0.80
N MET A 25 -1.40 13.16 0.04
CA MET A 25 -2.27 14.27 -0.37
C MET A 25 -1.50 15.58 -0.39
N LYS A 26 -0.28 15.56 0.15
CA LYS A 26 0.55 16.75 0.19
C LYS A 26 1.68 16.68 -0.83
N GLN A 27 2.22 15.48 -1.02
CA GLN A 27 3.30 15.28 -1.98
C GLN A 27 3.77 13.82 -1.98
N VAL A 28 4.69 13.50 -2.87
CA VAL A 28 5.23 12.14 -2.96
C VAL A 28 6.67 12.08 -2.48
N VAL A 29 6.97 11.07 -1.67
CA VAL A 29 8.32 10.90 -1.14
C VAL A 29 8.82 9.47 -1.37
N PRO A 30 10.14 9.32 -1.50
CA PRO A 30 10.77 8.02 -1.72
C PRO A 30 10.70 7.12 -0.49
N ALA A 31 10.76 5.81 -0.72
CA ALA A 31 10.71 4.85 0.38
C ALA A 31 11.59 3.65 0.10
N LYS A 32 12.34 3.21 1.10
CA LYS A 32 13.23 2.06 0.95
C LYS A 32 12.56 0.79 1.47
N ALA A 33 12.66 -0.29 0.70
CA ALA A 33 12.07 -1.56 1.08
C ALA A 33 13.15 -2.62 1.30
N VAL A 34 13.12 -3.24 2.49
CA VAL A 34 14.10 -4.27 2.83
C VAL A 34 13.55 -5.66 2.54
N CYS A 35 14.45 -6.61 2.34
CA CYS A 35 14.07 -7.99 2.06
C CYS A 35 13.13 -8.53 3.13
N GLY A 36 11.83 -8.52 2.85
CA GLY A 36 10.85 -9.01 3.81
C GLY A 36 10.21 -7.89 4.59
N SER A 37 10.20 -6.69 4.02
CA SER A 37 9.61 -5.54 4.68
C SER A 37 8.16 -5.33 4.23
N THR A 38 7.49 -4.37 4.86
CA THR A 38 6.10 -4.08 4.53
C THR A 38 5.89 -2.58 4.34
N VAL A 39 4.97 -2.23 3.43
CA VAL A 39 4.68 -0.83 3.15
C VAL A 39 4.45 -0.05 4.44
N LEU A 40 3.41 -0.44 5.18
CA LEU A 40 3.09 0.22 6.44
C LEU A 40 4.29 0.24 7.37
N ASP A 41 5.12 -0.80 7.30
CA ASP A 41 6.30 -0.88 8.14
C ASP A 41 7.38 0.10 7.68
N VAL A 42 7.34 0.44 6.39
CA VAL A 42 8.31 1.38 5.83
C VAL A 42 7.95 2.82 6.19
N ALA A 43 6.67 3.15 6.08
CA ALA A 43 6.21 4.49 6.40
C ALA A 43 6.66 4.91 7.79
N HIS A 44 6.86 3.94 8.67
CA HIS A 44 7.28 4.21 10.04
C HIS A 44 8.76 4.61 10.07
N LYS A 45 9.54 4.02 9.18
CA LYS A 45 10.97 4.33 9.10
C LYS A 45 11.22 5.58 8.29
N ASN A 46 10.49 5.71 7.18
CA ASN A 46 10.63 6.88 6.30
C ASN A 46 10.05 8.12 6.96
N GLY A 47 9.08 7.93 7.85
CA GLY A 47 8.45 9.05 8.52
C GLY A 47 7.27 9.59 7.76
N VAL A 48 6.99 9.03 6.60
CA VAL A 48 5.88 9.47 5.77
C VAL A 48 4.57 9.48 6.56
N ASP A 49 3.62 10.28 6.11
CA ASP A 49 2.32 10.38 6.78
C ASP A 49 1.50 9.12 6.53
N LEU A 50 1.79 8.07 7.30
CA LEU A 50 1.07 6.80 7.18
C LEU A 50 1.24 5.96 8.43
N GLU A 51 0.20 5.20 8.76
CA GLU A 51 0.22 4.34 9.94
C GLU A 51 1.39 3.36 9.88
N GLY A 52 2.03 3.12 11.02
CA GLY A 52 3.15 2.20 11.07
C GLY A 52 3.03 1.21 12.21
N ALA A 53 3.69 0.07 12.05
CA ALA A 53 3.67 -0.97 13.08
C ALA A 53 2.23 -1.42 13.37
N CYS A 54 1.36 -1.24 12.39
CA CYS A 54 -0.04 -1.63 12.53
C CYS A 54 -0.64 -1.06 13.81
N GLU A 55 -0.47 0.25 14.00
CA GLU A 55 -0.99 0.91 15.19
C GLU A 55 -2.48 0.61 15.37
N GLY A 56 -2.84 0.19 16.58
CA GLY A 56 -4.22 -0.13 16.87
C GLY A 56 -4.47 -0.34 18.35
N ASN A 57 -5.01 0.69 19.01
CA ASN A 57 -5.30 0.61 20.44
C ASN A 57 -6.18 -0.59 20.76
N LEU A 58 -6.99 -0.99 19.79
CA LEU A 58 -7.88 -2.14 19.95
C LEU A 58 -7.66 -3.17 18.86
N ALA A 59 -8.07 -2.83 17.64
CA ALA A 59 -7.93 -3.74 16.51
C ALA A 59 -7.86 -2.96 15.20
N CYS A 60 -7.79 -3.69 14.08
CA CYS A 60 -7.72 -3.06 12.77
C CYS A 60 -8.86 -3.55 11.88
N SER A 61 -9.74 -2.63 11.51
CA SER A 61 -10.89 -2.96 10.68
C SER A 61 -10.44 -3.26 9.25
N THR A 62 -9.86 -2.26 8.59
CA THR A 62 -9.38 -2.40 7.22
C THR A 62 -8.56 -1.19 6.79
N CYS A 63 -7.71 -1.39 5.80
CA CYS A 63 -6.87 -0.32 5.28
C CYS A 63 -7.01 -0.18 3.76
N HIS A 64 -7.84 0.77 3.34
CA HIS A 64 -8.07 0.99 1.91
C HIS A 64 -7.15 2.09 1.39
N VAL A 65 -6.21 1.70 0.52
CA VAL A 65 -5.26 2.65 -0.05
C VAL A 65 -5.23 2.53 -1.57
N ILE A 66 -4.78 3.59 -2.23
CA ILE A 66 -4.69 3.61 -3.69
C ILE A 66 -3.33 3.12 -4.16
N LEU A 67 -3.35 2.22 -5.14
CA LEU A 67 -2.11 1.67 -5.68
C LEU A 67 -2.06 1.85 -7.20
N GLU A 68 -0.85 1.78 -7.75
CA GLU A 68 -0.67 1.94 -9.19
C GLU A 68 -1.74 1.19 -9.96
N GLU A 69 -2.19 1.78 -11.06
CA GLU A 69 -3.22 1.17 -11.90
C GLU A 69 -2.76 -0.18 -12.42
N PRO A 70 -1.65 -0.19 -13.16
CA PRO A 70 -1.08 -1.41 -13.74
C PRO A 70 -0.49 -2.34 -12.67
N LEU A 71 0.30 -1.77 -11.78
CA LEU A 71 0.92 -2.54 -10.71
C LEU A 71 -0.12 -3.33 -9.93
N TYR A 72 -1.17 -2.66 -9.49
CA TYR A 72 -2.25 -3.29 -8.74
C TYR A 72 -2.96 -4.34 -9.59
N ARG A 73 -3.42 -3.92 -10.76
CA ARG A 73 -4.12 -4.82 -11.67
C ARG A 73 -3.29 -6.06 -11.96
N LYS A 74 -1.96 -5.89 -11.96
CA LYS A 74 -1.05 -7.00 -12.23
C LYS A 74 -1.03 -7.98 -11.06
N LEU A 75 -0.79 -7.47 -9.86
CA LEU A 75 -0.73 -8.30 -8.66
C LEU A 75 -2.10 -8.93 -8.39
N GLY A 76 -3.15 -8.31 -8.91
CA GLY A 76 -4.49 -8.82 -8.71
C GLY A 76 -5.54 -7.74 -8.71
N GLU A 77 -6.74 -8.07 -9.19
CA GLU A 77 -7.83 -7.10 -9.25
C GLU A 77 -9.12 -7.71 -8.71
N PRO A 78 -10.05 -6.84 -8.28
CA PRO A 78 -11.34 -7.27 -7.73
C PRO A 78 -12.25 -7.87 -8.79
N SER A 79 -13.31 -8.55 -8.35
CA SER A 79 -14.25 -9.16 -9.27
C SER A 79 -15.43 -8.23 -9.55
N ASP A 80 -16.44 -8.77 -10.22
CA ASP A 80 -17.64 -7.98 -10.55
C ASP A 80 -18.28 -7.40 -9.28
N LYS A 81 -18.40 -8.24 -8.26
CA LYS A 81 -18.99 -7.81 -7.00
C LYS A 81 -18.29 -6.57 -6.46
N GLU A 82 -16.99 -6.69 -6.21
CA GLU A 82 -16.21 -5.57 -5.70
C GLU A 82 -16.19 -4.41 -6.69
N TYR A 83 -16.29 -4.74 -7.97
CA TYR A 83 -16.29 -3.72 -9.02
C TYR A 83 -17.46 -2.76 -8.85
N ASP A 84 -18.67 -3.32 -8.77
CA ASP A 84 -19.87 -2.51 -8.61
C ASP A 84 -19.90 -1.85 -7.24
N LEU A 85 -19.51 -2.61 -6.21
CA LEU A 85 -19.48 -2.09 -4.85
C LEU A 85 -18.68 -0.79 -4.76
N ILE A 86 -17.46 -0.81 -5.29
CA ILE A 86 -16.60 0.35 -5.28
C ILE A 86 -17.05 1.37 -6.31
N ASP A 87 -17.55 0.88 -7.44
CA ASP A 87 -18.02 1.75 -8.52
C ASP A 87 -19.12 2.69 -8.02
N GLN A 88 -19.75 2.31 -6.91
CA GLN A 88 -20.82 3.12 -6.33
C GLN A 88 -20.26 4.35 -5.63
N ALA A 89 -18.96 4.32 -5.35
CA ALA A 89 -18.31 5.44 -4.69
C ALA A 89 -17.79 6.45 -5.69
N PHE A 90 -17.85 7.74 -5.32
CA PHE A 90 -17.39 8.80 -6.20
C PHE A 90 -15.88 8.71 -6.42
N GLY A 91 -15.49 8.60 -7.69
CA GLY A 91 -14.08 8.51 -8.02
C GLY A 91 -13.38 7.42 -7.24
N ALA A 92 -13.99 6.25 -7.14
CA ALA A 92 -13.42 5.13 -6.42
C ALA A 92 -12.94 4.04 -7.37
N THR A 93 -11.83 3.40 -7.01
CA THR A 93 -11.26 2.34 -7.84
C THR A 93 -10.87 1.13 -7.00
N GLY A 94 -10.92 -0.05 -7.59
CA GLY A 94 -10.57 -1.26 -6.89
C GLY A 94 -9.18 -1.20 -6.29
N THR A 95 -8.31 -0.41 -6.90
CA THR A 95 -6.94 -0.27 -6.43
C THR A 95 -6.87 0.57 -5.16
N SER A 96 -8.03 1.05 -4.72
CA SER A 96 -8.11 1.88 -3.52
C SER A 96 -8.31 1.01 -2.28
N ARG A 97 -8.65 -0.25 -2.49
CA ARG A 97 -8.86 -1.19 -1.40
C ARG A 97 -7.77 -2.24 -1.36
N LEU A 98 -7.69 -2.96 -0.25
CA LEU A 98 -6.69 -4.01 -0.08
C LEU A 98 -5.28 -3.43 -0.11
N GLY A 99 -4.96 -2.62 0.90
CA GLY A 99 -3.64 -2.01 0.97
C GLY A 99 -2.87 -2.44 2.20
N CYS A 100 -3.28 -3.56 2.79
CA CYS A 100 -2.63 -4.08 3.99
C CYS A 100 -2.12 -5.50 3.76
N GLN A 101 -1.25 -5.96 4.65
CA GLN A 101 -0.70 -7.31 4.55
C GLN A 101 -0.01 -7.51 3.20
N LEU A 102 0.73 -6.50 2.77
CA LEU A 102 1.44 -6.56 1.49
C LEU A 102 2.90 -6.95 1.71
N ARG A 103 3.53 -7.50 0.67
CA ARG A 103 4.92 -7.91 0.74
C ARG A 103 5.76 -7.14 -0.27
N VAL A 104 7.07 -7.17 -0.09
CA VAL A 104 8.00 -6.48 -0.98
C VAL A 104 8.66 -7.46 -1.94
N ASP A 105 8.49 -7.20 -3.24
CA ASP A 105 9.09 -8.05 -4.27
C ASP A 105 9.71 -7.22 -5.37
N LYS A 106 10.39 -7.89 -6.29
CA LYS A 106 11.05 -7.21 -7.42
C LYS A 106 10.02 -6.43 -8.25
N SER A 107 8.83 -7.00 -8.38
CA SER A 107 7.76 -6.36 -9.15
C SER A 107 7.31 -5.06 -8.49
N PHE A 108 7.62 -4.93 -7.21
CA PHE A 108 7.24 -3.73 -6.45
C PHE A 108 8.25 -2.60 -6.69
N GLU A 109 9.26 -2.88 -7.51
CA GLU A 109 10.28 -1.89 -7.82
C GLU A 109 9.67 -0.65 -8.45
N ASN A 110 9.93 0.51 -7.84
CA ASN A 110 9.39 1.77 -8.34
C ASN A 110 7.87 1.79 -8.26
N ALA A 111 7.32 0.96 -7.38
CA ALA A 111 5.88 0.89 -7.19
C ALA A 111 5.32 2.20 -6.65
N VAL A 112 4.14 2.59 -7.14
CA VAL A 112 3.51 3.83 -6.70
C VAL A 112 2.38 3.54 -5.72
N PHE A 113 2.53 4.02 -4.49
CA PHE A 113 1.53 3.83 -3.46
C PHE A 113 0.86 5.15 -3.09
N THR A 114 -0.34 5.36 -3.63
CA THR A 114 -1.08 6.59 -3.35
C THR A 114 -1.96 6.43 -2.11
N VAL A 115 -1.78 7.34 -1.16
CA VAL A 115 -2.55 7.31 0.08
C VAL A 115 -3.42 8.55 0.21
N PRO A 116 -4.66 8.47 -0.26
CA PRO A 116 -5.62 9.59 -0.19
C PRO A 116 -6.08 9.87 1.23
N ARG A 117 -6.22 8.82 2.02
CA ARG A 117 -6.66 8.96 3.41
C ARG A 117 -5.47 9.20 4.33
N ALA A 118 -5.71 9.92 5.42
CA ALA A 118 -4.66 10.23 6.38
C ALA A 118 -4.69 9.26 7.56
N THR A 119 -3.71 9.38 8.45
CA THR A 119 -3.62 8.51 9.61
C THR A 119 -4.73 8.81 10.61
N LYS A 120 -5.31 10.01 10.50
CA LYS A 120 -6.39 10.42 11.39
C LYS A 120 -7.49 9.36 11.44
N ASN A 121 -7.65 8.74 12.60
CA ASN A 121 -8.67 7.71 12.78
C ASN A 121 -9.24 7.74 14.20
N MET A 122 -10.25 6.92 14.44
CA MET A 122 -10.88 6.85 15.75
C MET A 122 -10.73 5.45 16.36
N ALA A 123 -10.72 4.44 15.50
CA ALA A 123 -10.58 3.06 15.94
C ALA A 123 -11.68 2.68 16.92
N VAL A 124 -12.93 2.97 16.54
CA VAL A 124 -14.08 2.66 17.39
C VAL A 124 -14.61 1.28 17.09
N ASP A 125 -15.60 0.84 17.88
CA ASP A 125 -16.21 -0.47 17.71
C ASP A 125 -15.16 -1.57 17.83
N GLY A 126 -14.25 -1.41 18.79
CA GLY A 126 -13.21 -2.41 19.00
C GLY A 126 -13.22 -2.97 20.40
N PHE A 127 -14.00 -2.35 21.29
CA PHE A 127 -14.09 -2.79 22.68
C PHE A 127 -14.43 -4.29 22.74
N LYS A 128 -13.58 -5.05 23.41
CA LYS A 128 -13.78 -6.48 23.56
C LYS A 128 -14.73 -6.78 24.72
N PRO A 129 -15.35 -7.98 24.69
CA PRO A 129 -16.28 -8.41 25.73
C PRO A 129 -15.59 -8.68 27.06
N LYS A 130 -14.29 -8.94 27.00
CA LYS A 130 -13.50 -9.21 28.21
C LYS A 130 -12.04 -8.86 27.99
N PRO A 131 -11.30 -8.71 29.10
CA PRO A 131 -9.88 -8.37 29.07
C PRO A 131 -9.02 -9.52 28.52
N HIS A 132 -7.71 -9.36 28.61
CA HIS A 132 -6.78 -10.37 28.12
C HIS A 132 -5.71 -10.68 29.17
N GLY A 1 -9.29 -7.06 -23.61
CA GLY A 1 -9.21 -8.25 -22.79
C GLY A 1 -7.83 -8.46 -22.22
N PRO A 2 -7.72 -9.36 -21.23
CA PRO A 2 -6.44 -9.68 -20.57
C PRO A 2 -5.49 -10.43 -21.49
N GLY A 3 -4.40 -10.92 -20.92
CA GLY A 3 -3.42 -11.66 -21.70
C GLY A 3 -2.03 -11.59 -21.12
N SER A 4 -1.79 -10.59 -20.27
CA SER A 4 -0.49 -10.41 -19.64
C SER A 4 -0.52 -10.90 -18.20
N MET A 5 -0.69 -12.21 -18.02
CA MET A 5 -0.73 -12.80 -16.69
C MET A 5 0.63 -12.70 -16.01
N ASP A 6 0.74 -13.29 -14.83
CA ASP A 6 1.99 -13.27 -14.07
C ASP A 6 1.94 -14.23 -12.90
N MET A 7 3.02 -14.31 -12.14
CA MET A 7 3.10 -15.19 -10.98
C MET A 7 3.25 -14.40 -9.70
N PHE A 8 3.41 -15.11 -8.58
CA PHE A 8 3.56 -14.47 -7.29
C PHE A 8 4.56 -15.23 -6.41
N SER A 9 5.07 -14.56 -5.38
CA SER A 9 6.03 -15.18 -4.48
C SER A 9 5.34 -15.66 -3.21
N ALA A 10 6.15 -16.07 -2.23
CA ALA A 10 5.63 -16.56 -0.96
C ALA A 10 6.44 -16.01 0.21
N PRO A 11 5.83 -16.04 1.41
CA PRO A 11 6.47 -15.56 2.64
C PRO A 11 7.62 -16.45 3.08
N ASP A 12 7.72 -17.62 2.47
CA ASP A 12 8.78 -18.58 2.81
C ASP A 12 10.16 -17.98 2.51
N ARG A 13 10.19 -17.00 1.62
CA ARG A 13 11.44 -16.35 1.25
C ARG A 13 11.18 -15.09 0.41
N ILE A 14 11.96 -14.05 0.67
CA ILE A 14 11.81 -12.79 -0.05
C ILE A 14 13.02 -12.52 -0.94
N PRO A 15 12.77 -12.14 -2.19
CA PRO A 15 13.83 -11.84 -3.16
C PRO A 15 14.58 -10.56 -2.82
N GLU A 16 15.42 -10.10 -3.74
CA GLU A 16 16.20 -8.88 -3.53
C GLU A 16 15.29 -7.72 -3.12
N GLN A 17 15.87 -6.73 -2.45
CA GLN A 17 15.11 -5.57 -2.00
C GLN A 17 14.76 -4.66 -3.18
N ILE A 18 13.75 -3.82 -2.99
CA ILE A 18 13.33 -2.89 -4.03
C ILE A 18 13.02 -1.52 -3.45
N ARG A 19 12.70 -0.57 -4.32
CA ARG A 19 12.38 0.79 -3.90
C ARG A 19 10.94 1.16 -4.27
N ILE A 20 10.18 1.62 -3.28
CA ILE A 20 8.80 2.01 -3.51
C ILE A 20 8.60 3.51 -3.31
N PHE A 21 7.49 4.03 -3.82
CA PHE A 21 7.19 5.45 -3.70
C PHE A 21 5.88 5.67 -2.94
N PHE A 22 5.94 6.50 -1.90
CA PHE A 22 4.77 6.79 -1.08
C PHE A 22 4.13 8.12 -1.51
N LYS A 23 3.03 8.03 -2.23
CA LYS A 23 2.32 9.21 -2.69
C LYS A 23 1.33 9.71 -1.64
N THR A 24 1.59 10.91 -1.11
CA THR A 24 0.73 11.50 -0.09
C THR A 24 -0.14 12.59 -0.68
N MET A 25 -0.97 13.20 0.17
CA MET A 25 -1.86 14.27 -0.27
C MET A 25 -1.09 15.57 -0.48
N LYS A 26 0.11 15.65 0.07
CA LYS A 26 0.95 16.82 -0.06
C LYS A 26 1.91 16.68 -1.24
N GLN A 27 2.44 15.49 -1.42
CA GLN A 27 3.38 15.22 -2.51
C GLN A 27 3.91 13.79 -2.44
N VAL A 28 4.71 13.41 -3.42
CA VAL A 28 5.29 12.07 -3.47
C VAL A 28 6.59 12.01 -2.69
N VAL A 29 6.81 10.88 -2.01
CA VAL A 29 8.02 10.70 -1.22
C VAL A 29 8.61 9.30 -1.45
N PRO A 30 9.91 9.26 -1.73
CA PRO A 30 10.63 8.01 -1.98
C PRO A 30 10.79 7.17 -0.71
N ALA A 31 10.76 5.85 -0.88
CA ALA A 31 10.90 4.94 0.26
C ALA A 31 11.45 3.59 -0.18
N LYS A 32 12.67 3.27 0.25
CA LYS A 32 13.30 2.01 -0.10
C LYS A 32 12.77 0.88 0.76
N ALA A 33 12.24 -0.16 0.11
CA ALA A 33 11.69 -1.31 0.82
C ALA A 33 12.68 -2.46 0.81
N VAL A 34 13.13 -2.85 2.00
CA VAL A 34 14.09 -3.95 2.13
C VAL A 34 13.37 -5.28 2.26
N CYS A 35 13.96 -6.33 1.67
CA CYS A 35 13.37 -7.66 1.72
C CYS A 35 13.10 -8.09 3.15
N GLY A 36 11.83 -8.39 3.44
CA GLY A 36 11.46 -8.80 4.78
C GLY A 36 10.71 -7.72 5.54
N SER A 37 10.65 -6.53 4.96
CA SER A 37 9.97 -5.40 5.59
C SER A 37 8.58 -5.22 5.01
N THR A 38 7.87 -4.20 5.48
CA THR A 38 6.52 -3.91 5.01
C THR A 38 6.35 -2.43 4.70
N VAL A 39 5.41 -2.12 3.82
CA VAL A 39 5.13 -0.73 3.44
C VAL A 39 4.77 0.11 4.67
N LEU A 40 3.89 -0.44 5.50
CA LEU A 40 3.45 0.26 6.70
C LEU A 40 4.62 0.46 7.68
N ASP A 41 5.49 -0.53 7.75
CA ASP A 41 6.66 -0.46 8.63
C ASP A 41 7.69 0.52 8.08
N VAL A 42 7.70 0.69 6.77
CA VAL A 42 8.65 1.60 6.12
C VAL A 42 8.23 3.05 6.30
N ALA A 43 6.94 3.31 6.13
CA ALA A 43 6.40 4.66 6.28
C ALA A 43 6.83 5.28 7.61
N HIS A 44 7.03 4.43 8.61
CA HIS A 44 7.44 4.89 9.93
C HIS A 44 8.90 5.32 9.93
N LYS A 45 9.72 4.59 9.17
CA LYS A 45 11.15 4.90 9.08
C LYS A 45 11.39 6.08 8.15
N ASN A 46 10.66 6.12 7.04
CA ASN A 46 10.80 7.21 6.09
C ASN A 46 10.20 8.50 6.63
N GLY A 47 9.25 8.37 7.55
CA GLY A 47 8.61 9.53 8.14
C GLY A 47 7.35 9.94 7.40
N VAL A 48 7.11 9.31 6.25
CA VAL A 48 5.93 9.61 5.44
C VAL A 48 4.66 9.53 6.29
N ASP A 49 3.76 10.50 6.07
CA ASP A 49 2.51 10.54 6.82
C ASP A 49 1.57 9.43 6.36
N LEU A 50 1.78 8.22 6.87
CA LEU A 50 0.96 7.07 6.50
C LEU A 50 0.06 6.67 7.67
N GLU A 51 -1.24 6.96 7.53
CA GLU A 51 -2.20 6.62 8.56
C GLU A 51 -2.45 5.12 8.61
N GLY A 52 -2.03 4.48 9.70
CA GLY A 52 -2.21 3.05 9.84
C GLY A 52 -1.27 2.45 10.87
N ALA A 53 -1.04 3.17 11.96
CA ALA A 53 -0.15 2.70 13.01
C ALA A 53 -0.67 1.42 13.64
N CYS A 54 -1.99 1.28 13.69
CA CYS A 54 -2.61 0.09 14.26
C CYS A 54 -2.15 -0.14 15.70
N GLU A 55 -1.75 0.95 16.37
CA GLU A 55 -1.29 0.86 17.74
C GLU A 55 -2.04 1.85 18.63
N GLY A 56 -1.97 1.64 19.94
CA GLY A 56 -2.64 2.52 20.87
C GLY A 56 -4.14 2.36 20.83
N ASN A 57 -4.86 3.35 21.36
CA ASN A 57 -6.32 3.32 21.38
C ASN A 57 -6.88 3.48 19.98
N LEU A 58 -8.15 3.12 19.81
CA LEU A 58 -8.82 3.22 18.51
C LEU A 58 -8.03 2.47 17.44
N ALA A 59 -7.92 1.16 17.61
CA ALA A 59 -7.20 0.33 16.66
C ALA A 59 -8.06 -0.01 15.45
N CYS A 60 -7.44 -0.05 14.27
CA CYS A 60 -8.16 -0.35 13.05
C CYS A 60 -7.91 -1.80 12.61
N SER A 61 -8.92 -2.40 11.99
CA SER A 61 -8.82 -3.78 11.53
C SER A 61 -8.34 -3.84 10.08
N THR A 62 -8.65 -2.78 9.33
CA THR A 62 -8.24 -2.72 7.93
C THR A 62 -7.81 -1.30 7.56
N CYS A 63 -6.90 -1.20 6.59
CA CYS A 63 -6.40 0.09 6.14
C CYS A 63 -6.45 0.20 4.62
N HIS A 64 -7.62 0.51 4.09
CA HIS A 64 -7.80 0.65 2.65
C HIS A 64 -6.91 1.74 2.08
N VAL A 65 -5.99 1.35 1.21
CA VAL A 65 -5.06 2.30 0.59
C VAL A 65 -5.07 2.16 -0.93
N ILE A 66 -4.68 3.23 -1.61
CA ILE A 66 -4.65 3.25 -3.07
C ILE A 66 -3.28 2.81 -3.58
N LEU A 67 -3.27 1.92 -4.56
CA LEU A 67 -2.03 1.43 -5.14
C LEU A 67 -2.03 1.62 -6.66
N GLU A 68 -0.84 1.55 -7.26
CA GLU A 68 -0.70 1.72 -8.70
C GLU A 68 -1.82 0.99 -9.43
N GLU A 69 -2.34 1.63 -10.49
CA GLU A 69 -3.42 1.05 -11.28
C GLU A 69 -2.98 -0.28 -11.89
N PRO A 70 -1.92 -0.25 -12.70
CA PRO A 70 -1.39 -1.44 -13.37
C PRO A 70 -0.73 -2.40 -12.38
N LEU A 71 0.15 -1.86 -11.54
CA LEU A 71 0.85 -2.68 -10.55
C LEU A 71 -0.13 -3.52 -9.73
N TYR A 72 -1.18 -2.86 -9.23
CA TYR A 72 -2.18 -3.55 -8.43
C TYR A 72 -2.97 -4.54 -9.29
N ARG A 73 -3.48 -4.07 -10.42
CA ARG A 73 -4.25 -4.92 -11.32
C ARG A 73 -3.49 -6.20 -11.64
N LYS A 74 -2.24 -6.05 -12.07
CA LYS A 74 -1.40 -7.21 -12.41
C LYS A 74 -1.19 -8.10 -11.19
N LEU A 75 -0.82 -7.49 -10.07
CA LEU A 75 -0.59 -8.23 -8.84
C LEU A 75 -1.86 -8.91 -8.36
N GLY A 76 -3.01 -8.44 -8.86
CA GLY A 76 -4.28 -9.01 -8.48
C GLY A 76 -5.40 -7.99 -8.45
N GLU A 77 -6.51 -8.31 -9.10
CA GLU A 77 -7.66 -7.41 -9.14
C GLU A 77 -8.91 -8.08 -8.60
N PRO A 78 -9.88 -7.27 -8.16
CA PRO A 78 -11.14 -7.76 -7.61
C PRO A 78 -12.03 -8.40 -8.67
N SER A 79 -13.26 -8.75 -8.28
CA SER A 79 -14.19 -9.37 -9.21
C SER A 79 -15.27 -8.37 -9.64
N ASP A 80 -16.24 -8.86 -10.40
CA ASP A 80 -17.32 -8.01 -10.89
C ASP A 80 -18.08 -7.36 -9.73
N LYS A 81 -18.46 -8.18 -8.76
CA LYS A 81 -19.19 -7.70 -7.59
C LYS A 81 -18.44 -6.54 -6.93
N GLU A 82 -17.15 -6.72 -6.72
CA GLU A 82 -16.32 -5.69 -6.10
C GLU A 82 -16.12 -4.51 -7.04
N TYR A 83 -16.16 -4.78 -8.34
CA TYR A 83 -15.98 -3.75 -9.35
C TYR A 83 -17.10 -2.71 -9.26
N ASP A 84 -18.35 -3.18 -9.31
CA ASP A 84 -19.50 -2.30 -9.24
C ASP A 84 -19.66 -1.72 -7.84
N LEU A 85 -19.48 -2.56 -6.84
CA LEU A 85 -19.61 -2.13 -5.44
C LEU A 85 -18.70 -0.94 -5.17
N ILE A 86 -17.44 -1.06 -5.56
CA ILE A 86 -16.47 0.01 -5.35
C ILE A 86 -16.69 1.16 -6.32
N ASP A 87 -17.12 0.82 -7.54
CA ASP A 87 -17.38 1.81 -8.57
C ASP A 87 -18.52 2.75 -8.14
N GLN A 88 -19.27 2.33 -7.13
CA GLN A 88 -20.39 3.12 -6.63
C GLN A 88 -19.89 4.30 -5.80
N ALA A 89 -18.67 4.19 -5.28
CA ALA A 89 -18.08 5.24 -4.47
C ALA A 89 -17.31 6.23 -5.33
N PHE A 90 -17.47 7.52 -5.04
CA PHE A 90 -16.80 8.56 -5.80
C PHE A 90 -15.28 8.35 -5.77
N GLY A 91 -14.67 8.33 -6.95
CA GLY A 91 -13.23 8.13 -7.03
C GLY A 91 -12.76 6.92 -6.26
N ALA A 92 -13.53 5.83 -6.35
CA ALA A 92 -13.17 4.61 -5.65
C ALA A 92 -12.73 3.52 -6.63
N THR A 93 -11.70 2.77 -6.27
CA THR A 93 -11.19 1.71 -7.12
C THR A 93 -10.73 0.51 -6.29
N GLY A 94 -10.74 -0.67 -6.90
CA GLY A 94 -10.32 -1.87 -6.20
C GLY A 94 -8.93 -1.75 -5.61
N THR A 95 -8.10 -0.91 -6.23
CA THR A 95 -6.73 -0.71 -5.77
C THR A 95 -6.69 0.12 -4.49
N SER A 96 -7.87 0.55 -4.05
CA SER A 96 -7.98 1.36 -2.84
C SER A 96 -8.10 0.47 -1.60
N ARG A 97 -8.39 -0.80 -1.82
CA ARG A 97 -8.54 -1.75 -0.73
C ARG A 97 -7.41 -2.77 -0.74
N LEU A 98 -7.29 -3.54 0.34
CA LEU A 98 -6.26 -4.56 0.45
C LEU A 98 -4.86 -3.93 0.40
N GLY A 99 -4.27 -3.72 1.57
CA GLY A 99 -2.95 -3.12 1.64
C GLY A 99 -2.42 -3.06 3.05
N CYS A 100 -2.80 -4.03 3.88
CA CYS A 100 -2.36 -4.08 5.26
C CYS A 100 -1.16 -5.01 5.43
N GLN A 101 -1.41 -6.31 5.27
CA GLN A 101 -0.35 -7.31 5.40
C GLN A 101 0.33 -7.53 4.06
N LEU A 102 0.77 -6.46 3.43
CA LEU A 102 1.46 -6.54 2.15
C LEU A 102 2.96 -6.66 2.33
N ARG A 103 3.52 -7.80 1.94
CA ARG A 103 4.95 -8.03 2.07
C ARG A 103 5.70 -7.47 0.86
N VAL A 104 6.80 -6.78 1.12
CA VAL A 104 7.61 -6.18 0.06
C VAL A 104 8.13 -7.26 -0.90
N ASP A 105 7.78 -7.11 -2.17
CA ASP A 105 8.21 -8.07 -3.19
C ASP A 105 8.67 -7.35 -4.45
N LYS A 106 9.44 -8.05 -5.27
CA LYS A 106 9.96 -7.47 -6.51
C LYS A 106 8.82 -6.91 -7.36
N SER A 107 7.63 -7.49 -7.19
CA SER A 107 6.46 -7.05 -7.95
C SER A 107 6.12 -5.61 -7.62
N PHE A 108 6.44 -5.18 -6.41
CA PHE A 108 6.16 -3.82 -5.98
C PHE A 108 7.34 -2.90 -6.29
N GLU A 109 8.26 -3.38 -7.11
CA GLU A 109 9.43 -2.61 -7.49
C GLU A 109 9.03 -1.33 -8.21
N ASN A 110 9.42 -0.19 -7.65
CA ASN A 110 9.09 1.11 -8.25
C ASN A 110 7.58 1.33 -8.25
N ALA A 111 6.88 0.61 -7.39
CA ALA A 111 5.42 0.74 -7.29
C ALA A 111 5.03 2.01 -6.56
N VAL A 112 3.85 2.53 -6.86
CA VAL A 112 3.35 3.74 -6.23
C VAL A 112 2.27 3.43 -5.20
N PHE A 113 2.45 3.93 -3.99
CA PHE A 113 1.49 3.70 -2.92
C PHE A 113 0.81 5.01 -2.52
N THR A 114 -0.40 5.22 -3.04
CA THR A 114 -1.16 6.43 -2.74
C THR A 114 -1.95 6.27 -1.45
N VAL A 115 -1.75 7.19 -0.52
CA VAL A 115 -2.46 7.16 0.76
C VAL A 115 -3.51 8.25 0.84
N PRO A 116 -4.74 7.90 0.45
CA PRO A 116 -5.87 8.84 0.47
C PRO A 116 -6.31 9.19 1.88
N ARG A 117 -6.21 8.22 2.78
CA ARG A 117 -6.60 8.42 4.18
C ARG A 117 -5.68 9.44 4.86
N ALA A 118 -6.26 10.25 5.74
CA ALA A 118 -5.49 11.26 6.46
C ALA A 118 -5.77 11.20 7.95
N THR A 119 -4.94 11.88 8.73
CA THR A 119 -5.09 11.90 10.18
C THR A 119 -6.32 12.70 10.59
N LYS A 120 -7.13 12.13 11.47
CA LYS A 120 -8.34 12.78 11.94
C LYS A 120 -9.02 11.95 13.04
N ASN A 121 -10.04 12.53 13.66
CA ASN A 121 -10.77 11.84 14.72
C ASN A 121 -12.00 11.13 14.16
N MET A 122 -12.55 11.68 13.08
CA MET A 122 -13.73 11.10 12.44
C MET A 122 -13.45 10.77 10.98
N ALA A 123 -14.14 9.75 10.47
CA ALA A 123 -13.96 9.34 9.08
C ALA A 123 -14.42 10.43 8.12
N VAL A 124 -13.67 10.62 7.04
CA VAL A 124 -14.00 11.63 6.04
C VAL A 124 -13.65 11.15 4.63
N ASP A 125 -14.41 11.63 3.65
CA ASP A 125 -14.18 11.25 2.27
C ASP A 125 -12.75 11.54 1.85
N GLY A 126 -12.38 11.11 0.65
CA GLY A 126 -11.04 11.32 0.15
C GLY A 126 -10.96 12.50 -0.80
N PHE A 127 -10.02 12.44 -1.74
CA PHE A 127 -9.84 13.51 -2.71
C PHE A 127 -9.29 12.97 -4.03
N LYS A 128 -8.97 13.87 -4.95
CA LYS A 128 -8.44 13.47 -6.25
C LYS A 128 -9.11 12.20 -6.76
N PRO A 129 -10.41 12.30 -7.08
CA PRO A 129 -11.19 11.17 -7.58
C PRO A 129 -10.77 10.75 -8.98
N LYS A 130 -10.70 9.44 -9.21
CA LYS A 130 -10.32 8.91 -10.52
C LYS A 130 -11.28 7.82 -10.96
N PRO A 131 -11.29 7.53 -12.27
CA PRO A 131 -12.15 6.50 -12.85
C PRO A 131 -11.73 5.09 -12.44
N HIS A 132 -10.43 4.83 -12.49
CA HIS A 132 -9.89 3.52 -12.12
C HIS A 132 -8.56 3.65 -11.39
N GLY A 1 21.09 -15.84 27.56
CA GLY A 1 22.11 -15.14 26.81
C GLY A 1 21.69 -14.82 25.40
N PRO A 2 22.59 -14.22 24.62
CA PRO A 2 22.33 -13.86 23.22
C PRO A 2 22.21 -15.07 22.31
N GLY A 3 22.06 -14.83 21.02
CA GLY A 3 21.94 -15.92 20.06
C GLY A 3 22.55 -15.58 18.72
N SER A 4 22.44 -16.50 17.77
CA SER A 4 23.00 -16.31 16.44
C SER A 4 21.95 -16.61 15.36
N MET A 5 22.35 -16.48 14.11
CA MET A 5 21.45 -16.74 12.99
C MET A 5 22.20 -17.38 11.83
N ASP A 6 21.45 -17.94 10.88
CA ASP A 6 22.05 -18.59 9.71
C ASP A 6 21.14 -18.46 8.50
N MET A 7 21.59 -18.98 7.37
CA MET A 7 20.82 -18.93 6.13
C MET A 7 20.23 -20.29 5.80
N PHE A 8 19.44 -20.34 4.72
CA PHE A 8 18.81 -21.58 4.30
C PHE A 8 18.58 -21.58 2.79
N SER A 9 18.47 -22.77 2.21
CA SER A 9 18.24 -22.92 0.78
C SER A 9 16.75 -22.97 0.46
N ALA A 10 16.42 -23.25 -0.79
CA ALA A 10 15.03 -23.34 -1.22
C ALA A 10 14.33 -21.99 -1.09
N PRO A 11 14.65 -21.06 -1.99
CA PRO A 11 14.07 -19.72 -1.99
C PRO A 11 12.60 -19.73 -2.39
N ASP A 12 11.73 -20.04 -1.43
CA ASP A 12 10.30 -20.08 -1.68
C ASP A 12 9.57 -19.05 -0.84
N ARG A 13 10.28 -17.98 -0.47
CA ARG A 13 9.70 -16.92 0.34
C ARG A 13 9.85 -15.57 -0.35
N ILE A 14 9.61 -14.50 0.40
CA ILE A 14 9.73 -13.15 -0.13
C ILE A 14 11.07 -12.93 -0.81
N PRO A 15 11.05 -12.36 -2.02
CA PRO A 15 12.27 -12.09 -2.80
C PRO A 15 13.12 -10.99 -2.18
N GLU A 16 14.13 -10.54 -2.92
CA GLU A 16 15.02 -9.49 -2.45
C GLU A 16 14.24 -8.21 -2.12
N GLN A 17 14.81 -7.37 -1.28
CA GLN A 17 14.16 -6.12 -0.88
C GLN A 17 14.22 -5.11 -2.02
N ILE A 18 13.15 -4.32 -2.15
CA ILE A 18 13.08 -3.31 -3.20
C ILE A 18 12.72 -1.95 -2.62
N ARG A 19 12.69 -0.93 -3.47
CA ARG A 19 12.36 0.43 -3.04
C ARG A 19 11.05 0.89 -3.67
N ILE A 20 10.21 1.52 -2.85
CA ILE A 20 8.92 2.02 -3.32
C ILE A 20 8.82 3.53 -3.15
N PHE A 21 7.78 4.12 -3.74
CA PHE A 21 7.56 5.56 -3.66
C PHE A 21 6.21 5.87 -3.03
N PHE A 22 6.20 6.86 -2.14
CA PHE A 22 4.97 7.26 -1.46
C PHE A 22 4.48 8.61 -1.98
N LYS A 23 3.45 8.58 -2.82
CA LYS A 23 2.88 9.79 -3.38
C LYS A 23 1.76 10.33 -2.51
N THR A 24 1.83 11.62 -2.18
CA THR A 24 0.82 12.26 -1.34
C THR A 24 0.12 13.39 -2.09
N MET A 25 -0.79 14.08 -1.40
CA MET A 25 -1.53 15.18 -1.99
C MET A 25 -0.65 16.43 -2.10
N LYS A 26 0.53 16.37 -1.51
CA LYS A 26 1.46 17.48 -1.54
C LYS A 26 2.68 17.16 -2.41
N GLN A 27 3.15 15.92 -2.33
CA GLN A 27 4.29 15.48 -3.11
C GLN A 27 4.60 14.01 -2.86
N VAL A 28 5.58 13.48 -3.58
CA VAL A 28 5.97 12.08 -3.44
C VAL A 28 7.33 11.96 -2.77
N VAL A 29 7.43 11.04 -1.82
CA VAL A 29 8.67 10.81 -1.10
C VAL A 29 9.13 9.36 -1.23
N PRO A 30 10.46 9.14 -1.18
CA PRO A 30 11.05 7.80 -1.29
C PRO A 30 10.76 6.94 -0.06
N ALA A 31 10.61 5.64 -0.28
CA ALA A 31 10.34 4.70 0.81
C ALA A 31 10.96 3.34 0.53
N LYS A 32 12.01 3.02 1.27
CA LYS A 32 12.70 1.74 1.11
C LYS A 32 11.88 0.61 1.71
N ALA A 33 11.66 -0.43 0.91
CA ALA A 33 10.89 -1.60 1.37
C ALA A 33 11.81 -2.79 1.63
N VAL A 34 11.81 -3.27 2.87
CA VAL A 34 12.64 -4.40 3.25
C VAL A 34 11.94 -5.73 2.94
N CYS A 35 12.72 -6.78 2.74
CA CYS A 35 12.17 -8.09 2.44
C CYS A 35 11.20 -8.54 3.52
N GLY A 36 9.92 -8.58 3.18
CA GLY A 36 8.91 -8.99 4.14
C GLY A 36 8.18 -7.81 4.75
N SER A 37 8.76 -6.62 4.62
CA SER A 37 8.16 -5.41 5.18
C SER A 37 6.86 -5.07 4.45
N THR A 38 5.88 -4.59 5.20
CA THR A 38 4.58 -4.22 4.63
C THR A 38 4.51 -2.73 4.34
N VAL A 39 3.60 -2.35 3.44
CA VAL A 39 3.44 -0.95 3.07
C VAL A 39 3.30 -0.08 4.31
N LEU A 40 2.30 -0.37 5.14
CA LEU A 40 2.06 0.39 6.36
C LEU A 40 3.32 0.45 7.21
N ASP A 41 4.10 -0.63 7.19
CA ASP A 41 5.33 -0.70 7.97
C ASP A 41 6.41 0.20 7.36
N VAL A 42 6.33 0.41 6.05
CA VAL A 42 7.29 1.24 5.34
C VAL A 42 7.04 2.72 5.60
N ALA A 43 5.78 3.12 5.50
CA ALA A 43 5.40 4.51 5.72
C ALA A 43 5.91 5.01 7.07
N HIS A 44 6.07 4.09 8.01
CA HIS A 44 6.55 4.43 9.35
C HIS A 44 8.04 4.78 9.31
N LYS A 45 8.80 4.04 8.50
CA LYS A 45 10.23 4.27 8.38
C LYS A 45 10.51 5.62 7.72
N ASN A 46 9.86 5.86 6.58
CA ASN A 46 10.04 7.12 5.85
C ASN A 46 9.38 8.27 6.59
N GLY A 47 8.27 7.97 7.27
CA GLY A 47 7.54 8.99 8.01
C GLY A 47 6.28 9.44 7.30
N VAL A 48 6.05 8.89 6.11
CA VAL A 48 4.87 9.24 5.33
C VAL A 48 3.59 9.10 6.15
N ASP A 49 2.66 10.01 5.94
CA ASP A 49 1.39 9.99 6.67
C ASP A 49 0.49 8.88 6.15
N LEU A 50 0.73 7.66 6.63
CA LEU A 50 -0.06 6.50 6.20
C LEU A 50 -0.68 5.81 7.41
N GLU A 51 -2.00 5.88 7.51
CA GLU A 51 -2.73 5.26 8.63
C GLU A 51 -2.34 3.80 8.77
N GLY A 52 -2.30 3.32 10.00
CA GLY A 52 -1.94 1.94 10.26
C GLY A 52 -1.94 1.60 11.74
N ALA A 53 -2.84 2.23 12.49
CA ALA A 53 -2.95 1.99 13.92
C ALA A 53 -4.20 1.20 14.25
N CYS A 54 -4.10 -0.12 14.18
CA CYS A 54 -5.23 -1.00 14.48
C CYS A 54 -5.27 -1.36 15.96
N GLU A 55 -4.10 -1.63 16.53
CA GLU A 55 -4.01 -1.99 17.93
C GLU A 55 -4.65 -0.92 18.82
N GLY A 56 -5.38 -1.38 19.83
CA GLY A 56 -6.04 -0.45 20.73
C GLY A 56 -7.50 -0.77 20.92
N ASN A 57 -8.37 0.01 20.27
CA ASN A 57 -9.82 -0.21 20.37
C ASN A 57 -10.46 -0.22 18.99
N LEU A 58 -11.79 -0.24 18.95
CA LEU A 58 -12.53 -0.26 17.70
C LEU A 58 -12.53 1.11 17.05
N ALA A 59 -11.36 1.55 16.58
CA ALA A 59 -11.23 2.84 15.93
C ALA A 59 -10.84 2.68 14.46
N CYS A 60 -9.87 1.82 14.20
CA CYS A 60 -9.41 1.57 12.84
C CYS A 60 -10.39 0.69 12.08
N SER A 61 -11.53 1.25 11.72
CA SER A 61 -12.56 0.52 11.00
C SER A 61 -11.98 -0.10 9.72
N THR A 62 -11.58 0.75 8.78
CA THR A 62 -11.02 0.30 7.52
C THR A 62 -10.21 1.41 6.85
N CYS A 63 -9.14 1.01 6.15
CA CYS A 63 -8.28 1.96 5.46
C CYS A 63 -8.32 1.74 3.96
N HIS A 64 -8.03 2.79 3.19
CA HIS A 64 -8.02 2.71 1.75
C HIS A 64 -6.94 3.60 1.15
N VAL A 65 -6.08 3.01 0.33
CA VAL A 65 -4.99 3.74 -0.31
C VAL A 65 -4.98 3.52 -1.81
N ILE A 66 -4.52 4.53 -2.55
CA ILE A 66 -4.46 4.44 -4.00
C ILE A 66 -3.10 3.90 -4.46
N LEU A 67 -3.14 2.94 -5.39
CA LEU A 67 -1.92 2.34 -5.91
C LEU A 67 -1.81 2.55 -7.42
N GLU A 68 -0.60 2.44 -7.94
CA GLU A 68 -0.36 2.62 -9.37
C GLU A 68 -1.42 1.89 -10.18
N GLU A 69 -1.91 2.53 -11.24
CA GLU A 69 -2.92 1.93 -12.10
C GLU A 69 -2.42 0.64 -12.72
N PRO A 70 -1.27 0.73 -13.42
CA PRO A 70 -0.66 -0.42 -14.07
C PRO A 70 -0.09 -1.43 -13.07
N LEU A 71 0.40 -0.92 -11.94
CA LEU A 71 0.97 -1.77 -10.91
C LEU A 71 -0.07 -2.72 -10.34
N TYR A 72 -1.25 -2.18 -10.03
CA TYR A 72 -2.33 -2.99 -9.49
C TYR A 72 -2.94 -3.89 -10.56
N ARG A 73 -3.24 -3.31 -11.71
CA ARG A 73 -3.83 -4.06 -12.81
C ARG A 73 -2.94 -5.24 -13.20
N LYS A 74 -1.63 -5.04 -13.12
CA LYS A 74 -0.67 -6.08 -13.46
C LYS A 74 -0.57 -7.12 -12.34
N LEU A 75 -0.49 -6.63 -11.10
CA LEU A 75 -0.40 -7.51 -9.94
C LEU A 75 -1.65 -8.37 -9.80
N GLY A 76 -2.79 -7.71 -9.61
CA GLY A 76 -4.04 -8.44 -9.47
C GLY A 76 -5.21 -7.51 -9.22
N GLU A 77 -6.42 -7.99 -9.52
CA GLU A 77 -7.63 -7.19 -9.33
C GLU A 77 -8.68 -7.99 -8.57
N PRO A 78 -9.62 -7.26 -7.94
CA PRO A 78 -10.71 -7.88 -7.17
C PRO A 78 -11.71 -8.60 -8.06
N SER A 79 -12.75 -9.16 -7.43
CA SER A 79 -13.79 -9.88 -8.17
C SER A 79 -14.98 -8.97 -8.46
N ASP A 80 -16.02 -9.55 -9.05
CA ASP A 80 -17.22 -8.79 -9.38
C ASP A 80 -17.81 -8.15 -8.14
N LYS A 81 -17.88 -8.91 -7.05
CA LYS A 81 -18.42 -8.41 -5.79
C LYS A 81 -17.73 -7.11 -5.37
N GLU A 82 -16.42 -7.19 -5.18
CA GLU A 82 -15.64 -6.02 -4.77
C GLU A 82 -15.71 -4.93 -5.84
N TYR A 83 -15.90 -5.34 -7.09
CA TYR A 83 -15.97 -4.40 -8.19
C TYR A 83 -17.15 -3.45 -8.03
N ASP A 84 -18.34 -4.02 -7.87
CA ASP A 84 -19.55 -3.23 -7.69
C ASP A 84 -19.52 -2.48 -6.37
N LEU A 85 -19.09 -3.17 -5.32
CA LEU A 85 -19.02 -2.57 -3.99
C LEU A 85 -18.20 -1.29 -4.02
N ILE A 86 -17.05 -1.35 -4.67
CA ILE A 86 -16.17 -0.18 -4.76
C ILE A 86 -16.71 0.83 -5.77
N ASP A 87 -17.34 0.32 -6.83
CA ASP A 87 -17.91 1.18 -7.86
C ASP A 87 -19.04 2.04 -7.30
N GLN A 88 -19.53 1.66 -6.12
CA GLN A 88 -20.61 2.39 -5.47
C GLN A 88 -20.11 3.69 -4.86
N ALA A 89 -18.80 3.88 -4.89
CA ALA A 89 -18.18 5.08 -4.34
C ALA A 89 -17.73 6.02 -5.44
N PHE A 90 -18.01 7.31 -5.27
CA PHE A 90 -17.63 8.31 -6.25
C PHE A 90 -16.14 8.26 -6.53
N GLY A 91 -15.78 8.10 -7.81
CA GLY A 91 -14.38 8.04 -8.19
C GLY A 91 -13.61 7.02 -7.37
N ALA A 92 -14.20 5.86 -7.16
CA ALA A 92 -13.56 4.79 -6.39
C ALA A 92 -12.99 3.73 -7.32
N THR A 93 -11.88 3.13 -6.90
CA THR A 93 -11.21 2.10 -7.67
C THR A 93 -10.66 0.99 -6.78
N GLY A 94 -10.54 -0.20 -7.34
CA GLY A 94 -10.01 -1.33 -6.57
C GLY A 94 -8.65 -1.04 -5.97
N THR A 95 -7.82 -0.33 -6.73
CA THR A 95 -6.47 0.01 -6.27
C THR A 95 -6.52 1.11 -5.21
N SER A 96 -7.73 1.58 -4.90
CA SER A 96 -7.91 2.63 -3.91
C SER A 96 -8.05 2.04 -2.51
N ARG A 97 -8.34 0.74 -2.45
CA ARG A 97 -8.50 0.06 -1.17
C ARG A 97 -7.45 -1.04 -1.01
N LEU A 98 -7.06 -1.29 0.23
CA LEU A 98 -6.06 -2.32 0.53
C LEU A 98 -6.63 -3.37 1.47
N GLY A 99 -5.78 -4.30 1.90
CA GLY A 99 -6.21 -5.34 2.80
C GLY A 99 -5.27 -5.53 3.97
N CYS A 100 -4.29 -4.62 4.09
CA CYS A 100 -3.31 -4.69 5.17
C CYS A 100 -2.51 -5.98 5.09
N GLN A 101 -1.43 -6.05 5.87
CA GLN A 101 -0.57 -7.24 5.89
C GLN A 101 -0.11 -7.59 4.48
N LEU A 102 0.29 -6.58 3.72
CA LEU A 102 0.76 -6.79 2.36
C LEU A 102 2.26 -6.56 2.25
N ARG A 103 3.04 -7.62 2.42
CA ARG A 103 4.50 -7.54 2.34
C ARG A 103 4.94 -7.00 0.98
N VAL A 104 6.22 -6.66 0.88
CA VAL A 104 6.77 -6.14 -0.37
C VAL A 104 7.32 -7.26 -1.23
N ASP A 105 7.16 -7.12 -2.55
CA ASP A 105 7.64 -8.13 -3.49
C ASP A 105 8.34 -7.47 -4.67
N LYS A 106 8.98 -8.28 -5.50
CA LYS A 106 9.69 -7.78 -6.68
C LYS A 106 8.74 -7.01 -7.60
N SER A 107 7.52 -7.51 -7.72
CA SER A 107 6.52 -6.86 -8.57
C SER A 107 6.18 -5.47 -8.06
N PHE A 108 6.51 -5.22 -6.79
CA PHE A 108 6.24 -3.93 -6.17
C PHE A 108 7.42 -2.98 -6.34
N GLU A 109 8.38 -3.38 -7.17
CA GLU A 109 9.57 -2.57 -7.42
C GLU A 109 9.19 -1.22 -7.99
N ASN A 110 9.63 -0.15 -7.33
CA ASN A 110 9.34 1.20 -7.78
C ASN A 110 7.83 1.46 -7.79
N ALA A 111 7.10 0.66 -7.02
CA ALA A 111 5.66 0.81 -6.92
C ALA A 111 5.27 2.16 -6.34
N VAL A 112 4.37 2.86 -7.03
CA VAL A 112 3.91 4.17 -6.58
C VAL A 112 2.65 4.05 -5.73
N PHE A 113 2.74 4.48 -4.48
CA PHE A 113 1.62 4.42 -3.55
C PHE A 113 1.03 5.81 -3.33
N THR A 114 -0.06 6.11 -4.02
CA THR A 114 -0.73 7.40 -3.90
C THR A 114 -1.72 7.40 -2.75
N VAL A 115 -1.65 8.43 -1.91
CA VAL A 115 -2.56 8.55 -0.76
C VAL A 115 -3.51 9.71 -0.95
N PRO A 116 -4.81 9.46 -0.70
CA PRO A 116 -5.85 10.48 -0.83
C PRO A 116 -5.75 11.55 0.26
N ARG A 117 -5.48 11.11 1.48
CA ARG A 117 -5.36 12.04 2.61
C ARG A 117 -4.01 11.86 3.31
N ALA A 118 -3.10 12.79 3.06
CA ALA A 118 -1.78 12.75 3.67
C ALA A 118 -1.32 14.13 4.10
N THR A 119 -0.08 14.22 4.59
CA THR A 119 0.47 15.49 5.04
C THR A 119 1.57 15.97 4.11
N LYS A 120 2.23 17.06 4.49
CA LYS A 120 3.32 17.62 3.69
C LYS A 120 4.62 16.87 3.95
N ASN A 121 5.71 17.38 3.37
CA ASN A 121 7.02 16.76 3.54
C ASN A 121 8.13 17.68 3.03
N MET A 122 9.37 17.22 3.15
CA MET A 122 10.52 18.01 2.70
C MET A 122 10.76 17.80 1.20
N ALA A 123 10.48 18.83 0.41
CA ALA A 123 10.68 18.76 -1.04
C ALA A 123 10.36 20.10 -1.70
N VAL A 124 10.72 20.22 -2.97
CA VAL A 124 10.48 21.44 -3.72
C VAL A 124 9.11 21.42 -4.39
N ASP A 125 8.53 22.59 -4.60
CA ASP A 125 7.22 22.70 -5.23
C ASP A 125 6.83 24.16 -5.43
N GLY A 126 5.69 24.38 -6.09
CA GLY A 126 5.24 25.74 -6.33
C GLY A 126 3.73 25.87 -6.23
N PHE A 127 3.26 27.07 -5.94
CA PHE A 127 1.83 27.32 -5.80
C PHE A 127 1.52 28.81 -5.95
N LYS A 128 0.24 29.15 -5.85
CA LYS A 128 -0.18 30.54 -5.97
C LYS A 128 -0.22 31.22 -4.61
N PRO A 129 -0.20 32.57 -4.61
CA PRO A 129 -0.24 33.37 -3.38
C PRO A 129 -1.58 33.28 -2.68
N LYS A 130 -2.65 33.48 -3.44
CA LYS A 130 -4.01 33.43 -2.89
C LYS A 130 -4.15 34.41 -1.73
N PRO A 131 -4.22 35.71 -2.06
CA PRO A 131 -4.36 36.77 -1.06
C PRO A 131 -5.75 36.76 -0.40
N HIS A 132 -5.78 37.06 0.90
CA HIS A 132 -7.04 37.09 1.64
C HIS A 132 -7.98 38.14 1.07
N GLY A 1 -10.00 -45.43 8.09
CA GLY A 1 -9.64 -44.74 6.86
C GLY A 1 -8.98 -43.40 7.13
N PRO A 2 -7.75 -43.44 7.66
CA PRO A 2 -6.99 -42.22 7.97
C PRO A 2 -6.53 -41.49 6.72
N GLY A 3 -6.02 -40.28 6.90
CA GLY A 3 -5.55 -39.50 5.77
C GLY A 3 -5.05 -38.13 6.18
N SER A 4 -3.79 -37.84 5.90
CA SER A 4 -3.19 -36.56 6.25
C SER A 4 -2.46 -35.95 5.05
N MET A 5 -2.26 -34.64 5.10
CA MET A 5 -1.57 -33.94 4.02
C MET A 5 -0.40 -33.13 4.55
N ASP A 6 0.52 -32.77 3.66
CA ASP A 6 1.69 -31.99 4.04
C ASP A 6 1.76 -30.68 3.26
N MET A 7 1.73 -29.56 3.98
CA MET A 7 1.79 -28.25 3.36
C MET A 7 2.79 -27.35 4.07
N PHE A 8 3.10 -26.21 3.47
CA PHE A 8 4.04 -25.26 4.04
C PHE A 8 3.46 -23.85 4.06
N SER A 9 3.64 -23.15 5.18
CA SER A 9 3.14 -21.80 5.32
C SER A 9 4.19 -20.88 5.92
N ALA A 10 3.87 -19.59 6.02
CA ALA A 10 4.80 -18.61 6.57
C ALA A 10 6.14 -18.67 5.87
N PRO A 11 6.16 -18.23 4.59
CA PRO A 11 7.39 -18.23 3.79
C PRO A 11 8.40 -17.18 4.26
N ASP A 12 9.51 -17.66 4.81
CA ASP A 12 10.56 -16.77 5.31
C ASP A 12 11.73 -16.71 4.33
N ARG A 13 11.44 -16.98 3.06
CA ARG A 13 12.48 -16.96 2.03
C ARG A 13 12.35 -15.73 1.15
N ILE A 14 12.09 -14.58 1.78
CA ILE A 14 11.94 -13.32 1.05
C ILE A 14 13.14 -13.06 0.17
N PRO A 15 12.89 -12.68 -1.09
CA PRO A 15 13.94 -12.38 -2.07
C PRO A 15 14.69 -11.09 -1.73
N GLU A 16 15.54 -10.65 -2.65
CA GLU A 16 16.32 -9.43 -2.45
C GLU A 16 15.41 -8.27 -2.08
N GLN A 17 15.99 -7.27 -1.43
CA GLN A 17 15.24 -6.09 -1.01
C GLN A 17 14.90 -5.20 -2.20
N ILE A 18 13.77 -4.51 -2.13
CA ILE A 18 13.34 -3.64 -3.20
C ILE A 18 12.93 -2.26 -2.66
N ARG A 19 12.59 -1.35 -3.56
CA ARG A 19 12.19 -0.01 -3.17
C ARG A 19 10.79 0.32 -3.70
N ILE A 20 10.04 1.08 -2.92
CA ILE A 20 8.68 1.46 -3.31
C ILE A 20 8.51 2.97 -3.26
N PHE A 21 7.38 3.45 -3.76
CA PHE A 21 7.09 4.88 -3.78
C PHE A 21 5.89 5.20 -2.90
N PHE A 22 6.07 6.12 -1.96
CA PHE A 22 5.01 6.51 -1.04
C PHE A 22 4.25 7.72 -1.58
N LYS A 23 3.06 7.46 -2.11
CA LYS A 23 2.22 8.52 -2.67
C LYS A 23 1.15 8.94 -1.67
N THR A 24 1.06 10.23 -1.41
CA THR A 24 0.08 10.76 -0.47
C THR A 24 -0.93 11.66 -1.18
N MET A 25 -1.71 12.40 -0.40
CA MET A 25 -2.71 13.30 -0.96
C MET A 25 -2.08 14.27 -1.96
N LYS A 26 -1.06 14.98 -1.52
CA LYS A 26 -0.36 15.93 -2.36
C LYS A 26 1.14 15.91 -2.11
N GLN A 27 1.63 14.75 -1.67
CA GLN A 27 3.06 14.59 -1.38
C GLN A 27 3.54 13.21 -1.82
N VAL A 28 4.62 13.19 -2.60
CA VAL A 28 5.19 11.95 -3.09
C VAL A 28 6.63 11.77 -2.61
N VAL A 29 6.82 10.82 -1.70
CA VAL A 29 8.15 10.55 -1.16
C VAL A 29 8.55 9.09 -1.37
N PRO A 30 9.86 8.85 -1.50
CA PRO A 30 10.40 7.50 -1.72
C PRO A 30 10.26 6.61 -0.49
N ALA A 31 10.33 5.31 -0.70
CA ALA A 31 10.20 4.35 0.40
C ALA A 31 11.10 3.13 0.17
N LYS A 32 11.78 2.70 1.21
CA LYS A 32 12.67 1.55 1.13
C LYS A 32 11.99 0.30 1.66
N ALA A 33 12.09 -0.80 0.92
CA ALA A 33 11.48 -2.06 1.32
C ALA A 33 12.55 -3.08 1.71
N VAL A 34 12.53 -3.51 2.96
CA VAL A 34 13.49 -4.49 3.45
C VAL A 34 12.87 -5.87 3.56
N CYS A 35 13.69 -6.90 3.37
CA CYS A 35 13.21 -8.28 3.44
C CYS A 35 12.51 -8.54 4.77
N GLY A 36 11.23 -8.88 4.71
CA GLY A 36 10.46 -9.15 5.91
C GLY A 36 9.97 -7.89 6.58
N SER A 37 9.92 -6.80 5.82
CA SER A 37 9.46 -5.52 6.35
C SER A 37 7.98 -5.32 6.07
N THR A 38 7.50 -4.10 6.30
CA THR A 38 6.10 -3.77 6.08
C THR A 38 5.94 -2.32 5.65
N VAL A 39 5.00 -2.08 4.74
CA VAL A 39 4.74 -0.72 4.25
C VAL A 39 4.51 0.25 5.40
N LEU A 40 3.50 -0.04 6.22
CA LEU A 40 3.18 0.80 7.37
C LEU A 40 4.41 1.03 8.25
N ASP A 41 5.24 -0.01 8.37
CA ASP A 41 6.45 0.08 9.17
C ASP A 41 7.50 0.95 8.48
N VAL A 42 7.44 1.00 7.16
CA VAL A 42 8.38 1.80 6.38
C VAL A 42 8.05 3.29 6.47
N ALA A 43 6.76 3.61 6.43
CA ALA A 43 6.31 4.99 6.51
C ALA A 43 6.93 5.71 7.70
N HIS A 44 7.18 4.96 8.77
CA HIS A 44 7.76 5.53 9.97
C HIS A 44 9.25 5.80 9.77
N LYS A 45 9.91 4.94 9.01
CA LYS A 45 11.34 5.10 8.74
C LYS A 45 11.57 6.20 7.71
N ASN A 46 10.72 6.24 6.69
CA ASN A 46 10.83 7.24 5.64
C ASN A 46 10.44 8.62 6.16
N GLY A 47 9.61 8.64 7.19
CA GLY A 47 9.15 9.90 7.76
C GLY A 47 7.71 10.20 7.45
N VAL A 48 7.14 9.44 6.52
CA VAL A 48 5.75 9.62 6.13
C VAL A 48 4.81 9.41 7.31
N ASP A 49 4.19 10.48 7.77
CA ASP A 49 3.26 10.41 8.90
C ASP A 49 1.96 9.74 8.49
N LEU A 50 1.97 8.41 8.46
CA LEU A 50 0.79 7.64 8.08
C LEU A 50 0.42 6.65 9.17
N GLU A 51 -0.89 6.41 9.31
CA GLU A 51 -1.38 5.48 10.33
C GLU A 51 -1.57 4.09 9.74
N GLY A 52 -1.45 3.07 10.58
CA GLY A 52 -1.61 1.70 10.12
C GLY A 52 -3.02 1.18 10.32
N ALA A 53 -3.47 0.32 9.42
CA ALA A 53 -4.80 -0.25 9.50
C ALA A 53 -4.78 -1.59 10.22
N CYS A 54 -4.32 -2.63 9.51
CA CYS A 54 -4.24 -3.97 10.09
C CYS A 54 -3.40 -3.98 11.35
N GLU A 55 -3.82 -4.78 12.33
CA GLU A 55 -3.10 -4.88 13.59
C GLU A 55 -2.23 -6.13 13.63
N GLY A 56 -2.88 -7.30 13.64
CA GLY A 56 -2.14 -8.55 13.67
C GLY A 56 -3.02 -9.75 13.37
N ASN A 57 -3.55 -10.38 14.41
CA ASN A 57 -4.41 -11.54 14.25
C ASN A 57 -5.87 -11.12 14.07
N LEU A 58 -6.39 -10.38 15.05
CA LEU A 58 -7.77 -9.92 14.99
C LEU A 58 -8.03 -9.13 13.71
N ALA A 59 -9.16 -9.41 13.08
CA ALA A 59 -9.53 -8.73 11.84
C ALA A 59 -9.62 -7.22 12.05
N CYS A 60 -9.63 -6.47 10.96
CA CYS A 60 -9.71 -5.02 11.03
C CYS A 60 -10.93 -4.50 10.26
N SER A 61 -11.07 -3.19 10.20
CA SER A 61 -12.19 -2.57 9.50
C SER A 61 -11.98 -2.61 7.99
N THR A 62 -12.90 -2.00 7.25
CA THR A 62 -12.81 -1.97 5.80
C THR A 62 -11.45 -1.46 5.34
N CYS A 63 -10.93 -2.07 4.28
CA CYS A 63 -9.63 -1.68 3.74
C CYS A 63 -9.75 -1.29 2.27
N HIS A 64 -8.94 -0.32 1.85
CA HIS A 64 -8.95 0.14 0.46
C HIS A 64 -7.88 1.20 0.24
N VAL A 65 -6.90 0.87 -0.59
CA VAL A 65 -5.81 1.79 -0.90
C VAL A 65 -5.63 1.95 -2.40
N ILE A 66 -5.05 3.08 -2.81
CA ILE A 66 -4.82 3.35 -4.23
C ILE A 66 -3.45 2.84 -4.67
N LEU A 67 -3.41 2.22 -5.84
CA LEU A 67 -2.16 1.69 -6.38
C LEU A 67 -1.92 2.19 -7.81
N GLU A 68 -0.68 2.09 -8.26
CA GLU A 68 -0.33 2.53 -9.61
C GLU A 68 -1.37 2.04 -10.63
N GLU A 69 -1.66 2.89 -11.60
CA GLU A 69 -2.64 2.55 -12.64
C GLU A 69 -2.22 1.29 -13.38
N PRO A 70 -1.03 1.33 -14.01
CA PRO A 70 -0.50 0.20 -14.76
C PRO A 70 -0.08 -0.96 -13.86
N LEU A 71 0.67 -0.65 -12.81
CA LEU A 71 1.13 -1.67 -11.88
C LEU A 71 -0.03 -2.51 -11.38
N TYR A 72 -1.11 -1.85 -10.99
CA TYR A 72 -2.30 -2.54 -10.49
C TYR A 72 -2.98 -3.32 -11.60
N ARG A 73 -3.23 -2.64 -12.72
CA ARG A 73 -3.88 -3.29 -13.87
C ARG A 73 -3.15 -4.57 -14.27
N LYS A 74 -1.83 -4.50 -14.29
CA LYS A 74 -1.01 -5.65 -14.65
C LYS A 74 -0.92 -6.63 -13.49
N LEU A 75 -1.01 -6.11 -12.28
CA LEU A 75 -0.93 -6.94 -11.08
C LEU A 75 -2.18 -7.81 -10.94
N GLY A 76 -3.33 -7.16 -10.80
CA GLY A 76 -4.57 -7.89 -10.66
C GLY A 76 -5.75 -6.97 -10.38
N GLU A 77 -6.85 -7.19 -11.11
CA GLU A 77 -8.04 -6.37 -10.94
C GLU A 77 -8.99 -7.00 -9.93
N PRO A 78 -9.91 -6.18 -9.39
CA PRO A 78 -10.89 -6.63 -8.40
C PRO A 78 -11.94 -7.55 -9.00
N SER A 79 -12.56 -8.38 -8.16
CA SER A 79 -13.58 -9.31 -8.61
C SER A 79 -14.95 -8.65 -8.64
N ASP A 80 -15.99 -9.46 -8.84
CA ASP A 80 -17.35 -8.95 -8.89
C ASP A 80 -17.70 -8.19 -7.61
N LYS A 81 -17.41 -8.80 -6.47
CA LYS A 81 -17.69 -8.19 -5.18
C LYS A 81 -17.07 -6.79 -5.09
N GLU A 82 -15.75 -6.73 -5.24
CA GLU A 82 -15.04 -5.45 -5.18
C GLU A 82 -15.52 -4.52 -6.29
N TYR A 83 -15.99 -5.09 -7.39
CA TYR A 83 -16.47 -4.31 -8.52
C TYR A 83 -17.67 -3.47 -8.13
N ASP A 84 -18.71 -4.12 -7.61
CA ASP A 84 -19.92 -3.44 -7.19
C ASP A 84 -19.65 -2.55 -5.98
N LEU A 85 -18.81 -3.03 -5.08
CA LEU A 85 -18.46 -2.28 -3.87
C LEU A 85 -17.82 -0.94 -4.23
N ILE A 86 -16.86 -0.98 -5.15
CA ILE A 86 -16.16 0.23 -5.58
C ILE A 86 -17.07 1.09 -6.46
N ASP A 87 -17.90 0.43 -7.27
CA ASP A 87 -18.81 1.14 -8.16
C ASP A 87 -19.77 2.03 -7.37
N GLN A 88 -19.93 1.71 -6.09
CA GLN A 88 -20.82 2.48 -5.23
C GLN A 88 -20.18 3.81 -4.82
N ALA A 89 -18.86 3.85 -4.85
CA ALA A 89 -18.12 5.06 -4.50
C ALA A 89 -18.08 6.04 -5.67
N PHE A 90 -18.05 7.33 -5.35
CA PHE A 90 -18.01 8.37 -6.38
C PHE A 90 -16.60 8.48 -6.97
N GLY A 91 -16.51 8.28 -8.29
CA GLY A 91 -15.22 8.37 -8.95
C GLY A 91 -14.16 7.50 -8.29
N ALA A 92 -14.54 6.28 -7.94
CA ALA A 92 -13.62 5.35 -7.29
C ALA A 92 -13.04 4.36 -8.30
N THR A 93 -11.71 4.22 -8.29
CA THR A 93 -11.03 3.31 -9.20
C THR A 93 -10.77 1.96 -8.54
N GLY A 94 -10.83 0.89 -9.33
CA GLY A 94 -10.59 -0.43 -8.81
C GLY A 94 -9.26 -0.55 -8.11
N THR A 95 -8.31 0.31 -8.49
CA THR A 95 -6.98 0.29 -7.90
C THR A 95 -6.99 0.86 -6.49
N SER A 96 -8.17 1.32 -6.06
CA SER A 96 -8.33 1.90 -4.72
C SER A 96 -8.72 0.84 -3.71
N ARG A 97 -9.13 -0.33 -4.21
CA ARG A 97 -9.53 -1.43 -3.35
C ARG A 97 -8.49 -2.54 -3.36
N LEU A 98 -8.55 -3.41 -2.36
CA LEU A 98 -7.62 -4.53 -2.26
C LEU A 98 -6.19 -4.03 -2.05
N GLY A 99 -5.66 -4.26 -0.84
CA GLY A 99 -4.31 -3.83 -0.54
C GLY A 99 -3.76 -4.49 0.71
N CYS A 100 -4.28 -5.68 1.02
CA CYS A 100 -3.83 -6.42 2.20
C CYS A 100 -2.50 -7.11 1.93
N GLN A 101 -2.09 -7.97 2.87
CA GLN A 101 -0.83 -8.69 2.73
C GLN A 101 0.35 -7.73 2.70
N LEU A 102 0.53 -6.98 3.79
CA LEU A 102 1.62 -6.02 3.88
C LEU A 102 2.97 -6.74 3.90
N ARG A 103 3.54 -6.95 2.72
CA ARG A 103 4.82 -7.62 2.60
C ARG A 103 5.57 -7.16 1.34
N VAL A 104 6.89 -7.17 1.40
CA VAL A 104 7.71 -6.76 0.28
C VAL A 104 7.91 -7.90 -0.71
N ASP A 105 7.72 -7.60 -2.00
CA ASP A 105 7.88 -8.61 -3.05
C ASP A 105 8.66 -8.04 -4.22
N LYS A 106 9.29 -8.93 -5.00
CA LYS A 106 10.06 -8.52 -6.16
C LYS A 106 9.20 -7.71 -7.13
N SER A 107 7.94 -8.13 -7.27
CA SER A 107 7.01 -7.46 -8.18
C SER A 107 6.74 -6.03 -7.71
N PHE A 108 7.04 -5.75 -6.44
CA PHE A 108 6.82 -4.43 -5.88
C PHE A 108 8.02 -3.53 -6.14
N GLU A 109 9.01 -4.06 -6.85
CA GLU A 109 10.21 -3.30 -7.18
C GLU A 109 9.86 -2.03 -7.95
N ASN A 110 10.29 -0.89 -7.43
CA ASN A 110 10.02 0.39 -8.08
C ASN A 110 8.52 0.63 -8.21
N ALA A 111 7.74 -0.01 -7.33
CA ALA A 111 6.29 0.13 -7.35
C ALA A 111 5.87 1.45 -6.71
N VAL A 112 4.62 1.83 -6.92
CA VAL A 112 4.09 3.07 -6.37
C VAL A 112 2.67 2.88 -5.83
N PHE A 113 2.47 3.22 -4.56
CA PHE A 113 1.16 3.07 -3.93
C PHE A 113 0.70 4.40 -3.33
N THR A 114 -0.52 4.81 -3.67
CA THR A 114 -1.08 6.05 -3.17
C THR A 114 -2.04 5.80 -2.02
N VAL A 115 -1.87 6.55 -0.93
CA VAL A 115 -2.73 6.41 0.24
C VAL A 115 -3.92 7.36 0.18
N PRO A 116 -5.12 6.83 0.44
CA PRO A 116 -6.36 7.60 0.42
C PRO A 116 -6.44 8.61 1.56
N ARG A 117 -5.99 8.18 2.75
CA ARG A 117 -6.01 9.04 3.92
C ARG A 117 -4.75 9.90 4.00
N ALA A 118 -4.77 10.91 4.85
CA ALA A 118 -3.64 11.81 5.02
C ALA A 118 -3.80 12.67 6.26
N THR A 119 -2.75 13.44 6.56
CA THR A 119 -2.77 14.32 7.73
C THR A 119 -3.02 15.77 7.32
N LYS A 120 -3.75 16.50 8.15
CA LYS A 120 -4.06 17.91 7.88
C LYS A 120 -3.24 18.82 8.78
N ASN A 121 -2.05 19.18 8.33
CA ASN A 121 -1.17 20.06 9.09
C ASN A 121 -1.46 21.52 8.78
N MET A 122 -2.67 21.97 9.07
CA MET A 122 -3.06 23.35 8.82
C MET A 122 -2.91 23.69 7.34
N ALA A 123 -3.45 22.85 6.48
CA ALA A 123 -3.38 23.05 5.04
C ALA A 123 -4.70 23.58 4.50
N VAL A 124 -4.76 23.80 3.19
CA VAL A 124 -5.96 24.31 2.54
C VAL A 124 -6.90 23.17 2.18
N ASP A 125 -8.21 23.41 2.34
CA ASP A 125 -9.22 22.40 2.04
C ASP A 125 -10.21 22.93 1.02
N GLY A 126 -10.05 22.53 -0.24
CA GLY A 126 -10.94 22.98 -1.30
C GLY A 126 -11.96 21.92 -1.67
N PHE A 127 -13.01 22.35 -2.35
CA PHE A 127 -14.07 21.43 -2.78
C PHE A 127 -14.62 21.82 -4.16
N LYS A 128 -14.48 20.93 -5.12
CA LYS A 128 -14.96 21.18 -6.47
C LYS A 128 -14.33 22.45 -7.05
N PRO A 129 -13.02 22.39 -7.32
CA PRO A 129 -12.28 23.52 -7.88
C PRO A 129 -12.66 23.82 -9.32
N LYS A 130 -13.24 22.82 -9.99
CA LYS A 130 -13.66 22.98 -11.38
C LYS A 130 -15.14 22.66 -11.54
N PRO A 131 -15.74 23.14 -12.64
CA PRO A 131 -17.16 22.91 -12.94
C PRO A 131 -17.45 21.45 -13.28
N HIS A 132 -16.53 20.83 -14.01
CA HIS A 132 -16.70 19.43 -14.41
C HIS A 132 -15.47 18.61 -14.03
N GLY A 1 36.03 -30.87 5.99
CA GLY A 1 35.08 -29.78 6.10
C GLY A 1 33.98 -29.87 5.06
N PRO A 2 33.08 -30.85 5.23
CA PRO A 2 31.96 -31.06 4.31
C PRO A 2 30.91 -29.95 4.40
N GLY A 3 29.93 -29.99 3.51
CA GLY A 3 28.88 -28.98 3.50
C GLY A 3 27.85 -29.24 2.43
N SER A 4 26.66 -28.67 2.62
CA SER A 4 25.57 -28.85 1.67
C SER A 4 24.75 -27.57 1.54
N MET A 5 23.94 -27.48 0.48
CA MET A 5 23.11 -26.31 0.25
C MET A 5 21.63 -26.68 0.28
N ASP A 6 20.79 -25.70 -0.01
CA ASP A 6 19.34 -25.92 0.00
C ASP A 6 18.69 -25.35 -1.27
N MET A 7 17.71 -26.04 -1.80
CA MET A 7 17.01 -25.60 -3.00
C MET A 7 15.54 -25.35 -2.71
N PHE A 8 14.82 -24.88 -3.72
CA PHE A 8 13.39 -24.60 -3.58
C PHE A 8 12.66 -24.77 -4.91
N SER A 9 11.48 -25.37 -4.85
CA SER A 9 10.67 -25.60 -6.04
C SER A 9 9.59 -24.55 -6.20
N ALA A 10 9.15 -24.00 -5.07
CA ALA A 10 8.11 -22.97 -5.08
C ALA A 10 8.71 -21.59 -4.77
N PRO A 11 7.97 -20.54 -5.13
CA PRO A 11 8.40 -19.16 -4.91
C PRO A 11 8.39 -18.77 -3.44
N ASP A 12 9.45 -19.17 -2.72
CA ASP A 12 9.56 -18.86 -1.30
C ASP A 12 10.82 -18.07 -1.01
N ARG A 13 11.30 -17.35 -2.03
CA ARG A 13 12.51 -16.55 -1.88
C ARG A 13 12.33 -15.17 -2.53
N ILE A 14 12.48 -14.12 -1.74
CA ILE A 14 12.33 -12.76 -2.24
C ILE A 14 13.50 -12.37 -3.14
N PRO A 15 13.19 -11.80 -4.30
CA PRO A 15 14.19 -11.37 -5.27
C PRO A 15 14.99 -10.17 -4.78
N GLU A 16 15.80 -9.58 -5.67
CA GLU A 16 16.62 -8.43 -5.33
C GLU A 16 15.77 -7.34 -4.65
N GLN A 17 16.42 -6.47 -3.89
CA GLN A 17 15.74 -5.40 -3.19
C GLN A 17 15.31 -4.31 -4.16
N ILE A 18 14.28 -3.56 -3.80
CA ILE A 18 13.78 -2.47 -4.63
C ILE A 18 13.36 -1.28 -3.79
N ARG A 19 12.94 -0.21 -4.46
CA ARG A 19 12.51 1.00 -3.78
C ARG A 19 11.16 1.48 -4.30
N ILE A 20 10.28 1.89 -3.40
CA ILE A 20 8.96 2.37 -3.77
C ILE A 20 8.80 3.85 -3.45
N PHE A 21 7.68 4.43 -3.86
CA PHE A 21 7.40 5.83 -3.61
C PHE A 21 6.08 5.99 -2.85
N PHE A 22 6.12 6.78 -1.79
CA PHE A 22 4.93 7.02 -0.97
C PHE A 22 4.28 8.34 -1.35
N LYS A 23 3.11 8.26 -1.99
CA LYS A 23 2.39 9.45 -2.41
C LYS A 23 1.37 9.87 -1.34
N THR A 24 1.67 10.96 -0.65
CA THR A 24 0.79 11.46 0.40
C THR A 24 0.01 12.68 -0.08
N MET A 25 -0.88 13.19 0.77
CA MET A 25 -1.69 14.35 0.44
C MET A 25 -0.85 15.63 0.52
N LYS A 26 0.37 15.50 1.03
CA LYS A 26 1.27 16.64 1.16
C LYS A 26 2.34 16.62 0.08
N GLN A 27 2.83 15.42 -0.23
CA GLN A 27 3.87 15.27 -1.24
C GLN A 27 4.28 13.81 -1.37
N VAL A 28 5.16 13.52 -2.33
CA VAL A 28 5.64 12.17 -2.55
C VAL A 28 7.06 11.98 -2.03
N VAL A 29 7.22 11.03 -1.12
CA VAL A 29 8.53 10.74 -0.53
C VAL A 29 9.00 9.33 -0.87
N PRO A 30 10.32 9.16 -0.95
CA PRO A 30 10.92 7.85 -1.27
C PRO A 30 10.75 6.85 -0.14
N ALA A 31 10.76 5.56 -0.49
CA ALA A 31 10.61 4.50 0.51
C ALA A 31 11.35 3.24 0.06
N LYS A 32 12.50 2.98 0.67
CA LYS A 32 13.29 1.81 0.34
C LYS A 32 12.69 0.56 0.95
N ALA A 33 12.66 -0.52 0.17
CA ALA A 33 12.10 -1.79 0.63
C ALA A 33 13.11 -2.93 0.46
N VAL A 34 13.52 -3.52 1.57
CA VAL A 34 14.49 -4.62 1.53
C VAL A 34 13.77 -5.96 1.55
N CYS A 35 14.40 -6.96 0.92
CA CYS A 35 13.82 -8.30 0.85
C CYS A 35 13.37 -8.77 2.24
N GLY A 36 12.06 -8.91 2.40
CA GLY A 36 11.53 -9.35 3.69
C GLY A 36 10.85 -8.23 4.45
N SER A 37 10.71 -7.08 3.79
CA SER A 37 10.07 -5.92 4.42
C SER A 37 8.59 -5.84 4.05
N THR A 38 7.92 -4.80 4.54
CA THR A 38 6.50 -4.61 4.26
C THR A 38 6.19 -3.14 3.99
N VAL A 39 5.21 -2.90 3.13
CA VAL A 39 4.81 -1.55 2.79
C VAL A 39 4.52 -0.73 4.04
N LEU A 40 3.53 -1.15 4.81
CA LEU A 40 3.17 -0.45 6.04
C LEU A 40 4.38 -0.28 6.96
N ASP A 41 5.27 -1.26 6.92
CA ASP A 41 6.48 -1.21 7.75
C ASP A 41 7.46 -0.17 7.20
N VAL A 42 7.40 0.07 5.91
CA VAL A 42 8.29 1.03 5.26
C VAL A 42 7.84 2.46 5.54
N ALA A 43 6.54 2.70 5.45
CA ALA A 43 5.98 4.02 5.70
C ALA A 43 6.41 4.55 7.07
N HIS A 44 6.65 3.63 8.00
CA HIS A 44 7.06 4.00 9.35
C HIS A 44 8.50 4.48 9.37
N LYS A 45 9.30 3.98 8.43
CA LYS A 45 10.70 4.35 8.33
C LYS A 45 10.85 5.76 7.76
N ASN A 46 10.22 6.00 6.61
CA ASN A 46 10.29 7.30 5.96
C ASN A 46 9.46 8.33 6.73
N GLY A 47 8.47 7.86 7.47
CA GLY A 47 7.62 8.75 8.24
C GLY A 47 6.25 8.93 7.62
N VAL A 48 6.07 8.40 6.42
CA VAL A 48 4.80 8.50 5.71
C VAL A 48 3.64 8.07 6.60
N ASP A 49 2.50 8.74 6.45
CA ASP A 49 1.32 8.42 7.23
C ASP A 49 0.39 7.49 6.46
N LEU A 50 0.66 6.19 6.54
CA LEU A 50 -0.15 5.20 5.84
C LEU A 50 -1.29 4.72 6.74
N GLU A 51 -2.50 4.74 6.19
CA GLU A 51 -3.67 4.30 6.95
C GLU A 51 -3.48 2.89 7.49
N GLY A 52 -3.39 2.79 8.82
CA GLY A 52 -3.19 1.50 9.45
C GLY A 52 -2.87 1.62 10.92
N ALA A 53 -3.49 2.60 11.59
CA ALA A 53 -3.26 2.82 13.01
C ALA A 53 -4.12 1.88 13.85
N CYS A 54 -3.77 0.59 13.85
CA CYS A 54 -4.52 -0.41 14.61
C CYS A 54 -4.57 -0.02 16.08
N GLU A 55 -3.59 0.74 16.54
CA GLU A 55 -3.54 1.17 17.93
C GLU A 55 -4.39 2.42 18.14
N GLY A 56 -4.35 2.95 19.36
CA GLY A 56 -5.13 4.14 19.68
C GLY A 56 -6.45 3.81 20.32
N ASN A 57 -7.28 4.83 20.51
CA ASN A 57 -8.60 4.64 21.13
C ASN A 57 -9.69 4.57 20.06
N LEU A 58 -9.32 4.14 18.87
CA LEU A 58 -10.27 4.02 17.76
C LEU A 58 -9.87 2.89 16.81
N ALA A 59 -10.72 1.88 16.74
CA ALA A 59 -10.46 0.74 15.86
C ALA A 59 -10.18 1.19 14.43
N CYS A 60 -9.08 0.70 13.87
CA CYS A 60 -8.70 1.05 12.51
C CYS A 60 -9.83 0.74 11.53
N SER A 61 -10.30 1.77 10.83
CA SER A 61 -11.38 1.62 9.87
C SER A 61 -10.94 0.75 8.69
N THR A 62 -11.79 0.66 7.68
CA THR A 62 -11.50 -0.14 6.50
C THR A 62 -10.13 0.23 5.92
N CYS A 63 -9.39 -0.79 5.48
CA CYS A 63 -8.06 -0.58 4.91
C CYS A 63 -8.15 -0.42 3.39
N HIS A 64 -8.40 0.81 2.94
CA HIS A 64 -8.49 1.10 1.52
C HIS A 64 -7.52 2.20 1.11
N VAL A 65 -6.53 1.83 0.30
CA VAL A 65 -5.54 2.79 -0.17
C VAL A 65 -5.40 2.75 -1.68
N ILE A 66 -4.92 3.84 -2.26
CA ILE A 66 -4.73 3.94 -3.70
C ILE A 66 -3.34 3.45 -4.11
N LEU A 67 -3.30 2.57 -5.10
CA LEU A 67 -2.03 2.03 -5.59
C LEU A 67 -1.90 2.24 -7.10
N GLU A 68 -0.67 2.09 -7.60
CA GLU A 68 -0.41 2.26 -9.02
C GLU A 68 -1.54 1.69 -9.86
N GLU A 69 -1.94 2.42 -10.90
CA GLU A 69 -3.02 1.99 -11.78
C GLU A 69 -2.67 0.67 -12.46
N PRO A 70 -1.55 0.66 -13.20
CA PRO A 70 -1.07 -0.52 -13.92
C PRO A 70 -0.57 -1.61 -12.97
N LEU A 71 0.30 -1.21 -12.04
CA LEU A 71 0.86 -2.15 -11.07
C LEU A 71 -0.24 -2.93 -10.37
N TYR A 72 -1.21 -2.21 -9.83
CA TYR A 72 -2.33 -2.84 -9.12
C TYR A 72 -3.15 -3.71 -10.07
N ARG A 73 -3.39 -3.20 -11.28
CA ARG A 73 -4.16 -3.93 -12.28
C ARG A 73 -3.61 -5.33 -12.47
N LYS A 74 -2.36 -5.43 -12.92
CA LYS A 74 -1.72 -6.71 -13.15
C LYS A 74 -1.57 -7.48 -11.84
N LEU A 75 -1.49 -6.74 -10.73
CA LEU A 75 -1.35 -7.37 -9.41
C LEU A 75 -2.56 -8.24 -9.09
N GLY A 76 -3.74 -7.65 -9.12
CA GLY A 76 -4.95 -8.39 -8.83
C GLY A 76 -6.05 -7.50 -8.27
N GLU A 77 -7.29 -7.78 -8.68
CA GLU A 77 -8.44 -7.00 -8.22
C GLU A 77 -9.28 -7.81 -7.23
N PRO A 78 -10.10 -7.09 -6.44
CA PRO A 78 -10.97 -7.72 -5.44
C PRO A 78 -12.10 -8.51 -6.07
N SER A 79 -12.84 -9.23 -5.23
CA SER A 79 -13.96 -10.04 -5.71
C SER A 79 -14.98 -9.18 -6.44
N ASP A 80 -15.91 -9.83 -7.14
CA ASP A 80 -16.95 -9.13 -7.87
C ASP A 80 -17.74 -8.21 -6.95
N LYS A 81 -18.01 -8.68 -5.75
CA LYS A 81 -18.77 -7.90 -4.76
C LYS A 81 -18.15 -6.52 -4.59
N GLU A 82 -16.91 -6.48 -4.10
CA GLU A 82 -16.20 -5.23 -3.89
C GLU A 82 -15.91 -4.53 -5.21
N TYR A 83 -15.63 -5.32 -6.23
CA TYR A 83 -15.32 -4.78 -7.55
C TYR A 83 -16.47 -3.89 -8.05
N ASP A 84 -17.67 -4.45 -8.06
CA ASP A 84 -18.85 -3.70 -8.51
C ASP A 84 -19.14 -2.53 -7.57
N LEU A 85 -19.02 -2.77 -6.28
CA LEU A 85 -19.27 -1.73 -5.28
C LEU A 85 -18.39 -0.51 -5.53
N ILE A 86 -17.16 -0.75 -5.96
CA ILE A 86 -16.23 0.34 -6.24
C ILE A 86 -16.57 1.03 -7.54
N ASP A 87 -16.73 0.25 -8.60
CA ASP A 87 -17.08 0.81 -9.91
C ASP A 87 -18.36 1.62 -9.85
N GLN A 88 -19.18 1.32 -8.84
CA GLN A 88 -20.45 2.03 -8.66
C GLN A 88 -20.25 3.34 -7.92
N ALA A 89 -19.28 3.35 -7.01
CA ALA A 89 -18.98 4.53 -6.22
C ALA A 89 -18.55 5.69 -7.12
N PHE A 90 -18.57 6.90 -6.57
CA PHE A 90 -18.17 8.09 -7.31
C PHE A 90 -16.66 8.20 -7.41
N GLY A 91 -16.12 8.09 -8.62
CA GLY A 91 -14.69 8.19 -8.82
C GLY A 91 -13.92 7.24 -7.91
N ALA A 92 -14.43 6.02 -7.77
CA ALA A 92 -13.78 5.02 -6.93
C ALA A 92 -13.11 3.95 -7.79
N THR A 93 -11.78 3.85 -7.67
CA THR A 93 -11.02 2.86 -8.42
C THR A 93 -10.69 1.64 -7.58
N GLY A 94 -10.73 0.47 -8.20
CA GLY A 94 -10.44 -0.76 -7.47
C GLY A 94 -9.08 -0.73 -6.80
N THR A 95 -8.18 0.09 -7.33
CA THR A 95 -6.84 0.21 -6.78
C THR A 95 -6.85 1.00 -5.47
N SER A 96 -8.03 1.47 -5.08
CA SER A 96 -8.17 2.23 -3.85
C SER A 96 -8.45 1.31 -2.67
N ARG A 97 -8.77 0.05 -2.96
CA ARG A 97 -9.05 -0.92 -1.92
C ARG A 97 -7.80 -1.71 -1.55
N LEU A 98 -7.76 -2.23 -0.33
CA LEU A 98 -6.62 -3.00 0.13
C LEU A 98 -7.06 -4.09 1.11
N GLY A 99 -6.15 -5.02 1.41
CA GLY A 99 -6.47 -6.10 2.33
C GLY A 99 -5.56 -6.11 3.55
N CYS A 100 -4.91 -4.98 3.81
CA CYS A 100 -4.01 -4.87 4.95
C CYS A 100 -2.87 -5.86 4.84
N GLN A 101 -2.56 -6.25 3.61
CA GLN A 101 -1.47 -7.21 3.36
C GLN A 101 -0.78 -6.92 2.04
N LEU A 102 0.55 -6.98 2.05
CA LEU A 102 1.33 -6.72 0.85
C LEU A 102 2.81 -6.92 1.12
N ARG A 103 3.47 -7.69 0.25
CA ARG A 103 4.90 -7.96 0.40
C ARG A 103 5.71 -7.15 -0.60
N VAL A 104 7.03 -7.15 -0.44
CA VAL A 104 7.92 -6.42 -1.33
C VAL A 104 8.55 -7.34 -2.36
N ASP A 105 8.31 -7.05 -3.63
CA ASP A 105 8.86 -7.86 -4.72
C ASP A 105 9.39 -6.97 -5.84
N LYS A 106 10.04 -7.59 -6.82
CA LYS A 106 10.59 -6.85 -7.95
C LYS A 106 9.50 -6.10 -8.70
N SER A 107 8.31 -6.69 -8.75
CA SER A 107 7.18 -6.07 -9.44
C SER A 107 6.78 -4.77 -8.75
N PHE A 108 7.19 -4.61 -7.49
CA PHE A 108 6.87 -3.41 -6.73
C PHE A 108 7.91 -2.32 -6.96
N GLU A 109 8.84 -2.59 -7.88
CA GLU A 109 9.90 -1.63 -8.19
C GLU A 109 9.31 -0.31 -8.68
N ASN A 110 9.67 0.78 -8.01
CA ASN A 110 9.18 2.11 -8.38
C ASN A 110 7.67 2.19 -8.21
N ALA A 111 7.12 1.29 -7.40
CA ALA A 111 5.69 1.26 -7.13
C ALA A 111 5.22 2.57 -6.51
N VAL A 112 3.98 2.95 -6.79
CA VAL A 112 3.41 4.18 -6.25
C VAL A 112 2.27 3.88 -5.28
N PHE A 113 2.43 4.32 -4.03
CA PHE A 113 1.42 4.09 -3.00
C PHE A 113 0.75 5.40 -2.61
N THR A 114 -0.38 5.69 -3.24
CA THR A 114 -1.13 6.91 -2.97
C THR A 114 -2.11 6.71 -1.82
N VAL A 115 -2.03 7.56 -0.81
CA VAL A 115 -2.91 7.48 0.35
C VAL A 115 -4.09 8.43 0.20
N PRO A 116 -5.30 7.91 0.49
CA PRO A 116 -6.54 8.70 0.39
C PRO A 116 -6.63 9.76 1.48
N ARG A 117 -6.25 9.39 2.70
CA ARG A 117 -6.28 10.32 3.82
C ARG A 117 -5.07 11.24 3.81
N ALA A 118 -5.12 12.28 4.63
CA ALA A 118 -4.02 13.24 4.72
C ALA A 118 -2.83 12.64 5.46
N THR A 119 -1.85 13.49 5.77
CA THR A 119 -0.66 13.04 6.48
C THR A 119 -0.85 13.09 7.98
N LYS A 120 0.16 12.66 8.73
CA LYS A 120 0.10 12.65 10.18
C LYS A 120 -0.18 14.06 10.72
N ASN A 121 -0.36 14.16 12.03
CA ASN A 121 -0.62 15.44 12.67
C ASN A 121 0.61 16.35 12.61
N MET A 122 0.56 17.32 11.71
CA MET A 122 1.67 18.27 11.54
C MET A 122 1.69 19.29 12.67
N ALA A 123 2.71 20.14 12.69
CA ALA A 123 2.83 21.16 13.71
C ALA A 123 1.56 22.00 13.82
N VAL A 124 0.77 21.72 14.85
CA VAL A 124 -0.48 22.45 15.07
C VAL A 124 -0.22 23.91 15.39
N ASP A 125 -1.28 24.65 15.67
CA ASP A 125 -1.17 26.07 16.00
C ASP A 125 -1.53 26.32 17.45
N GLY A 126 -2.61 25.69 17.91
CA GLY A 126 -3.04 25.86 19.29
C GLY A 126 -3.89 24.71 19.77
N PHE A 127 -3.57 23.50 19.33
CA PHE A 127 -4.30 22.31 19.72
C PHE A 127 -3.46 21.05 19.54
N LYS A 128 -3.22 20.34 20.63
CA LYS A 128 -2.43 19.11 20.60
C LYS A 128 -2.93 18.11 21.62
N PRO A 129 -4.09 17.50 21.34
CA PRO A 129 -4.69 16.50 22.24
C PRO A 129 -3.90 15.20 22.28
N LYS A 130 -2.98 15.11 23.24
CA LYS A 130 -2.16 13.91 23.39
C LYS A 130 -2.29 13.33 24.78
N PRO A 131 -2.39 11.99 24.86
CA PRO A 131 -2.54 11.28 26.13
C PRO A 131 -1.26 11.32 26.96
N HIS A 132 -1.42 11.26 28.28
CA HIS A 132 -0.27 11.29 29.19
C HIS A 132 0.54 10.01 29.09
N GLY A 1 29.95 4.43 0.70
CA GLY A 1 28.86 3.48 0.92
C GLY A 1 28.96 2.26 0.03
N PRO A 2 29.90 1.35 0.37
CA PRO A 2 30.11 0.12 -0.40
C PRO A 2 28.96 -0.87 -0.24
N GLY A 3 29.06 -2.01 -0.93
CA GLY A 3 28.03 -3.01 -0.86
C GLY A 3 28.20 -4.09 -1.91
N SER A 4 27.40 -5.16 -1.79
CA SER A 4 27.47 -6.26 -2.73
C SER A 4 26.11 -6.91 -2.93
N MET A 5 25.86 -7.42 -4.13
CA MET A 5 24.59 -8.06 -4.44
C MET A 5 24.77 -9.13 -5.51
N ASP A 6 23.66 -9.72 -5.94
CA ASP A 6 23.68 -10.75 -6.97
C ASP A 6 22.27 -11.08 -7.46
N MET A 7 22.19 -11.71 -8.62
CA MET A 7 20.91 -12.08 -9.20
C MET A 7 20.90 -13.55 -9.61
N PHE A 8 20.15 -14.36 -8.87
CA PHE A 8 20.06 -15.79 -9.16
C PHE A 8 18.74 -16.36 -8.63
N SER A 9 18.39 -17.56 -9.10
CA SER A 9 17.16 -18.22 -8.67
C SER A 9 17.08 -18.29 -7.16
N ALA A 10 15.94 -17.90 -6.60
CA ALA A 10 15.73 -17.93 -5.16
C ALA A 10 14.25 -17.93 -4.82
N PRO A 11 13.59 -19.06 -5.08
CA PRO A 11 12.16 -19.23 -4.80
C PRO A 11 11.85 -19.28 -3.31
N ASP A 12 12.88 -19.52 -2.50
CA ASP A 12 12.73 -19.58 -1.06
C ASP A 12 13.46 -18.43 -0.37
N ARG A 13 13.66 -17.35 -1.12
CA ARG A 13 14.35 -16.17 -0.58
C ARG A 13 13.98 -14.92 -1.36
N ILE A 14 13.69 -13.85 -0.64
CA ILE A 14 13.32 -12.58 -1.27
C ILE A 14 14.35 -12.17 -2.32
N PRO A 15 13.86 -11.77 -3.50
CA PRO A 15 14.72 -11.34 -4.61
C PRO A 15 15.41 -10.00 -4.33
N GLU A 16 16.03 -9.44 -5.36
CA GLU A 16 16.73 -8.17 -5.22
C GLU A 16 15.82 -7.11 -4.59
N GLN A 17 16.42 -6.09 -4.00
CA GLN A 17 15.66 -5.03 -3.36
C GLN A 17 15.18 -4.00 -4.39
N ILE A 18 14.06 -3.36 -4.09
CA ILE A 18 13.50 -2.36 -5.00
C ILE A 18 13.17 -1.07 -4.25
N ARG A 19 12.72 -0.06 -4.99
CA ARG A 19 12.36 1.22 -4.41
C ARG A 19 10.90 1.56 -4.65
N ILE A 20 10.21 2.01 -3.61
CA ILE A 20 8.80 2.36 -3.72
C ILE A 20 8.59 3.85 -3.50
N PHE A 21 7.36 4.30 -3.73
CA PHE A 21 7.02 5.71 -3.56
C PHE A 21 5.81 5.87 -2.65
N PHE A 22 5.95 6.70 -1.62
CA PHE A 22 4.85 6.95 -0.69
C PHE A 22 4.09 8.21 -1.05
N LYS A 23 2.92 8.03 -1.65
CA LYS A 23 2.08 9.17 -2.05
C LYS A 23 1.00 9.45 -1.01
N THR A 24 0.81 10.72 -0.70
CA THR A 24 -0.19 11.13 0.28
C THR A 24 -1.08 12.23 -0.26
N MET A 25 -2.07 12.65 0.54
CA MET A 25 -2.99 13.70 0.13
C MET A 25 -2.30 15.07 0.18
N LYS A 26 -1.09 15.09 0.74
CA LYS A 26 -0.33 16.33 0.86
C LYS A 26 0.80 16.37 -0.17
N GLN A 27 1.41 15.22 -0.40
CA GLN A 27 2.51 15.12 -1.35
C GLN A 27 3.04 13.69 -1.44
N VAL A 28 3.99 13.47 -2.34
CA VAL A 28 4.57 12.14 -2.52
C VAL A 28 6.06 12.15 -2.21
N VAL A 29 6.51 11.20 -1.40
CA VAL A 29 7.92 11.10 -1.03
C VAL A 29 8.49 9.74 -1.41
N PRO A 30 9.80 9.71 -1.69
CA PRO A 30 10.51 8.48 -2.07
C PRO A 30 10.63 7.50 -0.92
N ALA A 31 10.68 6.21 -1.24
CA ALA A 31 10.79 5.17 -0.23
C ALA A 31 11.68 4.02 -0.72
N LYS A 32 12.51 3.50 0.17
CA LYS A 32 13.41 2.40 -0.18
C LYS A 32 12.85 1.08 0.34
N ALA A 33 12.78 0.09 -0.55
CA ALA A 33 12.26 -1.23 -0.18
C ALA A 33 13.40 -2.25 -0.09
N VAL A 34 13.61 -2.78 1.10
CA VAL A 34 14.67 -3.77 1.32
C VAL A 34 14.11 -5.19 1.28
N CYS A 35 14.84 -6.09 0.65
CA CYS A 35 14.42 -7.49 0.54
C CYS A 35 14.06 -8.05 1.91
N GLY A 36 12.78 -8.31 2.11
CA GLY A 36 12.32 -8.85 3.38
C GLY A 36 11.71 -7.79 4.28
N SER A 37 11.42 -6.63 3.70
CA SER A 37 10.84 -5.52 4.45
C SER A 37 9.33 -5.42 4.20
N THR A 38 8.74 -4.34 4.67
CA THR A 38 7.30 -4.11 4.48
C THR A 38 6.99 -2.63 4.33
N VAL A 39 6.02 -2.32 3.49
CA VAL A 39 5.62 -0.94 3.24
C VAL A 39 5.32 -0.22 4.55
N LEU A 40 4.35 -0.75 5.30
CA LEU A 40 3.96 -0.16 6.58
C LEU A 40 5.17 0.02 7.49
N ASP A 41 6.10 -0.94 7.41
CA ASP A 41 7.30 -0.89 8.23
C ASP A 41 8.26 0.20 7.73
N VAL A 42 8.18 0.50 6.43
CA VAL A 42 9.03 1.51 5.83
C VAL A 42 8.55 2.92 6.17
N ALA A 43 7.23 3.08 6.26
CA ALA A 43 6.65 4.37 6.59
C ALA A 43 7.21 4.92 7.89
N HIS A 44 7.67 4.02 8.75
CA HIS A 44 8.24 4.42 10.04
C HIS A 44 9.55 5.18 9.83
N LYS A 45 10.28 4.81 8.79
CA LYS A 45 11.56 5.46 8.49
C LYS A 45 11.36 6.65 7.54
N ASN A 46 10.40 6.51 6.64
CA ASN A 46 10.10 7.57 5.67
C ASN A 46 9.35 8.71 6.34
N GLY A 47 8.66 8.40 7.43
CA GLY A 47 7.90 9.42 8.15
C GLY A 47 6.50 9.57 7.61
N VAL A 48 6.23 8.97 6.46
CA VAL A 48 4.92 9.05 5.84
C VAL A 48 3.82 8.67 6.83
N ASP A 49 2.72 9.40 6.81
CA ASP A 49 1.60 9.14 7.69
C ASP A 49 0.84 7.89 7.26
N LEU A 50 1.37 6.74 7.63
CA LEU A 50 0.74 5.47 7.28
C LEU A 50 0.53 4.60 8.53
N GLU A 51 -0.58 3.86 8.55
CA GLU A 51 -0.89 2.99 9.68
C GLU A 51 0.26 2.04 9.96
N GLY A 52 0.48 1.76 11.25
CA GLY A 52 1.55 0.87 11.64
C GLY A 52 1.10 -0.20 12.61
N ALA A 53 0.29 0.21 13.59
CA ALA A 53 -0.22 -0.72 14.60
C ALA A 53 -1.73 -0.88 14.47
N CYS A 54 -2.18 -2.12 14.28
CA CYS A 54 -3.60 -2.41 14.15
C CYS A 54 -4.38 -1.86 15.35
N GLU A 55 -4.02 -2.32 16.54
CA GLU A 55 -4.68 -1.89 17.76
C GLU A 55 -4.72 -0.36 17.85
N GLY A 56 -5.89 0.18 18.14
CA GLY A 56 -6.03 1.62 18.25
C GLY A 56 -7.09 2.03 19.25
N ASN A 57 -7.92 3.00 18.87
CA ASN A 57 -8.99 3.48 19.74
C ASN A 57 -10.35 3.02 19.22
N LEU A 58 -10.59 3.20 17.93
CA LEU A 58 -11.85 2.80 17.31
C LEU A 58 -11.65 1.59 16.42
N ALA A 59 -12.75 1.10 15.84
CA ALA A 59 -12.71 -0.05 14.95
C ALA A 59 -11.69 0.16 13.83
N CYS A 60 -11.28 -0.94 13.21
CA CYS A 60 -10.31 -0.88 12.12
C CYS A 60 -10.91 -0.17 10.89
N SER A 61 -10.48 1.05 10.65
CA SER A 61 -10.97 1.83 9.52
C SER A 61 -9.84 2.13 8.54
N THR A 62 -8.61 2.16 9.04
CA THR A 62 -7.45 2.43 8.21
C THR A 62 -6.97 1.17 7.51
N CYS A 63 -7.73 0.74 6.50
CA CYS A 63 -7.39 -0.46 5.74
C CYS A 63 -7.46 -0.18 4.24
N HIS A 64 -8.53 0.46 3.81
CA HIS A 64 -8.72 0.78 2.39
C HIS A 64 -7.76 1.88 1.96
N VAL A 65 -6.81 1.51 1.11
CA VAL A 65 -5.83 2.47 0.61
C VAL A 65 -5.74 2.44 -0.91
N ILE A 66 -5.27 3.53 -1.50
CA ILE A 66 -5.13 3.62 -2.95
C ILE A 66 -3.77 3.13 -3.40
N LEU A 67 -3.76 2.26 -4.40
CA LEU A 67 -2.51 1.72 -4.94
C LEU A 67 -2.42 1.95 -6.44
N GLU A 68 -1.20 1.90 -6.97
CA GLU A 68 -0.97 2.11 -8.40
C GLU A 68 -1.99 1.32 -9.23
N GLU A 69 -2.36 1.88 -10.38
CA GLU A 69 -3.32 1.22 -11.26
C GLU A 69 -2.81 -0.14 -11.70
N PRO A 70 -1.65 -0.15 -12.37
CA PRO A 70 -1.03 -1.38 -12.87
C PRO A 70 -0.50 -2.26 -11.73
N LEU A 71 0.22 -1.63 -10.80
CA LEU A 71 0.79 -2.36 -9.66
C LEU A 71 -0.29 -3.14 -8.93
N TYR A 72 -1.40 -2.48 -8.62
CA TYR A 72 -2.50 -3.12 -7.92
C TYR A 72 -3.12 -4.24 -8.77
N ARG A 73 -3.45 -3.91 -10.01
CA ARG A 73 -4.04 -4.88 -10.92
C ARG A 73 -3.12 -6.09 -11.10
N LYS A 74 -1.82 -5.88 -10.90
CA LYS A 74 -0.84 -6.94 -11.05
C LYS A 74 -0.86 -7.87 -9.83
N LEU A 75 -0.80 -7.28 -8.64
CA LEU A 75 -0.81 -8.05 -7.40
C LEU A 75 -2.12 -8.80 -7.25
N GLY A 76 -3.15 -8.33 -7.94
CA GLY A 76 -4.45 -8.98 -7.86
C GLY A 76 -5.57 -7.99 -7.58
N GLU A 77 -6.80 -8.38 -7.92
CA GLU A 77 -7.96 -7.52 -7.71
C GLU A 77 -9.11 -8.31 -7.09
N PRO A 78 -10.03 -7.58 -6.42
CA PRO A 78 -11.20 -8.19 -5.78
C PRO A 78 -12.21 -8.73 -6.77
N SER A 79 -13.12 -9.56 -6.28
CA SER A 79 -14.15 -10.16 -7.15
C SER A 79 -14.97 -9.07 -7.84
N ASP A 80 -15.61 -9.44 -8.94
CA ASP A 80 -16.43 -8.51 -9.70
C ASP A 80 -17.45 -7.83 -8.80
N LYS A 81 -17.96 -8.57 -7.82
CA LYS A 81 -18.95 -8.04 -6.89
C LYS A 81 -18.45 -6.75 -6.26
N GLU A 82 -17.35 -6.84 -5.52
CA GLU A 82 -16.77 -5.68 -4.85
C GLU A 82 -16.21 -4.69 -5.88
N TYR A 83 -15.65 -5.23 -6.96
CA TYR A 83 -15.07 -4.40 -8.01
C TYR A 83 -16.11 -3.41 -8.55
N ASP A 84 -17.26 -3.93 -8.96
CA ASP A 84 -18.33 -3.09 -9.49
C ASP A 84 -18.88 -2.17 -8.41
N LEU A 85 -19.08 -2.71 -7.22
CA LEU A 85 -19.61 -1.94 -6.10
C LEU A 85 -18.76 -0.69 -5.85
N ILE A 86 -17.44 -0.84 -6.01
CA ILE A 86 -16.52 0.28 -5.81
C ILE A 86 -16.59 1.26 -6.96
N ASP A 87 -16.46 0.75 -8.18
CA ASP A 87 -16.50 1.59 -9.37
C ASP A 87 -17.86 2.29 -9.49
N GLN A 88 -18.85 1.77 -8.78
CA GLN A 88 -20.19 2.34 -8.81
C GLN A 88 -20.25 3.62 -7.97
N ALA A 89 -19.33 3.74 -7.03
CA ALA A 89 -19.28 4.91 -6.15
C ALA A 89 -18.57 6.08 -6.84
N PHE A 90 -18.75 7.27 -6.30
CA PHE A 90 -18.13 8.47 -6.86
C PHE A 90 -16.62 8.47 -6.62
N GLY A 91 -15.86 8.49 -7.70
CA GLY A 91 -14.41 8.49 -7.58
C GLY A 91 -13.89 7.38 -6.69
N ALA A 92 -14.45 6.18 -6.87
CA ALA A 92 -14.04 5.02 -6.07
C ALA A 92 -13.47 3.92 -6.96
N THR A 93 -12.19 3.62 -6.76
CA THR A 93 -11.52 2.59 -7.54
C THR A 93 -11.19 1.38 -6.68
N GLY A 94 -11.27 0.19 -7.27
CA GLY A 94 -10.98 -1.03 -6.55
C GLY A 94 -9.60 -1.01 -5.92
N THR A 95 -8.71 -0.20 -6.47
CA THR A 95 -7.35 -0.10 -5.95
C THR A 95 -7.32 0.70 -4.65
N SER A 96 -8.49 1.16 -4.22
CA SER A 96 -8.59 1.94 -2.98
C SER A 96 -8.83 1.01 -1.78
N ARG A 97 -9.16 -0.24 -2.07
CA ARG A 97 -9.43 -1.22 -1.02
C ARG A 97 -8.35 -2.30 -1.00
N LEU A 98 -8.00 -2.76 0.19
CA LEU A 98 -6.98 -3.80 0.34
C LEU A 98 -7.01 -4.39 1.75
N GLY A 99 -6.37 -5.54 1.92
CA GLY A 99 -6.33 -6.19 3.21
C GLY A 99 -5.12 -5.79 4.02
N CYS A 100 -4.86 -6.51 5.11
CA CYS A 100 -3.72 -6.23 5.97
C CYS A 100 -2.60 -7.23 5.73
N GLN A 101 -2.03 -7.22 4.53
CA GLN A 101 -0.95 -8.13 4.18
C GLN A 101 -0.21 -7.64 2.94
N LEU A 102 1.10 -7.46 3.07
CA LEU A 102 1.93 -7.00 1.95
C LEU A 102 3.38 -7.43 2.14
N ARG A 103 4.08 -7.62 1.03
CA ARG A 103 5.48 -8.03 1.06
C ARG A 103 6.25 -7.41 -0.11
N VAL A 104 7.39 -6.79 0.21
CA VAL A 104 8.23 -6.17 -0.80
C VAL A 104 8.78 -7.20 -1.77
N ASP A 105 8.42 -7.07 -3.03
CA ASP A 105 8.88 -7.99 -4.07
C ASP A 105 9.29 -7.25 -5.33
N LYS A 106 9.76 -7.99 -6.33
CA LYS A 106 10.18 -7.39 -7.59
C LYS A 106 9.02 -6.64 -8.25
N SER A 107 7.82 -7.19 -8.12
CA SER A 107 6.63 -6.58 -8.71
C SER A 107 6.33 -5.24 -8.04
N PHE A 108 6.88 -5.05 -6.84
CA PHE A 108 6.66 -3.81 -6.10
C PHE A 108 7.63 -2.73 -6.56
N GLU A 109 8.45 -3.05 -7.56
CA GLU A 109 9.42 -2.10 -8.08
C GLU A 109 8.73 -0.83 -8.55
N ASN A 110 9.17 0.31 -8.01
CA ASN A 110 8.59 1.60 -8.39
C ASN A 110 7.09 1.63 -8.09
N ALA A 111 6.66 0.83 -7.11
CA ALA A 111 5.27 0.78 -6.73
C ALA A 111 4.83 2.06 -6.04
N VAL A 112 3.66 2.56 -6.43
CA VAL A 112 3.12 3.79 -5.85
C VAL A 112 2.00 3.49 -4.87
N PHE A 113 2.18 3.94 -3.63
CA PHE A 113 1.18 3.73 -2.59
C PHE A 113 0.53 5.04 -2.17
N THR A 114 -0.70 5.26 -2.62
CA THR A 114 -1.42 6.48 -2.29
C THR A 114 -2.30 6.28 -1.05
N VAL A 115 -2.01 7.05 -0.01
CA VAL A 115 -2.77 6.97 1.23
C VAL A 115 -3.65 8.20 1.44
N PRO A 116 -4.88 8.14 0.90
CA PRO A 116 -5.83 9.25 1.01
C PRO A 116 -6.35 9.42 2.43
N ARG A 117 -6.54 8.32 3.14
CA ARG A 117 -7.03 8.35 4.50
C ARG A 117 -6.29 7.34 5.38
N ALA A 118 -5.71 7.82 6.48
CA ALA A 118 -4.99 6.96 7.40
C ALA A 118 -4.61 7.70 8.67
N THR A 119 -3.93 7.01 9.58
CA THR A 119 -3.51 7.61 10.85
C THR A 119 -2.06 7.26 11.16
N LYS A 120 -1.61 7.66 12.34
CA LYS A 120 -0.23 7.39 12.76
C LYS A 120 -0.20 6.28 13.81
N ASN A 121 0.94 5.60 13.89
CA ASN A 121 1.11 4.51 14.85
C ASN A 121 1.83 5.00 16.10
N MET A 122 2.15 4.06 16.99
CA MET A 122 2.85 4.39 18.23
C MET A 122 4.34 4.56 17.99
N ALA A 123 4.92 3.64 17.23
CA ALA A 123 6.34 3.69 16.92
C ALA A 123 6.73 5.04 16.35
N VAL A 124 7.52 5.80 17.12
CA VAL A 124 7.97 7.11 16.69
C VAL A 124 9.11 7.62 17.56
N ASP A 125 9.97 8.45 16.99
CA ASP A 125 11.12 9.00 17.71
C ASP A 125 11.01 10.52 17.81
N GLY A 126 9.95 11.00 18.47
CA GLY A 126 9.76 12.43 18.61
C GLY A 126 8.38 12.77 19.15
N PHE A 127 7.53 13.31 18.29
CA PHE A 127 6.18 13.69 18.67
C PHE A 127 5.23 13.63 17.49
N LYS A 128 4.06 13.03 17.69
CA LYS A 128 3.07 12.91 16.63
C LYS A 128 1.66 13.13 17.18
N PRO A 129 0.73 13.47 16.29
CA PRO A 129 -0.67 13.71 16.66
C PRO A 129 -1.40 12.44 17.08
N LYS A 130 -2.37 12.58 17.98
CA LYS A 130 -3.14 11.44 18.46
C LYS A 130 -2.24 10.22 18.63
N PRO A 131 -1.33 10.28 19.60
CA PRO A 131 -0.40 9.18 19.89
C PRO A 131 -1.10 7.98 20.50
N HIS A 132 -0.31 7.00 20.95
CA HIS A 132 -0.85 5.80 21.55
C HIS A 132 -0.39 5.66 23.00
N GLY A 1 7.94 -9.02 17.31
CA GLY A 1 6.95 -7.98 17.14
C GLY A 1 7.08 -7.24 15.83
N PRO A 2 6.75 -7.92 14.72
CA PRO A 2 6.84 -7.35 13.38
C PRO A 2 5.79 -6.27 13.15
N GLY A 3 6.05 -5.07 13.65
CA GLY A 3 5.12 -3.97 13.49
C GLY A 3 5.82 -2.64 13.29
N SER A 4 5.97 -1.89 14.38
CA SER A 4 6.62 -0.59 14.33
C SER A 4 7.98 -0.63 15.04
N MET A 5 9.00 -1.09 14.32
CA MET A 5 10.34 -1.18 14.87
C MET A 5 11.38 -0.82 13.83
N ASP A 6 12.22 0.16 14.13
CA ASP A 6 13.27 0.59 13.22
C ASP A 6 14.43 -0.39 13.21
N MET A 7 14.31 -1.43 12.40
CA MET A 7 15.36 -2.45 12.29
C MET A 7 15.47 -2.97 10.87
N PHE A 8 16.57 -3.66 10.58
CA PHE A 8 16.80 -4.21 9.25
C PHE A 8 17.07 -5.71 9.32
N SER A 9 17.01 -6.37 8.17
CA SER A 9 17.24 -7.81 8.10
C SER A 9 17.86 -8.20 6.77
N ALA A 10 18.17 -9.48 6.63
CA ALA A 10 18.79 -9.98 5.40
C ALA A 10 18.78 -11.52 5.37
N PRO A 11 17.58 -12.09 5.22
CA PRO A 11 17.41 -13.55 5.17
C PRO A 11 17.97 -14.16 3.90
N ASP A 12 17.69 -15.44 3.68
CA ASP A 12 18.17 -16.15 2.51
C ASP A 12 17.07 -16.24 1.44
N ARG A 13 16.13 -15.30 1.49
CA ARG A 13 15.03 -15.28 0.54
C ARG A 13 14.77 -13.86 0.05
N ILE A 14 13.63 -13.66 -0.61
CA ILE A 14 13.26 -12.35 -1.14
C ILE A 14 14.26 -11.89 -2.20
N PRO A 15 13.72 -11.33 -3.30
CA PRO A 15 14.54 -10.84 -4.41
C PRO A 15 15.33 -9.58 -4.04
N GLU A 16 16.09 -9.06 -4.99
CA GLU A 16 16.89 -7.87 -4.77
C GLU A 16 16.04 -6.75 -4.18
N GLN A 17 16.69 -5.80 -3.49
CA GLN A 17 16.00 -4.68 -2.87
C GLN A 17 15.55 -3.68 -3.93
N ILE A 18 14.38 -3.08 -3.71
CA ILE A 18 13.84 -2.10 -4.64
C ILE A 18 13.43 -0.82 -3.92
N ARG A 19 12.99 0.16 -4.69
CA ARG A 19 12.57 1.44 -4.12
C ARG A 19 11.07 1.64 -4.29
N ILE A 20 10.41 2.13 -3.24
CA ILE A 20 8.98 2.36 -3.27
C ILE A 20 8.66 3.84 -3.08
N PHE A 21 7.49 4.25 -3.53
CA PHE A 21 7.06 5.65 -3.40
C PHE A 21 5.78 5.76 -2.58
N PHE A 22 5.82 6.59 -1.55
CA PHE A 22 4.66 6.77 -0.68
C PHE A 22 3.98 8.12 -0.97
N LYS A 23 2.86 8.07 -1.68
CA LYS A 23 2.12 9.28 -2.02
C LYS A 23 1.13 9.63 -0.92
N THR A 24 1.31 10.80 -0.30
CA THR A 24 0.43 11.25 0.76
C THR A 24 -0.50 12.35 0.27
N MET A 25 -1.43 12.77 1.13
CA MET A 25 -2.38 13.82 0.79
C MET A 25 -1.70 15.19 0.82
N LYS A 26 -0.47 15.23 1.29
CA LYS A 26 0.28 16.48 1.37
C LYS A 26 1.31 16.57 0.25
N GLN A 27 1.94 15.44 -0.07
CA GLN A 27 2.94 15.39 -1.13
C GLN A 27 3.53 13.99 -1.25
N VAL A 28 4.40 13.80 -2.23
CA VAL A 28 5.03 12.52 -2.46
C VAL A 28 6.18 12.28 -1.49
N VAL A 29 6.40 11.01 -1.12
CA VAL A 29 7.45 10.66 -0.19
C VAL A 29 8.13 9.35 -0.59
N PRO A 30 9.14 9.45 -1.45
CA PRO A 30 9.89 8.27 -1.93
C PRO A 30 10.74 7.64 -0.85
N ALA A 31 10.69 6.31 -0.76
CA ALA A 31 11.46 5.58 0.24
C ALA A 31 12.12 4.35 -0.36
N LYS A 32 13.16 3.85 0.30
CA LYS A 32 13.87 2.68 -0.16
C LYS A 32 13.41 1.42 0.57
N ALA A 33 13.05 0.39 -0.19
CA ALA A 33 12.59 -0.86 0.39
C ALA A 33 13.73 -1.86 0.50
N VAL A 34 13.87 -2.48 1.67
CA VAL A 34 14.92 -3.46 1.89
C VAL A 34 14.36 -4.87 1.90
N CYS A 35 15.17 -5.82 1.43
CA CYS A 35 14.75 -7.22 1.37
C CYS A 35 14.37 -7.73 2.76
N GLY A 36 13.12 -8.16 2.91
CA GLY A 36 12.65 -8.66 4.19
C GLY A 36 11.72 -7.69 4.88
N SER A 37 11.59 -6.50 4.32
CA SER A 37 10.73 -5.47 4.89
C SER A 37 9.38 -5.41 4.16
N THR A 38 8.38 -4.82 4.82
CA THR A 38 7.05 -4.69 4.23
C THR A 38 6.71 -3.23 3.97
N VAL A 39 5.74 -3.02 3.08
CA VAL A 39 5.32 -1.66 2.74
C VAL A 39 4.95 -0.87 3.99
N LEU A 40 4.00 -1.39 4.76
CA LEU A 40 3.56 -0.73 5.98
C LEU A 40 4.75 -0.47 6.91
N ASP A 41 5.70 -1.39 6.92
CA ASP A 41 6.89 -1.26 7.76
C ASP A 41 7.82 -0.19 7.22
N VAL A 42 7.75 0.04 5.91
CA VAL A 42 8.60 1.04 5.26
C VAL A 42 8.08 2.45 5.53
N ALA A 43 6.77 2.62 5.42
CA ALA A 43 6.15 3.92 5.65
C ALA A 43 6.52 4.47 7.02
N HIS A 44 6.76 3.56 7.96
CA HIS A 44 7.12 3.96 9.32
C HIS A 44 8.55 4.48 9.38
N LYS A 45 9.38 4.03 8.44
CA LYS A 45 10.77 4.46 8.37
C LYS A 45 10.87 5.92 7.95
N ASN A 46 10.22 6.26 6.84
CA ASN A 46 10.24 7.61 6.32
C ASN A 46 9.37 8.53 7.18
N GLY A 47 8.40 7.95 7.87
CA GLY A 47 7.53 8.73 8.72
C GLY A 47 6.12 8.84 8.16
N VAL A 48 5.96 8.46 6.90
CA VAL A 48 4.66 8.52 6.25
C VAL A 48 3.59 7.82 7.08
N ASP A 49 2.61 8.58 7.56
CA ASP A 49 1.52 8.03 8.36
C ASP A 49 0.58 7.19 7.49
N LEU A 50 0.97 5.96 7.23
CA LEU A 50 0.16 5.05 6.41
C LEU A 50 -1.02 4.51 7.21
N GLU A 51 -2.23 4.80 6.73
CA GLU A 51 -3.44 4.34 7.41
C GLU A 51 -3.39 2.84 7.66
N GLY A 52 -3.42 2.46 8.93
CA GLY A 52 -3.38 1.05 9.30
C GLY A 52 -3.33 0.84 10.79
N ALA A 53 -4.40 0.26 11.34
CA ALA A 53 -4.49 0.00 12.77
C ALA A 53 -5.46 -1.14 13.06
N CYS A 54 -4.96 -2.17 13.72
CA CYS A 54 -5.78 -3.33 14.07
C CYS A 54 -6.03 -3.40 15.57
N GLU A 55 -7.19 -2.90 16.00
CA GLU A 55 -7.54 -2.89 17.42
C GLU A 55 -9.02 -3.27 17.61
N GLY A 56 -9.33 -3.83 18.77
CA GLY A 56 -10.69 -4.22 19.05
C GLY A 56 -11.13 -5.43 18.23
N ASN A 57 -12.10 -6.17 18.75
CA ASN A 57 -12.61 -7.34 18.06
C ASN A 57 -13.37 -6.95 16.80
N LEU A 58 -12.74 -7.15 15.65
CA LEU A 58 -13.36 -6.82 14.37
C LEU A 58 -13.85 -5.38 14.37
N ALA A 59 -12.94 -4.45 14.63
CA ALA A 59 -13.29 -3.03 14.65
C ALA A 59 -12.28 -2.21 13.85
N CYS A 60 -11.72 -2.82 12.81
CA CYS A 60 -10.75 -2.15 11.96
C CYS A 60 -11.22 -2.10 10.51
N SER A 61 -12.14 -1.20 10.22
CA SER A 61 -12.68 -1.05 8.87
C SER A 61 -11.95 0.04 8.10
N THR A 62 -10.65 0.17 8.37
CA THR A 62 -9.83 1.18 7.71
C THR A 62 -8.74 0.53 6.86
N CYS A 63 -9.07 -0.61 6.26
CA CYS A 63 -8.12 -1.33 5.41
C CYS A 63 -8.39 -1.06 3.93
N HIS A 64 -8.11 0.17 3.51
CA HIS A 64 -8.32 0.57 2.11
C HIS A 64 -7.34 1.67 1.71
N VAL A 65 -6.38 1.33 0.86
CA VAL A 65 -5.39 2.29 0.40
C VAL A 65 -5.30 2.29 -1.13
N ILE A 66 -4.82 3.41 -1.68
CA ILE A 66 -4.69 3.53 -3.13
C ILE A 66 -3.32 3.05 -3.59
N LEU A 67 -3.30 2.21 -4.62
CA LEU A 67 -2.06 1.68 -5.16
C LEU A 67 -2.01 1.85 -6.67
N GLU A 68 -0.80 1.75 -7.24
CA GLU A 68 -0.62 1.91 -8.68
C GLU A 68 -1.76 1.24 -9.44
N GLU A 69 -2.21 1.89 -10.51
CA GLU A 69 -3.30 1.37 -11.32
C GLU A 69 -2.93 0.01 -11.92
N PRO A 70 -1.83 -0.02 -12.69
CA PRO A 70 -1.35 -1.24 -13.32
C PRO A 70 -0.77 -2.23 -12.32
N LEU A 71 0.10 -1.75 -11.45
CA LEU A 71 0.72 -2.58 -10.43
C LEU A 71 -0.33 -3.35 -9.64
N TYR A 72 -1.36 -2.64 -9.18
CA TYR A 72 -2.42 -3.25 -8.41
C TYR A 72 -3.24 -4.21 -9.28
N ARG A 73 -3.53 -3.80 -10.50
CA ARG A 73 -4.30 -4.61 -11.43
C ARG A 73 -3.70 -6.01 -11.55
N LYS A 74 -2.43 -6.07 -11.95
CA LYS A 74 -1.73 -7.34 -12.10
C LYS A 74 -1.47 -7.98 -10.74
N LEU A 75 -1.34 -7.16 -9.72
CA LEU A 75 -1.08 -7.64 -8.37
C LEU A 75 -2.25 -8.48 -7.86
N GLY A 76 -3.42 -7.84 -7.77
CA GLY A 76 -4.60 -8.55 -7.30
C GLY A 76 -5.77 -7.62 -7.06
N GLU A 77 -6.98 -8.09 -7.37
CA GLU A 77 -8.18 -7.29 -7.19
C GLU A 77 -9.28 -8.10 -6.53
N PRO A 78 -10.24 -7.41 -5.90
CA PRO A 78 -11.37 -8.04 -5.21
C PRO A 78 -12.35 -8.69 -6.18
N SER A 79 -13.24 -9.51 -5.65
CA SER A 79 -14.23 -10.19 -6.46
C SER A 79 -15.09 -9.20 -7.23
N ASP A 80 -15.91 -9.70 -8.15
CA ASP A 80 -16.79 -8.84 -8.94
C ASP A 80 -17.72 -8.03 -8.05
N LYS A 81 -18.19 -8.66 -6.97
CA LYS A 81 -19.09 -7.99 -6.04
C LYS A 81 -18.50 -6.66 -5.58
N GLU A 82 -17.36 -6.73 -4.91
CA GLU A 82 -16.70 -5.52 -4.41
C GLU A 82 -16.18 -4.66 -5.56
N TYR A 83 -15.73 -5.33 -6.62
CA TYR A 83 -15.21 -4.63 -7.79
C TYR A 83 -16.24 -3.66 -8.36
N ASP A 84 -17.44 -4.17 -8.61
CA ASP A 84 -18.52 -3.35 -9.16
C ASP A 84 -18.96 -2.29 -8.14
N LEU A 85 -19.07 -2.71 -6.88
CA LEU A 85 -19.48 -1.81 -5.82
C LEU A 85 -18.57 -0.58 -5.75
N ILE A 86 -17.28 -0.81 -6.00
CA ILE A 86 -16.31 0.28 -5.97
C ILE A 86 -16.42 1.16 -7.21
N ASP A 87 -16.35 0.55 -8.38
CA ASP A 87 -16.45 1.27 -9.64
C ASP A 87 -17.76 2.04 -9.72
N GLN A 88 -18.76 1.58 -8.97
CA GLN A 88 -20.07 2.22 -8.96
C GLN A 88 -20.03 3.51 -8.13
N ALA A 89 -19.10 3.56 -7.17
CA ALA A 89 -18.96 4.72 -6.32
C ALA A 89 -18.18 5.83 -7.01
N PHE A 90 -18.48 7.07 -6.64
CA PHE A 90 -17.80 8.22 -7.23
C PHE A 90 -16.33 8.26 -6.84
N GLY A 91 -15.46 8.38 -7.83
CA GLY A 91 -14.03 8.42 -7.58
C GLY A 91 -13.56 7.26 -6.72
N ALA A 92 -14.08 6.08 -7.01
CA ALA A 92 -13.72 4.88 -6.27
C ALA A 92 -13.09 3.83 -7.18
N THR A 93 -11.82 3.51 -6.92
CA THR A 93 -11.12 2.52 -7.73
C THR A 93 -10.76 1.29 -6.90
N GLY A 94 -10.81 0.12 -7.54
CA GLY A 94 -10.49 -1.11 -6.84
C GLY A 94 -9.12 -1.08 -6.20
N THR A 95 -8.24 -0.25 -6.75
CA THR A 95 -6.88 -0.13 -6.23
C THR A 95 -6.85 0.63 -4.91
N SER A 96 -8.02 1.08 -4.48
CA SER A 96 -8.14 1.83 -3.23
C SER A 96 -8.39 0.89 -2.05
N ARG A 97 -8.71 -0.36 -2.36
CA ARG A 97 -8.97 -1.36 -1.33
C ARG A 97 -7.81 -2.35 -1.23
N LEU A 98 -7.46 -2.73 0.00
CA LEU A 98 -6.38 -3.67 0.23
C LEU A 98 -6.50 -4.32 1.60
N GLY A 99 -5.77 -5.41 1.81
CA GLY A 99 -5.81 -6.11 3.07
C GLY A 99 -4.75 -5.62 4.04
N CYS A 100 -4.02 -6.55 4.64
CA CYS A 100 -2.97 -6.21 5.60
C CYS A 100 -1.63 -6.80 5.15
N GLN A 101 -1.61 -8.10 4.92
CA GLN A 101 -0.39 -8.78 4.50
C GLN A 101 0.22 -8.09 3.28
N LEU A 102 1.54 -7.97 3.28
CA LEU A 102 2.26 -7.33 2.18
C LEU A 102 3.76 -7.41 2.38
N ARG A 103 4.50 -7.64 1.30
CA ARG A 103 5.95 -7.74 1.36
C ARG A 103 6.59 -7.10 0.13
N VAL A 104 7.83 -6.64 0.29
CA VAL A 104 8.55 -6.01 -0.81
C VAL A 104 9.02 -7.05 -1.82
N ASP A 105 8.65 -6.85 -3.08
CA ASP A 105 9.04 -7.76 -4.14
C ASP A 105 9.49 -6.99 -5.39
N LYS A 106 10.09 -7.70 -6.33
CA LYS A 106 10.56 -7.09 -7.56
C LYS A 106 9.42 -6.40 -8.30
N SER A 107 8.25 -7.02 -8.29
CA SER A 107 7.08 -6.47 -8.96
C SER A 107 6.66 -5.15 -8.31
N PHE A 108 7.09 -4.94 -7.07
CA PHE A 108 6.76 -3.72 -6.34
C PHE A 108 7.78 -2.63 -6.63
N GLU A 109 8.67 -2.88 -7.58
CA GLU A 109 9.69 -1.92 -7.95
C GLU A 109 9.07 -0.61 -8.42
N ASN A 110 9.46 0.49 -7.79
CA ASN A 110 8.93 1.81 -8.14
C ASN A 110 7.42 1.86 -7.96
N ALA A 111 6.90 0.96 -7.12
CA ALA A 111 5.48 0.90 -6.85
C ALA A 111 4.99 2.17 -6.16
N VAL A 112 3.85 2.68 -6.60
CA VAL A 112 3.29 3.90 -6.02
C VAL A 112 2.19 3.57 -5.01
N PHE A 113 2.42 3.95 -3.76
CA PHE A 113 1.46 3.68 -2.69
C PHE A 113 0.80 4.98 -2.23
N THR A 114 -0.36 5.28 -2.80
CA THR A 114 -1.10 6.49 -2.44
C THR A 114 -2.04 6.25 -1.27
N VAL A 115 -1.98 7.13 -0.28
CA VAL A 115 -2.84 6.99 0.90
C VAL A 115 -3.98 8.00 0.86
N PRO A 116 -5.20 7.54 1.13
CA PRO A 116 -6.40 8.38 1.14
C PRO A 116 -6.41 9.36 2.30
N ARG A 117 -5.99 8.90 3.48
CA ARG A 117 -5.96 9.73 4.67
C ARG A 117 -4.75 9.39 5.54
N ALA A 118 -4.10 10.42 6.07
CA ALA A 118 -2.93 10.23 6.92
C ALA A 118 -3.32 10.15 8.39
N THR A 119 -4.09 11.15 8.84
CA THR A 119 -4.53 11.19 10.23
C THR A 119 -5.20 9.89 10.65
N LYS A 120 -4.71 9.31 11.74
CA LYS A 120 -5.25 8.05 12.24
C LYS A 120 -6.77 8.15 12.42
N ASN A 121 -7.20 9.07 13.28
CA ASN A 121 -8.62 9.25 13.52
C ASN A 121 -9.37 9.64 12.25
N MET A 122 -10.64 9.97 12.39
CA MET A 122 -11.46 10.36 11.24
C MET A 122 -10.77 11.44 10.43
N ALA A 123 -10.42 11.11 9.19
CA ALA A 123 -9.76 12.06 8.29
C ALA A 123 -10.55 13.37 8.20
N VAL A 124 -9.92 14.38 7.63
CA VAL A 124 -10.57 15.68 7.48
C VAL A 124 -9.72 16.62 6.63
N ASP A 125 -10.36 17.31 5.68
CA ASP A 125 -9.66 18.24 4.81
C ASP A 125 -8.59 17.52 4.00
N GLY A 126 -8.93 16.36 3.47
CA GLY A 126 -7.97 15.59 2.69
C GLY A 126 -8.33 15.57 1.21
N PHE A 127 -7.32 15.58 0.36
CA PHE A 127 -7.52 15.57 -1.08
C PHE A 127 -8.39 14.38 -1.49
N LYS A 128 -9.65 14.68 -1.82
CA LYS A 128 -10.60 13.64 -2.23
C LYS A 128 -11.02 13.83 -3.68
N PRO A 129 -10.11 13.53 -4.61
CA PRO A 129 -10.36 13.67 -6.04
C PRO A 129 -11.36 12.63 -6.55
N LYS A 130 -11.61 12.64 -7.86
CA LYS A 130 -12.55 11.70 -8.47
C LYS A 130 -11.84 10.83 -9.51
N PRO A 131 -10.99 9.91 -9.03
CA PRO A 131 -10.23 9.01 -9.91
C PRO A 131 -11.14 7.97 -10.59
N HIS A 132 -10.52 6.99 -11.23
CA HIS A 132 -11.26 5.94 -11.92
C HIS A 132 -10.46 4.65 -11.95
N GLY A 1 4.55 -0.68 -21.47
CA GLY A 1 5.41 -1.75 -21.00
C GLY A 1 4.76 -3.11 -21.10
N PRO A 2 4.65 -3.64 -22.32
CA PRO A 2 4.05 -4.95 -22.59
C PRO A 2 4.89 -6.09 -22.07
N GLY A 3 4.28 -6.99 -21.30
CA GLY A 3 5.00 -8.11 -20.75
C GLY A 3 4.08 -9.14 -20.10
N SER A 4 4.67 -10.10 -19.40
CA SER A 4 3.89 -11.13 -18.73
C SER A 4 3.79 -10.87 -17.24
N MET A 5 2.60 -11.09 -16.68
CA MET A 5 2.37 -10.87 -15.26
C MET A 5 0.96 -11.32 -14.86
N ASP A 6 0.87 -12.05 -13.76
CA ASP A 6 -0.41 -12.54 -13.27
C ASP A 6 -0.41 -12.64 -11.75
N MET A 7 -1.50 -13.17 -11.20
CA MET A 7 -1.62 -13.32 -9.75
C MET A 7 -1.00 -14.63 -9.28
N PHE A 8 0.02 -14.54 -8.44
CA PHE A 8 0.70 -15.71 -7.93
C PHE A 8 1.38 -15.41 -6.59
N SER A 9 1.68 -16.45 -5.83
CA SER A 9 2.33 -16.31 -4.53
C SER A 9 3.84 -16.32 -4.67
N ALA A 10 4.54 -16.31 -3.55
CA ALA A 10 6.00 -16.32 -3.54
C ALA A 10 6.54 -17.30 -2.49
N PRO A 11 7.80 -17.70 -2.67
CA PRO A 11 8.46 -18.64 -1.75
C PRO A 11 8.73 -18.02 -0.38
N ASP A 12 9.49 -18.72 0.44
CA ASP A 12 9.84 -18.24 1.78
C ASP A 12 11.19 -17.54 1.78
N ARG A 13 11.59 -17.03 0.62
CA ARG A 13 12.86 -16.34 0.48
C ARG A 13 12.70 -15.05 -0.32
N ILE A 14 13.03 -13.92 0.31
CA ILE A 14 12.92 -12.62 -0.33
C ILE A 14 14.24 -12.20 -0.95
N PRO A 15 14.20 -11.74 -2.20
CA PRO A 15 15.38 -11.29 -2.94
C PRO A 15 15.97 -10.01 -2.38
N GLU A 16 16.91 -9.43 -3.10
CA GLU A 16 17.55 -8.18 -2.67
C GLU A 16 16.51 -7.12 -2.34
N GLN A 17 16.89 -6.16 -1.51
CA GLN A 17 15.99 -5.09 -1.11
C GLN A 17 15.78 -4.10 -2.25
N ILE A 18 14.66 -3.38 -2.21
CA ILE A 18 14.34 -2.41 -3.24
C ILE A 18 13.78 -1.13 -2.63
N ARG A 19 13.51 -0.14 -3.47
CA ARG A 19 12.98 1.14 -3.02
C ARG A 19 11.60 1.39 -3.62
N ILE A 20 10.67 1.86 -2.80
CA ILE A 20 9.33 2.15 -3.25
C ILE A 20 9.03 3.65 -3.16
N PHE A 21 7.88 4.04 -3.71
CA PHE A 21 7.47 5.44 -3.69
C PHE A 21 6.15 5.62 -2.93
N PHE A 22 6.16 6.52 -1.95
CA PHE A 22 4.97 6.79 -1.16
C PHE A 22 4.23 8.02 -1.67
N LYS A 23 3.13 7.79 -2.39
CA LYS A 23 2.33 8.87 -2.93
C LYS A 23 1.32 9.38 -1.90
N THR A 24 1.59 10.57 -1.36
CA THR A 24 0.71 11.16 -0.37
C THR A 24 -0.16 12.25 -0.99
N MET A 25 -1.03 12.85 -0.18
CA MET A 25 -1.92 13.90 -0.64
C MET A 25 -1.16 15.21 -0.82
N LYS A 26 0.09 15.23 -0.37
CA LYS A 26 0.92 16.42 -0.47
C LYS A 26 1.98 16.25 -1.57
N GLN A 27 2.53 15.05 -1.67
CA GLN A 27 3.55 14.76 -2.67
C GLN A 27 4.04 13.32 -2.55
N VAL A 28 4.92 12.92 -3.46
CA VAL A 28 5.46 11.56 -3.45
C VAL A 28 6.88 11.56 -2.88
N VAL A 29 7.08 10.76 -1.84
CA VAL A 29 8.39 10.66 -1.20
C VAL A 29 8.96 9.24 -1.35
N PRO A 30 10.30 9.15 -1.39
CA PRO A 30 11.00 7.86 -1.52
C PRO A 30 10.87 7.00 -0.26
N ALA A 31 10.95 5.69 -0.45
CA ALA A 31 10.85 4.75 0.67
C ALA A 31 11.79 3.57 0.48
N LYS A 32 12.49 3.19 1.55
CA LYS A 32 13.42 2.07 1.50
C LYS A 32 12.77 0.80 2.04
N ALA A 33 12.66 -0.21 1.19
CA ALA A 33 12.07 -1.48 1.58
C ALA A 33 13.10 -2.59 1.64
N VAL A 34 13.33 -3.13 2.83
CA VAL A 34 14.30 -4.20 3.01
C VAL A 34 13.64 -5.58 2.92
N CYS A 35 14.38 -6.56 2.43
CA CYS A 35 13.86 -7.92 2.29
C CYS A 35 13.26 -8.40 3.60
N GLY A 36 11.94 -8.53 3.62
CA GLY A 36 11.25 -8.99 4.82
C GLY A 36 10.61 -7.85 5.59
N SER A 37 10.49 -6.69 4.95
CA SER A 37 9.90 -5.52 5.57
C SER A 37 8.44 -5.37 5.18
N THR A 38 7.84 -4.24 5.53
CA THR A 38 6.44 -3.98 5.22
C THR A 38 6.22 -2.52 4.84
N VAL A 39 5.38 -2.29 3.85
CA VAL A 39 5.08 -0.94 3.39
C VAL A 39 4.66 -0.04 4.55
N LEU A 40 3.59 -0.43 5.23
CA LEU A 40 3.10 0.34 6.38
C LEU A 40 4.20 0.58 7.40
N ASP A 41 5.08 -0.41 7.56
CA ASP A 41 6.19 -0.31 8.50
C ASP A 41 7.25 0.65 7.99
N VAL A 42 7.33 0.79 6.68
CA VAL A 42 8.30 1.69 6.06
C VAL A 42 7.87 3.15 6.18
N ALA A 43 6.59 3.40 5.96
CA ALA A 43 6.04 4.75 6.05
C ALA A 43 6.42 5.41 7.38
N HIS A 44 6.58 4.57 8.41
CA HIS A 44 6.93 5.08 9.73
C HIS A 44 8.37 5.59 9.76
N LYS A 45 9.25 4.90 9.03
CA LYS A 45 10.65 5.28 8.96
C LYS A 45 10.87 6.39 7.94
N ASN A 46 10.10 6.35 6.86
CA ASN A 46 10.21 7.35 5.81
C ASN A 46 9.63 8.69 6.27
N GLY A 47 8.67 8.62 7.18
CA GLY A 47 8.06 9.84 7.70
C GLY A 47 6.63 10.02 7.21
N VAL A 48 6.24 9.22 6.22
CA VAL A 48 4.90 9.29 5.66
C VAL A 48 3.85 9.00 6.73
N ASP A 49 2.74 9.75 6.67
CA ASP A 49 1.66 9.58 7.63
C ASP A 49 0.81 8.36 7.28
N LEU A 50 1.28 7.18 7.66
CA LEU A 50 0.56 5.95 7.38
C LEU A 50 0.17 5.23 8.68
N GLU A 51 -1.11 5.25 9.00
CA GLU A 51 -1.60 4.60 10.21
C GLU A 51 -1.14 3.16 10.28
N GLY A 52 -0.34 2.84 11.30
CA GLY A 52 0.15 1.49 11.46
C GLY A 52 -0.40 0.81 12.70
N ALA A 53 -1.54 1.30 13.17
CA ALA A 53 -2.18 0.73 14.35
C ALA A 53 -3.34 -0.18 13.97
N CYS A 54 -3.12 -1.48 14.09
CA CYS A 54 -4.15 -2.46 13.75
C CYS A 54 -5.42 -2.22 14.57
N GLU A 55 -5.25 -1.64 15.75
CA GLU A 55 -6.38 -1.36 16.63
C GLU A 55 -6.49 0.14 16.90
N GLY A 56 -7.68 0.69 16.68
CA GLY A 56 -7.90 2.10 16.91
C GLY A 56 -9.37 2.44 17.03
N ASN A 57 -10.08 2.42 15.91
CA ASN A 57 -11.51 2.74 15.90
C ASN A 57 -12.34 1.47 15.92
N LEU A 58 -11.82 0.43 16.57
CA LEU A 58 -12.53 -0.85 16.66
C LEU A 58 -12.86 -1.38 15.28
N ALA A 59 -11.99 -1.11 14.31
CA ALA A 59 -12.19 -1.57 12.95
C ALA A 59 -10.97 -1.27 12.08
N CYS A 60 -10.47 -2.29 11.39
CA CYS A 60 -9.31 -2.14 10.52
C CYS A 60 -9.70 -1.50 9.19
N SER A 61 -9.94 -0.19 9.22
CA SER A 61 -10.32 0.54 8.02
C SER A 61 -9.14 1.32 7.46
N THR A 62 -7.93 0.82 7.72
CA THR A 62 -6.72 1.47 7.24
C THR A 62 -6.03 0.64 6.16
N CYS A 63 -6.27 -0.67 6.20
CA CYS A 63 -5.68 -1.58 5.23
C CYS A 63 -6.01 -1.15 3.81
N HIS A 64 -7.17 -0.51 3.64
CA HIS A 64 -7.61 -0.05 2.33
C HIS A 64 -6.73 1.09 1.84
N VAL A 65 -5.78 0.77 0.97
CA VAL A 65 -4.87 1.78 0.41
C VAL A 65 -4.85 1.71 -1.10
N ILE A 66 -4.42 2.81 -1.73
CA ILE A 66 -4.34 2.88 -3.18
C ILE A 66 -2.98 2.41 -3.68
N LEU A 67 -2.98 1.51 -4.66
CA LEU A 67 -1.75 0.99 -5.23
C LEU A 67 -1.65 1.31 -6.71
N GLU A 68 -0.45 1.14 -7.28
CA GLU A 68 -0.23 1.41 -8.69
C GLU A 68 -1.45 1.00 -9.52
N GLU A 69 -1.84 1.87 -10.46
CA GLU A 69 -2.98 1.61 -11.31
C GLU A 69 -2.72 0.40 -12.22
N PRO A 70 -1.63 0.47 -13.00
CA PRO A 70 -1.26 -0.61 -13.92
C PRO A 70 -0.77 -1.84 -13.19
N LEU A 71 0.19 -1.65 -12.28
CA LEU A 71 0.74 -2.76 -11.51
C LEU A 71 -0.37 -3.57 -10.85
N TYR A 72 -1.29 -2.88 -10.20
CA TYR A 72 -2.40 -3.54 -9.52
C TYR A 72 -3.32 -4.24 -10.53
N ARG A 73 -3.77 -3.49 -11.52
CA ARG A 73 -4.65 -4.04 -12.55
C ARG A 73 -4.06 -5.31 -13.16
N LYS A 74 -2.78 -5.25 -13.52
CA LYS A 74 -2.09 -6.40 -14.10
C LYS A 74 -1.96 -7.53 -13.08
N LEU A 75 -1.73 -7.17 -11.83
CA LEU A 75 -1.59 -8.15 -10.76
C LEU A 75 -2.88 -8.95 -10.58
N GLY A 76 -3.95 -8.25 -10.21
CA GLY A 76 -5.23 -8.90 -10.00
C GLY A 76 -6.27 -7.98 -9.40
N GLU A 77 -7.55 -8.33 -9.55
CA GLU A 77 -8.63 -7.53 -9.02
C GLU A 77 -9.65 -8.40 -8.28
N PRO A 78 -10.42 -7.78 -7.38
CA PRO A 78 -11.45 -8.48 -6.59
C PRO A 78 -12.63 -8.91 -7.45
N SER A 79 -13.47 -9.78 -6.90
CA SER A 79 -14.64 -10.27 -7.61
C SER A 79 -15.54 -9.12 -8.03
N ASP A 80 -16.55 -9.43 -8.84
CA ASP A 80 -17.49 -8.42 -9.32
C ASP A 80 -18.21 -7.75 -8.15
N LYS A 81 -18.53 -8.54 -7.13
CA LYS A 81 -19.22 -8.03 -5.95
C LYS A 81 -18.49 -6.81 -5.38
N GLU A 82 -17.26 -7.03 -4.95
CA GLU A 82 -16.45 -5.95 -4.37
C GLU A 82 -16.09 -4.92 -5.44
N TYR A 83 -15.85 -5.39 -6.66
CA TYR A 83 -15.49 -4.51 -7.76
C TYR A 83 -16.55 -3.44 -7.96
N ASP A 84 -17.81 -3.87 -8.11
CA ASP A 84 -18.91 -2.93 -8.30
C ASP A 84 -19.12 -2.07 -7.07
N LEU A 85 -19.05 -2.68 -5.90
CA LEU A 85 -19.23 -1.97 -4.64
C LEU A 85 -18.26 -0.80 -4.53
N ILE A 86 -17.04 -1.00 -5.03
CA ILE A 86 -16.02 0.03 -4.99
C ILE A 86 -16.30 1.11 -6.03
N ASP A 87 -16.48 0.70 -7.28
CA ASP A 87 -16.76 1.63 -8.37
C ASP A 87 -18.03 2.43 -8.08
N GLN A 88 -18.88 1.90 -7.21
CA GLN A 88 -20.12 2.56 -6.86
C GLN A 88 -19.87 3.73 -5.92
N ALA A 89 -18.74 3.68 -5.21
CA ALA A 89 -18.39 4.74 -4.28
C ALA A 89 -17.84 5.96 -5.01
N PHE A 90 -17.79 7.09 -4.31
CA PHE A 90 -17.29 8.33 -4.89
C PHE A 90 -15.77 8.29 -5.03
N GLY A 91 -15.29 8.40 -6.26
CA GLY A 91 -13.86 8.37 -6.51
C GLY A 91 -13.18 7.18 -5.86
N ALA A 92 -13.80 6.01 -5.98
CA ALA A 92 -13.25 4.79 -5.40
C ALA A 92 -12.69 3.87 -6.49
N THR A 93 -11.58 3.20 -6.17
CA THR A 93 -10.94 2.29 -7.12
C THR A 93 -10.59 0.97 -6.46
N GLY A 94 -10.67 -0.11 -7.22
CA GLY A 94 -10.35 -1.42 -6.69
C GLY A 94 -8.95 -1.49 -6.11
N THR A 95 -8.05 -0.67 -6.63
CA THR A 95 -6.68 -0.64 -6.16
C THR A 95 -6.58 0.05 -4.79
N SER A 96 -7.71 0.55 -4.31
CA SER A 96 -7.75 1.22 -3.02
C SER A 96 -7.92 0.21 -1.88
N ARG A 97 -8.29 -1.01 -2.23
CA ARG A 97 -8.49 -2.07 -1.25
C ARG A 97 -7.55 -3.24 -1.51
N LEU A 98 -7.06 -3.85 -0.43
CA LEU A 98 -6.14 -4.98 -0.54
C LEU A 98 -5.93 -5.64 0.82
N GLY A 99 -5.83 -6.96 0.82
CA GLY A 99 -5.62 -7.69 2.07
C GLY A 99 -4.45 -7.16 2.86
N CYS A 100 -4.44 -7.44 4.15
CA CYS A 100 -3.36 -6.99 5.02
C CYS A 100 -2.01 -7.47 4.52
N GLN A 101 -2.02 -8.58 3.80
CA GLN A 101 -0.79 -9.15 3.25
C GLN A 101 -0.06 -8.13 2.39
N LEU A 102 1.13 -7.72 2.84
CA LEU A 102 1.93 -6.74 2.12
C LEU A 102 3.42 -7.09 2.20
N ARG A 103 3.91 -7.79 1.19
CA ARG A 103 5.31 -8.19 1.14
C ARG A 103 6.05 -7.45 0.03
N VAL A 104 7.33 -7.17 0.26
CA VAL A 104 8.15 -6.48 -0.73
C VAL A 104 8.94 -7.46 -1.58
N ASP A 105 8.84 -7.30 -2.90
CA ASP A 105 9.55 -8.17 -3.83
C ASP A 105 10.17 -7.38 -4.97
N LYS A 106 11.04 -8.01 -5.73
CA LYS A 106 11.71 -7.36 -6.85
C LYS A 106 10.70 -6.77 -7.81
N SER A 107 9.64 -7.52 -8.08
CA SER A 107 8.59 -7.06 -8.99
C SER A 107 7.94 -5.78 -8.48
N PHE A 108 8.10 -5.52 -7.19
CA PHE A 108 7.53 -4.33 -6.57
C PHE A 108 8.54 -3.18 -6.58
N GLU A 109 9.57 -3.30 -7.41
CA GLU A 109 10.59 -2.27 -7.51
C GLU A 109 9.99 -0.93 -7.89
N ASN A 110 10.29 0.10 -7.09
CA ASN A 110 9.78 1.43 -7.33
C ASN A 110 8.24 1.44 -7.33
N ALA A 111 7.66 0.46 -6.65
CA ALA A 111 6.20 0.34 -6.57
C ALA A 111 5.60 1.60 -5.95
N VAL A 112 4.64 2.19 -6.65
CA VAL A 112 3.97 3.40 -6.19
C VAL A 112 2.81 3.06 -5.25
N PHE A 113 2.92 3.52 -4.01
CA PHE A 113 1.88 3.27 -3.02
C PHE A 113 1.17 4.56 -2.63
N THR A 114 -0.04 4.75 -3.16
CA THR A 114 -0.83 5.94 -2.88
C THR A 114 -1.70 5.74 -1.64
N VAL A 115 -1.64 6.70 -0.73
CA VAL A 115 -2.42 6.63 0.51
C VAL A 115 -3.65 7.51 0.42
N PRO A 116 -4.81 6.96 0.81
CA PRO A 116 -6.09 7.69 0.80
C PRO A 116 -6.14 8.80 1.84
N ARG A 117 -7.35 9.30 2.09
CA ARG A 117 -7.53 10.37 3.07
C ARG A 117 -7.31 9.85 4.49
N ALA A 118 -6.16 10.17 5.06
CA ALA A 118 -5.83 9.75 6.41
C ALA A 118 -5.92 10.91 7.40
N THR A 119 -5.55 10.65 8.65
CA THR A 119 -5.59 11.67 9.68
C THR A 119 -6.94 12.38 9.70
N LYS A 120 -8.01 11.62 9.52
CA LYS A 120 -9.36 12.17 9.53
C LYS A 120 -10.36 11.18 10.11
N ASN A 121 -11.64 11.56 10.09
CA ASN A 121 -12.68 10.69 10.62
C ASN A 121 -12.75 9.37 9.87
N MET A 122 -13.79 8.59 10.13
CA MET A 122 -13.96 7.30 9.48
C MET A 122 -14.05 7.47 7.97
N ALA A 123 -14.33 6.36 7.27
CA ALA A 123 -14.44 6.39 5.81
C ALA A 123 -15.41 7.48 5.37
N VAL A 124 -14.89 8.50 4.69
CA VAL A 124 -15.71 9.60 4.20
C VAL A 124 -15.32 10.00 2.78
N ASP A 125 -16.28 10.47 2.01
CA ASP A 125 -16.04 10.88 0.64
C ASP A 125 -14.93 11.94 0.58
N GLY A 126 -14.48 12.25 -0.63
CA GLY A 126 -13.44 13.24 -0.80
C GLY A 126 -13.32 13.72 -2.24
N PHE A 127 -12.21 13.39 -2.88
CA PHE A 127 -11.98 13.81 -4.26
C PHE A 127 -10.86 12.99 -4.89
N LYS A 128 -11.25 12.03 -5.74
CA LYS A 128 -10.27 11.17 -6.41
C LYS A 128 -10.97 10.25 -7.41
N PRO A 129 -11.41 10.82 -8.54
CA PRO A 129 -12.09 10.07 -9.59
C PRO A 129 -11.15 9.12 -10.32
N LYS A 130 -11.52 7.84 -10.37
CA LYS A 130 -10.71 6.83 -11.04
C LYS A 130 -11.49 5.53 -11.20
N PRO A 131 -12.47 5.53 -12.13
CA PRO A 131 -13.30 4.36 -12.39
C PRO A 131 -12.53 3.24 -13.08
N HIS A 132 -11.41 3.60 -13.72
CA HIS A 132 -10.58 2.63 -14.41
C HIS A 132 -9.18 2.60 -13.82
#